data_9N18
#
_entry.id   9N18
#
_cell.length_a   1.00
_cell.length_b   1.00
_cell.length_c   1.00
_cell.angle_alpha   90.00
_cell.angle_beta   90.00
_cell.angle_gamma   90.00
#
_symmetry.space_group_name_H-M   'P 1'
#
loop_
_entity.id
_entity.type
_entity.pdbx_description
1 polymer 'Spike glycoprotein'
2 branched alpha-D-mannopyranose-(1-3)-[alpha-D-mannopyranose-(1-6)]beta-D-mannopyranose-(1-4)-2-acetamido-2-deoxy-beta-D-glucopyranose-(1-4)-2-acetamido-2-deoxy-beta-D-glucopyranose
3 branched 2-acetamido-2-deoxy-beta-D-glucopyranose-(1-4)-2-acetamido-2-deoxy-beta-D-glucopyranose
4 branched beta-D-mannopyranose-(1-4)-2-acetamido-2-deoxy-beta-D-glucopyranose-(1-4)-2-acetamido-2-deoxy-beta-D-glucopyranose
5 non-polymer 2-acetamido-2-deoxy-beta-D-glucopyranose
6 non-polymer '5-acetamido-8-O-(5-acetamido-9-O-acetyl-3,5-dideoxy-D-glycero-alpha-D-galacto-non-2-ulopyranonosyl)-3,5-dideoxy-D-glycero-alpha-D-galacto-non-2-ulopyranosonic acid'
#
_entity_poly.entity_id   1
_entity_poly.type   'polypeptide(L)'
_entity_poly.pdbx_seq_one_letter_code
;VIGDFNCTNFAINDLNTTVISEYVVDVSYGLGTYYILDRVYLNTTILFTGYFPKSGANFRDLSLKGTTYLSTLWYQKPFL
SDFNNGIFSRVKNTKLYVNKTLYSEFSTIVIGSVFINNSYTIVVQPHNGVLEITACQYTMCEYPHTICKSKGSSRNESWH
FDKSEPLCLFKKNFTYNVSTDWLYFHFYQERGTFYAYYADSGMPTTFLFSLYLGTLLSHYYVLPLTCNAISSNTDNETLQ
YWVTPLSKRQYLLKFDNRGVITNAVDCSSSFFSEIQCKTKSLLPNTGVYDLSGFTVKPVATVHRRIPDLPDCDIDKWLNN
FNVPSPLNWERKIFSNCNFNLSTLLRLVHTDSFSCNNFDESKIYGSCFKSIVLDKFAIPNSRRSDLQLGSSGFLQSSNYK
IDTTSSSCQLYYSLPAINVTINNYNPSSWNRRYGFNNFNLSSHSVVYSRYCFSVNNTFCPCAKPSFASSCKSHKPPSASC
PIGTNYRSCESTTVLDHTDWCRCSCLPDPITAYDPRSCSQKKSLVGVGEHCAGFGVDEEKCGVLDGSYNVSCLCSTDAFL
GWSYDTCVSNNRCNIFSNFILNGINSGTTCSNDLLQPNTEVFTDVCVDYDLYGITGQGIFKEVSAVYYNSWQNLLYDSNG
NIIGFKDFVTNKTYNIFPCYAGRVSAAFHQNASSLALLYRNLKCSYVLNNISLTTQPYFDSYLGCVFNADNLTDYSVSSC
ALRMGSGFCVDYNSPSSSSSRRKRRSISASYRFVTFEPFNVSFVNDSIESVGGLYEIKIPTNFTIVGQEEFIQTNSPKVT
IDCSLFVCSNYAACHDLLSEYGTFCDNINSILDEVNGLLDTTQLHVADTLMQGVTLSSNLNTNLHFDVDNINFKSLVGCL
GPHCGSSSRSFFEDLLFDKVKLSDVGFVEAYNNCTGGSEIRDLLCVQSFNGIKVLPPILSESQISGYTTAATVAAMFPPW
SAAAGIPFSLNVQYRINGLGVTMDVLNKNQKLIATAFNNALLSIQNGFSAPNSALAKIQSVVNSNAQALNSLLQQLFNKF
GAISSSLQEILSRLDPPEAQVQIDRLINGRLTALNAYVSQQLSDISLVKFGAALAMEKVNECVKSQSPRINFCGNGNHIL
SLVQNAPYGLLFMHFSYKPISFKTVLVSPGLCISGDVGIAPKQGYFIKHNDHWMFTGSSYYYPEPISDKNVVFMNTCSVN
FTKAPLVYLNHSVPKLSDFESELSHWFKNQTSIAPNLTLNLHTINATFLDLYYEMNLIQESIKSLNNSYINLKDIGTYEM
YVKSGGYIPEAPRDGQAYVRKDGEWVLLSTFLNSGRAHHHHHHGAGGLNDIFEAQKIEWHEDTAAA
;
_entity_poly.pdbx_strand_id   C,B,A
#
# COMPACT_ATOMS: atom_id res chain seq x y z
N VAL A 1 28.63 -50.08 -21.90
CA VAL A 1 27.55 -51.11 -21.92
C VAL A 1 26.30 -50.58 -21.23
N ILE A 2 25.13 -51.05 -21.63
CA ILE A 2 23.95 -51.04 -20.76
C ILE A 2 24.08 -52.26 -19.82
N GLY A 3 23.42 -52.33 -18.67
CA GLY A 3 23.40 -53.57 -17.89
C GLY A 3 24.79 -54.10 -17.48
N ASP A 4 24.91 -55.42 -17.29
CA ASP A 4 26.21 -56.11 -17.21
C ASP A 4 26.11 -57.64 -17.38
N PHE A 5 25.07 -58.15 -18.05
CA PHE A 5 24.94 -59.59 -18.27
C PHE A 5 25.36 -59.98 -19.70
N ASN A 6 26.22 -60.99 -19.83
CA ASN A 6 26.70 -61.50 -21.12
C ASN A 6 25.65 -62.35 -21.83
N CYS A 7 24.66 -61.71 -22.46
CA CYS A 7 23.60 -62.40 -23.21
C CYS A 7 24.12 -63.11 -24.48
N THR A 8 25.08 -62.52 -25.19
CA THR A 8 25.68 -63.12 -26.40
C THR A 8 27.02 -62.46 -26.76
N ASN A 9 27.79 -63.12 -27.62
CA ASN A 9 29.01 -62.60 -28.24
C ASN A 9 28.94 -62.61 -29.79
N PHE A 10 27.83 -63.06 -30.39
CA PHE A 10 27.68 -63.19 -31.83
C PHE A 10 27.71 -61.83 -32.54
N ALA A 11 28.54 -61.70 -33.58
CA ALA A 11 28.62 -60.54 -34.48
C ALA A 11 28.67 -59.20 -33.73
N ILE A 12 29.77 -58.95 -33.00
CA ILE A 12 30.02 -57.70 -32.29
C ILE A 12 31.30 -57.06 -32.83
N ASN A 13 31.31 -55.74 -33.03
CA ASN A 13 32.51 -55.01 -33.44
C ASN A 13 32.52 -53.57 -32.90
N ASP A 14 33.60 -52.83 -33.12
CA ASP A 14 33.78 -51.45 -32.64
C ASP A 14 33.61 -50.39 -33.73
N LEU A 15 32.91 -50.70 -34.82
CA LEU A 15 32.83 -49.80 -35.98
C LEU A 15 32.00 -48.55 -35.69
N ASN A 16 32.54 -47.37 -36.00
CA ASN A 16 31.82 -46.10 -35.91
C ASN A 16 30.90 -45.87 -37.12
N THR A 17 29.71 -46.49 -37.12
CA THR A 17 28.74 -46.40 -38.23
C THR A 17 27.87 -45.13 -38.22
N THR A 18 28.01 -44.25 -37.23
CA THR A 18 26.94 -43.32 -36.83
C THR A 18 27.36 -41.86 -36.70
N VAL A 19 26.43 -40.97 -37.02
CA VAL A 19 26.35 -39.62 -36.43
C VAL A 19 24.93 -39.36 -35.98
N ILE A 20 24.75 -38.68 -34.84
CA ILE A 20 23.42 -38.31 -34.35
C ILE A 20 22.84 -37.22 -35.25
N SER A 21 21.70 -37.49 -35.89
CA SER A 21 21.01 -36.46 -36.68
C SER A 21 20.25 -35.49 -35.77
N GLU A 22 20.14 -34.22 -36.16
CA GLU A 22 19.48 -33.16 -35.38
C GLU A 22 18.40 -32.42 -36.16
N TYR A 23 17.38 -31.96 -35.46
CA TYR A 23 16.18 -31.29 -35.98
C TYR A 23 15.68 -30.27 -34.96
N VAL A 24 15.00 -29.21 -35.34
CA VAL A 24 14.74 -28.08 -34.43
C VAL A 24 13.32 -28.13 -33.87
N VAL A 25 13.18 -27.99 -32.55
CA VAL A 25 11.90 -27.96 -31.85
C VAL A 25 11.12 -26.70 -32.24
N ASP A 26 9.89 -26.87 -32.71
CA ASP A 26 8.97 -25.79 -33.03
C ASP A 26 7.60 -26.10 -32.45
N VAL A 27 7.22 -25.39 -31.39
CA VAL A 27 5.97 -25.64 -30.66
C VAL A 27 4.79 -24.86 -31.18
N SER A 28 4.97 -24.10 -32.24
CA SER A 28 3.96 -23.16 -32.69
C SER A 28 2.61 -23.81 -33.07
N TYR A 29 2.59 -25.12 -33.32
CA TYR A 29 1.38 -25.90 -33.60
C TYR A 29 1.00 -26.90 -32.49
N GLY A 30 1.44 -26.68 -31.26
CA GLY A 30 1.05 -27.50 -30.10
C GLY A 30 1.97 -28.70 -29.84
N LEU A 31 2.91 -29.01 -30.73
CA LEU A 31 3.93 -30.04 -30.48
C LEU A 31 4.65 -29.77 -29.16
N GLY A 32 4.86 -30.81 -28.36
CA GLY A 32 5.51 -30.68 -27.05
C GLY A 32 4.58 -30.27 -25.92
N THR A 33 3.30 -30.00 -26.18
CA THR A 33 2.32 -29.68 -25.12
C THR A 33 1.47 -30.88 -24.72
N TYR A 34 0.72 -30.76 -23.62
CA TYR A 34 -0.17 -31.80 -23.14
C TYR A 34 -1.45 -31.20 -22.55
N TYR A 35 -2.55 -31.96 -22.55
CA TYR A 35 -3.80 -31.51 -21.94
C TYR A 35 -3.70 -31.48 -20.41
N ILE A 36 -4.23 -30.44 -19.80
CA ILE A 36 -4.05 -30.15 -18.38
C ILE A 36 -5.03 -30.98 -17.54
N LEU A 37 -4.54 -32.01 -16.84
CA LEU A 37 -5.33 -32.81 -15.90
C LEU A 37 -6.65 -33.29 -16.51
N ASP A 38 -7.78 -33.04 -15.83
CA ASP A 38 -9.15 -33.30 -16.27
C ASP A 38 -9.88 -32.04 -16.78
N ARG A 39 -9.15 -30.93 -16.94
CA ARG A 39 -9.74 -29.65 -17.36
C ARG A 39 -10.01 -29.61 -18.86
N VAL A 40 -11.02 -28.85 -19.23
CA VAL A 40 -11.27 -28.36 -20.58
C VAL A 40 -11.15 -26.84 -20.57
N TYR A 41 -10.48 -26.28 -21.57
CA TYR A 41 -10.50 -24.85 -21.88
C TYR A 41 -11.08 -24.69 -23.28
N LEU A 42 -11.84 -23.63 -23.56
CA LEU A 42 -12.47 -23.43 -24.86
C LEU A 42 -12.20 -22.02 -25.38
N ASN A 43 -11.92 -21.92 -26.68
CA ASN A 43 -11.75 -20.68 -27.43
C ASN A 43 -10.99 -19.58 -26.66
N THR A 44 -9.81 -19.89 -26.14
CA THR A 44 -9.09 -19.00 -25.23
C THR A 44 -7.59 -19.26 -25.22
N THR A 45 -6.81 -18.31 -24.72
CA THR A 45 -5.37 -18.43 -24.49
C THR A 45 -5.04 -18.44 -23.01
N ILE A 46 -4.25 -19.43 -22.59
CA ILE A 46 -3.86 -19.66 -21.19
C ILE A 46 -2.35 -19.51 -21.05
N LEU A 47 -1.86 -18.81 -20.02
CA LEU A 47 -0.48 -18.99 -19.58
C LEU A 47 -0.43 -20.15 -18.59
N PHE A 48 0.38 -21.16 -18.87
CA PHE A 48 0.51 -22.35 -18.05
C PHE A 48 1.97 -22.73 -17.85
N THR A 49 2.34 -23.20 -16.67
CA THR A 49 3.70 -23.68 -16.41
C THR A 49 3.72 -25.18 -16.25
N GLY A 50 4.56 -25.87 -17.02
CA GLY A 50 4.58 -27.33 -17.08
C GLY A 50 5.92 -27.87 -17.55
N TYR A 51 6.04 -29.18 -17.66
CA TYR A 51 7.23 -29.80 -18.22
C TYR A 51 7.13 -29.78 -19.74
N PHE A 52 7.78 -28.81 -20.37
CA PHE A 52 7.73 -28.63 -21.82
C PHE A 52 9.13 -28.64 -22.44
N PRO A 53 9.27 -28.98 -23.73
CA PRO A 53 10.53 -28.79 -24.45
C PRO A 53 10.94 -27.32 -24.45
N LYS A 54 12.20 -27.00 -24.69
CA LYS A 54 12.61 -25.63 -24.99
C LYS A 54 12.42 -25.35 -26.48
N SER A 55 11.58 -24.41 -26.88
CA SER A 55 11.42 -24.07 -28.30
C SER A 55 12.74 -23.57 -28.87
N GLY A 56 13.10 -23.98 -30.08
CA GLY A 56 14.38 -23.64 -30.68
C GLY A 56 15.58 -24.45 -30.19
N ALA A 57 15.43 -25.38 -29.23
CA ALA A 57 16.42 -26.44 -29.00
C ALA A 57 16.31 -27.54 -30.05
N ASN A 58 17.18 -28.55 -29.98
CA ASN A 58 17.21 -29.62 -30.96
C ASN A 58 16.61 -30.92 -30.41
N PHE A 59 15.88 -31.64 -31.26
CA PHE A 59 15.72 -33.08 -31.14
C PHE A 59 16.97 -33.81 -31.60
N ARG A 60 17.24 -34.98 -31.03
CA ARG A 60 18.25 -35.93 -31.46
C ARG A 60 17.59 -37.20 -31.97
N ASP A 61 17.91 -37.67 -33.17
CA ASP A 61 17.35 -38.92 -33.68
C ASP A 61 18.11 -40.12 -33.13
N LEU A 62 17.68 -40.68 -32.01
CA LEU A 62 18.43 -41.72 -31.30
C LEU A 62 18.13 -43.14 -31.80
N SER A 63 17.23 -43.32 -32.76
CA SER A 63 16.97 -44.65 -33.31
C SER A 63 18.23 -45.21 -33.98
N LEU A 64 18.44 -46.51 -33.89
CA LEU A 64 19.52 -47.21 -34.59
C LEU A 64 18.95 -48.46 -35.25
N LYS A 65 19.26 -48.66 -36.54
CA LYS A 65 18.88 -49.86 -37.29
C LYS A 65 20.11 -50.66 -37.62
N GLY A 66 20.12 -51.93 -37.25
CA GLY A 66 21.18 -52.88 -37.62
C GLY A 66 20.64 -54.01 -38.51
N THR A 67 21.54 -54.85 -39.02
CA THR A 67 21.18 -56.02 -39.83
C THR A 67 21.71 -57.32 -39.24
N THR A 68 22.95 -57.33 -38.76
CA THR A 68 23.57 -58.49 -38.12
C THR A 68 24.53 -58.09 -37.02
N TYR A 69 25.51 -57.25 -37.32
CA TYR A 69 26.51 -56.82 -36.34
C TYR A 69 26.01 -55.66 -35.47
N LEU A 70 26.37 -55.70 -34.19
CA LEU A 70 26.11 -54.62 -33.23
C LEU A 70 27.43 -53.89 -32.94
N SER A 71 27.45 -52.56 -33.06
CA SER A 71 28.62 -51.78 -32.69
C SER A 71 28.66 -51.50 -31.19
N THR A 72 29.78 -51.76 -30.52
CA THR A 72 29.93 -51.44 -29.10
C THR A 72 29.86 -49.94 -28.80
N LEU A 73 30.02 -49.07 -29.80
CA LEU A 73 29.86 -47.63 -29.63
C LEU A 73 28.39 -47.23 -29.49
N TRP A 74 27.45 -48.05 -29.96
CA TRP A 74 26.01 -47.76 -29.82
C TRP A 74 25.53 -47.79 -28.37
N TYR A 75 26.31 -48.33 -27.43
CA TYR A 75 25.93 -48.53 -26.03
C TYR A 75 26.78 -47.68 -25.08
N GLN A 76 27.10 -46.47 -25.50
CA GLN A 76 27.91 -45.48 -24.79
C GLN A 76 27.33 -44.08 -25.04
N LYS A 77 27.82 -43.05 -24.34
CA LYS A 77 27.53 -41.67 -24.75
C LYS A 77 28.01 -41.45 -26.20
N PRO A 78 27.29 -40.69 -27.02
CA PRO A 78 26.13 -39.86 -26.68
C PRO A 78 24.78 -40.59 -26.76
N PHE A 79 24.72 -41.88 -27.10
CA PHE A 79 23.44 -42.58 -27.21
C PHE A 79 22.82 -42.80 -25.84
N LEU A 80 23.54 -43.46 -24.92
CA LEU A 80 23.17 -43.49 -23.51
C LEU A 80 23.13 -42.06 -22.98
N SER A 81 21.98 -41.57 -22.52
CA SER A 81 21.76 -40.14 -22.27
C SER A 81 21.15 -39.87 -20.90
N ASP A 82 21.44 -38.70 -20.32
CA ASP A 82 20.96 -38.34 -18.99
C ASP A 82 19.47 -37.96 -19.02
N PHE A 83 18.68 -38.48 -18.09
CA PHE A 83 17.23 -38.25 -18.06
C PHE A 83 16.83 -36.90 -17.44
N ASN A 84 17.56 -36.45 -16.40
CA ASN A 84 17.28 -35.19 -15.70
C ASN A 84 15.80 -35.07 -15.30
N ASN A 85 15.11 -33.97 -15.64
CA ASN A 85 13.69 -33.84 -15.33
C ASN A 85 12.81 -34.75 -16.19
N GLY A 86 13.16 -34.94 -17.46
CA GLY A 86 12.38 -35.74 -18.40
C GLY A 86 12.76 -35.50 -19.85
N ILE A 87 12.05 -36.16 -20.75
CA ILE A 87 12.24 -36.10 -22.19
C ILE A 87 10.91 -36.03 -22.92
N PHE A 88 10.90 -35.35 -24.05
CA PHE A 88 9.81 -35.38 -25.02
C PHE A 88 10.28 -36.16 -26.23
N SER A 89 9.47 -37.10 -26.71
CA SER A 89 9.80 -37.94 -27.85
C SER A 89 8.83 -37.71 -28.98
N ARG A 90 9.34 -37.58 -30.21
CA ARG A 90 8.57 -37.67 -31.45
C ARG A 90 9.03 -38.92 -32.18
N VAL A 91 8.12 -39.86 -32.41
CA VAL A 91 8.46 -41.21 -32.88
C VAL A 91 7.77 -41.51 -34.19
N LYS A 92 8.51 -41.88 -35.23
CA LYS A 92 7.94 -42.31 -36.50
C LYS A 92 7.40 -43.72 -36.36
N ASN A 93 6.14 -43.95 -36.70
CA ASN A 93 5.59 -45.28 -36.80
C ASN A 93 5.98 -45.92 -38.15
N THR A 94 6.96 -46.81 -38.16
CA THR A 94 7.45 -47.44 -39.39
C THR A 94 6.46 -48.51 -39.85
N LYS A 95 5.57 -48.14 -40.77
CA LYS A 95 4.51 -48.99 -41.32
C LYS A 95 5.03 -49.89 -42.44
N LEU A 96 5.51 -51.08 -42.10
CA LEU A 96 5.91 -52.10 -43.07
C LEU A 96 4.69 -52.84 -43.63
N TYR A 97 4.89 -53.60 -44.71
CA TYR A 97 3.89 -54.51 -45.24
C TYR A 97 4.46 -55.91 -45.49
N VAL A 98 3.72 -56.95 -45.12
CA VAL A 98 4.00 -58.35 -45.45
C VAL A 98 2.72 -58.97 -45.97
N ASN A 99 2.76 -59.65 -47.11
CA ASN A 99 1.57 -60.23 -47.75
C ASN A 99 0.41 -59.22 -47.87
N LYS A 100 0.76 -57.96 -48.21
CA LYS A 100 -0.14 -56.79 -48.26
C LYS A 100 -0.88 -56.46 -46.95
N THR A 101 -0.41 -56.97 -45.82
CA THR A 101 -0.92 -56.68 -44.48
C THR A 101 0.03 -55.71 -43.78
N LEU A 102 -0.52 -54.65 -43.17
CA LEU A 102 0.26 -53.63 -42.46
C LEU A 102 0.87 -54.18 -41.16
N TYR A 103 2.12 -53.84 -40.91
CA TYR A 103 2.82 -54.07 -39.63
C TYR A 103 3.43 -52.77 -39.13
N SER A 104 3.22 -52.46 -37.86
CA SER A 104 3.75 -51.27 -37.20
C SER A 104 4.94 -51.64 -36.33
N GLU A 105 6.09 -51.01 -36.57
CA GLU A 105 7.31 -51.18 -35.80
C GLU A 105 7.85 -49.78 -35.42
N PHE A 106 8.44 -49.63 -34.24
CA PHE A 106 9.29 -48.49 -33.89
C PHE A 106 10.20 -48.86 -32.72
N SER A 107 11.24 -48.06 -32.47
CA SER A 107 12.26 -48.40 -31.47
C SER A 107 11.71 -48.49 -30.04
N THR A 108 12.13 -49.53 -29.31
CA THR A 108 11.90 -49.63 -27.86
C THR A 108 12.75 -48.61 -27.12
N ILE A 109 12.24 -48.03 -26.04
CA ILE A 109 13.01 -47.14 -25.14
C ILE A 109 13.04 -47.73 -23.74
N VAL A 110 14.16 -47.54 -23.05
CA VAL A 110 14.34 -47.96 -21.66
C VAL A 110 14.79 -46.78 -20.81
N ILE A 111 14.33 -46.69 -19.57
CA ILE A 111 14.62 -45.59 -18.65
C ILE A 111 15.00 -46.20 -17.30
N GLY A 112 16.04 -45.72 -16.64
CA GLY A 112 16.52 -46.33 -15.41
C GLY A 112 17.68 -45.57 -14.76
N SER A 113 18.60 -46.30 -14.16
CA SER A 113 19.84 -45.74 -13.63
C SER A 113 21.02 -46.69 -13.80
N VAL A 114 21.09 -47.76 -13.01
CA VAL A 114 22.18 -48.76 -13.07
C VAL A 114 21.88 -49.96 -13.97
N PHE A 115 20.63 -50.16 -14.41
CA PHE A 115 20.22 -51.23 -15.34
C PHE A 115 20.56 -52.66 -14.87
N ILE A 116 20.52 -52.92 -13.56
CA ILE A 116 20.77 -54.24 -12.95
C ILE A 116 19.60 -54.67 -12.09
N ASN A 117 19.43 -55.97 -11.85
CA ASN A 117 18.32 -56.52 -11.05
C ASN A 117 18.25 -56.05 -9.58
N ASN A 118 19.19 -55.24 -9.10
CA ASN A 118 19.04 -54.47 -7.85
C ASN A 118 18.24 -53.16 -8.00
N SER A 119 17.72 -52.84 -9.18
CA SER A 119 16.96 -51.61 -9.45
C SER A 119 15.88 -51.79 -10.52
N TYR A 120 14.80 -51.01 -10.46
CA TYR A 120 13.77 -51.03 -11.48
C TYR A 120 14.21 -50.28 -12.75
N THR A 121 13.92 -50.86 -13.92
CA THR A 121 14.08 -50.23 -15.24
C THR A 121 12.71 -50.16 -15.91
N ILE A 122 12.26 -48.97 -16.29
CA ILE A 122 11.06 -48.81 -17.11
C ILE A 122 11.38 -49.18 -18.55
N VAL A 123 10.51 -49.93 -19.22
CA VAL A 123 10.65 -50.30 -20.63
C VAL A 123 9.34 -50.03 -21.35
N VAL A 124 9.38 -49.38 -22.50
CA VAL A 124 8.23 -49.13 -23.36
C VAL A 124 8.52 -49.75 -24.73
N GLN A 125 7.75 -50.76 -25.12
CA GLN A 125 7.99 -51.55 -26.33
C GLN A 125 6.70 -51.74 -27.15
N PRO A 126 6.71 -51.51 -28.46
CA PRO A 126 5.58 -51.81 -29.31
C PRO A 126 5.55 -53.28 -29.74
N HIS A 127 4.34 -53.77 -29.94
CA HIS A 127 3.96 -55.09 -30.41
C HIS A 127 2.82 -54.94 -31.43
N ASN A 128 3.10 -54.28 -32.55
CA ASN A 128 2.18 -54.11 -33.69
C ASN A 128 0.75 -53.67 -33.28
N GLY A 129 0.63 -52.52 -32.61
CA GLY A 129 -0.63 -51.95 -32.15
C GLY A 129 -0.86 -52.05 -30.65
N VAL A 130 -0.13 -52.92 -29.97
CA VAL A 130 -0.07 -52.96 -28.50
C VAL A 130 1.22 -52.30 -28.06
N LEU A 131 1.13 -51.31 -27.19
CA LEU A 131 2.25 -50.69 -26.49
C LEU A 131 2.37 -51.35 -25.12
N GLU A 132 3.33 -52.25 -24.95
CA GLU A 132 3.61 -52.87 -23.66
C GLU A 132 4.50 -51.93 -22.85
N ILE A 133 4.08 -51.56 -21.63
CA ILE A 133 4.88 -50.75 -20.71
C ILE A 133 5.07 -51.52 -19.41
N THR A 134 6.31 -51.67 -18.96
CA THR A 134 6.65 -52.38 -17.73
C THR A 134 7.72 -51.64 -16.95
N ALA A 135 7.90 -51.97 -15.67
CA ALA A 135 8.87 -51.31 -14.80
C ALA A 135 9.51 -52.28 -13.81
N CYS A 136 10.47 -53.09 -14.27
CA CYS A 136 10.87 -54.29 -13.57
C CYS A 136 12.38 -54.39 -13.30
N GLN A 137 12.75 -55.24 -12.35
CA GLN A 137 14.14 -55.52 -11.99
C GLN A 137 14.83 -56.42 -13.02
N TYR A 138 14.78 -56.06 -14.30
CA TYR A 138 15.36 -56.84 -15.38
C TYR A 138 16.87 -57.02 -15.25
N THR A 139 17.40 -58.18 -15.61
CA THR A 139 18.83 -58.35 -15.92
C THR A 139 19.11 -57.86 -17.32
N MET A 140 19.31 -56.55 -17.49
CA MET A 140 19.57 -55.97 -18.81
C MET A 140 20.86 -56.53 -19.40
N CYS A 141 20.82 -56.90 -20.67
CA CYS A 141 22.00 -57.35 -21.40
C CYS A 141 23.06 -56.26 -21.51
N GLU A 142 24.32 -56.63 -21.74
CA GLU A 142 25.38 -55.65 -22.03
C GLU A 142 25.10 -54.83 -23.30
N TYR A 143 24.54 -55.50 -24.31
CA TYR A 143 24.24 -54.93 -25.63
C TYR A 143 22.80 -55.26 -26.02
N PRO A 144 21.80 -54.60 -25.43
CA PRO A 144 20.40 -54.91 -25.66
C PRO A 144 19.95 -54.51 -27.05
N HIS A 145 19.01 -55.23 -27.64
CA HIS A 145 18.43 -54.86 -28.95
C HIS A 145 17.08 -55.54 -29.15
N THR A 146 16.32 -55.10 -30.14
CA THR A 146 15.03 -55.69 -30.51
C THR A 146 15.03 -56.10 -31.98
N ILE A 147 14.04 -56.86 -32.43
CA ILE A 147 14.02 -57.40 -33.79
C ILE A 147 12.71 -57.07 -34.51
N CYS A 148 12.75 -56.98 -35.85
CA CYS A 148 11.53 -57.02 -36.67
C CYS A 148 10.80 -58.35 -36.47
N LYS A 149 9.67 -58.35 -35.75
CA LYS A 149 8.81 -59.54 -35.64
C LYS A 149 8.17 -59.88 -36.99
N SER A 150 7.86 -58.88 -37.80
CA SER A 150 7.25 -59.03 -39.13
C SER A 150 8.24 -59.61 -40.16
N LYS A 151 9.23 -58.82 -40.58
CA LYS A 151 10.20 -59.15 -41.63
C LYS A 151 11.33 -60.10 -41.19
N GLY A 152 11.43 -60.39 -39.91
CA GLY A 152 12.50 -61.22 -39.33
C GLY A 152 13.85 -60.49 -39.24
N SER A 153 14.81 -61.15 -38.61
CA SER A 153 16.17 -60.65 -38.38
C SER A 153 17.19 -61.79 -38.33
N SER A 154 18.45 -61.49 -38.58
CA SER A 154 19.53 -62.50 -38.57
C SER A 154 19.95 -62.96 -37.17
N ARG A 155 19.35 -62.43 -36.11
CA ARG A 155 19.65 -62.75 -34.70
C ARG A 155 18.38 -62.73 -33.85
N ASN A 156 18.37 -63.49 -32.75
CA ASN A 156 17.24 -63.52 -31.82
C ASN A 156 17.13 -62.22 -31.02
N GLU A 157 15.94 -61.92 -30.53
CA GLU A 157 15.72 -60.76 -29.67
C GLU A 157 16.31 -60.97 -28.27
N SER A 158 17.07 -60.00 -27.77
CA SER A 158 17.61 -60.07 -26.42
C SER A 158 17.95 -58.67 -25.88
N TRP A 159 17.24 -58.28 -24.83
CA TRP A 159 17.54 -57.08 -24.06
C TRP A 159 17.55 -57.31 -22.55
N HIS A 160 16.99 -58.42 -22.08
CA HIS A 160 17.13 -58.88 -20.71
C HIS A 160 17.26 -60.41 -20.67
N PHE A 161 17.93 -60.96 -19.66
CA PHE A 161 18.19 -62.41 -19.61
C PHE A 161 17.17 -63.23 -18.81
N ASP A 162 16.40 -62.61 -17.91
CA ASP A 162 15.62 -63.28 -16.86
C ASP A 162 14.78 -64.48 -17.34
N LYS A 163 15.08 -65.69 -16.83
CA LYS A 163 14.31 -66.91 -17.11
C LYS A 163 13.12 -67.08 -16.18
N SER A 164 13.32 -66.82 -14.89
CA SER A 164 12.22 -66.60 -13.93
C SER A 164 11.63 -65.21 -14.14
N GLU A 165 10.35 -65.01 -13.79
CA GLU A 165 9.73 -63.69 -13.90
C GLU A 165 10.28 -62.74 -12.82
N PRO A 166 10.83 -61.57 -13.18
CA PRO A 166 11.39 -60.64 -12.19
C PRO A 166 10.29 -59.91 -11.39
N LEU A 167 10.59 -59.58 -10.14
CA LEU A 167 9.70 -58.81 -9.26
C LEU A 167 9.49 -57.40 -9.81
N CYS A 168 8.24 -56.91 -9.94
CA CYS A 168 8.03 -55.53 -10.37
C CYS A 168 6.74 -54.78 -10.08
N LEU A 169 6.87 -53.45 -10.17
CA LEU A 169 5.93 -52.44 -9.71
C LEU A 169 4.77 -52.16 -10.67
N PHE A 170 5.01 -52.26 -11.98
CA PHE A 170 4.02 -51.89 -12.99
C PHE A 170 4.15 -52.77 -14.22
N LYS A 171 3.01 -53.13 -14.82
CA LYS A 171 2.88 -53.87 -16.07
C LYS A 171 1.50 -53.60 -16.63
N LYS A 172 1.41 -52.92 -17.77
CA LYS A 172 0.14 -52.67 -18.49
C LYS A 172 0.36 -52.62 -20.00
N ASN A 173 -0.72 -52.85 -20.74
CA ASN A 173 -0.76 -52.68 -22.17
C ASN A 173 -1.68 -51.52 -22.54
N PHE A 174 -1.27 -50.73 -23.52
CA PHE A 174 -2.07 -49.67 -24.11
C PHE A 174 -2.19 -49.91 -25.61
N THR A 175 -3.29 -49.51 -26.24
CA THR A 175 -3.47 -49.71 -27.69
C THR A 175 -3.30 -48.39 -28.42
N TYR A 176 -2.54 -48.40 -29.52
CA TYR A 176 -2.33 -47.21 -30.35
C TYR A 176 -2.76 -47.48 -31.80
N ASN A 177 -3.25 -46.46 -32.49
CA ASN A 177 -3.70 -46.56 -33.87
C ASN A 177 -2.53 -46.81 -34.83
N VAL A 178 -2.35 -48.05 -35.28
CA VAL A 178 -1.28 -48.45 -36.21
C VAL A 178 -1.26 -47.69 -37.53
N SER A 179 -2.36 -47.08 -37.95
CA SER A 179 -2.42 -46.32 -39.21
C SER A 179 -1.69 -44.98 -39.13
N THR A 180 -1.52 -44.42 -37.94
CA THR A 180 -0.98 -43.06 -37.74
C THR A 180 0.52 -42.99 -37.99
N ASP A 181 1.04 -41.86 -38.45
CA ASP A 181 2.45 -41.74 -38.84
C ASP A 181 3.39 -41.38 -37.69
N TRP A 182 2.89 -40.69 -36.67
CA TRP A 182 3.72 -40.17 -35.56
C TRP A 182 3.08 -40.45 -34.21
N LEU A 183 3.88 -40.89 -33.25
CA LEU A 183 3.49 -40.96 -31.85
C LEU A 183 4.33 -39.96 -31.05
N TYR A 184 3.71 -39.30 -30.09
CA TYR A 184 4.37 -38.35 -29.21
C TYR A 184 4.35 -38.83 -27.77
N PHE A 185 5.43 -38.64 -27.02
CA PHE A 185 5.50 -39.03 -25.61
C PHE A 185 6.09 -37.94 -24.74
N HIS A 186 5.52 -37.70 -23.57
CA HIS A 186 6.22 -37.02 -22.47
C HIS A 186 6.57 -38.05 -21.42
N PHE A 187 7.85 -38.16 -21.06
CA PHE A 187 8.27 -38.93 -19.89
C PHE A 187 8.98 -38.00 -18.93
N TYR A 188 8.50 -37.83 -17.70
CA TYR A 188 9.18 -36.97 -16.72
C TYR A 188 9.05 -37.51 -15.31
N GLN A 189 9.89 -37.02 -14.40
CA GLN A 189 9.86 -37.42 -12.99
C GLN A 189 9.74 -36.20 -12.08
N GLU A 190 8.96 -36.34 -11.02
CA GLU A 190 8.80 -35.31 -9.99
C GLU A 190 8.59 -36.00 -8.63
N ARG A 191 9.26 -35.52 -7.57
CA ARG A 191 9.15 -36.06 -6.20
C ARG A 191 9.11 -37.60 -6.16
N GLY A 192 10.11 -38.24 -6.76
CA GLY A 192 10.25 -39.71 -6.77
C GLY A 192 9.18 -40.48 -7.54
N THR A 193 8.35 -39.80 -8.34
CA THR A 193 7.27 -40.38 -9.13
C THR A 193 7.52 -40.16 -10.62
N PHE A 194 7.42 -41.21 -11.42
CA PHE A 194 7.48 -41.15 -12.88
C PHE A 194 6.10 -40.83 -13.46
N TYR A 195 6.06 -40.08 -14.56
CA TYR A 195 4.84 -39.68 -15.26
C TYR A 195 5.01 -39.92 -16.76
N ALA A 196 3.99 -40.47 -17.41
CA ALA A 196 3.99 -40.68 -18.85
C ALA A 196 2.74 -40.08 -19.49
N TYR A 197 2.93 -39.34 -20.58
CA TYR A 197 1.87 -38.87 -21.45
C TYR A 197 2.15 -39.37 -22.85
N TYR A 198 1.12 -39.66 -23.63
CA TYR A 198 1.30 -40.03 -25.02
C TYR A 198 0.24 -39.41 -25.91
N ALA A 199 0.46 -39.40 -27.22
CA ALA A 199 -0.58 -39.22 -28.20
C ALA A 199 -0.23 -40.02 -29.46
N ASP A 200 -1.20 -40.73 -30.03
CA ASP A 200 -1.06 -41.38 -31.33
C ASP A 200 -1.72 -40.57 -32.45
N SER A 201 -2.58 -39.61 -32.13
CA SER A 201 -3.28 -38.76 -33.09
C SER A 201 -3.30 -37.32 -32.59
N GLY A 202 -3.01 -36.37 -33.47
CA GLY A 202 -2.69 -35.00 -33.08
C GLY A 202 -1.33 -34.86 -32.39
N MET A 203 -0.91 -33.64 -32.11
CA MET A 203 0.35 -33.34 -31.43
C MET A 203 0.26 -33.30 -29.89
N PRO A 204 -0.74 -32.65 -29.26
CA PRO A 204 -0.79 -32.56 -27.81
C PRO A 204 -1.00 -33.92 -27.17
N THR A 205 -0.19 -34.28 -26.19
CA THR A 205 -0.30 -35.58 -25.51
C THR A 205 -1.33 -35.57 -24.39
N THR A 206 -1.72 -36.75 -23.93
CA THR A 206 -2.63 -36.97 -22.81
C THR A 206 -2.04 -37.99 -21.85
N PHE A 207 -2.40 -37.91 -20.57
CA PHE A 207 -1.83 -38.70 -19.51
C PHE A 207 -2.10 -40.20 -19.69
N LEU A 208 -1.06 -41.04 -19.65
CA LEU A 208 -1.21 -42.50 -19.60
C LEU A 208 -1.25 -43.00 -18.15
N PHE A 209 -0.16 -42.81 -17.40
CA PHE A 209 0.00 -43.34 -16.06
C PHE A 209 1.04 -42.58 -15.26
N SER A 210 0.99 -42.71 -13.95
CA SER A 210 2.04 -42.31 -13.02
C SER A 210 2.47 -43.52 -12.19
N LEU A 211 3.72 -43.54 -11.76
CA LEU A 211 4.31 -44.68 -11.08
C LEU A 211 5.29 -44.19 -10.03
N TYR A 212 4.99 -44.44 -8.75
CA TYR A 212 5.93 -44.12 -7.69
C TYR A 212 7.12 -45.07 -7.72
N LEU A 213 8.34 -44.54 -7.78
CA LEU A 213 9.57 -45.35 -7.77
C LEU A 213 10.35 -45.20 -6.47
N GLY A 214 10.31 -44.01 -5.86
CA GLY A 214 11.07 -43.73 -4.63
C GLY A 214 12.58 -43.64 -4.80
N THR A 215 13.04 -43.62 -6.05
CA THR A 215 14.44 -43.45 -6.44
C THR A 215 14.49 -42.55 -7.66
N LEU A 216 15.51 -41.71 -7.76
CA LEU A 216 15.71 -40.83 -8.90
C LEU A 216 16.13 -41.63 -10.14
N LEU A 217 15.43 -41.49 -11.26
CA LEU A 217 15.89 -41.98 -12.56
C LEU A 217 17.03 -41.09 -13.07
N SER A 218 18.02 -41.65 -13.75
CA SER A 218 19.20 -40.89 -14.18
C SER A 218 19.52 -41.04 -15.65
N HIS A 219 19.14 -42.15 -16.30
CA HIS A 219 19.54 -42.42 -17.68
C HIS A 219 18.40 -42.99 -18.49
N TYR A 220 18.44 -42.77 -19.80
CA TYR A 220 17.57 -43.44 -20.75
C TYR A 220 18.36 -43.85 -21.97
N TYR A 221 17.82 -44.83 -22.70
CA TYR A 221 18.46 -45.37 -23.89
C TYR A 221 17.41 -45.89 -24.87
N VAL A 222 17.67 -45.77 -26.16
CA VAL A 222 16.77 -46.26 -27.21
C VAL A 222 17.40 -47.50 -27.81
N LEU A 223 16.70 -48.63 -27.78
CA LEU A 223 17.27 -49.90 -28.18
C LEU A 223 17.47 -49.95 -29.70
N PRO A 224 18.66 -50.34 -30.20
CA PRO A 224 18.84 -50.67 -31.59
C PRO A 224 17.87 -51.77 -32.02
N LEU A 225 17.31 -51.65 -33.21
CA LEU A 225 16.41 -52.63 -33.80
C LEU A 225 17.14 -53.32 -34.96
N THR A 226 17.13 -54.66 -34.98
CA THR A 226 17.76 -55.43 -36.06
C THR A 226 16.71 -55.98 -37.01
N CYS A 227 16.92 -55.81 -38.31
CA CYS A 227 15.90 -56.15 -39.30
C CYS A 227 16.50 -56.54 -40.66
N ASN A 228 15.87 -57.48 -41.37
CA ASN A 228 16.21 -57.76 -42.76
C ASN A 228 15.74 -56.66 -43.73
N ALA A 229 14.61 -56.02 -43.42
CA ALA A 229 14.04 -54.88 -44.14
C ALA A 229 14.56 -53.54 -43.57
N ILE A 230 13.87 -52.43 -43.87
CA ILE A 230 14.16 -51.09 -43.37
C ILE A 230 15.53 -50.60 -43.83
N SER A 231 15.79 -50.71 -45.13
CA SER A 231 16.98 -50.16 -45.79
C SER A 231 16.73 -49.96 -47.28
N SER A 232 17.35 -48.93 -47.87
CA SER A 232 17.04 -48.45 -49.23
C SER A 232 17.22 -49.50 -50.35
N ASN A 233 17.98 -50.56 -50.10
CA ASN A 233 18.16 -51.70 -51.00
C ASN A 233 17.01 -52.72 -50.99
N THR A 234 16.13 -52.73 -49.98
CA THR A 234 14.96 -53.64 -49.89
C THR A 234 13.64 -52.90 -49.79
N ASP A 235 13.59 -51.76 -49.11
CA ASP A 235 12.38 -50.94 -48.91
C ASP A 235 12.78 -49.56 -48.40
N ASN A 236 12.27 -48.50 -49.04
CA ASN A 236 12.50 -47.13 -48.59
C ASN A 236 11.64 -46.80 -47.36
N GLU A 237 12.06 -47.33 -46.22
CA GLU A 237 11.57 -47.01 -44.89
C GLU A 237 12.72 -46.90 -43.89
N THR A 238 12.50 -46.17 -42.80
CA THR A 238 13.48 -45.88 -41.77
C THR A 238 12.83 -45.87 -40.38
N LEU A 239 13.64 -46.00 -39.34
CA LEU A 239 13.21 -45.82 -37.95
C LEU A 239 13.61 -44.41 -37.52
N GLN A 240 12.72 -43.65 -36.91
CA GLN A 240 13.08 -42.36 -36.33
C GLN A 240 12.53 -42.23 -34.92
N TYR A 241 13.38 -41.79 -34.00
CA TYR A 241 13.02 -41.64 -32.61
C TYR A 241 13.67 -40.36 -32.08
N TRP A 242 13.04 -39.23 -32.35
CA TRP A 242 13.54 -37.92 -31.98
C TRP A 242 13.30 -37.64 -30.51
N VAL A 243 14.35 -37.27 -29.76
CA VAL A 243 14.24 -37.00 -28.32
C VAL A 243 14.77 -35.62 -27.97
N THR A 244 14.10 -34.89 -27.08
CA THR A 244 14.57 -33.58 -26.58
C THR A 244 14.31 -33.44 -25.08
N PRO A 245 15.17 -32.79 -24.29
CA PRO A 245 14.95 -32.62 -22.86
C PRO A 245 13.71 -31.81 -22.51
N LEU A 246 12.98 -32.23 -21.47
CA LEU A 246 11.96 -31.42 -20.81
C LEU A 246 12.56 -30.54 -19.71
N SER A 247 11.88 -29.45 -19.39
CA SER A 247 12.17 -28.63 -18.22
C SER A 247 10.92 -27.84 -17.82
N LYS A 248 10.88 -27.29 -16.60
CA LYS A 248 9.74 -26.51 -16.14
C LYS A 248 9.74 -25.14 -16.81
N ARG A 249 8.79 -24.87 -17.72
CA ARG A 249 8.75 -23.64 -18.53
C ARG A 249 7.35 -23.07 -18.56
N GLN A 250 7.20 -21.77 -18.79
CA GLN A 250 5.90 -21.15 -18.98
C GLN A 250 5.57 -21.06 -20.47
N TYR A 251 4.42 -21.58 -20.86
CA TYR A 251 3.92 -21.57 -22.22
C TYR A 251 2.63 -20.76 -22.30
N LEU A 252 2.45 -20.01 -23.37
CA LEU A 252 1.11 -19.63 -23.82
C LEU A 252 0.52 -20.84 -24.56
N LEU A 253 -0.70 -21.23 -24.26
CA LEU A 253 -1.43 -22.29 -24.96
C LEU A 253 -2.71 -21.68 -25.54
N LYS A 254 -3.06 -21.96 -26.80
CA LYS A 254 -4.36 -21.57 -27.36
C LYS A 254 -5.23 -22.80 -27.58
N PHE A 255 -6.44 -22.77 -27.03
CA PHE A 255 -7.45 -23.80 -27.22
C PHE A 255 -8.54 -23.30 -28.17
N ASP A 256 -8.93 -24.10 -29.15
CA ASP A 256 -10.00 -23.75 -30.08
C ASP A 256 -11.41 -23.94 -29.47
N ASN A 257 -12.46 -23.70 -30.26
CA ASN A 257 -13.86 -23.83 -29.83
C ASN A 257 -14.30 -25.28 -29.50
N ARG A 258 -13.44 -26.29 -29.66
CA ARG A 258 -13.70 -27.68 -29.27
C ARG A 258 -12.67 -28.21 -28.26
N GLY A 259 -11.82 -27.34 -27.72
CA GLY A 259 -10.90 -27.66 -26.64
C GLY A 259 -9.61 -28.36 -27.08
N VAL A 260 -9.27 -28.34 -28.37
CA VAL A 260 -7.99 -28.83 -28.85
C VAL A 260 -6.92 -27.73 -28.73
N ILE A 261 -5.72 -28.06 -28.28
CA ILE A 261 -4.60 -27.11 -28.30
C ILE A 261 -4.14 -26.94 -29.74
N THR A 262 -4.40 -25.80 -30.37
CA THR A 262 -4.00 -25.57 -31.77
C THR A 262 -2.62 -24.95 -31.91
N ASN A 263 -2.19 -24.15 -30.94
CA ASN A 263 -0.93 -23.42 -30.99
C ASN A 263 -0.33 -23.25 -29.61
N ALA A 264 0.98 -23.05 -29.54
CA ALA A 264 1.65 -22.78 -28.30
C ALA A 264 2.83 -21.82 -28.51
N VAL A 265 3.25 -21.13 -27.44
CA VAL A 265 4.39 -20.23 -27.47
C VAL A 265 5.24 -20.44 -26.23
N ASP A 266 6.52 -20.73 -26.40
CA ASP A 266 7.45 -20.82 -25.28
C ASP A 266 7.91 -19.41 -24.89
N CYS A 267 7.41 -18.86 -23.78
CA CYS A 267 7.49 -17.43 -23.55
C CYS A 267 8.90 -16.86 -23.50
N SER A 268 9.87 -17.58 -22.94
CA SER A 268 11.25 -17.09 -22.84
C SER A 268 12.14 -17.49 -24.02
N SER A 269 11.62 -18.20 -25.02
CA SER A 269 12.43 -18.72 -26.12
C SER A 269 12.96 -17.65 -27.10
N SER A 270 12.27 -16.52 -27.26
CA SER A 270 12.67 -15.46 -28.22
C SER A 270 11.97 -14.14 -27.92
N PHE A 271 12.45 -13.02 -28.49
CA PHE A 271 11.80 -11.73 -28.31
C PHE A 271 10.36 -11.73 -28.83
N PHE A 272 10.09 -12.31 -29.99
CA PHE A 272 8.71 -12.33 -30.49
C PHE A 272 7.82 -13.21 -29.61
N SER A 273 8.34 -14.31 -29.09
CA SER A 273 7.62 -15.13 -28.12
C SER A 273 7.26 -14.33 -26.87
N GLU A 274 8.14 -13.45 -26.41
CA GLU A 274 7.87 -12.59 -25.27
C GLU A 274 6.74 -11.60 -25.55
N ILE A 275 6.69 -11.00 -26.74
CA ILE A 275 5.58 -10.11 -27.12
C ILE A 275 4.26 -10.88 -27.19
N GLN A 276 4.27 -12.09 -27.75
CA GLN A 276 3.09 -12.93 -27.80
C GLN A 276 2.60 -13.26 -26.40
N CYS A 277 3.45 -13.68 -25.47
CA CYS A 277 3.02 -13.96 -24.10
C CYS A 277 2.57 -12.69 -23.36
N LYS A 278 3.26 -11.55 -23.52
CA LYS A 278 2.85 -10.29 -22.90
C LYS A 278 1.44 -9.88 -23.31
N THR A 279 1.12 -9.99 -24.59
CA THR A 279 -0.20 -9.65 -25.13
C THR A 279 -1.22 -10.79 -25.07
N LYS A 280 -0.81 -11.98 -24.61
CA LYS A 280 -1.62 -13.21 -24.59
C LYS A 280 -2.30 -13.53 -25.92
N SER A 281 -1.61 -13.26 -27.03
CA SER A 281 -2.15 -13.45 -28.38
C SER A 281 -1.10 -13.99 -29.35
N LEU A 282 -1.52 -14.77 -30.35
CA LEU A 282 -0.59 -15.34 -31.33
C LEU A 282 -0.11 -14.30 -32.35
N LEU A 283 -0.93 -13.29 -32.65
CA LEU A 283 -0.57 -12.20 -33.55
C LEU A 283 -0.78 -10.86 -32.83
N PRO A 284 0.24 -10.34 -32.15
CA PRO A 284 0.18 -9.06 -31.45
C PRO A 284 -0.22 -7.90 -32.37
N ASN A 285 -0.77 -6.83 -31.84
CA ASN A 285 -1.07 -5.64 -32.65
C ASN A 285 0.21 -4.93 -33.12
N THR A 286 0.15 -4.22 -34.24
CA THR A 286 1.27 -3.37 -34.70
C THR A 286 1.61 -2.36 -33.63
N GLY A 287 2.89 -2.23 -33.28
CA GLY A 287 3.31 -1.33 -32.21
C GLY A 287 4.78 -1.49 -31.84
N VAL A 288 5.26 -0.61 -30.97
CA VAL A 288 6.61 -0.68 -30.41
C VAL A 288 6.50 -1.18 -28.98
N TYR A 289 7.17 -2.29 -28.69
CA TYR A 289 7.14 -2.97 -27.41
C TYR A 289 8.49 -2.83 -26.73
N ASP A 290 8.51 -2.26 -25.53
CA ASP A 290 9.71 -2.26 -24.70
C ASP A 290 9.77 -3.59 -23.93
N LEU A 291 10.64 -4.50 -24.37
CA LEU A 291 10.76 -5.82 -23.77
C LEU A 291 11.32 -5.77 -22.35
N SER A 292 11.24 -6.87 -21.62
CA SER A 292 11.78 -6.97 -20.27
C SER A 292 13.30 -6.81 -20.28
N GLY A 293 13.83 -6.17 -19.25
CA GLY A 293 15.23 -5.85 -19.16
C GLY A 293 16.12 -7.10 -19.06
N PHE A 294 17.16 -7.15 -19.88
CA PHE A 294 18.22 -8.14 -19.74
C PHE A 294 19.38 -7.60 -18.90
N THR A 295 20.31 -8.46 -18.53
CA THR A 295 21.61 -8.09 -17.91
C THR A 295 22.70 -8.92 -18.59
N VAL A 296 23.85 -8.32 -18.89
CA VAL A 296 24.96 -9.09 -19.51
C VAL A 296 25.39 -10.23 -18.60
N LYS A 297 25.61 -11.42 -19.15
CA LYS A 297 26.02 -12.58 -18.36
C LYS A 297 27.47 -12.42 -17.88
N PRO A 298 27.82 -12.81 -16.66
CA PRO A 298 29.19 -12.77 -16.19
C PRO A 298 30.02 -13.80 -16.95
N VAL A 299 31.17 -13.38 -17.49
CA VAL A 299 32.02 -14.26 -18.32
C VAL A 299 33.04 -15.06 -17.52
N ALA A 300 33.25 -14.70 -16.25
CA ALA A 300 34.23 -15.31 -15.36
C ALA A 300 33.80 -15.15 -13.89
N THR A 301 34.48 -15.85 -12.99
CA THR A 301 34.27 -15.72 -11.54
C THR A 301 35.54 -15.25 -10.84
N VAL A 302 35.45 -14.19 -10.04
CA VAL A 302 36.54 -13.72 -9.19
C VAL A 302 36.31 -14.23 -7.77
N HIS A 303 37.18 -15.07 -7.26
CA HIS A 303 37.12 -15.57 -5.89
C HIS A 303 38.39 -15.18 -5.15
N ARG A 304 38.29 -14.45 -4.04
CA ARG A 304 39.44 -14.01 -3.24
C ARG A 304 39.25 -14.42 -1.78
N ARG A 305 40.29 -15.00 -1.19
CA ARG A 305 40.42 -15.40 0.21
C ARG A 305 41.85 -15.17 0.65
N ILE A 306 42.09 -14.84 1.92
CA ILE A 306 43.46 -14.74 2.42
C ILE A 306 44.04 -16.15 2.52
N PRO A 307 45.19 -16.45 1.91
CA PRO A 307 45.76 -17.79 1.90
C PRO A 307 46.50 -18.10 3.20
N ASP A 308 46.79 -19.39 3.43
CA ASP A 308 47.69 -19.87 4.49
C ASP A 308 47.27 -19.54 5.93
N LEU A 309 46.02 -19.17 6.16
CA LEU A 309 45.49 -19.00 7.52
C LEU A 309 45.44 -20.34 8.26
N PRO A 310 45.68 -20.36 9.57
CA PRO A 310 45.64 -21.58 10.37
C PRO A 310 44.21 -22.10 10.54
N ASP A 311 44.05 -23.35 10.96
CA ASP A 311 42.75 -23.89 11.34
C ASP A 311 42.24 -23.27 12.65
N CYS A 312 40.93 -23.10 12.77
CA CYS A 312 40.35 -22.48 13.96
C CYS A 312 40.34 -23.40 15.20
N ASP A 313 40.50 -24.72 15.06
CA ASP A 313 40.48 -25.69 16.17
C ASP A 313 39.22 -25.66 17.05
N ILE A 314 38.09 -25.24 16.50
CA ILE A 314 36.85 -25.03 17.28
C ILE A 314 36.43 -26.32 18.01
N ASP A 315 36.60 -27.48 17.36
CA ASP A 315 36.30 -28.77 17.96
C ASP A 315 37.16 -29.06 19.18
N LYS A 316 38.44 -28.66 19.20
CA LYS A 316 39.32 -28.92 20.34
C LYS A 316 38.85 -28.16 21.58
N TRP A 317 38.35 -26.94 21.39
CA TRP A 317 37.82 -26.14 22.47
C TRP A 317 36.44 -26.65 22.92
N LEU A 318 35.56 -27.02 21.99
CA LEU A 318 34.26 -27.59 22.36
C LEU A 318 34.38 -28.95 23.04
N ASN A 319 35.32 -29.81 22.63
CA ASN A 319 35.53 -31.13 23.23
C ASN A 319 36.39 -31.12 24.50
N ASN A 320 36.82 -29.95 24.99
CA ASN A 320 37.62 -29.87 26.21
C ASN A 320 36.80 -30.36 27.41
N PHE A 321 37.28 -31.37 28.14
CA PHE A 321 36.52 -32.02 29.20
C PHE A 321 36.27 -31.17 30.47
N ASN A 322 36.93 -30.02 30.62
CA ASN A 322 36.73 -29.12 31.76
C ASN A 322 35.55 -28.14 31.53
N VAL A 323 34.34 -28.68 31.37
CA VAL A 323 33.16 -27.93 30.92
C VAL A 323 32.66 -26.94 31.99
N PRO A 324 32.40 -25.67 31.67
CA PRO A 324 31.88 -24.70 32.63
C PRO A 324 30.37 -24.83 32.83
N SER A 325 29.86 -24.35 33.97
CA SER A 325 28.42 -24.25 34.21
C SER A 325 27.82 -23.00 33.54
N PRO A 326 26.48 -22.90 33.39
CA PRO A 326 25.85 -21.68 32.92
C PRO A 326 26.23 -20.46 33.74
N LEU A 327 26.48 -20.58 35.05
CA LEU A 327 26.83 -19.42 35.87
C LEU A 327 28.13 -18.77 35.39
N ASN A 328 29.12 -19.56 34.99
CA ASN A 328 30.44 -19.10 34.58
C ASN A 328 30.73 -19.46 33.12
N TRP A 329 29.73 -19.36 32.25
CA TRP A 329 29.84 -19.71 30.83
C TRP A 329 31.07 -19.07 30.19
N GLU A 330 31.83 -19.84 29.45
CA GLU A 330 33.08 -19.39 28.84
C GLU A 330 32.86 -18.90 27.41
N ARG A 331 33.67 -17.95 26.96
CA ARG A 331 33.69 -17.43 25.59
C ARG A 331 35.05 -17.67 24.95
N LYS A 332 35.08 -18.03 23.67
CA LYS A 332 36.28 -17.97 22.83
C LYS A 332 35.97 -17.27 21.52
N ILE A 333 36.90 -16.45 21.03
CA ILE A 333 36.72 -15.65 19.81
C ILE A 333 37.65 -16.21 18.74
N PHE A 334 37.12 -16.56 17.57
CA PHE A 334 37.87 -17.09 16.45
C PHE A 334 37.91 -16.08 15.30
N SER A 335 39.12 -15.68 14.91
CA SER A 335 39.35 -14.77 13.79
C SER A 335 40.68 -15.08 13.10
N ASN A 336 40.80 -14.68 11.83
CA ASN A 336 41.97 -14.99 11.00
C ASN A 336 42.30 -16.49 10.94
N CYS A 337 41.28 -17.33 10.76
CA CYS A 337 41.42 -18.78 10.70
C CYS A 337 40.37 -19.41 9.78
N ASN A 338 40.67 -20.59 9.26
CA ASN A 338 39.74 -21.37 8.44
C ASN A 338 39.04 -22.47 9.25
N PHE A 339 37.79 -22.76 8.93
CA PHE A 339 37.04 -23.85 9.57
C PHE A 339 36.19 -24.63 8.57
N ASN A 340 35.77 -25.83 8.94
CA ASN A 340 34.87 -26.66 8.14
C ASN A 340 33.67 -27.02 9.01
N LEU A 341 32.52 -26.38 8.80
CA LEU A 341 31.35 -26.64 9.61
C LEU A 341 30.93 -28.12 9.54
N SER A 342 31.06 -28.76 8.38
CA SER A 342 30.75 -30.19 8.27
C SER A 342 31.62 -31.04 9.20
N THR A 343 32.95 -30.92 9.13
CA THR A 343 33.87 -31.62 10.01
C THR A 343 33.58 -31.31 11.48
N LEU A 344 33.34 -30.05 11.79
CA LEU A 344 33.07 -29.62 13.16
C LEU A 344 31.83 -30.34 13.71
N LEU A 345 30.73 -30.34 12.97
CA LEU A 345 29.50 -31.00 13.40
C LEU A 345 29.67 -32.50 13.64
N ARG A 346 30.60 -33.18 12.94
CA ARG A 346 30.96 -34.56 13.24
C ARG A 346 31.78 -34.68 14.52
N LEU A 347 32.90 -33.96 14.62
CA LEU A 347 33.87 -34.16 15.69
C LEU A 347 33.32 -33.85 17.09
N VAL A 348 32.29 -33.02 17.19
CA VAL A 348 31.70 -32.67 18.49
C VAL A 348 30.59 -33.61 18.95
N HIS A 349 30.19 -34.60 18.15
CA HIS A 349 29.01 -35.43 18.45
C HIS A 349 27.76 -34.56 18.64
N THR A 350 27.34 -33.88 17.57
CA THR A 350 26.19 -32.98 17.58
C THR A 350 24.91 -33.74 17.93
N ASP A 351 24.22 -33.31 18.99
CA ASP A 351 22.86 -33.75 19.27
C ASP A 351 21.87 -32.98 18.39
N SER A 352 22.04 -31.66 18.27
CA SER A 352 21.22 -30.76 17.44
C SER A 352 21.97 -29.49 17.03
N PHE A 353 21.70 -28.94 15.85
CA PHE A 353 22.22 -27.64 15.41
C PHE A 353 21.14 -26.83 14.69
N SER A 354 21.01 -25.53 14.98
CA SER A 354 20.04 -24.64 14.32
C SER A 354 20.50 -23.21 14.31
N CYS A 355 19.93 -22.38 13.43
CA CYS A 355 20.32 -20.97 13.29
C CYS A 355 19.11 -20.03 13.39
N ASN A 356 19.39 -18.81 13.80
CA ASN A 356 18.44 -17.72 13.97
C ASN A 356 18.96 -16.47 13.22
N ASN A 357 18.09 -15.79 12.48
CA ASN A 357 18.42 -14.67 11.59
C ASN A 357 19.47 -15.00 10.51
N PHE A 358 19.71 -16.28 10.28
CA PHE A 358 20.71 -16.84 9.38
C PHE A 358 20.35 -18.29 9.06
N ASP A 359 21.02 -18.94 8.11
CA ASP A 359 20.79 -20.35 7.84
C ASP A 359 22.07 -21.19 7.73
N GLU A 360 22.02 -22.41 8.27
CA GLU A 360 23.17 -23.32 8.27
C GLU A 360 23.73 -23.55 6.86
N SER A 361 22.86 -23.70 5.86
CA SER A 361 23.30 -23.92 4.48
C SER A 361 24.04 -22.72 3.89
N LYS A 362 23.83 -21.52 4.44
CA LYS A 362 24.53 -20.30 4.02
C LYS A 362 25.86 -20.14 4.74
N ILE A 363 26.16 -20.90 5.78
CA ILE A 363 27.46 -20.79 6.44
C ILE A 363 28.55 -21.37 5.54
N TYR A 364 28.28 -22.48 4.86
CA TYR A 364 29.25 -23.14 3.99
C TYR A 364 29.79 -22.19 2.92
N GLY A 365 31.10 -21.99 2.88
CA GLY A 365 31.77 -21.10 1.93
C GLY A 365 31.79 -19.60 2.31
N SER A 366 31.00 -19.18 3.30
CA SER A 366 30.93 -17.77 3.74
C SER A 366 32.11 -17.35 4.61
N CYS A 367 32.33 -16.04 4.74
CA CYS A 367 33.31 -15.44 5.64
C CYS A 367 32.66 -14.51 6.66
N PHE A 368 33.26 -14.43 7.85
CA PHE A 368 32.81 -13.61 8.97
C PHE A 368 33.97 -12.79 9.54
N LYS A 369 33.70 -11.60 10.08
CA LYS A 369 34.74 -10.80 10.77
C LYS A 369 35.31 -11.55 11.97
N SER A 370 34.45 -12.23 12.71
CA SER A 370 34.84 -13.20 13.74
C SER A 370 33.67 -14.12 14.04
N ILE A 371 33.97 -15.30 14.58
CA ILE A 371 32.97 -16.17 15.18
C ILE A 371 33.21 -16.15 16.68
N VAL A 372 32.17 -15.85 17.44
CA VAL A 372 32.22 -15.81 18.89
C VAL A 372 31.46 -17.00 19.41
N LEU A 373 32.08 -17.83 20.22
CA LEU A 373 31.50 -19.08 20.70
C LEU A 373 31.42 -19.09 22.22
N ASP A 374 30.21 -19.23 22.74
CA ASP A 374 29.94 -19.32 24.17
C ASP A 374 29.53 -20.74 24.52
N LYS A 375 30.06 -21.39 25.56
CA LYS A 375 29.71 -22.79 25.91
C LYS A 375 29.39 -23.02 27.37
N PHE A 376 28.48 -23.94 27.69
CA PHE A 376 28.25 -24.45 29.05
C PHE A 376 27.51 -25.79 29.09
N ALA A 377 27.66 -26.55 30.18
CA ALA A 377 26.88 -27.76 30.42
C ALA A 377 25.41 -27.42 30.73
N ILE A 378 24.46 -28.23 30.28
CA ILE A 378 23.04 -27.96 30.50
C ILE A 378 22.58 -28.71 31.76
N PRO A 379 22.06 -28.05 32.80
CA PRO A 379 21.40 -28.75 33.90
C PRO A 379 20.11 -29.37 33.37
N ASN A 380 19.94 -30.70 33.47
CA ASN A 380 18.88 -31.44 32.76
C ASN A 380 17.48 -30.83 32.93
N SER A 381 17.08 -30.56 34.17
CA SER A 381 15.75 -30.00 34.49
C SER A 381 15.51 -28.60 33.91
N ARG A 382 16.56 -27.84 33.57
CA ARG A 382 16.44 -26.50 32.98
C ARG A 382 16.52 -26.50 31.46
N ARG A 383 16.56 -27.65 30.77
CA ARG A 383 16.69 -27.72 29.31
C ARG A 383 15.64 -26.89 28.55
N SER A 384 14.42 -26.75 29.07
CA SER A 384 13.38 -25.92 28.47
C SER A 384 13.75 -24.43 28.41
N ASP A 385 14.62 -23.93 29.29
CA ASP A 385 14.99 -22.52 29.34
C ASP A 385 15.80 -22.06 28.13
N LEU A 386 16.44 -22.97 27.38
CA LEU A 386 17.27 -22.60 26.23
C LEU A 386 16.47 -22.36 24.93
N GLN A 387 15.14 -22.40 24.99
CA GLN A 387 14.28 -21.94 23.89
C GLN A 387 14.39 -20.42 23.70
N LEU A 388 14.50 -19.94 22.47
CA LEU A 388 14.64 -18.50 22.20
C LEU A 388 13.47 -17.70 22.79
N GLY A 389 13.77 -16.64 23.53
CA GLY A 389 12.78 -15.79 24.20
C GLY A 389 12.20 -16.33 25.51
N SER A 390 12.63 -17.50 26.01
CA SER A 390 12.18 -18.00 27.32
C SER A 390 12.59 -17.09 28.47
N SER A 391 11.73 -16.92 29.49
CA SER A 391 12.06 -16.19 30.71
C SER A 391 12.62 -17.07 31.84
N GLY A 392 12.92 -18.35 31.56
CA GLY A 392 13.42 -19.30 32.56
C GLY A 392 14.79 -18.93 33.15
N PHE A 393 15.17 -19.57 34.26
CA PHE A 393 16.34 -19.19 35.05
C PHE A 393 17.63 -19.08 34.24
N LEU A 394 17.88 -19.96 33.26
CA LEU A 394 19.10 -19.86 32.46
C LEU A 394 19.19 -18.52 31.73
N GLN A 395 18.17 -18.14 30.97
CA GLN A 395 18.21 -16.89 30.22
C GLN A 395 17.90 -15.64 31.04
N SER A 396 17.24 -15.78 32.18
CA SER A 396 16.99 -14.66 33.08
C SER A 396 18.22 -14.29 33.91
N SER A 397 19.01 -15.29 34.33
CA SER A 397 20.06 -15.10 35.36
C SER A 397 21.42 -15.73 35.04
N ASN A 398 21.64 -16.38 33.90
CA ASN A 398 22.93 -17.03 33.61
C ASN A 398 23.47 -16.63 32.25
N TYR A 399 22.72 -16.85 31.18
CA TYR A 399 23.16 -16.60 29.81
C TYR A 399 21.97 -16.25 28.94
N LYS A 400 21.78 -14.98 28.60
CA LYS A 400 20.73 -14.56 27.66
C LYS A 400 21.17 -14.82 26.22
N ILE A 401 20.44 -15.66 25.49
CA ILE A 401 20.69 -15.86 24.06
C ILE A 401 20.20 -14.63 23.31
N ASP A 402 21.06 -13.96 22.56
CA ASP A 402 20.65 -12.79 21.79
C ASP A 402 19.81 -13.17 20.57
N THR A 403 18.52 -12.88 20.60
CA THR A 403 17.60 -13.19 19.50
C THR A 403 17.69 -12.22 18.33
N THR A 404 18.38 -11.09 18.46
CA THR A 404 18.42 -10.03 17.43
C THR A 404 19.58 -10.20 16.44
N SER A 405 20.70 -10.78 16.86
CA SER A 405 21.86 -11.01 16.01
C SER A 405 21.77 -12.33 15.23
N SER A 406 22.57 -12.45 14.18
CA SER A 406 22.77 -13.70 13.45
C SER A 406 23.56 -14.69 14.30
N SER A 407 22.95 -15.82 14.65
CA SER A 407 23.57 -16.82 15.52
C SER A 407 23.07 -18.23 15.27
N CYS A 408 23.81 -19.23 15.73
CA CYS A 408 23.41 -20.63 15.66
C CYS A 408 23.64 -21.34 16.99
N GLN A 409 22.69 -22.15 17.43
CA GLN A 409 22.78 -22.87 18.69
C GLN A 409 23.13 -24.34 18.42
N LEU A 410 24.18 -24.81 19.06
CA LEU A 410 24.63 -26.19 19.02
C LEU A 410 24.31 -26.86 20.35
N TYR A 411 23.64 -28.00 20.30
CA TYR A 411 23.54 -28.93 21.41
C TYR A 411 24.42 -30.13 21.05
N TYR A 412 25.29 -30.53 21.96
CA TYR A 412 26.24 -31.60 21.72
C TYR A 412 26.57 -32.28 23.04
N SER A 413 27.28 -33.40 23.00
CA SER A 413 27.49 -34.17 24.23
C SER A 413 28.83 -34.89 24.27
N LEU A 414 29.38 -35.03 25.47
CA LEU A 414 30.67 -35.68 25.73
C LEU A 414 30.51 -36.86 26.69
N PRO A 415 31.34 -37.91 26.59
CA PRO A 415 31.24 -39.08 27.46
C PRO A 415 31.44 -38.70 28.92
N ALA A 416 30.47 -39.02 29.77
CA ALA A 416 30.38 -38.45 31.10
C ALA A 416 31.58 -38.83 31.99
N ILE A 417 32.18 -40.00 31.79
CA ILE A 417 33.33 -40.44 32.60
C ILE A 417 34.55 -39.53 32.46
N ASN A 418 34.69 -38.81 31.35
CA ASN A 418 35.81 -37.90 31.12
C ASN A 418 35.51 -36.47 31.58
N VAL A 419 34.26 -36.02 31.49
CA VAL A 419 33.84 -34.66 31.84
C VAL A 419 33.97 -34.40 33.34
N THR A 420 34.54 -33.24 33.69
CA THR A 420 34.45 -32.67 35.05
C THR A 420 33.87 -31.26 34.96
N ILE A 421 32.77 -30.99 35.66
CA ILE A 421 32.15 -29.67 35.61
C ILE A 421 32.94 -28.67 36.45
N ASN A 422 33.30 -27.55 35.85
CA ASN A 422 33.95 -26.43 36.52
C ASN A 422 32.93 -25.40 37.03
N ASN A 423 32.31 -25.64 38.18
CA ASN A 423 31.44 -24.67 38.85
C ASN A 423 32.28 -23.57 39.51
N TYR A 424 31.98 -22.31 39.23
CA TYR A 424 32.72 -21.16 39.76
C TYR A 424 31.80 -19.94 39.84
N ASN A 425 31.95 -19.07 40.84
CA ASN A 425 31.17 -17.84 40.93
C ASN A 425 31.99 -16.65 40.36
N PRO A 426 31.54 -15.98 39.29
CA PRO A 426 32.27 -14.88 38.68
C PRO A 426 32.05 -13.53 39.38
N SER A 427 31.07 -13.41 40.28
CA SER A 427 30.72 -12.13 40.90
C SER A 427 31.82 -11.59 41.81
N SER A 428 32.37 -10.44 41.47
CA SER A 428 33.41 -9.78 42.26
C SER A 428 32.90 -9.41 43.65
N TRP A 429 31.68 -8.87 43.77
CA TRP A 429 31.18 -8.44 45.07
C TRP A 429 30.87 -9.63 45.99
N ASN A 430 30.36 -10.74 45.47
CA ASN A 430 30.25 -11.97 46.27
C ASN A 430 31.62 -12.43 46.76
N ARG A 431 32.62 -12.47 45.89
CA ARG A 431 33.98 -12.88 46.28
C ARG A 431 34.64 -11.93 47.26
N ARG A 432 34.29 -10.64 47.26
CA ARG A 432 34.80 -9.67 48.24
C ARG A 432 34.36 -10.03 49.66
N TYR A 433 33.10 -10.45 49.83
CA TYR A 433 32.50 -10.72 51.14
C TYR A 433 32.41 -12.20 51.50
N GLY A 434 33.37 -13.01 51.08
CA GLY A 434 33.59 -14.33 51.66
C GLY A 434 33.14 -15.53 50.82
N PHE A 435 32.47 -15.35 49.68
CA PHE A 435 32.23 -16.49 48.79
C PHE A 435 33.56 -17.02 48.25
N ASN A 436 33.73 -18.35 48.21
CA ASN A 436 34.98 -18.99 47.82
C ASN A 436 34.78 -20.06 46.73
N ASN A 437 34.12 -21.18 47.04
CA ASN A 437 33.93 -22.32 46.15
C ASN A 437 32.61 -23.06 46.45
N PHE A 438 32.06 -23.72 45.44
CA PHE A 438 31.03 -24.74 45.63
C PHE A 438 31.64 -26.06 46.12
N ASN A 439 30.84 -26.90 46.76
CA ASN A 439 31.23 -28.23 47.20
C ASN A 439 30.19 -29.27 46.74
N LEU A 440 30.33 -29.74 45.49
CA LEU A 440 29.35 -30.57 44.80
C LEU A 440 30.01 -31.70 43.98
N SER A 441 29.21 -32.68 43.58
CA SER A 441 29.64 -33.82 42.76
C SER A 441 30.24 -33.40 41.41
N SER A 442 31.11 -34.22 40.82
CA SER A 442 31.84 -33.87 39.59
C SER A 442 30.93 -33.59 38.38
N HIS A 443 29.69 -34.08 38.41
CA HIS A 443 28.68 -33.87 37.36
C HIS A 443 27.55 -32.92 37.76
N SER A 444 27.57 -32.34 38.95
CA SER A 444 26.62 -31.28 39.31
C SER A 444 26.94 -30.00 38.57
N VAL A 445 25.94 -29.37 37.95
CA VAL A 445 26.04 -28.08 37.28
C VAL A 445 25.25 -27.06 38.06
N VAL A 446 25.88 -25.98 38.54
CA VAL A 446 25.16 -24.89 39.21
C VAL A 446 24.53 -23.92 38.22
N TYR A 447 23.43 -23.30 38.61
CA TYR A 447 22.84 -22.18 37.88
C TYR A 447 22.25 -21.18 38.89
N SER A 448 22.40 -19.89 38.60
CA SER A 448 21.74 -18.84 39.37
C SER A 448 20.25 -18.83 39.08
N ARG A 449 19.41 -18.64 40.09
CA ARG A 449 17.98 -18.35 39.90
C ARG A 449 17.74 -16.85 39.89
N TYR A 450 18.35 -16.10 40.81
CA TYR A 450 18.17 -14.65 40.91
C TYR A 450 19.50 -13.92 41.04
N CYS A 451 19.73 -12.87 40.26
CA CYS A 451 20.98 -12.09 40.33
C CYS A 451 20.75 -10.73 40.98
N PHE A 452 21.57 -10.39 41.97
CA PHE A 452 21.53 -9.11 42.65
C PHE A 452 22.76 -8.27 42.34
N SER A 453 22.56 -7.05 41.86
CA SER A 453 23.61 -6.06 41.73
C SER A 453 23.67 -5.17 42.96
N VAL A 454 24.82 -4.55 43.20
CA VAL A 454 25.08 -3.62 44.31
C VAL A 454 26.03 -2.53 43.84
N ASN A 455 25.99 -1.35 44.47
CA ASN A 455 26.96 -0.29 44.20
C ASN A 455 28.33 -0.68 44.75
N ASN A 456 29.39 -0.01 44.30
CA ASN A 456 30.74 -0.22 44.81
C ASN A 456 30.91 0.22 46.28
N THR A 457 29.97 0.97 46.85
CA THR A 457 29.93 1.33 48.27
C THR A 457 29.22 0.29 49.16
N PHE A 458 28.68 -0.80 48.63
CA PHE A 458 27.95 -1.78 49.42
C PHE A 458 28.83 -2.56 50.41
N CYS A 459 28.36 -2.73 51.65
CA CYS A 459 28.90 -3.69 52.61
C CYS A 459 27.76 -4.36 53.41
N PRO A 460 27.79 -5.68 53.63
CA PRO A 460 26.68 -6.38 54.29
C PRO A 460 26.73 -6.35 55.83
N CYS A 461 27.76 -5.81 56.47
CA CYS A 461 27.86 -5.81 57.94
C CYS A 461 27.27 -4.55 58.59
N ALA A 462 26.55 -4.69 59.72
CA ALA A 462 26.11 -3.55 60.51
C ALA A 462 27.27 -2.91 61.28
N LYS A 463 27.15 -1.62 61.59
CA LYS A 463 28.21 -0.87 62.26
C LYS A 463 28.40 -1.36 63.71
N PRO A 464 29.62 -1.71 64.15
CA PRO A 464 29.86 -2.22 65.49
C PRO A 464 29.32 -1.33 66.62
N SER A 465 29.40 0.00 66.48
CA SER A 465 28.83 0.93 67.45
C SER A 465 27.32 0.75 67.58
N PHE A 466 26.58 0.80 66.46
CA PHE A 466 25.14 0.57 66.44
C PHE A 466 24.79 -0.80 67.04
N ALA A 467 25.45 -1.85 66.59
CA ALA A 467 25.21 -3.21 67.07
C ALA A 467 25.40 -3.36 68.58
N SER A 468 26.38 -2.66 69.17
CA SER A 468 26.60 -2.69 70.62
C SER A 468 25.45 -2.11 71.44
N SER A 469 24.66 -1.19 70.86
CA SER A 469 23.52 -0.57 71.54
C SER A 469 22.28 -1.48 71.56
N CYS A 470 22.15 -2.37 70.58
CA CYS A 470 21.01 -3.26 70.47
C CYS A 470 20.98 -4.28 71.63
N LYS A 471 19.81 -4.46 72.25
CA LYS A 471 19.63 -5.47 73.31
C LYS A 471 18.75 -6.65 72.89
N SER A 472 17.97 -6.49 71.83
CA SER A 472 17.14 -7.55 71.24
C SER A 472 17.19 -7.49 69.71
N HIS A 473 17.20 -8.65 69.05
CA HIS A 473 17.45 -8.78 67.60
C HIS A 473 18.73 -8.05 67.15
N LYS A 474 19.80 -8.13 67.96
CA LYS A 474 21.10 -7.52 67.67
C LYS A 474 21.63 -8.06 66.32
N PRO A 475 21.87 -7.21 65.31
CA PRO A 475 22.45 -7.65 64.05
C PRO A 475 23.95 -7.90 64.23
N PRO A 476 24.54 -8.89 63.55
CA PRO A 476 25.98 -9.07 63.57
C PRO A 476 26.71 -7.89 62.91
N SER A 477 27.96 -7.69 63.32
CA SER A 477 28.78 -6.54 62.92
C SER A 477 30.22 -6.96 62.64
N ALA A 478 30.93 -6.10 61.91
CA ALA A 478 32.36 -6.16 61.65
C ALA A 478 32.79 -4.83 61.01
N SER A 479 34.10 -4.60 60.87
CA SER A 479 34.58 -3.45 60.09
C SER A 479 34.31 -3.66 58.59
N CYS A 480 33.61 -2.71 57.96
CA CYS A 480 33.43 -2.66 56.52
C CYS A 480 34.66 -2.07 55.81
N PRO A 481 34.94 -2.44 54.55
CA PRO A 481 36.04 -1.88 53.78
C PRO A 481 35.96 -0.35 53.67
N ILE A 482 37.11 0.32 53.60
CA ILE A 482 37.16 1.78 53.44
C ILE A 482 36.40 2.24 52.20
N GLY A 483 35.67 3.35 52.31
CA GLY A 483 34.83 3.90 51.23
C GLY A 483 33.48 3.22 51.03
N THR A 484 33.15 2.17 51.80
CA THR A 484 31.82 1.55 51.78
C THR A 484 30.92 2.07 52.89
N ASN A 485 29.61 1.80 52.79
CA ASN A 485 28.59 2.15 53.78
C ASN A 485 28.15 0.89 54.53
N TYR A 486 28.09 0.95 55.86
CA TYR A 486 27.57 -0.15 56.68
C TYR A 486 26.10 -0.45 56.37
N ARG A 487 25.67 -1.68 56.70
CA ARG A 487 24.28 -2.13 56.61
C ARG A 487 23.35 -1.19 57.37
N SER A 488 22.39 -0.61 56.66
CA SER A 488 21.44 0.35 57.26
C SER A 488 20.49 -0.34 58.24
N CYS A 489 20.37 0.22 59.45
CA CYS A 489 19.56 -0.27 60.56
C CYS A 489 18.99 0.87 61.40
N GLU A 490 17.93 0.58 62.16
CA GLU A 490 17.20 1.52 63.02
C GLU A 490 16.95 0.92 64.41
N SER A 491 17.24 1.69 65.45
CA SER A 491 16.80 1.37 66.81
C SER A 491 15.31 1.66 66.94
N THR A 492 14.53 0.69 67.42
CA THR A 492 13.05 0.76 67.40
C THR A 492 12.48 0.27 68.73
N THR A 493 11.25 0.68 69.03
CA THR A 493 10.47 0.12 70.15
C THR A 493 9.26 -0.67 69.63
N VAL A 494 9.18 -1.94 70.07
CA VAL A 494 8.07 -2.87 69.78
C VAL A 494 7.74 -3.58 71.09
N LEU A 495 6.45 -3.73 71.42
CA LEU A 495 6.01 -4.32 72.70
C LEU A 495 6.75 -3.69 73.90
N ASP A 496 6.89 -2.36 73.87
CA ASP A 496 7.61 -1.54 74.85
C ASP A 496 9.11 -1.89 75.07
N HIS A 497 9.72 -2.70 74.21
CA HIS A 497 11.16 -2.96 74.24
C HIS A 497 11.95 -1.69 73.87
N THR A 498 13.07 -1.42 74.54
CA THR A 498 13.81 -0.15 74.40
C THR A 498 14.83 -0.15 73.24
N ASP A 499 15.43 -1.31 72.94
CA ASP A 499 16.54 -1.45 71.99
C ASP A 499 16.34 -2.69 71.12
N TRP A 500 15.16 -2.76 70.50
CA TRP A 500 14.81 -3.75 69.50
C TRP A 500 15.23 -3.24 68.12
N CYS A 501 16.34 -3.77 67.59
CA CYS A 501 16.91 -3.27 66.34
C CYS A 501 16.25 -3.92 65.11
N ARG A 502 16.05 -3.13 64.06
CA ARG A 502 15.52 -3.56 62.75
C ARG A 502 16.47 -3.10 61.64
N CYS A 503 16.61 -3.88 60.59
CA CYS A 503 17.57 -3.62 59.52
C CYS A 503 16.96 -3.80 58.12
N SER A 504 17.66 -3.28 57.12
CA SER A 504 17.31 -3.47 55.70
C SER A 504 17.43 -4.92 55.21
N CYS A 505 16.91 -5.22 54.02
CA CYS A 505 16.97 -6.54 53.36
C CYS A 505 16.39 -7.72 54.18
N LEU A 506 15.53 -7.47 55.16
CA LEU A 506 14.86 -8.53 55.91
C LEU A 506 13.67 -9.12 55.14
N PRO A 507 13.42 -10.44 55.22
CA PRO A 507 14.26 -11.45 55.87
C PRO A 507 15.57 -11.74 55.13
N ASP A 508 15.55 -11.63 53.80
CA ASP A 508 16.69 -11.80 52.90
C ASP A 508 16.41 -11.01 51.60
N PRO A 509 17.39 -10.72 50.73
CA PRO A 509 17.16 -9.91 49.55
C PRO A 509 16.19 -10.52 48.54
N ILE A 510 15.99 -11.85 48.56
CA ILE A 510 15.05 -12.53 47.66
C ILE A 510 13.61 -12.29 48.10
N THR A 511 13.34 -12.29 49.40
CA THR A 511 12.00 -12.22 49.99
C THR A 511 11.70 -10.89 50.69
N ALA A 512 12.53 -9.88 50.47
CA ALA A 512 12.54 -8.64 51.25
C ALA A 512 11.16 -7.94 51.30
N TYR A 513 10.77 -7.44 52.49
CA TYR A 513 9.49 -6.76 52.66
C TYR A 513 9.38 -5.46 51.87
N ASP A 514 10.49 -4.79 51.59
CA ASP A 514 10.53 -3.67 50.65
C ASP A 514 11.88 -3.65 49.91
N PRO A 515 11.89 -3.92 48.60
CA PRO A 515 13.09 -3.82 47.79
C PRO A 515 13.69 -2.40 47.72
N ARG A 516 12.94 -1.37 48.08
CA ARG A 516 13.40 0.03 48.00
C ARG A 516 14.52 0.32 48.99
N SER A 517 14.40 -0.08 50.26
CA SER A 517 15.47 0.11 51.25
C SER A 517 16.65 -0.85 51.08
N CYS A 518 16.43 -2.05 50.54
CA CYS A 518 17.50 -3.04 50.39
C CYS A 518 18.56 -2.61 49.37
N SER A 519 19.83 -2.62 49.73
CA SER A 519 20.92 -2.20 48.84
C SER A 519 21.20 -3.21 47.71
N GLN A 520 20.81 -4.47 47.90
CA GLN A 520 20.91 -5.51 46.88
C GLN A 520 19.71 -5.41 45.94
N LYS A 521 19.92 -5.04 44.68
CA LYS A 521 18.84 -4.85 43.70
C LYS A 521 18.76 -6.03 42.75
N LYS A 522 17.56 -6.58 42.56
CA LYS A 522 17.31 -7.63 41.55
C LYS A 522 17.69 -7.09 40.17
N SER A 523 18.31 -7.92 39.34
CA SER A 523 18.75 -7.57 37.99
C SER A 523 18.69 -8.78 37.06
N LEU A 524 18.49 -8.55 35.76
CA LEU A 524 18.50 -9.59 34.73
C LEU A 524 19.80 -9.51 33.94
N VAL A 525 20.38 -10.65 33.54
CA VAL A 525 21.66 -10.63 32.81
C VAL A 525 21.51 -10.01 31.43
N GLY A 526 22.41 -9.08 31.08
CA GLY A 526 22.49 -8.51 29.75
C GLY A 526 23.20 -9.44 28.77
N VAL A 527 23.01 -9.22 27.47
CA VAL A 527 23.69 -10.02 26.44
C VAL A 527 25.20 -9.88 26.61
N GLY A 528 25.92 -11.00 26.68
CA GLY A 528 27.37 -11.01 26.84
C GLY A 528 27.88 -10.85 28.27
N GLU A 529 27.01 -10.82 29.28
CA GLU A 529 27.40 -10.62 30.68
C GLU A 529 27.04 -11.81 31.57
N HIS A 530 27.84 -12.07 32.62
CA HIS A 530 27.53 -13.07 33.64
C HIS A 530 26.59 -12.53 34.71
N CYS A 531 26.10 -13.40 35.59
CA CYS A 531 25.29 -13.00 36.74
C CYS A 531 26.00 -11.95 37.61
N ALA A 532 25.29 -10.90 38.03
CA ALA A 532 25.87 -9.86 38.88
C ALA A 532 26.34 -10.40 40.24
N GLY A 533 25.68 -11.43 40.75
CA GLY A 533 26.00 -12.08 42.03
C GLY A 533 24.76 -12.68 42.70
N PHE A 534 24.97 -13.66 43.55
CA PHE A 534 23.94 -14.22 44.41
C PHE A 534 23.56 -13.19 45.48
N GLY A 535 22.28 -13.15 45.86
CA GLY A 535 21.85 -12.35 47.01
C GLY A 535 22.41 -12.94 48.30
N VAL A 536 22.89 -12.10 49.21
CA VAL A 536 23.46 -12.55 50.48
C VAL A 536 22.53 -12.23 51.64
N ASP A 537 22.31 -13.20 52.53
CA ASP A 537 21.61 -13.00 53.79
C ASP A 537 22.50 -12.22 54.77
N GLU A 538 22.23 -10.93 54.90
CA GLU A 538 23.04 -10.04 55.70
C GLU A 538 23.01 -10.39 57.21
N GLU A 539 22.01 -11.13 57.70
CA GLU A 539 22.02 -11.64 59.08
C GLU A 539 23.08 -12.72 59.33
N LYS A 540 23.79 -13.18 58.29
CA LYS A 540 24.88 -14.16 58.39
C LYS A 540 26.27 -13.55 58.11
N CYS A 541 26.37 -12.23 58.01
CA CYS A 541 27.62 -11.52 57.71
C CYS A 541 28.20 -10.82 58.95
N GLY A 542 29.50 -10.98 59.20
CA GLY A 542 30.14 -10.55 60.44
C GLY A 542 29.82 -11.48 61.62
N VAL A 543 29.97 -11.00 62.85
CA VAL A 543 29.68 -11.78 64.09
C VAL A 543 28.95 -10.92 65.10
N LEU A 544 28.23 -11.53 66.05
CA LEU A 544 27.22 -10.85 66.86
C LEU A 544 27.77 -9.64 67.64
N ASP A 545 29.01 -9.72 68.12
CA ASP A 545 29.68 -8.63 68.86
C ASP A 545 30.97 -8.16 68.15
N GLY A 546 31.06 -8.29 66.83
CA GLY A 546 32.28 -8.03 66.07
C GLY A 546 32.66 -6.54 66.05
N SER A 547 33.76 -6.20 66.71
CA SER A 547 34.37 -4.87 66.78
C SER A 547 35.15 -4.49 65.52
N TYR A 548 35.66 -3.26 65.48
CA TYR A 548 36.38 -2.72 64.31
C TYR A 548 37.69 -3.44 63.95
N ASN A 549 38.23 -4.30 64.81
CA ASN A 549 39.41 -5.12 64.53
C ASN A 549 39.15 -6.33 63.62
N VAL A 550 37.90 -6.78 63.43
CA VAL A 550 37.56 -7.91 62.53
C VAL A 550 36.97 -7.42 61.21
N SER A 551 37.41 -7.98 60.08
CA SER A 551 36.93 -7.62 58.74
C SER A 551 35.58 -8.28 58.40
N CYS A 552 34.74 -7.56 57.65
CA CYS A 552 33.43 -8.09 57.23
C CYS A 552 33.56 -9.19 56.19
N LEU A 553 32.92 -10.33 56.44
CA LEU A 553 32.68 -11.42 55.47
C LEU A 553 31.47 -12.24 55.91
N CYS A 554 30.96 -13.06 55.00
CA CYS A 554 29.77 -13.87 55.20
C CYS A 554 30.11 -15.36 55.10
N SER A 555 29.41 -16.20 55.84
CA SER A 555 29.54 -17.65 55.74
C SER A 555 29.01 -18.16 54.39
N THR A 556 29.45 -19.34 53.97
CA THR A 556 29.12 -19.89 52.64
C THR A 556 27.63 -20.14 52.44
N ASP A 557 26.88 -20.44 53.50
CA ASP A 557 25.42 -20.60 53.45
C ASP A 557 24.68 -19.26 53.35
N ALA A 558 25.34 -18.12 53.56
CA ALA A 558 24.69 -16.81 53.45
C ALA A 558 24.31 -16.46 52.01
N PHE A 559 24.96 -17.04 50.99
CA PHE A 559 24.67 -16.73 49.60
C PHE A 559 23.54 -17.62 49.06
N LEU A 560 22.43 -17.00 48.67
CA LEU A 560 21.15 -17.62 48.34
C LEU A 560 20.82 -17.54 46.83
N GLY A 561 19.70 -18.11 46.41
CA GLY A 561 19.17 -17.85 45.06
C GLY A 561 19.90 -18.58 43.93
N TRP A 562 20.52 -19.72 44.23
CA TRP A 562 21.18 -20.60 43.27
C TRP A 562 20.79 -22.06 43.52
N SER A 563 21.06 -22.92 42.55
CA SER A 563 20.61 -24.31 42.51
C SER A 563 21.55 -25.14 41.64
N TYR A 564 21.45 -26.47 41.67
CA TYR A 564 22.23 -27.34 40.80
C TYR A 564 21.45 -28.57 40.33
N ASP A 565 21.91 -29.16 39.23
CA ASP A 565 21.38 -30.41 38.68
C ASP A 565 22.47 -31.14 37.87
N THR A 566 22.31 -32.42 37.57
CA THR A 566 23.23 -33.13 36.67
C THR A 566 23.03 -32.72 35.20
N CYS A 567 24.07 -32.84 34.39
CA CYS A 567 23.97 -32.75 32.93
C CYS A 567 23.89 -34.12 32.23
N VAL A 568 23.99 -35.22 32.96
CA VAL A 568 24.21 -36.54 32.36
C VAL A 568 22.90 -37.15 31.87
N SER A 569 22.92 -37.69 30.65
CA SER A 569 21.90 -38.58 30.10
C SER A 569 22.61 -39.71 29.35
N ASN A 570 22.20 -40.97 29.52
CA ASN A 570 22.75 -42.10 28.74
C ASN A 570 24.30 -42.15 28.72
N ASN A 571 24.93 -41.92 29.87
CA ASN A 571 26.40 -41.83 30.02
C ASN A 571 27.09 -40.72 29.21
N ARG A 572 26.37 -39.69 28.74
CA ARG A 572 26.95 -38.48 28.15
C ARG A 572 26.46 -37.23 28.87
N CYS A 573 27.34 -36.26 29.09
CA CYS A 573 26.93 -34.94 29.58
C CYS A 573 26.43 -34.08 28.41
N ASN A 574 25.24 -33.51 28.50
CA ASN A 574 24.71 -32.60 27.48
C ASN A 574 25.27 -31.19 27.65
N ILE A 575 25.67 -30.56 26.55
CA ILE A 575 26.35 -29.28 26.51
C ILE A 575 25.70 -28.40 25.45
N PHE A 576 25.57 -27.11 25.75
CA PHE A 576 25.09 -26.10 24.83
C PHE A 576 26.24 -25.18 24.42
N SER A 577 26.26 -24.74 23.18
CA SER A 577 27.05 -23.57 22.80
C SER A 577 26.35 -22.72 21.76
N ASN A 578 26.65 -21.43 21.77
CA ASN A 578 26.04 -20.45 20.89
C ASN A 578 27.10 -19.86 19.97
N PHE A 579 26.99 -20.10 18.67
CA PHE A 579 27.77 -19.47 17.63
C PHE A 579 27.20 -18.10 17.33
N ILE A 580 27.90 -17.04 17.67
CA ILE A 580 27.54 -15.67 17.30
C ILE A 580 28.37 -15.31 16.08
N LEU A 581 27.72 -14.88 15.00
CA LEU A 581 28.40 -14.57 13.75
C LEU A 581 28.52 -13.05 13.63
N ASN A 582 29.73 -12.51 13.69
CA ASN A 582 29.96 -11.07 13.64
C ASN A 582 30.44 -10.65 12.26
N GLY A 583 29.87 -9.59 11.69
CA GLY A 583 30.26 -9.06 10.39
C GLY A 583 30.12 -10.11 9.29
N ILE A 584 28.91 -10.64 9.15
CA ILE A 584 28.54 -11.66 8.17
C ILE A 584 28.92 -11.23 6.74
N ASN A 585 29.28 -12.20 5.91
CA ASN A 585 29.65 -11.99 4.50
C ASN A 585 30.77 -10.96 4.33
N SER A 586 31.77 -11.00 5.20
CA SER A 586 32.94 -10.12 5.20
C SER A 586 34.05 -10.70 6.08
N GLY A 587 35.26 -10.16 6.06
CA GLY A 587 36.29 -10.51 7.04
C GLY A 587 37.06 -11.79 6.71
N THR A 588 37.67 -12.39 7.72
CA THR A 588 38.73 -13.40 7.53
C THR A 588 38.42 -14.76 8.13
N THR A 589 37.40 -14.90 8.98
CA THR A 589 36.98 -16.20 9.50
C THR A 589 36.13 -16.90 8.45
N CYS A 590 36.75 -17.71 7.59
CA CYS A 590 36.10 -18.25 6.40
C CYS A 590 35.86 -19.75 6.51
N SER A 591 34.69 -20.22 6.09
CA SER A 591 34.41 -21.65 5.93
C SER A 591 35.08 -22.18 4.66
N ASN A 592 35.81 -23.29 4.76
CA ASN A 592 36.41 -23.99 3.64
C ASN A 592 35.56 -25.19 3.15
N ASP A 593 34.31 -25.33 3.58
CA ASP A 593 33.46 -26.47 3.17
C ASP A 593 33.19 -26.54 1.66
N LEU A 594 33.34 -25.43 0.93
CA LEU A 594 33.17 -25.32 -0.52
C LEU A 594 34.42 -24.77 -1.20
N LEU A 595 35.61 -25.13 -0.69
CA LEU A 595 36.87 -24.49 -1.06
C LEU A 595 37.08 -24.39 -2.59
N GLN A 596 37.44 -23.20 -3.06
CA GLN A 596 37.78 -22.88 -4.44
C GLN A 596 39.11 -22.13 -4.47
N PRO A 597 39.93 -22.28 -5.51
CA PRO A 597 41.22 -21.60 -5.59
C PRO A 597 41.01 -20.10 -5.78
N ASN A 598 41.92 -19.29 -5.26
CA ASN A 598 41.91 -17.85 -5.55
C ASN A 598 42.15 -17.64 -7.05
N THR A 599 41.19 -17.04 -7.74
CA THR A 599 41.40 -16.54 -9.10
C THR A 599 42.01 -15.14 -9.04
N GLU A 600 42.67 -14.71 -10.11
CA GLU A 600 43.08 -13.31 -10.23
C GLU A 600 41.85 -12.41 -10.39
N VAL A 601 41.99 -11.12 -10.09
CA VAL A 601 40.92 -10.16 -10.32
C VAL A 601 40.89 -9.82 -11.82
N PHE A 602 40.04 -10.49 -12.59
CA PHE A 602 39.81 -10.15 -14.00
C PHE A 602 39.25 -8.74 -14.12
N THR A 603 39.68 -7.97 -15.11
CA THR A 603 39.26 -6.56 -15.27
C THR A 603 38.59 -6.32 -16.62
N ASP A 604 37.78 -5.28 -16.68
CA ASP A 604 37.11 -4.77 -17.87
C ASP A 604 36.04 -5.69 -18.47
N VAL A 605 35.73 -6.80 -17.80
CA VAL A 605 34.68 -7.74 -18.18
C VAL A 605 33.71 -7.94 -17.02
N CYS A 606 32.44 -8.19 -17.30
CA CYS A 606 31.47 -8.46 -16.24
C CYS A 606 31.74 -9.83 -15.61
N VAL A 607 31.81 -9.90 -14.29
CA VAL A 607 32.11 -11.12 -13.54
C VAL A 607 31.23 -11.22 -12.31
N ASP A 608 30.94 -12.45 -11.89
CA ASP A 608 30.53 -12.70 -10.51
C ASP A 608 31.77 -12.60 -9.63
N TYR A 609 31.65 -12.04 -8.45
CA TYR A 609 32.75 -11.96 -7.51
C TYR A 609 32.35 -12.40 -6.11
N ASP A 610 33.34 -12.89 -5.38
CA ASP A 610 33.30 -13.13 -3.95
C ASP A 610 34.64 -12.64 -3.38
N LEU A 611 34.65 -11.38 -2.97
CA LEU A 611 35.80 -10.71 -2.41
C LEU A 611 35.77 -10.87 -0.89
N TYR A 612 36.48 -11.86 -0.35
CA TYR A 612 36.60 -12.02 1.10
C TYR A 612 35.23 -12.08 1.79
N GLY A 613 34.26 -12.76 1.18
CA GLY A 613 32.89 -12.88 1.66
C GLY A 613 31.92 -11.89 1.03
N ILE A 614 32.38 -10.77 0.49
CA ILE A 614 31.51 -9.80 -0.18
C ILE A 614 31.17 -10.33 -1.58
N THR A 615 29.98 -10.90 -1.73
CA THR A 615 29.51 -11.41 -3.02
C THR A 615 28.79 -10.34 -3.83
N GLY A 616 28.82 -10.46 -5.15
CA GLY A 616 28.08 -9.58 -6.05
C GLY A 616 28.42 -9.85 -7.51
N GLN A 617 27.95 -8.97 -8.38
CA GLN A 617 28.20 -9.02 -9.82
C GLN A 617 28.58 -7.64 -10.34
N GLY A 618 29.63 -7.52 -11.15
CA GLY A 618 30.15 -6.21 -11.57
C GLY A 618 31.35 -6.30 -12.49
N ILE A 619 31.90 -5.14 -12.85
CA ILE A 619 33.09 -4.97 -13.69
C ILE A 619 34.17 -4.31 -12.86
N PHE A 620 35.35 -4.93 -12.76
CA PHE A 620 36.50 -4.33 -12.09
C PHE A 620 37.33 -3.49 -13.05
N LYS A 621 37.81 -2.33 -12.60
CA LYS A 621 38.84 -1.55 -13.28
C LYS A 621 39.94 -1.21 -12.30
N GLU A 622 41.19 -1.50 -12.63
CA GLU A 622 42.31 -1.18 -11.74
C GLU A 622 42.60 0.32 -11.76
N VAL A 623 42.93 0.89 -10.61
CA VAL A 623 43.26 2.31 -10.43
C VAL A 623 44.38 2.47 -9.42
N SER A 624 45.08 3.60 -9.41
CA SER A 624 46.07 3.92 -8.38
C SER A 624 45.45 4.76 -7.26
N ALA A 625 44.67 4.12 -6.38
CA ALA A 625 44.03 4.81 -5.25
C ALA A 625 45.03 5.18 -4.15
N VAL A 626 44.84 6.34 -3.52
CA VAL A 626 45.69 6.83 -2.41
C VAL A 626 44.95 6.98 -1.08
N TYR A 627 43.62 6.85 -1.08
CA TYR A 627 42.79 7.09 0.10
C TYR A 627 42.74 5.93 1.09
N TYR A 628 43.16 4.72 0.73
CA TYR A 628 43.14 3.58 1.66
C TYR A 628 44.26 3.70 2.71
N ASN A 629 43.93 4.00 3.97
CA ASN A 629 44.87 3.84 5.08
C ASN A 629 45.09 2.37 5.45
N SER A 630 46.04 2.09 6.34
CA SER A 630 46.44 0.73 6.71
C SER A 630 45.30 -0.18 7.19
N TRP A 631 44.30 0.36 7.88
CA TRP A 631 43.17 -0.41 8.38
C TRP A 631 41.97 -0.48 7.42
N GLN A 632 42.04 0.17 6.25
CA GLN A 632 40.92 0.31 5.34
C GLN A 632 41.10 -0.49 4.05
N ASN A 633 40.06 -1.18 3.59
CA ASN A 633 40.13 -1.99 2.38
C ASN A 633 38.90 -1.89 1.45
N LEU A 634 37.84 -1.20 1.86
CA LEU A 634 36.60 -1.14 1.10
C LEU A 634 36.17 0.31 0.86
N LEU A 635 35.77 0.66 -0.35
CA LEU A 635 35.26 1.99 -0.68
C LEU A 635 33.75 1.93 -0.89
N TYR A 636 33.02 2.79 -0.18
CA TYR A 636 31.57 2.83 -0.20
C TYR A 636 31.03 4.15 -0.73
N ASP A 637 29.88 4.11 -1.38
CA ASP A 637 29.12 5.32 -1.71
C ASP A 637 28.18 5.74 -0.57
N SER A 638 27.49 6.87 -0.74
CA SER A 638 26.57 7.40 0.26
C SER A 638 25.36 6.51 0.53
N ASN A 639 25.01 5.61 -0.40
CA ASN A 639 23.91 4.65 -0.24
C ASN A 639 24.36 3.33 0.40
N GLY A 640 25.63 3.17 0.71
CA GLY A 640 26.14 1.95 1.34
C GLY A 640 26.38 0.80 0.36
N ASN A 641 26.46 1.06 -0.94
CA ASN A 641 26.96 0.07 -1.88
C ASN A 641 28.50 0.04 -1.88
N ILE A 642 29.10 -1.13 -2.04
CA ILE A 642 30.53 -1.22 -2.35
C ILE A 642 30.78 -0.66 -3.75
N ILE A 643 31.80 0.17 -3.93
CA ILE A 643 32.18 0.74 -5.23
C ILE A 643 33.68 0.64 -5.53
N GLY A 644 34.49 0.17 -4.59
CA GLY A 644 35.90 -0.08 -4.83
C GLY A 644 36.49 -0.91 -3.70
N PHE A 645 37.67 -1.49 -3.91
CA PHE A 645 38.37 -2.21 -2.86
C PHE A 645 39.88 -2.23 -3.06
N LYS A 646 40.61 -2.53 -2.00
CA LYS A 646 42.03 -2.86 -2.04
C LYS A 646 42.19 -4.34 -1.73
N ASP A 647 42.83 -5.08 -2.61
CA ASP A 647 42.98 -6.53 -2.45
C ASP A 647 43.95 -6.89 -1.33
N PHE A 648 43.49 -7.62 -0.30
CA PHE A 648 44.29 -7.91 0.89
C PHE A 648 45.61 -8.63 0.58
N VAL A 649 45.66 -9.44 -0.47
CA VAL A 649 46.85 -10.23 -0.81
C VAL A 649 47.86 -9.41 -1.62
N THR A 650 47.42 -8.68 -2.65
CA THR A 650 48.30 -8.00 -3.61
C THR A 650 48.45 -6.50 -3.37
N ASN A 651 47.64 -5.89 -2.50
CA ASN A 651 47.51 -4.44 -2.33
C ASN A 651 47.14 -3.66 -3.60
N LYS A 652 46.73 -4.32 -4.68
CA LYS A 652 46.21 -3.63 -5.87
C LYS A 652 44.82 -3.05 -5.58
N THR A 653 44.49 -1.92 -6.18
CA THR A 653 43.24 -1.19 -5.93
C THR A 653 42.36 -1.12 -7.15
N TYR A 654 41.07 -1.38 -7.00
CA TYR A 654 40.12 -1.44 -8.10
C TYR A 654 38.87 -0.63 -7.82
N ASN A 655 38.34 0.02 -8.84
CA ASN A 655 36.95 0.47 -8.86
C ASN A 655 36.04 -0.68 -9.29
N ILE A 656 34.83 -0.72 -8.76
CA ILE A 656 33.77 -1.64 -9.12
C ILE A 656 32.66 -0.87 -9.83
N PHE A 657 32.24 -1.33 -11.00
CA PHE A 657 31.12 -0.75 -11.75
C PHE A 657 30.03 -1.79 -11.99
N PRO A 658 28.75 -1.40 -12.04
CA PRO A 658 27.67 -2.36 -12.27
C PRO A 658 27.72 -2.92 -13.69
N CYS A 659 27.42 -4.20 -13.86
CA CYS A 659 27.29 -4.80 -15.19
C CYS A 659 26.13 -4.17 -15.94
N TYR A 660 26.25 -4.05 -17.27
CA TYR A 660 25.21 -3.41 -18.07
C TYR A 660 23.87 -4.13 -17.97
N ALA A 661 22.80 -3.35 -17.85
CA ALA A 661 21.42 -3.80 -17.90
C ALA A 661 20.59 -2.84 -18.76
N GLY A 662 19.57 -3.34 -19.43
CA GLY A 662 18.76 -2.52 -20.33
C GLY A 662 17.68 -3.30 -21.04
N ARG A 663 16.81 -2.58 -21.74
CA ARG A 663 15.69 -3.14 -22.51
C ARG A 663 16.04 -3.17 -23.98
N VAL A 664 15.27 -3.93 -24.75
CA VAL A 664 15.25 -3.84 -26.21
C VAL A 664 13.93 -3.21 -26.62
N SER A 665 13.94 -2.16 -27.44
CA SER A 665 12.72 -1.65 -28.05
C SER A 665 12.45 -2.41 -29.33
N ALA A 666 11.47 -3.30 -29.36
CA ALA A 666 11.12 -4.06 -30.54
C ALA A 666 9.96 -3.41 -31.27
N ALA A 667 10.11 -3.13 -32.56
CA ALA A 667 9.02 -2.66 -33.40
C ALA A 667 8.44 -3.84 -34.19
N PHE A 668 7.12 -4.01 -34.14
CA PHE A 668 6.42 -5.10 -34.82
C PHE A 668 5.27 -4.59 -35.67
N HIS A 669 5.12 -5.13 -36.87
CA HIS A 669 3.96 -4.90 -37.73
C HIS A 669 3.20 -6.19 -37.99
N GLN A 670 1.87 -6.19 -37.88
CA GLN A 670 1.04 -7.39 -38.06
C GLN A 670 1.27 -8.11 -39.39
N ASN A 671 1.63 -7.39 -40.46
CA ASN A 671 1.90 -8.01 -41.76
C ASN A 671 3.32 -8.59 -41.86
N ALA A 672 4.10 -8.60 -40.79
CA ALA A 672 5.48 -9.05 -40.77
C ALA A 672 5.65 -10.37 -40.00
N SER A 673 6.67 -11.15 -40.38
CA SER A 673 7.05 -12.40 -39.73
C SER A 673 8.19 -12.27 -38.72
N SER A 674 8.67 -11.05 -38.45
CA SER A 674 9.85 -10.78 -37.62
C SER A 674 9.77 -9.42 -36.94
N LEU A 675 10.74 -9.10 -36.07
CA LEU A 675 10.85 -7.84 -35.36
C LEU A 675 12.00 -6.99 -35.90
N ALA A 676 11.85 -5.67 -35.91
CA ALA A 676 12.99 -4.77 -35.93
C ALA A 676 13.39 -4.42 -34.50
N LEU A 677 14.64 -4.63 -34.12
CA LEU A 677 15.10 -4.42 -32.74
C LEU A 677 15.94 -3.15 -32.65
N LEU A 678 15.68 -2.30 -31.67
CA LEU A 678 16.53 -1.17 -31.32
C LEU A 678 17.11 -1.39 -29.92
N TYR A 679 18.44 -1.45 -29.82
CA TYR A 679 19.16 -1.43 -28.55
C TYR A 679 19.53 0.03 -28.24
N ARG A 680 18.68 0.74 -27.51
CA ARG A 680 18.83 2.18 -27.32
C ARG A 680 20.17 2.53 -26.69
N ASN A 681 20.86 3.50 -27.26
CA ASN A 681 22.15 4.03 -26.80
C ASN A 681 23.32 3.05 -26.80
N LEU A 682 23.21 1.87 -27.41
CA LEU A 682 24.34 0.94 -27.56
C LEU A 682 24.87 0.95 -28.99
N LYS A 683 26.18 0.97 -29.16
CA LYS A 683 26.80 0.75 -30.47
C LYS A 683 26.79 -0.72 -30.86
N CYS A 684 26.65 -1.04 -32.14
CA CYS A 684 26.49 -2.42 -32.58
C CYS A 684 27.69 -3.30 -32.23
N SER A 685 28.90 -2.76 -32.27
CA SER A 685 30.10 -3.47 -31.82
C SER A 685 29.97 -3.93 -30.37
N TYR A 686 29.41 -3.09 -29.49
CA TYR A 686 29.15 -3.48 -28.11
C TYR A 686 28.08 -4.57 -28.01
N VAL A 687 26.98 -4.44 -28.76
CA VAL A 687 25.90 -5.44 -28.70
C VAL A 687 26.41 -6.81 -29.14
N LEU A 688 27.10 -6.87 -30.26
CA LEU A 688 27.61 -8.12 -30.82
C LEU A 688 28.71 -8.74 -29.97
N ASN A 689 29.64 -7.94 -29.45
CA ASN A 689 30.74 -8.48 -28.64
C ASN A 689 30.31 -8.88 -27.23
N ASN A 690 29.42 -8.12 -26.58
CA ASN A 690 29.18 -8.27 -25.14
C ASN A 690 27.77 -8.74 -24.78
N ILE A 691 26.77 -8.58 -25.64
CA ILE A 691 25.40 -9.01 -25.35
C ILE A 691 25.09 -10.33 -26.05
N SER A 692 25.04 -10.34 -27.38
CA SER A 692 24.71 -11.55 -28.15
C SER A 692 25.12 -11.43 -29.62
N LEU A 693 25.59 -12.52 -30.19
CA LEU A 693 25.76 -12.65 -31.63
C LEU A 693 24.38 -12.84 -32.29
N THR A 694 24.22 -12.36 -33.52
CA THR A 694 23.00 -12.62 -34.30
C THR A 694 23.29 -12.60 -35.80
N THR A 695 22.49 -13.31 -36.59
CA THR A 695 22.61 -13.34 -38.05
C THR A 695 21.98 -12.13 -38.75
N GLN A 696 21.08 -11.41 -38.08
CA GLN A 696 20.34 -10.30 -38.66
C GLN A 696 21.27 -9.15 -39.10
N PRO A 697 20.93 -8.41 -40.17
CA PRO A 697 21.68 -7.22 -40.54
C PRO A 697 21.49 -6.13 -39.50
N TYR A 698 22.47 -5.24 -39.34
CA TYR A 698 22.47 -4.22 -38.30
C TYR A 698 23.16 -2.93 -38.76
N PHE A 699 22.82 -1.81 -38.13
CA PHE A 699 23.57 -0.56 -38.29
C PHE A 699 23.43 0.36 -37.07
N ASP A 700 24.40 1.26 -36.88
CA ASP A 700 24.36 2.27 -35.81
C ASP A 700 23.51 3.47 -36.19
N SER A 701 22.24 3.50 -35.79
CA SER A 701 21.39 4.69 -35.92
C SER A 701 21.73 5.73 -34.87
N TYR A 702 21.17 6.94 -34.98
CA TYR A 702 21.28 7.96 -33.95
C TYR A 702 20.80 7.48 -32.58
N LEU A 703 19.73 6.67 -32.54
CA LEU A 703 19.12 6.19 -31.31
C LEU A 703 19.87 5.01 -30.67
N GLY A 704 20.80 4.37 -31.38
CA GLY A 704 21.45 3.13 -30.97
C GLY A 704 21.47 2.10 -32.10
N CYS A 705 21.96 0.90 -31.80
CA CYS A 705 22.05 -0.17 -32.77
C CYS A 705 20.67 -0.68 -33.19
N VAL A 706 20.40 -0.71 -34.49
CA VAL A 706 19.15 -1.22 -35.07
C VAL A 706 19.41 -2.50 -35.82
N PHE A 707 18.64 -3.55 -35.54
CA PHE A 707 18.71 -4.85 -36.20
C PHE A 707 17.48 -5.10 -37.07
N ASN A 708 17.69 -5.78 -38.19
CA ASN A 708 16.63 -6.24 -39.09
C ASN A 708 15.82 -5.12 -39.73
N ALA A 709 16.42 -3.94 -39.93
CA ALA A 709 15.82 -2.84 -40.67
C ALA A 709 16.84 -2.18 -41.59
N ASP A 710 16.43 -1.81 -42.79
CA ASP A 710 17.28 -1.11 -43.75
C ASP A 710 17.47 0.37 -43.38
N ASN A 711 18.71 0.85 -43.33
CA ASN A 711 19.01 2.25 -43.04
C ASN A 711 18.63 3.16 -44.23
N LEU A 712 17.46 3.80 -44.17
CA LEU A 712 16.97 4.72 -45.19
C LEU A 712 16.56 6.07 -44.61
N THR A 713 17.36 6.65 -43.73
CA THR A 713 17.03 7.96 -43.12
C THR A 713 16.96 9.11 -44.11
N ASP A 714 17.50 8.99 -45.32
CA ASP A 714 17.27 9.96 -46.39
C ASP A 714 15.84 9.92 -46.96
N TYR A 715 15.13 8.81 -46.78
CA TYR A 715 13.71 8.72 -47.06
C TYR A 715 12.89 9.30 -45.92
N SER A 716 11.68 9.77 -46.21
CA SER A 716 10.82 10.40 -45.23
C SER A 716 9.37 9.97 -45.36
N VAL A 717 8.67 9.84 -44.23
CA VAL A 717 7.24 9.49 -44.17
C VAL A 717 6.45 10.49 -43.37
N SER A 718 5.25 10.83 -43.81
CA SER A 718 4.36 11.80 -43.17
C SER A 718 3.41 11.17 -42.16
N SER A 719 3.36 9.84 -42.08
CA SER A 719 2.61 9.11 -41.07
C SER A 719 3.42 7.90 -40.63
N CYS A 720 3.26 7.48 -39.38
CA CYS A 720 4.10 6.48 -38.78
C CYS A 720 3.40 5.78 -37.62
N ALA A 721 3.22 4.47 -37.71
CA ALA A 721 2.68 3.65 -36.62
C ALA A 721 3.74 3.24 -35.60
N LEU A 722 5.02 3.17 -35.98
CA LEU A 722 6.14 2.68 -35.18
C LEU A 722 7.14 3.81 -34.93
N ARG A 723 6.76 4.77 -34.08
CA ARG A 723 7.56 5.97 -33.81
C ARG A 723 8.66 5.64 -32.80
N MET A 724 9.93 5.78 -33.20
CA MET A 724 11.05 5.39 -32.35
C MET A 724 11.58 6.52 -31.47
N GLY A 725 11.36 7.77 -31.86
CA GLY A 725 11.87 8.98 -31.19
C GLY A 725 12.74 9.83 -32.12
N SER A 726 13.01 11.08 -31.74
CA SER A 726 13.88 12.02 -32.44
C SER A 726 13.62 12.14 -33.94
N GLY A 727 12.37 12.04 -34.37
CA GLY A 727 12.01 12.13 -35.78
C GLY A 727 12.36 10.89 -36.59
N PHE A 728 12.50 9.72 -35.98
CA PHE A 728 12.73 8.45 -36.68
C PHE A 728 11.54 7.50 -36.53
N CYS A 729 11.28 6.76 -37.60
CA CYS A 729 10.17 5.86 -37.76
C CYS A 729 10.65 4.51 -38.31
N VAL A 730 10.00 3.42 -37.91
CA VAL A 730 10.16 2.14 -38.59
C VAL A 730 8.97 1.94 -39.52
N ASP A 731 9.23 1.71 -40.80
CA ASP A 731 8.23 1.58 -41.85
C ASP A 731 8.30 0.17 -42.44
N TYR A 732 7.17 -0.54 -42.57
CA TYR A 732 7.16 -1.90 -43.09
C TYR A 732 6.55 -1.99 -44.50
N ASN A 733 7.28 -2.56 -45.46
CA ASN A 733 6.72 -2.88 -46.77
C ASN A 733 5.87 -4.15 -46.71
N SER A 750 10.16 -6.03 -45.98
CA SER A 750 11.06 -5.78 -44.85
C SER A 750 10.76 -4.46 -44.12
N TYR A 751 11.32 -4.32 -42.92
CA TYR A 751 11.35 -3.04 -42.21
C TYR A 751 12.41 -2.09 -42.78
N ARG A 752 12.09 -0.80 -42.83
CA ARG A 752 13.02 0.28 -43.13
C ARG A 752 13.05 1.27 -41.98
N PHE A 753 14.21 1.82 -41.69
CA PHE A 753 14.38 2.87 -40.69
C PHE A 753 14.47 4.20 -41.42
N VAL A 754 13.48 5.07 -41.23
CA VAL A 754 13.25 6.27 -42.05
C VAL A 754 12.94 7.47 -41.17
N THR A 755 13.03 8.68 -41.70
CA THR A 755 12.69 9.87 -40.93
C THR A 755 11.19 10.14 -40.96
N PHE A 756 10.66 10.67 -39.86
CA PHE A 756 9.26 11.03 -39.70
C PHE A 756 9.11 12.54 -39.82
N GLU A 757 8.41 13.02 -40.84
CA GLU A 757 8.18 14.45 -41.11
C GLU A 757 6.68 14.68 -41.31
N PRO A 758 5.91 14.80 -40.22
CA PRO A 758 4.45 14.86 -40.31
C PRO A 758 3.91 16.14 -40.94
N PHE A 759 4.70 17.21 -40.98
CA PHE A 759 4.26 18.53 -41.45
C PHE A 759 5.20 19.12 -42.49
N ASN A 760 4.64 19.84 -43.44
CA ASN A 760 5.38 20.56 -44.48
C ASN A 760 4.97 22.02 -44.53
N VAL A 761 5.88 22.84 -45.02
CA VAL A 761 5.59 24.15 -45.59
C VAL A 761 4.88 23.99 -46.94
N SER A 762 3.86 24.79 -47.21
CA SER A 762 3.37 24.96 -48.59
C SER A 762 4.31 25.87 -49.36
N PHE A 763 4.84 25.43 -50.50
CA PHE A 763 5.78 26.23 -51.29
C PHE A 763 5.12 26.86 -52.51
N VAL A 764 5.43 28.12 -52.76
CA VAL A 764 5.11 28.85 -54.00
C VAL A 764 6.39 29.36 -54.64
N ASN A 765 6.45 29.51 -55.96
CA ASN A 765 7.66 29.97 -56.65
C ASN A 765 7.68 31.47 -56.98
N ASP A 766 6.77 32.26 -56.41
CA ASP A 766 6.70 33.72 -56.54
C ASP A 766 7.93 34.44 -55.93
N SER A 767 8.30 35.59 -56.46
CA SER A 767 9.46 36.36 -55.99
C SER A 767 9.23 36.99 -54.61
N ILE A 768 10.25 36.98 -53.74
CA ILE A 768 10.19 37.66 -52.44
C ILE A 768 10.50 39.15 -52.51
N GLU A 769 11.09 39.63 -53.60
CA GLU A 769 11.45 41.04 -53.77
C GLU A 769 10.29 41.85 -54.34
N SER A 770 10.17 43.12 -53.96
CA SER A 770 9.30 44.06 -54.66
C SER A 770 9.93 44.50 -55.99
N VAL A 771 9.13 44.54 -57.05
CA VAL A 771 9.51 45.08 -58.37
C VAL A 771 8.81 46.42 -58.52
N GLY A 772 9.57 47.49 -58.66
CA GLY A 772 9.03 48.81 -58.33
C GLY A 772 8.47 48.79 -56.90
N GLY A 773 7.24 49.26 -56.72
CA GLY A 773 6.54 49.19 -55.44
C GLY A 773 5.66 47.96 -55.22
N LEU A 774 5.67 46.96 -56.11
CA LEU A 774 4.70 45.86 -56.11
C LEU A 774 5.31 44.51 -55.76
N TYR A 775 4.54 43.62 -55.13
CA TYR A 775 4.94 42.27 -54.74
C TYR A 775 4.12 41.21 -55.48
N GLU A 776 4.69 40.06 -55.78
CA GLU A 776 3.94 38.93 -56.34
C GLU A 776 3.19 38.17 -55.26
N ILE A 777 1.87 38.06 -55.40
CA ILE A 777 0.98 37.33 -54.48
C ILE A 777 0.09 36.39 -55.29
N LYS A 778 -0.15 35.18 -54.79
CA LYS A 778 -1.21 34.32 -55.32
C LYS A 778 -2.52 34.64 -54.61
N ILE A 779 -3.49 35.17 -55.35
CA ILE A 779 -4.85 35.43 -54.86
C ILE A 779 -5.79 34.35 -55.41
N PRO A 780 -6.68 33.76 -54.61
CA PRO A 780 -7.66 32.80 -55.11
C PRO A 780 -8.53 33.36 -56.24
N THR A 781 -8.77 32.59 -57.29
CA THR A 781 -9.73 32.92 -58.36
C THR A 781 -10.99 32.10 -58.29
N ASN A 782 -11.02 31.04 -57.49
CA ASN A 782 -12.20 30.21 -57.29
C ASN A 782 -12.15 29.58 -55.90
N PHE A 783 -13.27 29.13 -55.35
CA PHE A 783 -13.35 28.60 -53.99
C PHE A 783 -14.48 27.59 -53.82
N THR A 784 -14.42 26.85 -52.72
CA THR A 784 -15.49 25.98 -52.24
C THR A 784 -15.58 26.05 -50.72
N ILE A 785 -16.64 25.49 -50.15
CA ILE A 785 -16.76 25.33 -48.71
C ILE A 785 -16.37 23.90 -48.36
N VAL A 786 -15.53 23.74 -47.34
CA VAL A 786 -15.16 22.42 -46.81
C VAL A 786 -15.63 22.29 -45.38
N GLY A 787 -16.04 21.09 -45.00
CA GLY A 787 -16.48 20.76 -43.65
C GLY A 787 -15.44 19.92 -42.94
N GLN A 788 -15.23 20.18 -41.65
CA GLN A 788 -14.33 19.41 -40.80
C GLN A 788 -15.05 19.05 -39.51
N GLU A 789 -14.97 17.78 -39.11
CA GLU A 789 -15.53 17.30 -37.86
C GLU A 789 -14.57 17.53 -36.70
N GLU A 790 -15.09 17.78 -35.51
CA GLU A 790 -14.32 17.79 -34.29
C GLU A 790 -15.17 17.25 -33.14
N PHE A 791 -14.87 16.04 -32.67
CA PHE A 791 -15.45 15.53 -31.43
C PHE A 791 -14.72 16.10 -30.22
N ILE A 792 -15.45 16.65 -29.26
CA ILE A 792 -14.90 17.05 -27.96
C ILE A 792 -15.61 16.26 -26.87
N GLN A 793 -14.86 15.52 -26.07
CA GLN A 793 -15.42 14.78 -24.95
C GLN A 793 -15.88 15.75 -23.86
N THR A 794 -17.11 15.58 -23.37
CA THR A 794 -17.65 16.41 -22.27
C THR A 794 -18.10 15.58 -21.07
N ASN A 795 -18.14 14.27 -21.21
CA ASN A 795 -18.63 13.35 -20.20
C ASN A 795 -17.81 12.05 -20.21
N SER A 796 -18.02 11.16 -19.26
CA SER A 796 -17.43 9.82 -19.26
C SER A 796 -18.35 8.84 -18.54
N PRO A 797 -18.20 7.53 -18.73
CA PRO A 797 -18.97 6.55 -17.98
C PRO A 797 -18.85 6.76 -16.46
N LYS A 798 -19.99 6.93 -15.77
CA LYS A 798 -20.03 7.08 -14.31
C LYS A 798 -19.78 5.73 -13.63
N VAL A 799 -18.53 5.37 -13.43
CA VAL A 799 -18.17 4.15 -12.71
C VAL A 799 -18.49 4.30 -11.24
N THR A 800 -19.13 3.30 -10.65
CA THR A 800 -19.36 3.21 -9.19
C THR A 800 -18.93 1.85 -8.69
N ILE A 801 -18.21 1.81 -7.58
CA ILE A 801 -17.67 0.58 -7.00
C ILE A 801 -18.31 0.35 -5.63
N ASP A 802 -18.85 -0.84 -5.36
CA ASP A 802 -19.09 -1.26 -3.97
C ASP A 802 -17.82 -1.88 -3.40
N CYS A 803 -17.06 -1.11 -2.64
CA CYS A 803 -15.81 -1.56 -2.04
C CYS A 803 -15.99 -2.84 -1.22
N SER A 804 -17.06 -2.96 -0.44
CA SER A 804 -17.29 -4.14 0.39
C SER A 804 -17.51 -5.39 -0.47
N LEU A 805 -18.32 -5.29 -1.52
CA LEU A 805 -18.61 -6.42 -2.40
C LEU A 805 -17.41 -6.78 -3.26
N PHE A 806 -16.64 -5.79 -3.72
CA PHE A 806 -15.42 -6.02 -4.49
C PHE A 806 -14.37 -6.72 -3.65
N VAL A 807 -14.05 -6.21 -2.46
CA VAL A 807 -12.98 -6.77 -1.65
C VAL A 807 -13.34 -8.16 -1.11
N CYS A 808 -14.55 -8.33 -0.56
CA CYS A 808 -14.91 -9.54 0.19
C CYS A 808 -15.94 -10.46 -0.43
N SER A 809 -16.59 -10.10 -1.53
CA SER A 809 -17.68 -10.91 -2.09
C SER A 809 -18.72 -11.24 -1.01
N ASN A 810 -19.22 -12.48 -0.94
CA ASN A 810 -20.25 -12.91 0.00
C ASN A 810 -19.71 -13.45 1.34
N TYR A 811 -18.40 -13.38 1.61
CA TYR A 811 -17.76 -14.14 2.70
C TYR A 811 -17.71 -13.38 4.03
N ALA A 812 -18.46 -13.82 5.02
CA ALA A 812 -18.55 -13.17 6.33
C ALA A 812 -17.20 -13.03 7.04
N ALA A 813 -16.35 -14.06 6.96
CA ALA A 813 -15.01 -14.02 7.55
C ALA A 813 -14.14 -12.90 6.97
N CYS A 814 -14.33 -12.54 5.70
CA CYS A 814 -13.67 -11.40 5.10
C CYS A 814 -14.33 -10.08 5.54
N HIS A 815 -15.66 -9.98 5.53
CA HIS A 815 -16.35 -8.76 5.97
C HIS A 815 -15.98 -8.37 7.40
N ASP A 816 -15.80 -9.35 8.28
CA ASP A 816 -15.28 -9.11 9.62
C ASP A 816 -13.90 -8.42 9.58
N LEU A 817 -12.91 -9.01 8.90
CA LEU A 817 -11.58 -8.42 8.80
C LEU A 817 -11.57 -7.06 8.12
N LEU A 818 -12.36 -6.89 7.06
CA LEU A 818 -12.48 -5.61 6.37
C LEU A 818 -13.06 -4.53 7.29
N SER A 819 -13.96 -4.88 8.19
CA SER A 819 -14.47 -3.90 9.16
C SER A 819 -13.40 -3.40 10.13
N GLU A 820 -12.36 -4.19 10.42
CA GLU A 820 -11.22 -3.74 11.23
C GLU A 820 -10.25 -2.80 10.48
N TYR A 821 -10.34 -2.73 9.16
CA TYR A 821 -9.69 -1.67 8.38
C TYR A 821 -10.42 -0.33 8.46
N GLY A 822 -11.63 -0.27 9.02
CA GLY A 822 -12.35 0.97 9.25
C GLY A 822 -12.69 1.72 7.95
N THR A 823 -12.33 3.00 7.89
CA THR A 823 -12.87 3.93 6.90
C THR A 823 -12.42 3.70 5.46
N PHE A 824 -11.50 2.79 5.13
CA PHE A 824 -10.96 2.72 3.77
C PHE A 824 -12.04 2.58 2.69
N CYS A 825 -13.04 1.73 2.88
CA CYS A 825 -14.16 1.69 1.93
C CYS A 825 -15.00 2.97 1.92
N ASP A 826 -15.19 3.63 3.06
CA ASP A 826 -15.89 4.91 3.13
C ASP A 826 -15.14 6.00 2.34
N ASN A 827 -13.82 6.02 2.39
CA ASN A 827 -13.01 6.95 1.62
C ASN A 827 -13.13 6.68 0.12
N ILE A 828 -13.04 5.42 -0.31
CA ILE A 828 -13.21 5.06 -1.72
C ILE A 828 -14.59 5.48 -2.22
N ASN A 829 -15.66 5.17 -1.50
CA ASN A 829 -17.00 5.58 -1.90
C ASN A 829 -17.13 7.10 -1.95
N SER A 830 -16.58 7.82 -0.97
CA SER A 830 -16.70 9.28 -0.93
C SER A 830 -15.98 9.95 -2.09
N ILE A 831 -14.79 9.50 -2.48
CA ILE A 831 -14.10 10.07 -3.64
C ILE A 831 -14.88 9.77 -4.92
N LEU A 832 -15.36 8.55 -5.12
CA LEU A 832 -16.13 8.25 -6.33
C LEU A 832 -17.46 9.01 -6.38
N ASP A 833 -18.12 9.24 -5.26
CA ASP A 833 -19.34 10.06 -5.25
C ASP A 833 -19.06 11.53 -5.57
N GLU A 834 -17.93 12.08 -5.11
CA GLU A 834 -17.50 13.42 -5.52
C GLU A 834 -17.21 13.49 -7.03
N VAL A 835 -16.43 12.55 -7.56
CA VAL A 835 -16.11 12.47 -8.99
C VAL A 835 -17.39 12.41 -9.83
N ASN A 836 -18.31 11.53 -9.48
CA ASN A 836 -19.56 11.41 -10.23
C ASN A 836 -20.43 12.67 -10.09
N GLY A 837 -20.40 13.38 -8.96
CA GLY A 837 -21.08 14.67 -8.83
C GLY A 837 -20.48 15.76 -9.71
N LEU A 838 -19.15 15.76 -9.92
CA LEU A 838 -18.48 16.66 -10.85
C LEU A 838 -18.89 16.37 -12.29
N LEU A 839 -19.00 15.10 -12.70
CA LEU A 839 -19.53 14.75 -14.02
C LEU A 839 -20.97 15.22 -14.20
N ASP A 840 -21.85 14.97 -13.24
CA ASP A 840 -23.23 15.42 -13.32
C ASP A 840 -23.35 16.94 -13.44
N THR A 841 -22.61 17.67 -12.62
CA THR A 841 -22.60 19.14 -12.68
C THR A 841 -22.07 19.64 -14.02
N THR A 842 -21.05 18.98 -14.56
CA THR A 842 -20.51 19.31 -15.87
C THR A 842 -21.54 19.08 -16.97
N GLN A 843 -22.25 17.95 -16.96
CA GLN A 843 -23.27 17.68 -17.97
C GLN A 843 -24.39 18.72 -17.92
N LEU A 844 -24.83 19.14 -16.73
CA LEU A 844 -25.81 20.22 -16.60
C LEU A 844 -25.29 21.53 -17.18
N HIS A 845 -24.04 21.89 -16.91
CA HIS A 845 -23.48 23.15 -17.40
C HIS A 845 -23.35 23.16 -18.94
N VAL A 846 -23.06 22.02 -19.55
CA VAL A 846 -23.06 21.89 -21.01
C VAL A 846 -24.46 22.05 -21.58
N ALA A 847 -25.46 21.38 -21.00
CA ALA A 847 -26.84 21.53 -21.47
C ALA A 847 -27.35 22.97 -21.30
N ASP A 848 -27.04 23.61 -20.18
CA ASP A 848 -27.36 25.01 -19.96
C ASP A 848 -26.72 25.88 -21.05
N THR A 849 -25.46 25.63 -21.38
CA THR A 849 -24.76 26.35 -22.45
C THR A 849 -25.44 26.17 -23.81
N LEU A 850 -25.90 24.97 -24.15
CA LEU A 850 -26.64 24.76 -25.40
C LEU A 850 -27.95 25.53 -25.41
N MET A 851 -28.71 25.51 -24.31
CA MET A 851 -30.02 26.16 -24.24
C MET A 851 -29.99 27.66 -24.01
N GLN A 852 -28.87 28.22 -23.55
CA GLN A 852 -28.76 29.64 -23.24
C GLN A 852 -29.22 30.51 -24.43
N GLY A 853 -30.20 31.37 -24.18
CA GLY A 853 -30.71 32.35 -25.14
C GLY A 853 -31.59 31.79 -26.27
N VAL A 854 -31.79 30.47 -26.38
CA VAL A 854 -32.53 29.89 -27.51
C VAL A 854 -34.01 30.26 -27.44
N THR A 855 -34.52 30.90 -28.50
CA THR A 855 -35.93 31.25 -28.65
C THR A 855 -36.47 30.67 -29.95
N LEU A 856 -37.53 29.87 -29.91
CA LEU A 856 -38.11 29.24 -31.09
C LEU A 856 -39.58 29.65 -31.28
N SER A 857 -40.05 29.69 -32.53
CA SER A 857 -41.47 29.88 -32.75
C SER A 857 -42.26 28.63 -32.40
N SER A 858 -43.39 28.76 -31.71
CA SER A 858 -44.31 27.66 -31.45
C SER A 858 -44.98 27.14 -32.72
N ASN A 859 -44.95 27.89 -33.83
CA ASN A 859 -45.43 27.42 -35.11
C ASN A 859 -44.45 26.47 -35.81
N LEU A 860 -43.21 26.34 -35.31
CA LEU A 860 -42.17 25.53 -35.94
C LEU A 860 -42.52 24.04 -35.88
N ASN A 861 -42.43 23.36 -37.03
CA ASN A 861 -42.74 21.95 -37.16
C ASN A 861 -41.73 21.27 -38.09
N THR A 862 -40.76 20.55 -37.50
CA THR A 862 -39.62 19.99 -38.24
C THR A 862 -40.00 18.92 -39.27
N ASN A 863 -41.23 18.40 -39.21
CA ASN A 863 -41.78 17.51 -40.23
C ASN A 863 -42.02 18.21 -41.58
N LEU A 864 -42.10 19.54 -41.60
CA LEU A 864 -42.31 20.35 -42.81
C LEU A 864 -41.21 21.41 -43.00
N HIS A 865 -40.68 21.95 -41.91
CA HIS A 865 -39.71 23.04 -41.90
C HIS A 865 -38.29 22.47 -41.71
N PHE A 866 -37.56 22.25 -42.79
CA PHE A 866 -36.25 21.59 -42.75
C PHE A 866 -35.18 22.16 -43.68
N ASP A 867 -35.53 23.07 -44.59
CA ASP A 867 -34.58 23.73 -45.48
C ASP A 867 -34.99 25.17 -45.76
N VAL A 868 -34.02 26.06 -45.97
CA VAL A 868 -34.25 27.48 -46.25
C VAL A 868 -33.11 28.02 -47.11
N ASP A 869 -33.39 28.97 -47.99
CA ASP A 869 -32.38 29.59 -48.87
C ASP A 869 -31.51 28.60 -49.66
N ASN A 870 -32.10 27.49 -50.09
CA ASN A 870 -31.44 26.36 -50.77
C ASN A 870 -30.50 25.53 -49.89
N ILE A 871 -30.38 25.77 -48.59
CA ILE A 871 -29.55 24.96 -47.68
C ILE A 871 -30.42 23.98 -46.92
N ASN A 872 -30.01 22.71 -46.87
CA ASN A 872 -30.81 21.61 -46.32
C ASN A 872 -30.28 21.21 -44.94
N PHE A 873 -31.12 21.28 -43.91
CA PHE A 873 -30.77 20.90 -42.55
C PHE A 873 -31.50 19.64 -42.07
N LYS A 874 -32.22 18.93 -42.95
CA LYS A 874 -33.10 17.82 -42.55
C LYS A 874 -32.35 16.77 -41.72
N SER A 875 -31.10 16.47 -42.06
CA SER A 875 -30.34 15.47 -41.31
C SER A 875 -29.84 15.94 -39.95
N LEU A 876 -29.71 17.25 -39.71
CA LEU A 876 -29.23 17.82 -38.46
C LEU A 876 -30.34 18.06 -37.43
N VAL A 877 -31.60 17.92 -37.83
CA VAL A 877 -32.75 18.29 -37.01
C VAL A 877 -33.58 17.06 -36.68
N GLY A 878 -33.76 16.74 -35.39
CA GLY A 878 -34.64 15.66 -34.96
C GLY A 878 -36.11 16.08 -34.81
N CYS A 879 -36.88 15.27 -34.10
CA CYS A 879 -38.21 15.66 -33.64
C CYS A 879 -38.14 16.80 -32.61
N LEU A 880 -38.96 17.84 -32.81
CA LEU A 880 -39.05 18.99 -31.91
C LEU A 880 -40.39 18.99 -31.15
N GLY A 881 -40.33 19.18 -29.83
CA GLY A 881 -41.49 19.14 -28.93
C GLY A 881 -41.81 17.73 -28.41
N PRO A 882 -42.56 17.61 -27.30
CA PRO A 882 -42.74 16.34 -26.57
C PRO A 882 -43.69 15.36 -27.26
N HIS A 883 -44.50 15.82 -28.23
CA HIS A 883 -45.47 14.99 -28.96
C HIS A 883 -44.85 13.83 -29.76
N CYS A 884 -43.55 13.94 -30.09
CA CYS A 884 -42.79 12.88 -30.76
C CYS A 884 -42.00 11.98 -29.80
N GLY A 885 -41.99 12.28 -28.49
CA GLY A 885 -41.25 11.51 -27.48
C GLY A 885 -39.72 11.59 -27.63
N SER A 886 -39.02 10.51 -27.30
CA SER A 886 -37.55 10.41 -27.31
C SER A 886 -36.90 10.36 -28.72
N SER A 887 -37.70 10.38 -29.78
CA SER A 887 -37.26 10.46 -31.19
C SER A 887 -36.56 11.78 -31.57
N SER A 888 -36.31 12.70 -30.62
CA SER A 888 -35.64 13.97 -30.89
C SER A 888 -34.19 13.84 -31.38
N ARG A 889 -33.60 12.64 -31.48
CA ARG A 889 -32.29 12.44 -32.11
C ARG A 889 -32.37 12.68 -33.62
N SER A 890 -31.46 13.47 -34.18
CA SER A 890 -31.42 13.75 -35.63
C SER A 890 -30.87 12.58 -36.43
N PHE A 891 -31.05 12.58 -37.75
CA PHE A 891 -30.46 11.54 -38.60
C PHE A 891 -28.93 11.49 -38.48
N PHE A 892 -28.29 12.64 -38.37
CA PHE A 892 -26.85 12.73 -38.18
C PHE A 892 -26.44 12.08 -36.85
N GLU A 893 -27.13 12.42 -35.76
CA GLU A 893 -26.83 11.84 -34.45
C GLU A 893 -27.17 10.34 -34.42
N ASP A 894 -28.26 9.90 -35.05
CA ASP A 894 -28.58 8.48 -35.20
C ASP A 894 -27.44 7.72 -35.87
N LEU A 895 -26.96 8.24 -37.00
CA LEU A 895 -25.85 7.64 -37.74
C LEU A 895 -24.56 7.58 -36.90
N LEU A 896 -24.35 8.55 -36.01
CA LEU A 896 -23.18 8.57 -35.13
C LEU A 896 -23.32 7.62 -33.95
N PHE A 897 -24.49 7.55 -33.31
CA PHE A 897 -24.75 6.66 -32.18
C PHE A 897 -24.80 5.19 -32.59
N ASP A 898 -25.31 4.86 -33.77
CA ASP A 898 -25.39 3.46 -34.23
C ASP A 898 -24.02 2.76 -34.35
N LYS A 899 -22.92 3.52 -34.45
CA LYS A 899 -21.55 3.00 -34.54
C LYS A 899 -20.85 2.84 -33.18
N VAL A 900 -21.55 3.06 -32.07
CA VAL A 900 -21.02 2.97 -30.70
C VAL A 900 -21.94 2.16 -29.81
N LYS A 901 -21.56 0.92 -29.50
CA LYS A 901 -22.42 0.01 -28.75
C LYS A 901 -22.72 0.48 -27.33
N LEU A 902 -21.70 0.90 -26.59
CA LEU A 902 -21.81 1.26 -25.16
C LEU A 902 -22.01 2.77 -24.92
N SER A 903 -23.02 3.36 -25.53
CA SER A 903 -23.60 4.62 -25.05
C SER A 903 -24.37 4.41 -23.74
N ASP A 904 -25.03 5.45 -23.21
CA ASP A 904 -25.85 5.32 -22.01
C ASP A 904 -26.93 4.24 -22.16
N VAL A 905 -27.72 4.26 -23.23
CA VAL A 905 -28.73 3.23 -23.49
C VAL A 905 -28.08 1.87 -23.72
N GLY A 906 -26.88 1.84 -24.29
CA GLY A 906 -26.11 0.61 -24.46
C GLY A 906 -25.76 -0.04 -23.14
N PHE A 907 -25.28 0.73 -22.16
CA PHE A 907 -25.04 0.21 -20.82
C PHE A 907 -26.32 -0.23 -20.15
N VAL A 908 -27.40 0.55 -20.23
CA VAL A 908 -28.68 0.14 -19.62
C VAL A 908 -29.17 -1.18 -20.21
N GLU A 909 -29.09 -1.38 -21.53
CA GLU A 909 -29.47 -2.67 -22.11
C GLU A 909 -28.54 -3.80 -21.70
N ALA A 910 -27.23 -3.60 -21.66
CA ALA A 910 -26.31 -4.65 -21.27
C ALA A 910 -26.60 -5.14 -19.84
N TYR A 911 -26.75 -4.23 -18.89
CA TYR A 911 -27.09 -4.62 -17.53
C TYR A 911 -28.49 -5.22 -17.42
N ASN A 912 -29.47 -4.78 -18.21
CA ASN A 912 -30.79 -5.41 -18.23
C ASN A 912 -30.70 -6.89 -18.62
N ASN A 913 -29.73 -7.27 -19.45
CA ASN A 913 -29.57 -8.66 -19.88
C ASN A 913 -28.87 -9.57 -18.88
N CYS A 914 -28.32 -9.07 -17.77
CA CYS A 914 -27.59 -9.93 -16.84
C CYS A 914 -28.44 -10.98 -16.11
N THR A 915 -29.74 -10.73 -15.92
CA THR A 915 -30.69 -11.72 -15.39
C THR A 915 -31.56 -12.37 -16.47
N GLY A 916 -31.22 -12.21 -17.74
CA GLY A 916 -31.95 -12.80 -18.87
C GLY A 916 -31.72 -14.30 -19.07
N GLY A 917 -30.79 -14.91 -18.32
CA GLY A 917 -30.46 -16.34 -18.42
C GLY A 917 -29.65 -16.72 -19.67
N SER A 918 -29.14 -15.73 -20.42
CA SER A 918 -28.38 -15.96 -21.64
C SER A 918 -27.10 -16.75 -21.40
N GLU A 919 -26.77 -17.69 -22.29
CA GLU A 919 -25.51 -18.45 -22.25
C GLU A 919 -24.28 -17.58 -22.54
N ILE A 920 -24.46 -16.36 -23.06
CA ILE A 920 -23.38 -15.42 -23.31
C ILE A 920 -22.90 -14.80 -21.99
N ARG A 921 -21.61 -14.96 -21.69
CA ARG A 921 -20.97 -14.46 -20.45
C ARG A 921 -20.39 -13.06 -20.66
N ASP A 922 -21.26 -12.05 -20.68
CA ASP A 922 -20.83 -10.66 -20.85
C ASP A 922 -19.97 -10.20 -19.67
N LEU A 923 -18.77 -9.70 -19.94
CA LEU A 923 -17.90 -9.15 -18.90
C LEU A 923 -18.56 -8.03 -18.11
N LEU A 924 -19.49 -7.25 -18.69
CA LEU A 924 -20.23 -6.26 -17.92
C LEU A 924 -21.05 -6.91 -16.80
N CYS A 925 -21.63 -8.08 -17.02
CA CYS A 925 -22.34 -8.77 -15.95
C CYS A 925 -21.39 -9.24 -14.87
N VAL A 926 -20.27 -9.86 -15.23
CA VAL A 926 -19.26 -10.30 -14.25
C VAL A 926 -18.71 -9.12 -13.46
N GLN A 927 -18.45 -7.98 -14.09
CA GLN A 927 -18.04 -6.77 -13.38
C GLN A 927 -19.13 -6.33 -12.40
N SER A 928 -20.39 -6.26 -12.84
CA SER A 928 -21.46 -5.80 -11.95
C SER A 928 -21.67 -6.73 -10.76
N PHE A 929 -21.56 -8.05 -10.93
CA PHE A 929 -21.69 -9.00 -9.83
C PHE A 929 -20.49 -8.94 -8.87
N ASN A 930 -19.36 -8.40 -9.30
CA ASN A 930 -18.24 -8.08 -8.44
C ASN A 930 -18.24 -6.63 -7.95
N GLY A 931 -19.37 -5.92 -8.08
CA GLY A 931 -19.57 -4.59 -7.52
C GLY A 931 -19.03 -3.45 -8.37
N ILE A 932 -18.61 -3.69 -9.61
CA ILE A 932 -18.15 -2.66 -10.54
C ILE A 932 -19.26 -2.39 -11.54
N LYS A 933 -19.85 -1.20 -11.56
CA LYS A 933 -20.98 -0.90 -12.46
C LYS A 933 -20.91 0.50 -13.02
N VAL A 934 -21.41 0.72 -14.23
CA VAL A 934 -21.53 2.05 -14.83
C VAL A 934 -22.97 2.53 -14.69
N LEU A 935 -23.19 3.63 -14.00
CA LEU A 935 -24.51 4.24 -13.91
C LEU A 935 -24.83 5.12 -15.12
N PRO A 936 -26.10 5.32 -15.48
CA PRO A 936 -26.47 6.27 -16.51
C PRO A 936 -26.23 7.72 -16.04
N PRO A 937 -25.95 8.66 -16.96
CA PRO A 937 -25.81 10.08 -16.65
C PRO A 937 -27.15 10.68 -16.22
N ILE A 938 -27.15 11.80 -15.49
CA ILE A 938 -28.40 12.39 -15.00
C ILE A 938 -29.32 12.89 -16.11
N LEU A 939 -28.79 13.35 -17.23
CA LEU A 939 -29.57 13.65 -18.43
C LEU A 939 -29.32 12.57 -19.48
N SER A 940 -30.36 12.02 -20.06
CA SER A 940 -30.20 11.00 -21.10
C SER A 940 -29.64 11.62 -22.37
N GLU A 941 -28.93 10.84 -23.18
CA GLU A 941 -28.43 11.36 -24.45
C GLU A 941 -29.57 11.82 -25.38
N SER A 942 -30.77 11.25 -25.26
CA SER A 942 -31.93 11.74 -25.99
C SER A 942 -32.32 13.17 -25.59
N GLN A 943 -32.20 13.56 -24.32
CA GLN A 943 -32.41 14.95 -23.94
C GLN A 943 -31.36 15.86 -24.54
N ILE A 944 -30.08 15.49 -24.47
CA ILE A 944 -29.02 16.30 -25.05
C ILE A 944 -29.22 16.46 -26.56
N SER A 945 -29.58 15.39 -27.25
CA SER A 945 -29.96 15.42 -28.67
C SER A 945 -31.15 16.33 -28.96
N GLY A 946 -32.07 16.47 -28.00
CA GLY A 946 -33.13 17.47 -28.09
C GLY A 946 -32.58 18.89 -27.97
N TYR A 947 -31.65 19.13 -27.06
CA TYR A 947 -31.01 20.43 -26.91
C TYR A 947 -30.17 20.82 -28.12
N THR A 948 -29.37 19.92 -28.69
CA THR A 948 -28.62 20.20 -29.93
C THR A 948 -29.54 20.42 -31.12
N THR A 949 -30.67 19.70 -31.21
CA THR A 949 -31.69 19.99 -32.22
C THR A 949 -32.24 21.39 -32.06
N ALA A 950 -32.70 21.77 -30.86
CA ALA A 950 -33.23 23.12 -30.63
C ALA A 950 -32.19 24.20 -30.91
N ALA A 951 -30.95 24.04 -30.45
CA ALA A 951 -29.88 24.99 -30.75
C ALA A 951 -29.58 25.10 -32.24
N THR A 952 -29.79 24.03 -33.02
CA THR A 952 -29.62 24.08 -34.47
C THR A 952 -30.74 24.84 -35.14
N VAL A 953 -32.00 24.51 -34.87
CA VAL A 953 -33.12 25.22 -35.53
C VAL A 953 -33.21 26.67 -35.11
N ALA A 954 -32.64 27.07 -33.97
CA ALA A 954 -32.54 28.46 -33.56
C ALA A 954 -31.72 29.35 -34.50
N ALA A 955 -30.90 28.78 -35.38
CA ALA A 955 -30.23 29.55 -36.43
C ALA A 955 -31.04 29.56 -37.75
N MET A 956 -32.04 28.69 -37.92
CA MET A 956 -32.71 28.49 -39.21
C MET A 956 -33.86 29.46 -39.48
N PHE A 957 -34.66 29.81 -38.48
CA PHE A 957 -35.89 30.56 -38.66
C PHE A 957 -36.00 31.72 -37.68
N PRO A 958 -36.78 32.77 -37.98
CA PRO A 958 -36.94 33.89 -37.07
C PRO A 958 -37.41 33.41 -35.69
N PRO A 959 -36.90 33.98 -34.59
CA PRO A 959 -36.07 35.18 -34.51
C PRO A 959 -34.56 34.99 -34.73
N TRP A 960 -34.10 33.84 -35.22
CA TRP A 960 -32.68 33.55 -35.46
C TRP A 960 -31.79 33.74 -34.23
N SER A 961 -32.25 33.29 -33.06
CA SER A 961 -31.62 33.62 -31.78
C SER A 961 -30.19 33.12 -31.62
N ALA A 962 -29.77 32.12 -32.41
CA ALA A 962 -28.40 31.61 -32.44
C ALA A 962 -27.57 32.12 -33.64
N ALA A 963 -28.14 32.95 -34.52
CA ALA A 963 -27.52 33.41 -35.76
C ALA A 963 -27.51 34.94 -35.84
N ALA A 964 -27.18 35.60 -34.73
CA ALA A 964 -27.07 37.05 -34.65
C ALA A 964 -28.33 37.82 -35.11
N GLY A 965 -29.50 37.19 -35.08
CA GLY A 965 -30.74 37.83 -35.46
C GLY A 965 -30.90 38.09 -36.96
N ILE A 966 -30.24 37.34 -37.84
CA ILE A 966 -30.45 37.43 -39.30
C ILE A 966 -30.55 36.04 -39.95
N PRO A 967 -31.16 35.92 -41.14
CA PRO A 967 -31.24 34.67 -41.87
C PRO A 967 -29.90 33.97 -42.03
N PHE A 968 -29.90 32.63 -41.94
CA PHE A 968 -28.67 31.85 -41.96
C PHE A 968 -27.84 32.09 -43.22
N SER A 969 -28.45 32.15 -44.40
CA SER A 969 -27.70 32.38 -45.64
C SER A 969 -27.02 33.74 -45.66
N LEU A 970 -27.66 34.79 -45.15
CA LEU A 970 -27.04 36.11 -45.04
C LEU A 970 -25.90 36.08 -44.03
N ASN A 971 -26.04 35.37 -42.92
CA ASN A 971 -24.95 35.22 -41.98
C ASN A 971 -23.74 34.52 -42.63
N VAL A 972 -23.96 33.43 -43.38
CA VAL A 972 -22.90 32.78 -44.16
C VAL A 972 -22.27 33.75 -45.14
N GLN A 973 -23.07 34.49 -45.90
CA GLN A 973 -22.56 35.46 -46.86
C GLN A 973 -21.72 36.53 -46.18
N TYR A 974 -22.18 37.14 -45.09
CA TYR A 974 -21.40 38.16 -44.40
C TYR A 974 -20.13 37.59 -43.79
N ARG A 975 -20.15 36.37 -43.26
CA ARG A 975 -18.93 35.72 -42.77
C ARG A 975 -17.93 35.51 -43.88
N ILE A 976 -18.34 35.01 -45.06
CA ILE A 976 -17.40 34.88 -46.18
C ILE A 976 -16.89 36.24 -46.62
N ASN A 977 -17.74 37.25 -46.72
CA ASN A 977 -17.30 38.60 -47.07
C ASN A 977 -16.24 39.13 -46.09
N GLY A 978 -16.40 38.85 -44.80
CA GLY A 978 -15.43 39.22 -43.77
C GLY A 978 -14.03 38.63 -43.96
N LEU A 979 -13.87 37.59 -44.77
CA LEU A 979 -12.56 37.02 -45.11
C LEU A 979 -11.81 37.82 -46.18
N GLY A 980 -12.41 38.86 -46.76
CA GLY A 980 -11.83 39.55 -47.91
C GLY A 980 -12.33 39.05 -49.25
N VAL A 981 -13.61 38.73 -49.33
CA VAL A 981 -14.30 38.36 -50.59
C VAL A 981 -15.34 39.42 -50.90
N THR A 982 -15.35 39.98 -52.10
CA THR A 982 -16.32 41.05 -52.44
C THR A 982 -17.76 40.53 -52.39
N MET A 983 -18.71 41.32 -51.92
CA MET A 983 -20.11 40.87 -51.82
C MET A 983 -20.70 40.57 -53.21
N ASP A 984 -20.19 41.23 -54.24
CA ASP A 984 -20.72 41.15 -55.60
C ASP A 984 -20.61 39.76 -56.19
N VAL A 985 -19.58 38.98 -55.86
CA VAL A 985 -19.52 37.58 -56.27
C VAL A 985 -20.42 36.74 -55.40
N LEU A 986 -20.49 37.03 -54.09
CA LEU A 986 -21.27 36.23 -53.16
C LEU A 986 -22.75 36.23 -53.51
N ASN A 987 -23.35 37.40 -53.68
CA ASN A 987 -24.79 37.46 -53.90
C ASN A 987 -25.23 37.08 -55.32
N LYS A 988 -24.31 36.89 -56.27
CA LYS A 988 -24.62 36.21 -57.55
C LYS A 988 -24.36 34.71 -57.53
N ASN A 989 -23.39 34.25 -56.75
CA ASN A 989 -23.09 32.82 -56.59
C ASN A 989 -23.86 32.14 -55.45
N GLN A 990 -24.96 32.72 -54.95
CA GLN A 990 -25.62 32.21 -53.74
C GLN A 990 -26.01 30.73 -53.86
N LYS A 991 -26.54 30.30 -55.00
CA LYS A 991 -26.84 28.88 -55.27
C LYS A 991 -25.60 27.99 -55.18
N LEU A 992 -24.47 28.43 -55.74
CA LEU A 992 -23.22 27.67 -55.71
C LEU A 992 -22.68 27.59 -54.28
N ILE A 993 -22.82 28.65 -53.49
CA ILE A 993 -22.44 28.64 -52.08
C ILE A 993 -23.33 27.69 -51.28
N ALA A 994 -24.65 27.73 -51.45
CA ALA A 994 -25.55 26.82 -50.75
C ALA A 994 -25.28 25.35 -51.08
N THR A 995 -25.11 25.04 -52.36
CA THR A 995 -24.76 23.68 -52.80
C THR A 995 -23.37 23.25 -52.32
N ALA A 996 -22.38 24.14 -52.27
CA ALA A 996 -21.11 23.81 -51.65
C ALA A 996 -21.29 23.50 -50.16
N PHE A 997 -22.11 24.28 -49.45
CA PHE A 997 -22.36 24.07 -48.04
C PHE A 997 -23.00 22.72 -47.76
N ASN A 998 -24.13 22.38 -48.39
CA ASN A 998 -24.77 21.11 -48.12
C ASN A 998 -23.98 19.92 -48.68
N ASN A 999 -23.19 20.08 -49.74
CA ASN A 999 -22.21 19.06 -50.13
C ASN A 999 -21.16 18.82 -49.04
N ALA A 1000 -20.65 19.87 -48.40
CA ALA A 1000 -19.72 19.70 -47.28
C ALA A 1000 -20.37 18.91 -46.14
N LEU A 1001 -21.61 19.23 -45.78
CA LEU A 1001 -22.34 18.49 -44.75
C LEU A 1001 -22.52 17.02 -45.11
N LEU A 1002 -22.91 16.71 -46.35
CA LEU A 1002 -22.98 15.33 -46.83
C LEU A 1002 -21.61 14.64 -46.76
N SER A 1003 -20.52 15.33 -47.09
CA SER A 1003 -19.18 14.74 -46.99
C SER A 1003 -18.80 14.41 -45.55
N ILE A 1004 -19.21 15.23 -44.57
CA ILE A 1004 -19.02 14.93 -43.16
C ILE A 1004 -19.80 13.66 -42.79
N GLN A 1005 -21.07 13.56 -43.17
CA GLN A 1005 -21.88 12.37 -42.87
C GLN A 1005 -21.27 11.11 -43.48
N ASN A 1006 -20.91 11.15 -44.76
CA ASN A 1006 -20.32 10.00 -45.44
C ASN A 1006 -18.97 9.61 -44.83
N GLY A 1007 -18.21 10.57 -44.34
CA GLY A 1007 -16.91 10.37 -43.72
C GLY A 1007 -16.91 9.49 -42.49
N PHE A 1008 -18.04 9.27 -41.81
CA PHE A 1008 -18.10 8.31 -40.69
C PHE A 1008 -18.05 6.84 -41.13
N SER A 1009 -18.29 6.53 -42.40
CA SER A 1009 -18.17 5.16 -42.91
C SER A 1009 -16.71 4.74 -43.10
N ALA A 1010 -15.82 5.68 -43.41
CA ALA A 1010 -14.37 5.50 -43.46
C ALA A 1010 -13.76 5.40 -42.04
N PRO A 1011 -12.47 5.09 -41.87
CA PRO A 1011 -11.77 5.16 -40.59
C PRO A 1011 -11.59 6.61 -40.12
N ASN A 1012 -12.69 7.21 -39.67
CA ASN A 1012 -12.81 8.61 -39.27
C ASN A 1012 -12.11 8.90 -37.94
N SER A 1013 -11.31 9.96 -37.86
CA SER A 1013 -10.60 10.30 -36.63
C SER A 1013 -11.52 10.73 -35.48
N ALA A 1014 -12.66 11.37 -35.75
CA ALA A 1014 -13.62 11.69 -34.71
C ALA A 1014 -14.27 10.42 -34.17
N LEU A 1015 -14.74 9.54 -35.04
CA LEU A 1015 -15.33 8.26 -34.59
C LEU A 1015 -14.31 7.41 -33.84
N ALA A 1016 -13.05 7.39 -34.29
CA ALA A 1016 -11.97 6.73 -33.57
C ALA A 1016 -11.81 7.31 -32.16
N LYS A 1017 -11.86 8.63 -31.99
CA LYS A 1017 -11.80 9.26 -30.69
C LYS A 1017 -12.96 8.86 -29.80
N ILE A 1018 -14.20 8.86 -30.33
CA ILE A 1018 -15.37 8.44 -29.57
C ILE A 1018 -15.22 6.99 -29.10
N GLN A 1019 -14.89 6.05 -30.00
CA GLN A 1019 -14.65 4.67 -29.62
C GLN A 1019 -13.51 4.55 -28.59
N SER A 1020 -12.45 5.36 -28.69
CA SER A 1020 -11.37 5.33 -27.70
C SER A 1020 -11.83 5.70 -26.28
N VAL A 1021 -12.87 6.51 -26.13
CA VAL A 1021 -13.45 6.82 -24.82
C VAL A 1021 -14.07 5.56 -24.22
N VAL A 1022 -14.89 4.84 -24.99
CA VAL A 1022 -15.47 3.58 -24.54
C VAL A 1022 -14.40 2.52 -24.29
N ASN A 1023 -13.45 2.36 -25.21
CA ASN A 1023 -12.40 1.36 -25.08
C ASN A 1023 -11.53 1.58 -23.85
N SER A 1024 -11.07 2.81 -23.60
CA SER A 1024 -10.26 3.09 -22.41
C SER A 1024 -11.03 2.84 -21.11
N ASN A 1025 -12.32 3.16 -21.04
CA ASN A 1025 -13.14 2.80 -19.89
C ASN A 1025 -13.22 1.28 -19.73
N ALA A 1026 -13.58 0.55 -20.77
CA ALA A 1026 -13.72 -0.90 -20.70
C ALA A 1026 -12.40 -1.59 -20.32
N GLN A 1027 -11.27 -1.10 -20.82
CA GLN A 1027 -9.95 -1.56 -20.41
C GLN A 1027 -9.69 -1.31 -18.92
N ALA A 1028 -9.98 -0.13 -18.40
CA ALA A 1028 -9.75 0.15 -16.99
C ALA A 1028 -10.61 -0.74 -16.08
N LEU A 1029 -11.90 -0.91 -16.40
CA LEU A 1029 -12.77 -1.81 -15.64
C LEU A 1029 -12.28 -3.25 -15.72
N ASN A 1030 -11.86 -3.71 -16.90
CA ASN A 1030 -11.33 -5.04 -17.05
C ASN A 1030 -10.07 -5.25 -16.21
N SER A 1031 -9.14 -4.30 -16.20
CA SER A 1031 -7.97 -4.39 -15.32
C SER A 1031 -8.38 -4.44 -13.85
N LEU A 1032 -9.34 -3.62 -13.42
CA LEU A 1032 -9.82 -3.66 -12.04
C LEU A 1032 -10.46 -5.02 -11.70
N LEU A 1033 -11.23 -5.63 -12.61
CA LEU A 1033 -11.73 -6.98 -12.38
C LEU A 1033 -10.60 -8.02 -12.29
N GLN A 1034 -9.61 -7.95 -13.18
CA GLN A 1034 -8.48 -8.88 -13.13
C GLN A 1034 -7.71 -8.80 -11.81
N GLN A 1035 -7.75 -7.67 -11.10
CA GLN A 1035 -7.13 -7.57 -9.78
C GLN A 1035 -7.72 -8.54 -8.76
N LEU A 1036 -8.95 -9.03 -8.95
CA LEU A 1036 -9.51 -10.03 -8.04
C LEU A 1036 -8.79 -11.38 -8.12
N PHE A 1037 -8.18 -11.71 -9.25
CA PHE A 1037 -7.54 -13.00 -9.46
C PHE A 1037 -6.06 -13.06 -9.10
N ASN A 1038 -5.43 -11.93 -8.78
CA ASN A 1038 -4.05 -11.92 -8.26
C ASN A 1038 -4.00 -12.55 -6.87
N LYS A 1039 -2.93 -13.28 -6.55
CA LYS A 1039 -2.78 -13.90 -5.21
C LYS A 1039 -2.16 -12.97 -4.18
N PHE A 1040 -1.42 -11.95 -4.58
CA PHE A 1040 -0.74 -11.04 -3.65
C PHE A 1040 0.10 -11.78 -2.59
N GLY A 1041 0.71 -12.90 -2.97
CA GLY A 1041 1.50 -13.75 -2.06
C GLY A 1041 0.69 -14.63 -1.11
N ALA A 1042 -0.64 -14.61 -1.13
CA ALA A 1042 -1.45 -15.59 -0.42
C ALA A 1042 -1.43 -16.96 -1.12
N ILE A 1043 -1.88 -18.01 -0.44
CA ILE A 1043 -1.95 -19.38 -1.01
C ILE A 1043 -2.90 -19.51 -2.20
N SER A 1044 -3.88 -18.62 -2.33
CA SER A 1044 -4.84 -18.60 -3.43
C SER A 1044 -5.46 -17.21 -3.57
N SER A 1045 -5.98 -16.88 -4.74
CA SER A 1045 -6.77 -15.66 -4.96
C SER A 1045 -8.26 -15.85 -4.68
N SER A 1046 -8.71 -17.05 -4.33
CA SER A 1046 -10.12 -17.32 -4.06
C SER A 1046 -10.39 -17.43 -2.57
N LEU A 1047 -11.32 -16.63 -2.05
CA LEU A 1047 -11.77 -16.73 -0.66
C LEU A 1047 -12.43 -18.08 -0.38
N GLN A 1048 -13.09 -18.69 -1.37
CA GLN A 1048 -13.67 -20.02 -1.24
C GLN A 1048 -12.59 -21.06 -0.93
N GLU A 1049 -11.45 -20.99 -1.62
CA GLU A 1049 -10.37 -21.95 -1.39
C GLU A 1049 -9.71 -21.73 -0.05
N ILE A 1050 -9.41 -20.49 0.33
CA ILE A 1050 -8.80 -20.24 1.64
C ILE A 1050 -9.71 -20.74 2.76
N LEU A 1051 -10.99 -20.36 2.76
CA LEU A 1051 -11.91 -20.73 3.83
C LEU A 1051 -12.28 -22.21 3.84
N SER A 1052 -12.04 -22.94 2.75
CA SER A 1052 -12.18 -24.40 2.71
C SER A 1052 -10.87 -25.16 2.95
N ARG A 1053 -9.74 -24.47 3.14
CA ARG A 1053 -8.45 -25.07 3.49
C ARG A 1053 -7.97 -24.79 4.91
N LEU A 1054 -8.29 -23.63 5.48
CA LEU A 1054 -7.72 -23.18 6.77
C LEU A 1054 -8.80 -22.76 7.76
N ASP A 1055 -8.52 -22.92 9.04
CA ASP A 1055 -9.34 -22.38 10.13
C ASP A 1055 -9.00 -20.91 10.42
N PRO A 1056 -9.89 -20.17 11.11
CA PRO A 1056 -9.76 -18.74 11.36
C PRO A 1056 -8.37 -18.20 11.70
N PRO A 1057 -7.57 -18.81 12.60
CA PRO A 1057 -6.25 -18.28 12.94
C PRO A 1057 -5.29 -18.14 11.77
N GLU A 1058 -5.32 -19.04 10.78
CA GLU A 1058 -4.47 -18.94 9.60
C GLU A 1058 -5.22 -18.36 8.41
N ALA A 1059 -6.51 -18.65 8.26
CA ALA A 1059 -7.32 -18.07 7.20
C ALA A 1059 -7.30 -16.54 7.31
N GLN A 1060 -7.32 -15.99 8.52
CA GLN A 1060 -7.14 -14.56 8.76
C GLN A 1060 -5.86 -14.04 8.13
N VAL A 1061 -4.73 -14.73 8.32
CA VAL A 1061 -3.45 -14.28 7.77
C VAL A 1061 -3.48 -14.25 6.24
N GLN A 1062 -4.10 -15.23 5.59
CA GLN A 1062 -4.22 -15.24 4.13
C GLN A 1062 -5.20 -14.18 3.63
N ILE A 1063 -6.38 -14.09 4.23
CA ILE A 1063 -7.42 -13.13 3.81
C ILE A 1063 -6.91 -11.71 3.98
N ASP A 1064 -6.15 -11.42 5.02
CA ASP A 1064 -5.58 -10.10 5.23
C ASP A 1064 -4.61 -9.69 4.12
N ARG A 1065 -3.88 -10.63 3.50
CA ARG A 1065 -3.06 -10.34 2.31
C ARG A 1065 -3.93 -9.97 1.12
N LEU A 1066 -5.01 -10.70 0.89
CA LEU A 1066 -5.95 -10.37 -0.18
C LEU A 1066 -6.63 -9.02 0.05
N ILE A 1067 -7.06 -8.71 1.28
CA ILE A 1067 -7.65 -7.41 1.61
C ILE A 1067 -6.65 -6.29 1.30
N ASN A 1068 -5.40 -6.39 1.70
CA ASN A 1068 -4.41 -5.36 1.37
C ASN A 1068 -4.18 -5.23 -0.13
N GLY A 1069 -4.11 -6.33 -0.87
CA GLY A 1069 -3.94 -6.29 -2.33
C GLY A 1069 -5.11 -5.58 -3.00
N ARG A 1070 -6.34 -6.00 -2.69
CA ARG A 1070 -7.55 -5.44 -3.30
C ARG A 1070 -7.78 -3.99 -2.91
N LEU A 1071 -7.58 -3.61 -1.64
CA LEU A 1071 -7.67 -2.20 -1.25
C LEU A 1071 -6.59 -1.35 -1.91
N THR A 1072 -5.38 -1.87 -2.13
CA THR A 1072 -4.35 -1.13 -2.87
C THR A 1072 -4.78 -0.93 -4.32
N ALA A 1073 -5.33 -1.96 -4.97
CA ALA A 1073 -5.84 -1.82 -6.33
C ALA A 1073 -6.97 -0.78 -6.44
N LEU A 1074 -7.90 -0.74 -5.48
CA LEU A 1074 -8.93 0.30 -5.46
C LEU A 1074 -8.34 1.70 -5.30
N ASN A 1075 -7.39 1.91 -4.41
CA ASN A 1075 -6.75 3.23 -4.26
C ASN A 1075 -6.04 3.66 -5.55
N ALA A 1076 -5.37 2.74 -6.25
CA ALA A 1076 -4.76 3.03 -7.53
C ALA A 1076 -5.81 3.42 -8.57
N TYR A 1077 -6.90 2.65 -8.69
CA TYR A 1077 -7.96 2.96 -9.63
C TYR A 1077 -8.63 4.32 -9.34
N VAL A 1078 -8.92 4.61 -8.07
CA VAL A 1078 -9.45 5.91 -7.66
C VAL A 1078 -8.51 7.05 -8.06
N SER A 1079 -7.22 6.93 -7.83
CA SER A 1079 -6.28 8.00 -8.18
C SER A 1079 -6.22 8.23 -9.69
N GLN A 1080 -6.30 7.17 -10.49
CA GLN A 1080 -6.39 7.29 -11.95
C GLN A 1080 -7.71 7.96 -12.36
N GLN A 1081 -8.84 7.58 -11.75
CA GLN A 1081 -10.14 8.16 -12.07
C GLN A 1081 -10.19 9.66 -11.79
N LEU A 1082 -9.70 10.13 -10.63
CA LEU A 1082 -9.60 11.56 -10.34
C LEU A 1082 -8.77 12.29 -11.40
N SER A 1083 -7.63 11.73 -11.78
CA SER A 1083 -6.78 12.32 -12.80
C SER A 1083 -7.51 12.43 -14.14
N ASP A 1084 -8.20 11.39 -14.58
CA ASP A 1084 -8.94 11.40 -15.83
C ASP A 1084 -10.09 12.40 -15.80
N ILE A 1085 -10.85 12.50 -14.72
CA ILE A 1085 -11.99 13.42 -14.69
C ILE A 1085 -11.55 14.89 -14.69
N SER A 1086 -10.34 15.21 -14.24
CA SER A 1086 -9.78 16.53 -14.47
C SER A 1086 -9.66 16.86 -15.96
N LEU A 1087 -9.28 15.89 -16.80
CA LEU A 1087 -9.20 16.08 -18.24
C LEU A 1087 -10.59 16.17 -18.88
N VAL A 1088 -11.57 15.43 -18.36
CA VAL A 1088 -12.96 15.55 -18.83
C VAL A 1088 -13.53 16.94 -18.53
N LYS A 1089 -13.29 17.50 -17.34
CA LYS A 1089 -13.71 18.89 -17.05
C LYS A 1089 -13.03 19.90 -17.97
N PHE A 1090 -11.73 19.75 -18.23
CA PHE A 1090 -11.04 20.61 -19.18
C PHE A 1090 -11.65 20.52 -20.58
N GLY A 1091 -11.93 19.31 -21.07
CA GLY A 1091 -12.58 19.12 -22.36
C GLY A 1091 -13.99 19.73 -22.41
N ALA A 1092 -14.79 19.58 -21.37
CA ALA A 1092 -16.12 20.17 -21.34
C ALA A 1092 -16.07 21.69 -21.33
N ALA A 1093 -15.13 22.30 -20.60
CA ALA A 1093 -14.96 23.74 -20.63
C ALA A 1093 -14.62 24.24 -22.04
N LEU A 1094 -13.75 23.54 -22.77
CA LEU A 1094 -13.48 23.86 -24.16
C LEU A 1094 -14.73 23.72 -25.03
N ALA A 1095 -15.51 22.65 -24.89
CA ALA A 1095 -16.72 22.46 -25.69
C ALA A 1095 -17.74 23.58 -25.43
N MET A 1096 -17.95 24.01 -24.19
CA MET A 1096 -18.83 25.14 -23.91
C MET A 1096 -18.30 26.42 -24.55
N GLU A 1097 -16.99 26.65 -24.52
CA GLU A 1097 -16.40 27.80 -25.19
C GLU A 1097 -16.62 27.77 -26.70
N LYS A 1098 -16.49 26.60 -27.36
CA LYS A 1098 -16.79 26.50 -28.79
C LYS A 1098 -18.27 26.67 -29.11
N VAL A 1099 -19.20 26.15 -28.31
CA VAL A 1099 -20.63 26.41 -28.51
C VAL A 1099 -20.90 27.91 -28.48
N ASN A 1100 -20.31 28.63 -27.53
CA ASN A 1100 -20.51 30.06 -27.39
C ASN A 1100 -19.85 30.87 -28.52
N GLU A 1101 -18.61 30.55 -28.90
CA GLU A 1101 -17.79 31.41 -29.75
C GLU A 1101 -17.62 30.94 -31.20
N CYS A 1102 -18.18 29.77 -31.57
CA CYS A 1102 -18.21 29.27 -32.94
C CYS A 1102 -19.62 28.99 -33.46
N VAL A 1103 -20.52 28.47 -32.62
CA VAL A 1103 -21.86 28.08 -33.06
C VAL A 1103 -22.85 29.22 -32.86
N LYS A 1104 -23.00 29.72 -31.63
CA LYS A 1104 -23.95 30.81 -31.30
C LYS A 1104 -23.48 32.18 -31.75
N SER A 1105 -22.20 32.34 -32.05
CA SER A 1105 -21.58 33.59 -32.48
C SER A 1105 -20.25 33.30 -33.16
N GLN A 1106 -19.63 34.31 -33.75
CA GLN A 1106 -18.39 34.16 -34.49
C GLN A 1106 -17.31 35.06 -33.90
N SER A 1107 -16.62 34.58 -32.87
CA SER A 1107 -15.60 35.38 -32.17
C SER A 1107 -14.39 35.62 -33.08
N PRO A 1108 -13.72 36.79 -33.03
CA PRO A 1108 -12.61 37.14 -33.91
C PRO A 1108 -11.28 36.46 -33.54
N ARG A 1109 -11.29 35.14 -33.40
CA ARG A 1109 -10.15 34.30 -32.98
C ARG A 1109 -9.82 33.31 -34.09
N ILE A 1110 -8.60 33.32 -34.61
CA ILE A 1110 -8.34 32.75 -35.94
C ILE A 1110 -8.51 31.23 -36.02
N ASN A 1111 -7.68 30.46 -35.31
CA ASN A 1111 -7.72 29.00 -35.39
C ASN A 1111 -8.52 28.34 -34.26
N PHE A 1112 -9.31 29.11 -33.50
CA PHE A 1112 -10.08 28.58 -32.40
C PHE A 1112 -11.17 27.61 -32.89
N CYS A 1113 -11.98 28.02 -33.85
CA CYS A 1113 -13.06 27.23 -34.43
C CYS A 1113 -12.56 26.38 -35.61
N GLY A 1114 -11.59 25.50 -35.37
CA GLY A 1114 -10.99 24.69 -36.43
C GLY A 1114 -10.00 25.48 -37.29
N ASN A 1115 -9.32 24.78 -38.21
CA ASN A 1115 -8.28 25.37 -39.04
C ASN A 1115 -8.79 26.17 -40.24
N GLY A 1116 -8.00 27.13 -40.68
CA GLY A 1116 -8.22 27.85 -41.94
C GLY A 1116 -9.22 28.99 -41.80
N ASN A 1117 -9.77 29.43 -42.93
CA ASN A 1117 -10.69 30.55 -43.02
C ASN A 1117 -12.09 30.14 -42.53
N HIS A 1118 -12.27 30.08 -41.21
CA HIS A 1118 -13.50 29.59 -40.61
C HIS A 1118 -14.70 30.50 -40.90
N ILE A 1119 -15.71 29.96 -41.58
CA ILE A 1119 -16.94 30.67 -41.89
C ILE A 1119 -17.88 30.63 -40.71
N LEU A 1120 -18.27 29.42 -40.31
CA LEU A 1120 -19.37 29.15 -39.39
C LEU A 1120 -19.24 27.72 -38.85
N SER A 1121 -19.84 27.43 -37.71
CA SER A 1121 -19.82 26.13 -37.07
C SER A 1121 -21.21 25.67 -36.66
N LEU A 1122 -21.44 24.36 -36.58
CA LEU A 1122 -22.67 23.75 -36.10
C LEU A 1122 -22.36 22.63 -35.12
N VAL A 1123 -23.30 22.27 -34.25
CA VAL A 1123 -23.09 21.25 -33.21
C VAL A 1123 -24.14 20.16 -33.28
N GLN A 1124 -23.74 18.92 -33.00
CA GLN A 1124 -24.62 17.77 -32.86
C GLN A 1124 -24.19 16.96 -31.65
N ASN A 1125 -25.12 16.24 -31.03
CA ASN A 1125 -24.83 15.39 -29.90
C ASN A 1125 -23.92 14.24 -30.30
N ALA A 1126 -23.13 13.70 -29.36
CA ALA A 1126 -22.31 12.52 -29.61
C ALA A 1126 -22.14 11.72 -28.32
N PRO A 1127 -21.92 10.40 -28.39
CA PRO A 1127 -21.68 9.60 -27.19
C PRO A 1127 -20.58 10.21 -26.32
N TYR A 1128 -20.90 10.56 -25.07
CA TYR A 1128 -19.98 11.18 -24.11
C TYR A 1128 -19.38 12.54 -24.50
N GLY A 1129 -19.94 13.25 -25.49
CA GLY A 1129 -19.42 14.56 -25.88
C GLY A 1129 -20.32 15.35 -26.79
N LEU A 1130 -19.74 16.26 -27.55
CA LEU A 1130 -20.39 16.97 -28.65
C LEU A 1130 -19.54 16.81 -29.89
N LEU A 1131 -20.16 16.74 -31.06
CA LEU A 1131 -19.46 16.78 -32.33
C LEU A 1131 -19.76 18.11 -33.00
N PHE A 1132 -18.73 18.89 -33.26
CA PHE A 1132 -18.81 20.14 -33.98
C PHE A 1132 -18.51 19.89 -35.45
N MET A 1133 -19.23 20.56 -36.33
CA MET A 1133 -18.89 20.68 -37.74
C MET A 1133 -18.40 22.08 -37.98
N HIS A 1134 -17.16 22.25 -38.43
CA HIS A 1134 -16.61 23.55 -38.77
C HIS A 1134 -16.58 23.71 -40.28
N PHE A 1135 -17.15 24.78 -40.82
CA PHE A 1135 -17.16 25.04 -42.25
C PHE A 1135 -16.18 26.15 -42.58
N SER A 1136 -15.32 25.94 -43.57
CA SER A 1136 -14.24 26.84 -43.91
C SER A 1136 -14.22 27.20 -45.39
N TYR A 1137 -13.85 28.43 -45.71
CA TYR A 1137 -13.62 28.89 -47.07
C TYR A 1137 -12.32 28.30 -47.60
N LYS A 1138 -12.38 27.49 -48.65
CA LYS A 1138 -11.24 26.80 -49.25
C LYS A 1138 -11.01 27.30 -50.68
N PRO A 1139 -9.92 28.03 -50.95
CA PRO A 1139 -9.47 28.33 -52.30
C PRO A 1139 -9.26 27.07 -53.14
N ILE A 1140 -9.71 27.09 -54.39
CA ILE A 1140 -9.59 25.99 -55.36
C ILE A 1140 -8.50 26.26 -56.40
N SER A 1141 -8.39 27.49 -56.89
CA SER A 1141 -7.40 27.88 -57.90
C SER A 1141 -6.91 29.29 -57.63
N PHE A 1142 -5.72 29.63 -58.14
CA PHE A 1142 -5.05 30.88 -57.83
C PHE A 1142 -4.55 31.59 -59.09
N LYS A 1143 -4.49 32.93 -59.03
CA LYS A 1143 -3.81 33.77 -60.00
C LYS A 1143 -2.66 34.49 -59.31
N THR A 1144 -1.44 34.38 -59.85
CA THR A 1144 -0.34 35.24 -59.40
C THR A 1144 -0.55 36.66 -59.94
N VAL A 1145 -0.51 37.66 -59.09
CA VAL A 1145 -0.74 39.08 -59.43
C VAL A 1145 0.26 39.98 -58.73
N LEU A 1146 0.52 41.16 -59.28
CA LEU A 1146 1.37 42.16 -58.64
C LEU A 1146 0.50 43.12 -57.83
N VAL A 1147 0.77 43.23 -56.52
CA VAL A 1147 -0.03 43.99 -55.57
C VAL A 1147 0.76 45.09 -54.91
N SER A 1148 0.10 46.18 -54.54
CA SER A 1148 0.66 47.24 -53.69
C SER A 1148 -0.04 47.23 -52.33
N PRO A 1149 0.69 47.22 -51.20
CA PRO A 1149 0.10 47.26 -49.88
C PRO A 1149 -0.41 48.65 -49.48
N GLY A 1150 -0.10 49.67 -50.27
CA GLY A 1150 -0.53 51.05 -50.07
C GLY A 1150 -0.25 51.91 -51.30
N LEU A 1151 -0.87 53.07 -51.39
CA LEU A 1151 -0.62 54.08 -52.43
C LEU A 1151 -0.44 55.46 -51.81
N CYS A 1152 0.42 56.27 -52.41
CA CYS A 1152 0.56 57.68 -52.09
C CYS A 1152 -0.07 58.51 -53.22
N ILE A 1153 -1.08 59.32 -52.93
CA ILE A 1153 -1.99 59.86 -53.93
C ILE A 1153 -2.22 61.36 -53.71
N SER A 1154 -2.61 62.08 -54.76
CA SER A 1154 -2.94 63.50 -54.70
C SER A 1154 -1.85 64.33 -54.00
N GLY A 1155 -2.19 65.12 -52.98
CA GLY A 1155 -1.28 65.85 -52.10
C GLY A 1155 -0.52 65.00 -51.08
N ASP A 1156 0.13 63.92 -51.52
CA ASP A 1156 0.85 62.95 -50.67
C ASP A 1156 0.02 62.36 -49.51
N VAL A 1157 -1.31 62.35 -49.67
CA VAL A 1157 -2.20 61.58 -48.79
C VAL A 1157 -1.94 60.10 -49.01
N GLY A 1158 -1.86 59.33 -47.95
CA GLY A 1158 -1.67 57.89 -48.04
C GLY A 1158 -3.01 57.17 -48.00
N ILE A 1159 -3.12 56.07 -48.75
CA ILE A 1159 -4.23 55.14 -48.61
C ILE A 1159 -3.71 53.73 -48.48
N ALA A 1160 -4.36 52.93 -47.65
CA ALA A 1160 -4.10 51.51 -47.50
C ALA A 1160 -5.39 50.72 -47.77
N PRO A 1161 -5.32 49.51 -48.32
CA PRO A 1161 -6.49 48.74 -48.66
C PRO A 1161 -7.07 48.03 -47.42
N LYS A 1162 -8.38 47.98 -47.29
CA LYS A 1162 -9.07 47.19 -46.25
C LYS A 1162 -9.25 45.74 -46.70
N GLN A 1163 -8.71 44.76 -45.98
CA GLN A 1163 -8.88 43.34 -46.28
C GLN A 1163 -8.58 42.97 -47.75
N GLY A 1164 -7.52 43.54 -48.31
CA GLY A 1164 -7.27 43.45 -49.75
C GLY A 1164 -5.95 44.09 -50.19
N TYR A 1165 -5.87 44.40 -51.48
CA TYR A 1165 -4.69 44.93 -52.12
C TYR A 1165 -5.06 45.94 -53.20
N PHE A 1166 -4.16 46.87 -53.50
CA PHE A 1166 -4.24 47.62 -54.74
C PHE A 1166 -3.53 46.88 -55.86
N ILE A 1167 -4.10 46.88 -57.05
CA ILE A 1167 -3.58 46.21 -58.24
C ILE A 1167 -3.65 47.15 -59.43
N LYS A 1168 -2.69 47.06 -60.33
CA LYS A 1168 -2.81 47.63 -61.67
C LYS A 1168 -3.72 46.73 -62.51
N HIS A 1169 -4.77 47.28 -63.09
CA HIS A 1169 -5.64 46.60 -64.05
C HIS A 1169 -5.90 47.56 -65.22
N ASN A 1170 -5.67 47.14 -66.46
CA ASN A 1170 -5.79 48.00 -67.65
C ASN A 1170 -4.94 49.29 -67.59
N ASP A 1171 -3.79 49.24 -66.93
CA ASP A 1171 -2.97 50.41 -66.56
C ASP A 1171 -3.70 51.47 -65.70
N HIS A 1172 -4.55 51.01 -64.79
CA HIS A 1172 -5.31 51.83 -63.85
C HIS A 1172 -5.27 51.20 -62.46
N TRP A 1173 -5.14 51.98 -61.39
CA TRP A 1173 -5.16 51.44 -60.04
C TRP A 1173 -6.57 51.04 -59.62
N MET A 1174 -6.74 49.80 -59.17
CA MET A 1174 -7.99 49.23 -58.69
C MET A 1174 -7.77 48.44 -57.40
N PHE A 1175 -8.80 48.22 -56.60
CA PHE A 1175 -8.74 47.39 -55.39
C PHE A 1175 -9.15 45.95 -55.70
N THR A 1176 -8.65 44.98 -54.94
CA THR A 1176 -9.20 43.60 -54.91
C THR A 1176 -9.19 43.06 -53.49
N GLY A 1177 -10.20 42.28 -53.12
CA GLY A 1177 -10.21 41.57 -51.85
C GLY A 1177 -9.08 40.54 -51.77
N SER A 1178 -8.54 40.29 -50.58
CA SER A 1178 -7.38 39.42 -50.42
C SER A 1178 -7.70 37.93 -50.61
N SER A 1179 -8.94 37.51 -50.43
CA SER A 1179 -9.35 36.11 -50.51
C SER A 1179 -10.03 35.74 -51.81
N TYR A 1180 -10.27 36.68 -52.72
CA TYR A 1180 -10.87 36.38 -54.02
C TYR A 1180 -10.56 37.48 -55.03
N TYR A 1181 -9.91 37.16 -56.13
CA TYR A 1181 -9.50 38.12 -57.14
C TYR A 1181 -10.71 38.68 -57.88
N TYR A 1182 -11.03 39.94 -57.64
CA TYR A 1182 -12.12 40.66 -58.30
C TYR A 1182 -11.78 42.14 -58.31
N PRO A 1183 -11.18 42.68 -59.38
CA PRO A 1183 -10.83 44.08 -59.45
C PRO A 1183 -12.10 44.95 -59.39
N GLU A 1184 -12.12 45.92 -58.49
CA GLU A 1184 -13.19 46.89 -58.30
C GLU A 1184 -12.59 48.27 -58.02
N PRO A 1185 -13.31 49.37 -58.28
CA PRO A 1185 -12.72 50.70 -58.17
C PRO A 1185 -12.38 51.06 -56.72
N ILE A 1186 -11.31 51.82 -56.55
CA ILE A 1186 -10.85 52.29 -55.23
C ILE A 1186 -11.86 53.31 -54.69
N SER A 1187 -12.28 53.17 -53.44
CA SER A 1187 -13.21 54.11 -52.80
C SER A 1187 -13.06 54.09 -51.29
N ASP A 1188 -13.59 55.10 -50.59
CA ASP A 1188 -13.58 55.14 -49.14
C ASP A 1188 -14.22 53.91 -48.47
N LYS A 1189 -15.04 53.12 -49.19
CA LYS A 1189 -15.60 51.87 -48.69
C LYS A 1189 -14.54 50.78 -48.49
N ASN A 1190 -13.46 50.76 -49.26
CA ASN A 1190 -12.41 49.72 -49.21
C ASN A 1190 -11.02 50.25 -48.87
N VAL A 1191 -10.94 51.45 -48.28
CA VAL A 1191 -9.68 52.17 -48.00
C VAL A 1191 -9.58 52.64 -46.55
N VAL A 1192 -8.37 52.63 -46.01
CA VAL A 1192 -7.96 53.36 -44.80
C VAL A 1192 -7.12 54.57 -45.22
N PHE A 1193 -7.50 55.78 -44.81
CA PHE A 1193 -6.76 57.00 -45.11
C PHE A 1193 -5.64 57.28 -44.11
N MET A 1194 -4.58 57.93 -44.56
CA MET A 1194 -3.50 58.46 -43.74
C MET A 1194 -3.14 59.88 -44.19
N ASN A 1195 -2.98 60.84 -43.27
CA ASN A 1195 -2.69 62.23 -43.64
C ASN A 1195 -1.31 62.42 -44.29
N THR A 1196 -0.39 61.49 -44.04
CA THR A 1196 0.90 61.38 -44.73
C THR A 1196 1.05 59.96 -45.22
N CYS A 1197 1.46 59.76 -46.47
CA CYS A 1197 1.79 58.43 -46.97
C CYS A 1197 3.14 57.97 -46.40
N SER A 1198 3.29 56.69 -46.11
CA SER A 1198 4.59 56.17 -45.67
C SER A 1198 5.58 56.11 -46.83
N VAL A 1199 6.86 55.93 -46.51
CA VAL A 1199 7.84 55.52 -47.52
C VAL A 1199 7.46 54.20 -48.16
N ASN A 1200 7.97 53.94 -49.36
CA ASN A 1200 7.76 52.73 -50.16
C ASN A 1200 6.29 52.39 -50.49
N PHE A 1201 5.32 53.24 -50.12
CA PHE A 1201 4.03 53.26 -50.79
C PHE A 1201 4.23 53.70 -52.24
N THR A 1202 3.55 53.04 -53.18
CA THR A 1202 3.71 53.36 -54.59
C THR A 1202 3.12 54.73 -54.89
N LYS A 1203 3.87 55.61 -55.58
CA LYS A 1203 3.36 56.93 -55.99
C LYS A 1203 2.30 56.78 -57.08
N ALA A 1204 1.16 57.43 -56.90
CA ALA A 1204 0.04 57.44 -57.84
C ALA A 1204 -0.70 58.79 -57.83
N PRO A 1205 -0.06 59.88 -58.26
CA PRO A 1205 -0.64 61.23 -58.17
C PRO A 1205 -2.02 61.38 -58.84
N LEU A 1206 -2.30 60.54 -59.84
CA LEU A 1206 -3.53 60.60 -60.63
C LEU A 1206 -4.77 60.03 -59.92
N VAL A 1207 -4.60 59.28 -58.82
CA VAL A 1207 -5.72 58.64 -58.11
C VAL A 1207 -6.53 59.67 -57.31
N TYR A 1208 -7.86 59.52 -57.36
CA TYR A 1208 -8.87 60.34 -56.69
C TYR A 1208 -8.74 61.84 -56.97
N VAL B 1 37.60 6.58 48.46
CA VAL B 1 38.85 5.91 48.03
C VAL B 1 38.64 5.22 46.68
N ILE B 2 39.69 5.10 45.87
CA ILE B 2 39.78 4.05 44.84
C ILE B 2 40.22 2.76 45.57
N GLY B 3 40.07 1.56 45.02
CA GLY B 3 40.69 0.37 45.62
C GLY B 3 40.32 0.11 47.09
N ASP B 4 41.22 -0.55 47.83
CA ASP B 4 41.19 -0.58 49.31
C ASP B 4 42.51 -1.03 49.95
N PHE B 5 43.65 -0.89 49.25
CA PHE B 5 44.94 -1.29 49.80
C PHE B 5 45.73 -0.08 50.30
N ASN B 6 46.25 -0.15 51.53
CA ASN B 6 47.02 0.91 52.16
C ASN B 6 48.47 0.96 51.63
N CYS B 7 48.67 1.58 50.47
CA CYS B 7 49.99 1.72 49.86
C CYS B 7 50.91 2.68 50.62
N THR B 8 50.40 3.78 51.18
CA THR B 8 51.16 4.75 51.95
C THR B 8 50.27 5.65 52.81
N ASN B 9 50.86 6.32 53.80
CA ASN B 9 50.21 7.37 54.60
C ASN B 9 50.95 8.72 54.53
N PHE B 10 52.04 8.82 53.75
CA PHE B 10 52.86 10.03 53.66
C PHE B 10 52.09 11.20 53.03
N ALA B 11 52.12 12.36 53.68
CA ALA B 11 51.58 13.63 53.18
C ALA B 11 50.15 13.50 52.59
N ILE B 12 49.19 13.20 53.44
CA ILE B 12 47.76 13.11 53.08
C ILE B 12 46.96 14.13 53.89
N ASN B 13 46.02 14.83 53.28
CA ASN B 13 45.11 15.75 53.97
C ASN B 13 43.73 15.82 53.31
N ASP B 14 42.81 16.58 53.89
CA ASP B 14 41.43 16.72 53.40
C ASP B 14 41.17 18.10 52.75
N LEU B 15 42.20 18.77 52.23
CA LEU B 15 42.06 20.14 51.73
C LEU B 15 41.27 20.20 50.41
N ASN B 16 40.27 21.07 50.33
CA ASN B 16 39.52 21.32 49.10
C ASN B 16 40.29 22.27 48.15
N THR B 17 41.26 21.74 47.40
CA THR B 17 42.10 22.54 46.47
C THR B 17 41.45 22.82 45.11
N THR B 18 40.24 22.31 44.83
CA THR B 18 39.78 22.07 43.45
C THR B 18 38.39 22.62 43.14
N VAL B 19 38.23 23.07 41.89
CA VAL B 19 36.94 23.05 41.19
C VAL B 19 37.12 22.43 39.81
N ILE B 20 36.14 21.65 39.36
CA ILE B 20 36.18 21.02 38.03
C ILE B 20 35.98 22.10 36.97
N SER B 21 36.97 22.33 36.10
CA SER B 21 36.82 23.25 34.98
C SER B 21 35.94 22.65 33.86
N GLU B 22 35.15 23.46 33.17
CA GLU B 22 34.24 23.03 32.10
C GLU B 22 34.45 23.78 30.78
N TYR B 23 34.18 23.10 29.68
CA TYR B 23 34.38 23.56 28.31
C TYR B 23 33.30 22.93 27.42
N VAL B 24 32.93 23.52 26.30
CA VAL B 24 31.73 23.10 25.55
C VAL B 24 32.09 22.25 24.33
N VAL B 25 31.42 21.10 24.17
CA VAL B 25 31.61 20.19 23.04
C VAL B 25 31.13 20.85 21.74
N ASP B 26 31.99 20.88 20.73
CA ASP B 26 31.67 21.38 19.39
C ASP B 26 32.22 20.43 18.34
N VAL B 27 31.32 19.66 17.72
CA VAL B 27 31.69 18.64 16.73
C VAL B 27 31.77 19.15 15.30
N SER B 28 31.57 20.44 15.09
CA SER B 28 31.47 20.98 13.75
C SER B 28 32.71 20.77 12.89
N TYR B 29 33.87 20.46 13.48
CA TYR B 29 35.12 20.09 12.79
C TYR B 29 35.55 18.63 12.97
N GLY B 30 34.60 17.73 13.27
CA GLY B 30 34.87 16.29 13.36
C GLY B 30 35.34 15.80 14.72
N LEU B 31 35.61 16.69 15.68
CA LEU B 31 35.90 16.30 17.06
C LEU B 31 34.80 15.39 17.60
N GLY B 32 35.19 14.32 18.28
CA GLY B 32 34.24 13.35 18.82
C GLY B 32 33.78 12.28 17.85
N THR B 33 34.19 12.33 16.58
CA THR B 33 33.85 11.30 15.59
C THR B 33 34.98 10.29 15.39
N TYR B 34 34.71 9.19 14.70
CA TYR B 34 35.69 8.15 14.42
C TYR B 34 35.49 7.54 13.03
N TYR B 35 36.54 7.00 12.43
CA TYR B 35 36.44 6.32 11.15
C TYR B 35 35.68 4.99 11.26
N ILE B 36 34.85 4.69 10.28
CA ILE B 36 33.89 3.58 10.34
C ILE B 36 34.55 2.28 9.88
N LEU B 37 34.77 1.34 10.80
CA LEU B 37 35.25 -0.01 10.48
C LEU B 37 36.49 0.01 9.57
N ASP B 38 36.47 -0.71 8.45
CA ASP B 38 37.49 -0.69 7.39
C ASP B 38 37.02 0.05 6.13
N ARG B 39 35.92 0.79 6.21
CA ARG B 39 35.35 1.53 5.09
C ARG B 39 36.11 2.81 4.79
N VAL B 40 36.05 3.24 3.55
CA VAL B 40 36.39 4.58 3.10
C VAL B 40 35.14 5.20 2.49
N TYR B 41 34.92 6.47 2.75
CA TYR B 41 33.93 7.31 2.05
C TYR B 41 34.67 8.49 1.43
N LEU B 42 34.27 8.98 0.26
CA LEU B 42 34.95 10.08 -0.42
C LEU B 42 33.97 11.15 -0.85
N ASN B 43 34.35 12.41 -0.66
CA ASN B 43 33.64 13.61 -1.11
C ASN B 43 32.12 13.53 -0.94
N THR B 44 31.64 13.22 0.26
CA THR B 44 30.23 12.91 0.50
C THR B 44 29.81 13.15 1.94
N THR B 45 28.51 13.26 2.18
CA THR B 45 27.91 13.33 3.51
C THR B 45 27.11 12.08 3.82
N ILE B 46 27.34 11.51 5.01
CA ILE B 46 26.75 10.26 5.48
C ILE B 46 25.94 10.53 6.74
N LEU B 47 24.73 9.98 6.86
CA LEU B 47 24.09 9.84 8.17
C LEU B 47 24.54 8.52 8.79
N PHE B 48 25.10 8.57 9.99
CA PHE B 48 25.63 7.41 10.69
C PHE B 48 25.22 7.43 12.15
N THR B 49 24.88 6.29 12.74
CA THR B 49 24.57 6.19 14.16
C THR B 49 25.68 5.47 14.89
N GLY B 50 26.23 6.08 15.93
CA GLY B 50 27.40 5.56 16.64
C GLY B 50 27.52 6.12 18.05
N TYR B 51 28.57 5.73 18.77
CA TYR B 51 28.84 6.26 20.10
C TYR B 51 29.54 7.61 19.98
N PHE B 52 28.79 8.70 20.09
CA PHE B 52 29.31 10.05 19.92
C PHE B 52 29.04 10.91 21.16
N PRO B 53 29.85 11.95 21.42
CA PRO B 53 29.53 12.96 22.40
C PRO B 53 28.21 13.62 22.06
N LYS B 54 27.52 14.22 23.03
CA LYS B 54 26.40 15.12 22.73
C LYS B 54 26.94 16.51 22.41
N SER B 55 26.69 17.02 21.21
CA SER B 55 27.13 18.39 20.87
C SER B 55 26.46 19.41 21.79
N GLY B 56 27.19 20.42 22.24
CA GLY B 56 26.70 21.40 23.20
C GLY B 56 26.62 20.92 24.65
N ALA B 57 26.95 19.67 24.96
CA ALA B 57 27.26 19.27 26.34
C ALA B 57 28.65 19.76 26.76
N ASN B 58 29.04 19.49 28.00
CA ASN B 58 30.32 19.95 28.54
C ASN B 58 31.35 18.83 28.62
N PHE B 59 32.60 19.16 28.32
CA PHE B 59 33.77 18.46 28.83
C PHE B 59 34.03 18.86 30.28
N ARG B 60 34.57 17.94 31.07
CA ARG B 60 35.12 18.19 32.40
C ARG B 60 36.62 17.96 32.40
N ASP B 61 37.44 18.91 32.82
CA ASP B 61 38.88 18.69 32.94
C ASP B 61 39.19 17.95 34.24
N LEU B 62 39.29 16.62 34.17
CA LEU B 62 39.49 15.79 35.36
C LEU B 62 40.95 15.64 35.76
N SER B 63 41.90 16.24 35.03
CA SER B 63 43.31 16.13 35.40
C SER B 63 43.57 16.82 36.73
N LEU B 64 44.44 16.24 37.55
CA LEU B 64 44.87 16.82 38.82
C LEU B 64 46.40 16.78 38.88
N LYS B 65 47.02 17.90 39.20
CA LYS B 65 48.46 18.01 39.41
C LYS B 65 48.72 18.28 40.88
N GLY B 66 49.54 17.45 41.51
CA GLY B 66 50.02 17.64 42.88
C GLY B 66 51.53 17.89 42.93
N THR B 67 52.05 18.17 44.13
CA THR B 67 53.48 18.40 44.36
C THR B 67 54.05 17.50 45.43
N THR B 68 53.33 17.33 46.54
CA THR B 68 53.74 16.47 47.66
C THR B 68 52.54 15.87 48.37
N TYR B 69 51.58 16.70 48.77
CA TYR B 69 50.39 16.23 49.46
C TYR B 69 49.29 15.79 48.50
N LEU B 70 48.57 14.72 48.86
CA LEU B 70 47.39 14.24 48.14
C LEU B 70 46.15 14.59 48.97
N SER B 71 45.18 15.27 48.37
CA SER B 71 43.89 15.50 49.04
C SER B 71 42.99 14.29 48.93
N THR B 72 42.41 13.82 50.02
CA THR B 72 41.47 12.70 49.98
C THR B 72 40.22 13.02 49.16
N LEU B 73 39.85 14.30 49.03
CA LEU B 73 38.70 14.72 48.22
C LEU B 73 38.91 14.42 46.73
N TRP B 74 40.16 14.31 46.26
CA TRP B 74 40.45 13.95 44.87
C TRP B 74 40.00 12.53 44.52
N TYR B 75 39.71 11.67 45.50
CA TYR B 75 39.37 10.27 45.31
C TYR B 75 37.92 9.96 45.70
N GLN B 76 37.03 10.89 45.37
CA GLN B 76 35.58 10.83 45.61
C GLN B 76 34.83 11.42 44.41
N LYS B 77 33.50 11.33 44.37
CA LYS B 77 32.71 12.14 43.43
C LYS B 77 32.99 13.62 43.69
N PRO B 78 33.06 14.49 42.67
CA PRO B 78 32.73 14.22 41.27
C PRO B 78 33.90 13.70 40.44
N PHE B 79 35.09 13.50 40.98
CA PHE B 79 36.22 13.00 40.19
C PHE B 79 36.03 11.54 39.80
N LEU B 80 35.80 10.66 40.78
CA LEU B 80 35.39 9.28 40.51
C LEU B 80 34.03 9.29 39.82
N SER B 81 33.98 8.91 38.55
CA SER B 81 32.84 9.20 37.67
C SER B 81 32.23 7.95 37.06
N ASP B 82 30.92 7.95 36.83
CA ASP B 82 30.19 6.81 36.27
C ASP B 82 30.50 6.65 34.77
N PHE B 83 30.80 5.42 34.33
CA PHE B 83 31.20 5.15 32.95
C PHE B 83 30.02 5.04 31.97
N ASN B 84 28.90 4.46 32.39
CA ASN B 84 27.71 4.25 31.56
C ASN B 84 28.07 3.59 30.21
N ASN B 85 27.63 4.14 29.07
CA ASN B 85 27.99 3.59 27.77
C ASN B 85 29.47 3.80 27.43
N GLY B 86 30.04 4.95 27.78
CA GLY B 86 31.43 5.27 27.47
C GLY B 86 31.75 6.74 27.64
N ILE B 87 32.98 7.11 27.30
CA ILE B 87 33.53 8.46 27.40
C ILE B 87 34.34 8.81 26.16
N PHE B 88 34.34 10.09 25.81
CA PHE B 88 35.27 10.68 24.86
C PHE B 88 36.25 11.56 25.61
N SER B 89 37.53 11.41 25.34
CA SER B 89 38.60 12.16 25.98
C SER B 89 39.30 13.07 25.00
N ARG B 90 39.53 14.32 25.37
CA ARG B 90 40.46 15.24 24.71
C ARG B 90 41.60 15.51 25.69
N VAL B 91 42.81 15.15 25.33
CA VAL B 91 43.96 15.11 26.25
C VAL B 91 45.05 16.02 25.76
N LYS B 92 45.50 16.97 26.58
CA LYS B 92 46.68 17.78 26.23
C LYS B 92 47.93 16.94 26.42
N ASN B 93 48.80 16.89 25.42
CA ASN B 93 50.13 16.33 25.57
C ASN B 93 51.05 17.36 26.22
N THR B 94 51.33 17.25 27.52
CA THR B 94 52.19 18.21 28.22
C THR B 94 53.65 17.94 27.85
N LYS B 95 54.19 18.74 26.92
CA LYS B 95 55.56 18.62 26.40
C LYS B 95 56.54 19.40 27.28
N LEU B 96 57.29 18.71 28.12
CA LEU B 96 58.38 19.27 28.92
C LEU B 96 59.72 19.17 28.20
N TYR B 97 60.74 19.86 28.70
CA TYR B 97 62.12 19.74 28.20
C TYR B 97 63.12 19.54 29.33
N VAL B 98 64.06 18.62 29.17
CA VAL B 98 65.23 18.44 30.05
C VAL B 98 66.47 18.38 29.16
N ASN B 99 67.50 19.19 29.42
CA ASN B 99 68.66 19.35 28.52
C ASN B 99 68.25 19.54 27.04
N LYS B 100 67.22 20.37 26.81
CA LYS B 100 66.56 20.61 25.51
C LYS B 100 65.97 19.36 24.81
N THR B 101 65.98 18.20 25.46
CA THR B 101 65.31 16.98 24.99
C THR B 101 63.84 17.01 25.39
N LEU B 102 62.93 16.76 24.45
CA LEU B 102 61.50 16.75 24.70
C LEU B 102 61.07 15.51 25.51
N TYR B 103 60.19 15.71 26.49
CA TYR B 103 59.50 14.67 27.23
C TYR B 103 57.99 14.90 27.17
N SER B 104 57.24 13.85 26.85
CA SER B 104 55.77 13.89 26.78
C SER B 104 55.18 13.24 28.01
N GLU B 105 54.33 13.98 28.72
CA GLU B 105 53.61 13.52 29.91
C GLU B 105 52.13 13.85 29.77
N PHE B 106 51.22 13.02 30.27
CA PHE B 106 49.81 13.37 30.49
C PHE B 106 49.17 12.39 31.49
N SER B 107 48.01 12.72 32.02
CA SER B 107 47.38 11.94 33.08
C SER B 107 47.05 10.51 32.65
N THR B 108 47.36 9.53 33.49
CA THR B 108 46.88 8.14 33.36
C THR B 108 45.40 8.06 33.66
N ILE B 109 44.64 7.22 32.96
CA ILE B 109 43.23 6.95 33.25
C ILE B 109 43.05 5.47 33.60
N VAL B 110 42.15 5.18 34.53
CA VAL B 110 41.76 3.82 34.89
C VAL B 110 40.26 3.67 34.71
N ILE B 111 39.82 2.52 34.19
CA ILE B 111 38.41 2.22 33.94
C ILE B 111 38.12 0.87 34.58
N GLY B 112 37.03 0.73 35.33
CA GLY B 112 36.78 -0.48 36.12
C GLY B 112 35.38 -0.52 36.72
N SER B 113 35.23 -1.20 37.85
CA SER B 113 33.97 -1.21 38.61
C SER B 113 34.16 -1.22 40.12
N VAL B 114 35.02 -2.09 40.65
CA VAL B 114 35.32 -2.15 42.10
C VAL B 114 36.79 -1.94 42.43
N PHE B 115 37.69 -1.91 41.44
CA PHE B 115 39.12 -1.61 41.62
C PHE B 115 39.86 -2.53 42.61
N ILE B 116 39.51 -3.81 42.68
CA ILE B 116 40.14 -4.80 43.58
C ILE B 116 40.52 -6.08 42.83
N ASN B 117 41.48 -6.83 43.36
CA ASN B 117 42.13 -7.96 42.71
C ASN B 117 41.29 -9.22 42.45
N ASN B 118 39.95 -9.12 42.47
CA ASN B 118 39.05 -10.13 41.90
C ASN B 118 38.23 -9.59 40.72
N SER B 119 38.62 -8.42 40.19
CA SER B 119 37.97 -7.72 39.09
C SER B 119 39.02 -7.08 38.18
N TYR B 120 38.81 -7.07 36.87
CA TYR B 120 39.75 -6.46 35.94
C TYR B 120 39.59 -4.93 35.91
N THR B 121 40.69 -4.21 36.10
CA THR B 121 40.77 -2.77 35.88
C THR B 121 41.56 -2.53 34.60
N ILE B 122 41.00 -1.80 33.64
CA ILE B 122 41.75 -1.33 32.48
C ILE B 122 42.55 -0.11 32.90
N VAL B 123 43.81 -0.01 32.49
CA VAL B 123 44.67 1.14 32.76
C VAL B 123 45.32 1.59 31.45
N VAL B 124 45.31 2.88 31.19
CA VAL B 124 45.96 3.49 30.02
C VAL B 124 46.96 4.52 30.53
N GLN B 125 48.25 4.25 30.38
CA GLN B 125 49.34 5.05 30.96
C GLN B 125 50.37 5.43 29.90
N PRO B 126 50.73 6.70 29.76
CA PRO B 126 51.80 7.11 28.86
C PRO B 126 53.19 6.90 29.48
N HIS B 127 54.16 6.61 28.63
CA HIS B 127 55.58 6.41 28.89
C HIS B 127 56.38 7.10 27.79
N ASN B 128 56.30 8.43 27.72
CA ASN B 128 57.07 9.28 26.80
C ASN B 128 57.13 8.77 25.35
N GLY B 129 55.96 8.59 24.72
CA GLY B 129 55.81 8.12 23.33
C GLY B 129 55.33 6.68 23.21
N VAL B 130 55.38 5.91 24.28
CA VAL B 130 54.71 4.60 24.38
C VAL B 130 53.48 4.75 25.25
N LEU B 131 52.32 4.35 24.74
CA LEU B 131 51.08 4.25 25.48
C LEU B 131 50.90 2.80 25.93
N GLU B 132 51.19 2.50 27.18
CA GLU B 132 50.95 1.17 27.73
C GLU B 132 49.47 1.02 28.06
N ILE B 133 48.84 -0.06 27.59
CA ILE B 133 47.46 -0.38 27.94
C ILE B 133 47.42 -1.79 28.52
N THR B 134 46.76 -1.96 29.66
CA THR B 134 46.63 -3.24 30.34
C THR B 134 45.24 -3.42 30.92
N ALA B 135 44.83 -4.67 31.16
CA ALA B 135 43.58 -5.00 31.81
C ALA B 135 43.80 -6.19 32.75
N CYS B 136 43.99 -5.90 34.03
CA CYS B 136 44.50 -6.88 35.00
C CYS B 136 43.77 -6.79 36.33
N GLN B 137 43.87 -7.84 37.13
CA GLN B 137 43.34 -7.87 38.50
C GLN B 137 44.24 -7.10 39.48
N TYR B 138 44.51 -5.83 39.22
CA TYR B 138 45.38 -5.00 40.05
C TYR B 138 44.85 -4.83 41.49
N THR B 139 45.74 -4.83 42.48
CA THR B 139 45.45 -4.29 43.82
C THR B 139 45.56 -2.77 43.79
N MET B 140 44.54 -2.08 43.29
CA MET B 140 44.56 -0.61 43.23
C MET B 140 44.70 -0.01 44.64
N CYS B 141 45.54 1.01 44.77
CA CYS B 141 45.71 1.72 46.04
C CYS B 141 44.44 2.47 46.48
N GLU B 142 44.36 2.83 47.75
CA GLU B 142 43.32 3.76 48.25
C GLU B 142 43.39 5.13 47.57
N TYR B 143 44.61 5.64 47.38
CA TYR B 143 44.91 6.96 46.81
C TYR B 143 45.97 6.82 45.70
N PRO B 144 45.59 6.29 44.53
CA PRO B 144 46.54 6.04 43.45
C PRO B 144 47.04 7.34 42.84
N HIS B 145 48.30 7.39 42.39
CA HIS B 145 48.80 8.52 41.62
C HIS B 145 49.99 8.11 40.75
N THR B 146 50.29 8.91 39.74
CA THR B 146 51.53 8.76 38.94
C THR B 146 52.52 9.88 39.27
N ILE B 147 53.70 9.87 38.64
CA ILE B 147 54.74 10.89 38.86
C ILE B 147 55.36 11.35 37.52
N CYS B 148 55.90 12.56 37.48
CA CYS B 148 56.81 12.99 36.42
C CYS B 148 58.07 12.11 36.40
N LYS B 149 58.28 11.33 35.33
CA LYS B 149 59.53 10.58 35.15
C LYS B 149 60.68 11.49 34.72
N SER B 150 60.38 12.52 33.92
CA SER B 150 61.37 13.49 33.42
C SER B 150 61.90 14.41 34.53
N LYS B 151 61.04 15.29 35.06
CA LYS B 151 61.38 16.31 36.07
C LYS B 151 61.40 15.79 37.52
N GLY B 152 61.02 14.53 37.74
CA GLY B 152 60.96 13.92 39.07
C GLY B 152 59.79 14.43 39.94
N SER B 153 59.65 13.83 41.12
CA SER B 153 58.61 14.14 42.10
C SER B 153 59.10 13.91 43.52
N SER B 154 58.49 14.57 44.51
CA SER B 154 58.86 14.43 45.93
C SER B 154 58.42 13.11 46.57
N ARG B 155 57.69 12.26 45.84
CA ARG B 155 57.17 10.97 46.30
C ARG B 155 57.27 9.90 45.21
N ASN B 156 57.44 8.63 45.59
CA ASN B 156 57.51 7.52 44.64
C ASN B 156 56.15 7.29 43.96
N GLU B 157 56.15 6.67 42.78
CA GLU B 157 54.93 6.30 42.08
C GLU B 157 54.25 5.09 42.74
N SER B 158 52.93 5.15 42.94
CA SER B 158 52.17 4.02 43.47
C SER B 158 50.69 4.16 43.12
N TRP B 159 50.20 3.26 42.26
CA TRP B 159 48.76 3.11 42.01
C TRP B 159 48.26 1.68 42.15
N HIS B 160 49.15 0.70 42.23
CA HIS B 160 48.82 -0.68 42.59
C HIS B 160 49.95 -1.31 43.42
N PHE B 161 49.66 -2.36 44.18
CA PHE B 161 50.62 -2.94 45.13
C PHE B 161 51.17 -4.33 44.73
N ASP B 162 50.71 -4.91 43.63
CA ASP B 162 51.02 -6.30 43.24
C ASP B 162 52.53 -6.56 43.14
N LYS B 163 53.05 -7.41 44.03
CA LYS B 163 54.48 -7.79 44.07
C LYS B 163 54.78 -8.96 43.14
N SER B 164 53.92 -9.97 43.16
CA SER B 164 53.77 -10.92 42.07
C SER B 164 53.02 -10.28 40.89
N GLU B 165 53.20 -10.78 39.68
CA GLU B 165 52.47 -10.27 38.52
C GLU B 165 50.98 -10.66 38.60
N PRO B 166 50.02 -9.72 38.51
CA PRO B 166 48.60 -10.05 38.56
C PRO B 166 48.14 -10.68 37.24
N LEU B 167 47.01 -11.40 37.29
CA LEU B 167 46.39 -11.99 36.11
C LEU B 167 45.85 -10.90 35.16
N CYS B 168 46.11 -11.03 33.85
CA CYS B 168 45.74 -10.04 32.84
C CYS B 168 44.95 -10.65 31.67
N LEU B 169 43.88 -9.98 31.24
CA LEU B 169 43.17 -10.30 29.99
C LEU B 169 43.86 -9.68 28.77
N PHE B 170 44.51 -8.53 28.94
CA PHE B 170 45.10 -7.75 27.86
C PHE B 170 46.34 -7.02 28.36
N LYS B 171 47.35 -6.89 27.50
CA LYS B 171 48.57 -6.11 27.74
C LYS B 171 49.22 -5.83 26.39
N LYS B 172 49.23 -4.57 25.95
CA LYS B 172 49.87 -4.13 24.70
C LYS B 172 50.42 -2.71 24.81
N ASN B 173 51.41 -2.40 23.99
CA ASN B 173 51.97 -1.06 23.86
C ASN B 173 51.62 -0.48 22.49
N PHE B 174 51.12 0.75 22.47
CA PHE B 174 50.87 1.50 21.25
C PHE B 174 51.76 2.72 21.20
N THR B 175 52.40 3.02 20.10
CA THR B 175 53.17 4.27 19.97
C THR B 175 52.25 5.45 19.69
N TYR B 176 52.66 6.65 20.09
CA TYR B 176 52.01 7.90 19.70
C TYR B 176 53.06 8.98 19.41
N ASN B 177 52.76 9.91 18.50
CA ASN B 177 53.68 10.98 18.15
C ASN B 177 53.85 11.97 19.33
N VAL B 178 54.99 11.94 20.01
CA VAL B 178 55.28 12.86 21.13
C VAL B 178 55.22 14.35 20.77
N SER B 179 55.29 14.70 19.49
CA SER B 179 55.33 16.11 19.07
C SER B 179 53.97 16.78 19.09
N THR B 180 52.87 16.04 19.05
CA THR B 180 51.53 16.63 18.87
C THR B 180 51.04 17.30 20.14
N ASP B 181 50.11 18.25 20.03
CA ASP B 181 49.60 18.96 21.21
C ASP B 181 48.41 18.28 21.87
N TRP B 182 47.67 17.46 21.13
CA TRP B 182 46.43 16.83 21.58
C TRP B 182 46.36 15.36 21.20
N LEU B 183 45.81 14.55 22.09
CA LEU B 183 45.39 13.18 21.82
C LEU B 183 43.90 13.06 22.08
N TYR B 184 43.21 12.25 21.28
CA TYR B 184 41.78 11.99 21.42
C TYR B 184 41.53 10.51 21.65
N PHE B 185 40.59 10.16 22.52
CA PHE B 185 40.23 8.77 22.78
C PHE B 185 38.73 8.56 22.81
N HIS B 186 38.23 7.47 22.26
CA HIS B 186 36.90 6.93 22.61
C HIS B 186 37.09 5.67 23.43
N PHE B 187 36.49 5.60 24.61
CA PHE B 187 36.37 4.35 25.37
C PHE B 187 34.89 4.05 25.56
N TYR B 188 34.39 2.91 25.09
CA TYR B 188 32.99 2.53 25.32
C TYR B 188 32.81 1.04 25.45
N GLN B 189 31.66 0.62 25.98
CA GLN B 189 31.33 -0.80 26.15
C GLN B 189 30.02 -1.16 25.48
N GLU B 190 29.95 -2.33 24.87
CA GLU B 190 28.74 -2.89 24.28
C GLU B 190 28.74 -4.41 24.47
N ARG B 191 27.61 -5.00 24.88
CA ARG B 191 27.44 -6.46 25.08
C ARG B 191 28.66 -7.11 25.74
N GLY B 192 29.07 -6.61 26.90
CA GLY B 192 30.18 -7.15 27.69
C GLY B 192 31.58 -7.00 27.09
N THR B 193 31.72 -6.23 26.01
CA THR B 193 33.00 -5.99 25.33
C THR B 193 33.39 -4.52 25.42
N PHE B 194 34.61 -4.24 25.83
CA PHE B 194 35.22 -2.91 25.83
C PHE B 194 35.81 -2.57 24.47
N TYR B 195 35.74 -1.31 24.04
CA TYR B 195 36.25 -0.82 22.77
C TYR B 195 37.05 0.45 22.98
N ALA B 196 38.20 0.58 22.32
CA ALA B 196 39.02 1.78 22.37
C ALA B 196 39.29 2.31 20.96
N TYR B 197 39.12 3.60 20.76
CA TYR B 197 39.59 4.31 19.57
C TYR B 197 40.52 5.41 20.01
N TYR B 198 41.53 5.76 19.23
CA TYR B 198 42.37 6.92 19.54
C TYR B 198 42.78 7.69 18.29
N ALA B 199 43.29 8.90 18.48
CA ALA B 199 44.05 9.60 17.46
C ALA B 199 45.08 10.51 18.14
N ASP B 200 46.31 10.52 17.63
CA ASP B 200 47.34 11.48 18.03
C ASP B 200 47.47 12.65 17.05
N SER B 201 46.98 12.50 15.82
CA SER B 201 47.00 13.50 14.76
C SER B 201 45.62 13.61 14.11
N GLY B 202 45.17 14.83 13.88
CA GLY B 202 43.77 15.09 13.53
C GLY B 202 42.80 14.87 14.71
N MET B 203 41.53 15.20 14.52
CA MET B 203 40.48 14.99 15.52
C MET B 203 39.77 13.63 15.42
N PRO B 204 39.37 13.12 14.24
CA PRO B 204 38.68 11.85 14.14
C PRO B 204 39.56 10.70 14.63
N THR B 205 39.06 9.86 15.52
CA THR B 205 39.83 8.72 16.04
C THR B 205 39.72 7.48 15.15
N THR B 206 40.60 6.52 15.37
CA THR B 206 40.64 5.22 14.70
C THR B 206 40.73 4.10 15.72
N PHE B 207 40.22 2.91 15.38
CA PHE B 207 40.12 1.78 16.30
C PHE B 207 41.50 1.30 16.78
N LEU B 208 41.69 1.19 18.09
CA LEU B 208 42.88 0.58 18.69
C LEU B 208 42.68 -0.92 18.92
N PHE B 209 41.75 -1.28 19.81
CA PHE B 209 41.50 -2.66 20.20
C PHE B 209 40.10 -2.84 20.78
N SER B 210 39.63 -4.08 20.82
CA SER B 210 38.46 -4.49 21.56
C SER B 210 38.83 -5.60 22.53
N LEU B 211 38.12 -5.69 23.65
CA LEU B 211 38.46 -6.60 24.73
C LEU B 211 37.20 -7.13 25.39
N TYR B 212 36.94 -8.42 25.26
CA TYR B 212 35.82 -9.03 25.97
C TYR B 212 36.11 -9.09 27.47
N LEU B 213 35.20 -8.58 28.29
CA LEU B 213 35.30 -8.61 29.76
C LEU B 213 34.28 -9.54 30.40
N GLY B 214 33.10 -9.68 29.80
CA GLY B 214 32.02 -10.49 30.37
C GLY B 214 31.37 -9.91 31.61
N THR B 215 31.67 -8.66 31.94
CA THR B 215 31.17 -7.91 33.09
C THR B 215 30.96 -6.46 32.69
N LEU B 216 29.99 -5.79 33.30
CA LEU B 216 29.73 -4.38 33.06
C LEU B 216 30.77 -3.50 33.77
N LEU B 217 31.45 -2.60 33.05
CA LEU B 217 32.24 -1.52 33.66
C LEU B 217 31.30 -0.46 34.21
N SER B 218 31.65 0.18 35.33
CA SER B 218 30.76 1.15 35.98
C SER B 218 31.44 2.46 36.32
N HIS B 219 32.76 2.52 36.43
CA HIS B 219 33.45 3.74 36.86
C HIS B 219 34.73 3.96 36.09
N TYR B 220 35.14 5.21 35.98
CA TYR B 220 36.47 5.59 35.54
C TYR B 220 37.02 6.68 36.43
N TYR B 221 38.34 6.81 36.45
CA TYR B 221 39.00 7.80 37.25
C TYR B 221 40.31 8.22 36.58
N VAL B 222 40.66 9.50 36.66
CA VAL B 222 41.89 10.02 36.06
C VAL B 222 42.88 10.21 37.20
N LEU B 223 44.02 9.54 37.15
CA LEU B 223 44.96 9.54 38.25
C LEU B 223 45.62 10.91 38.42
N PRO B 224 45.68 11.48 39.63
CA PRO B 224 46.51 12.61 39.92
C PRO B 224 47.97 12.33 39.57
N LEU B 225 48.66 13.32 39.02
CA LEU B 225 50.07 13.24 38.69
C LEU B 225 50.85 14.16 39.63
N THR B 226 51.90 13.67 40.27
CA THR B 226 52.74 14.51 41.14
C THR B 226 54.05 14.88 40.44
N CYS B 227 54.41 16.16 40.48
CA CYS B 227 55.54 16.66 39.73
C CYS B 227 56.23 17.83 40.42
N ASN B 228 57.56 17.94 40.31
CA ASN B 228 58.27 19.15 40.74
C ASN B 228 58.04 20.32 39.78
N ALA B 229 57.93 20.06 38.47
CA ALA B 229 57.59 21.03 37.44
C ALA B 229 56.06 21.18 37.27
N ILE B 230 55.61 21.69 36.11
CA ILE B 230 54.20 21.85 35.73
C ILE B 230 53.45 22.76 36.73
N SER B 231 54.00 23.96 36.95
CA SER B 231 53.32 25.05 37.66
C SER B 231 53.92 26.40 37.29
N SER B 232 53.15 27.47 37.38
CA SER B 232 53.54 28.82 36.93
C SER B 232 54.79 29.40 37.62
N ASN B 233 55.17 28.87 38.78
CA ASN B 233 56.38 29.24 39.51
C ASN B 233 57.67 28.55 39.01
N THR B 234 57.59 27.61 38.06
CA THR B 234 58.75 26.88 37.52
C THR B 234 58.73 26.72 36.01
N ASP B 235 57.56 26.47 35.41
CA ASP B 235 57.35 26.50 33.97
C ASP B 235 55.85 26.65 33.67
N ASN B 236 55.48 27.56 32.77
CA ASN B 236 54.08 27.78 32.38
C ASN B 236 53.55 26.62 31.54
N GLU B 237 53.30 25.51 32.20
CA GLU B 237 52.71 24.29 31.66
C GLU B 237 51.71 23.68 32.63
N THR B 238 50.76 22.93 32.07
CA THR B 238 49.62 22.34 32.77
C THR B 238 49.26 21.01 32.15
N LEU B 239 48.65 20.14 32.95
CA LEU B 239 47.94 18.96 32.47
C LEU B 239 46.52 19.38 32.08
N GLN B 240 45.94 18.74 31.07
CA GLN B 240 44.51 18.82 30.80
C GLN B 240 43.99 17.47 30.33
N TYR B 241 42.89 17.00 30.89
CA TYR B 241 42.28 15.74 30.51
C TYR B 241 40.76 15.92 30.48
N TRP B 242 40.26 16.45 29.38
CA TRP B 242 38.86 16.76 29.19
C TRP B 242 38.07 15.50 28.89
N VAL B 243 37.01 15.21 29.64
CA VAL B 243 36.17 14.01 29.43
C VAL B 243 34.71 14.38 29.24
N THR B 244 34.00 13.71 28.34
CA THR B 244 32.55 13.89 28.15
C THR B 244 31.86 12.54 27.90
N PRO B 245 30.61 12.31 28.35
CA PRO B 245 29.91 11.06 28.13
C PRO B 245 29.63 10.77 26.65
N LEU B 246 29.77 9.52 26.24
CA LEU B 246 29.28 9.00 24.98
C LEU B 246 27.83 8.50 25.11
N SER B 247 27.10 8.49 24.00
CA SER B 247 25.81 7.81 23.88
C SER B 247 25.53 7.49 22.42
N LYS B 248 24.57 6.60 22.14
CA LYS B 248 24.22 6.22 20.78
C LYS B 248 23.44 7.35 20.11
N ARG B 249 24.05 8.07 19.16
CA ARG B 249 23.47 9.28 18.52
C ARG B 249 23.63 9.20 17.02
N GLN B 250 22.76 9.89 16.27
CA GLN B 250 22.89 9.99 14.83
C GLN B 250 23.63 11.27 14.46
N TYR B 251 24.69 11.14 13.68
CA TYR B 251 25.50 12.24 13.20
C TYR B 251 25.41 12.31 11.68
N LEU B 252 25.40 13.52 11.14
CA LEU B 252 25.86 13.74 9.76
C LEU B 252 27.39 13.84 9.80
N LEU B 253 28.09 13.07 8.98
CA LEU B 253 29.53 13.13 8.82
C LEU B 253 29.84 13.59 7.40
N LYS B 254 30.77 14.54 7.20
CA LYS B 254 31.25 14.89 5.86
C LYS B 254 32.68 14.41 5.65
N PHE B 255 32.91 13.66 4.58
CA PHE B 255 34.22 13.18 4.17
C PHE B 255 34.71 13.97 2.96
N ASP B 256 35.95 14.43 2.97
CA ASP B 256 36.53 15.13 1.83
C ASP B 256 36.95 14.19 0.70
N ASN B 257 37.54 14.74 -0.37
CA ASN B 257 38.05 13.98 -1.50
C ASN B 257 39.26 13.07 -1.20
N ARG B 258 39.74 13.00 0.04
CA ARG B 258 40.80 12.07 0.49
C ARG B 258 40.38 11.21 1.68
N GLY B 259 39.08 11.20 1.99
CA GLY B 259 38.49 10.31 2.99
C GLY B 259 38.69 10.75 4.43
N VAL B 260 39.12 11.98 4.68
CA VAL B 260 39.18 12.54 6.03
C VAL B 260 37.82 13.08 6.44
N ILE B 261 37.37 12.80 7.66
CA ILE B 261 36.16 13.45 8.21
C ILE B 261 36.50 14.90 8.51
N THR B 262 35.96 15.86 7.76
CA THR B 262 36.28 17.28 7.96
C THR B 262 35.28 18.00 8.86
N ASN B 263 34.03 17.56 8.89
CA ASN B 263 32.95 18.20 9.65
C ASN B 263 31.94 17.19 10.13
N ALA B 264 31.20 17.51 11.18
CA ALA B 264 30.13 16.67 11.67
C ALA B 264 28.99 17.51 12.22
N VAL B 265 27.80 16.92 12.31
CA VAL B 265 26.61 17.55 12.87
C VAL B 265 25.85 16.56 13.73
N ASP B 266 25.66 16.86 15.00
CA ASP B 266 24.82 16.05 15.89
C ASP B 266 23.34 16.39 15.64
N CYS B 267 22.60 15.52 14.96
CA CYS B 267 21.34 15.93 14.34
C CYS B 267 20.30 16.46 15.32
N SER B 268 20.18 15.87 16.52
CA SER B 268 19.20 16.30 17.51
C SER B 268 19.70 17.40 18.46
N SER B 269 20.92 17.88 18.31
CA SER B 269 21.51 18.86 19.24
C SER B 269 20.90 20.27 19.17
N SER B 270 20.37 20.70 18.02
CA SER B 270 19.81 22.05 17.86
C SER B 270 18.91 22.15 16.62
N PHE B 271 18.08 23.18 16.51
CA PHE B 271 17.25 23.38 15.32
C PHE B 271 18.08 23.50 14.05
N PHE B 272 19.19 24.23 14.06
CA PHE B 272 20.00 24.33 12.86
C PHE B 272 20.66 23.00 12.50
N SER B 273 21.06 22.22 13.50
CA SER B 273 21.57 20.86 13.26
C SER B 273 20.52 19.99 12.59
N GLU B 274 19.26 20.14 12.97
CA GLU B 274 18.17 19.40 12.35
C GLU B 274 17.99 19.78 10.88
N ILE B 275 18.06 21.06 10.53
CA ILE B 275 18.00 21.48 9.12
C ILE B 275 19.19 20.94 8.33
N GLN B 276 20.40 20.98 8.90
CA GLN B 276 21.58 20.43 8.26
C GLN B 276 21.42 18.94 7.99
N CYS B 277 20.99 18.14 8.97
CA CYS B 277 20.75 16.72 8.73
C CYS B 277 19.61 16.46 7.75
N LYS B 278 18.50 17.20 7.83
CA LYS B 278 17.37 17.06 6.90
C LYS B 278 17.79 17.27 5.45
N THR B 279 18.63 18.27 5.19
CA THR B 279 19.15 18.55 3.84
C THR B 279 20.44 17.81 3.49
N LYS B 280 21.00 17.04 4.43
CA LYS B 280 22.30 16.35 4.31
C LYS B 280 23.43 17.27 3.83
N SER B 281 23.45 18.52 4.29
CA SER B 281 24.44 19.52 3.87
C SER B 281 24.86 20.41 5.03
N LEU B 282 26.11 20.91 5.01
CA LEU B 282 26.60 21.80 6.07
C LEU B 282 26.04 23.22 5.96
N LEU B 283 25.69 23.66 4.76
CA LEU B 283 25.08 24.96 4.51
C LEU B 283 23.80 24.78 3.69
N PRO B 284 22.65 24.61 4.35
CA PRO B 284 21.36 24.48 3.69
C PRO B 284 21.04 25.65 2.77
N ASN B 285 20.16 25.48 1.79
CA ASN B 285 19.70 26.60 0.97
C ASN B 285 18.86 27.60 1.78
N THR B 286 18.84 28.86 1.37
CA THR B 286 17.96 29.86 1.96
C THR B 286 16.50 29.42 1.79
N GLY B 287 15.72 29.43 2.86
CA GLY B 287 14.35 28.92 2.82
C GLY B 287 13.70 28.86 4.19
N VAL B 288 12.41 28.54 4.22
CA VAL B 288 11.67 28.32 5.47
C VAL B 288 11.44 26.84 5.63
N TYR B 289 11.90 26.29 6.75
CA TYR B 289 11.87 24.88 7.07
C TYR B 289 10.89 24.65 8.22
N ASP B 290 9.88 23.82 8.00
CA ASP B 290 9.01 23.37 9.09
C ASP B 290 9.67 22.18 9.78
N LEU B 291 10.21 22.40 10.96
CA LEU B 291 10.94 21.36 11.70
C LEU B 291 10.01 20.27 12.21
N SER B 292 10.60 19.16 12.67
CA SER B 292 9.84 18.06 13.25
C SER B 292 9.09 18.51 14.50
N GLY B 293 7.90 17.96 14.70
CA GLY B 293 7.04 18.36 15.80
C GLY B 293 7.64 18.00 17.16
N PHE B 294 7.55 18.93 18.10
CA PHE B 294 7.82 18.68 19.51
C PHE B 294 6.52 18.41 20.27
N THR B 295 6.63 17.89 21.49
CA THR B 295 5.53 17.78 22.46
C THR B 295 6.00 18.35 23.79
N VAL B 296 5.17 19.12 24.48
CA VAL B 296 5.49 19.65 25.82
C VAL B 296 5.83 18.49 26.76
N LYS B 297 6.99 18.53 27.42
CA LYS B 297 7.38 17.46 28.36
C LYS B 297 6.48 17.47 29.60
N PRO B 298 6.12 16.32 30.16
CA PRO B 298 5.34 16.27 31.38
C PRO B 298 6.16 16.77 32.56
N VAL B 299 5.60 17.68 33.35
CA VAL B 299 6.31 18.29 34.49
C VAL B 299 6.21 17.47 35.77
N ALA B 300 5.25 16.55 35.83
CA ALA B 300 4.94 15.72 36.99
C ALA B 300 4.34 14.38 36.54
N THR B 301 4.26 13.43 37.46
CA THR B 301 3.54 12.16 37.27
C THR B 301 2.34 12.09 38.19
N VAL B 302 1.19 11.65 37.68
CA VAL B 302 0.00 11.35 38.48
C VAL B 302 -0.18 9.85 38.58
N HIS B 303 -0.18 9.30 39.78
CA HIS B 303 -0.42 7.86 40.00
C HIS B 303 -1.59 7.66 40.93
N ARG B 304 -2.62 6.91 40.52
CA ARG B 304 -3.81 6.63 41.32
C ARG B 304 -4.09 5.13 41.37
N ARG B 305 -4.36 4.62 42.56
CA ARG B 305 -4.73 3.24 42.89
C ARG B 305 -5.71 3.26 44.04
N ILE B 306 -6.63 2.29 44.11
CA ILE B 306 -7.51 2.18 45.28
C ILE B 306 -6.67 1.69 46.46
N PRO B 307 -6.64 2.39 47.60
CA PRO B 307 -5.83 2.01 48.75
C PRO B 307 -6.48 0.89 49.57
N ASP B 308 -5.71 0.27 50.46
CA ASP B 308 -6.20 -0.65 51.50
C ASP B 308 -6.89 -1.93 51.01
N LEU B 309 -6.76 -2.28 49.73
CA LEU B 309 -7.26 -3.55 49.21
C LEU B 309 -6.49 -4.74 49.82
N PRO B 310 -7.15 -5.88 50.08
CA PRO B 310 -6.51 -7.07 50.63
C PRO B 310 -5.62 -7.76 49.60
N ASP B 311 -4.73 -8.66 50.06
CA ASP B 311 -3.97 -9.52 49.15
C ASP B 311 -4.88 -10.55 48.46
N CYS B 312 -4.57 -10.90 47.21
CA CYS B 312 -5.37 -11.86 46.46
C CYS B 312 -5.18 -13.32 46.92
N ASP B 313 -4.09 -13.64 47.65
CA ASP B 313 -3.78 -15.00 48.12
C ASP B 313 -3.70 -16.07 47.02
N ILE B 314 -3.32 -15.68 45.81
CA ILE B 314 -3.31 -16.58 44.65
C ILE B 314 -2.44 -17.81 44.90
N ASP B 315 -1.30 -17.64 45.58
CA ASP B 315 -0.42 -18.75 45.94
C ASP B 315 -1.11 -19.76 46.87
N LYS B 316 -1.97 -19.33 47.80
CA LYS B 316 -2.65 -20.25 48.71
C LYS B 316 -3.61 -21.14 47.96
N TRP B 317 -4.30 -20.60 46.95
CA TRP B 317 -5.20 -21.39 46.12
C TRP B 317 -4.44 -22.31 45.18
N LEU B 318 -3.37 -21.83 44.54
CA LEU B 318 -2.54 -22.68 43.68
C LEU B 318 -1.85 -23.80 44.46
N ASN B 319 -1.38 -23.55 45.69
CA ASN B 319 -0.71 -24.54 46.52
C ASN B 319 -1.66 -25.45 47.32
N ASN B 320 -2.98 -25.34 47.15
CA ASN B 320 -3.92 -26.21 47.84
C ASN B 320 -3.71 -27.67 47.39
N PHE B 321 -3.46 -28.59 48.34
CA PHE B 321 -3.10 -29.97 48.01
C PHE B 321 -4.23 -30.82 47.39
N ASN B 322 -5.49 -30.37 47.41
CA ASN B 322 -6.62 -31.07 46.81
C ASN B 322 -6.76 -30.76 45.31
N VAL B 323 -5.76 -31.13 44.51
CA VAL B 323 -5.65 -30.72 43.10
C VAL B 323 -6.72 -31.41 42.23
N PRO B 324 -7.50 -30.68 41.42
CA PRO B 324 -8.52 -31.27 40.56
C PRO B 324 -7.93 -31.85 39.27
N SER B 325 -8.62 -32.79 38.62
CA SER B 325 -8.23 -33.31 37.31
C SER B 325 -8.64 -32.38 36.16
N PRO B 326 -8.12 -32.54 34.94
CA PRO B 326 -8.58 -31.79 33.79
C PRO B 326 -10.08 -31.94 33.56
N LEU B 327 -10.70 -33.06 33.90
CA LEU B 327 -12.13 -33.24 33.68
C LEU B 327 -12.97 -32.27 34.51
N ASN B 328 -12.58 -32.03 35.76
CA ASN B 328 -13.29 -31.17 36.70
C ASN B 328 -12.47 -29.95 37.08
N TRP B 329 -11.74 -29.37 36.13
CA TRP B 329 -10.86 -28.22 36.37
C TRP B 329 -11.58 -27.10 37.11
N GLU B 330 -10.91 -26.50 38.07
CA GLU B 330 -11.51 -25.51 38.98
C GLU B 330 -11.13 -24.10 38.56
N ARG B 331 -12.07 -23.16 38.71
CA ARG B 331 -11.87 -21.73 38.48
C ARG B 331 -11.93 -20.95 39.78
N LYS B 332 -11.06 -19.97 39.96
CA LYS B 332 -11.21 -18.91 40.95
C LYS B 332 -11.04 -17.54 40.29
N ILE B 333 -11.82 -16.57 40.74
CA ILE B 333 -11.85 -15.22 40.19
C ILE B 333 -11.33 -14.23 41.23
N PHE B 334 -10.31 -13.45 40.89
CA PHE B 334 -9.70 -12.47 41.78
C PHE B 334 -10.00 -11.05 41.32
N SER B 335 -10.62 -10.26 42.19
CA SER B 335 -10.96 -8.86 41.96
C SER B 335 -10.91 -8.05 43.25
N ASN B 336 -10.70 -6.74 43.13
CA ASN B 336 -10.54 -5.83 44.27
C ASN B 336 -9.47 -6.30 45.28
N CYS B 337 -8.32 -6.72 44.78
CA CYS B 337 -7.21 -7.22 45.59
C CYS B 337 -5.86 -6.91 44.94
N ASN B 338 -4.80 -6.84 45.75
CA ASN B 338 -3.43 -6.65 45.29
C ASN B 338 -2.67 -7.97 45.18
N PHE B 339 -1.71 -8.06 44.28
CA PHE B 339 -0.84 -9.23 44.14
C PHE B 339 0.57 -8.84 43.70
N ASN B 340 1.55 -9.72 43.91
CA ASN B 340 2.92 -9.54 43.43
C ASN B 340 3.30 -10.74 42.56
N LEU B 341 3.41 -10.57 41.24
CA LEU B 341 3.72 -11.67 40.35
C LEU B 341 5.09 -12.29 40.70
N SER B 342 6.07 -11.50 41.10
CA SER B 342 7.38 -12.04 41.50
C SER B 342 7.26 -12.98 42.70
N THR B 343 6.63 -12.54 43.79
CA THR B 343 6.40 -13.40 44.96
C THR B 343 5.63 -14.64 44.59
N LEU B 344 4.57 -14.49 43.78
CA LEU B 344 3.76 -15.62 43.37
C LEU B 344 4.59 -16.67 42.65
N LEU B 345 5.41 -16.27 41.68
CA LEU B 345 6.26 -17.20 40.93
C LEU B 345 7.27 -17.92 41.81
N ARG B 346 7.74 -17.33 42.91
CA ARG B 346 8.55 -18.05 43.92
C ARG B 346 7.71 -19.06 44.70
N LEU B 347 6.61 -18.61 45.31
CA LEU B 347 5.86 -19.42 46.28
C LEU B 347 5.23 -20.67 45.69
N VAL B 348 4.97 -20.70 44.39
CA VAL B 348 4.34 -21.85 43.73
C VAL B 348 5.34 -22.84 43.13
N HIS B 349 6.65 -22.62 43.20
CA HIS B 349 7.66 -23.49 42.58
C HIS B 349 7.42 -23.66 41.06
N THR B 350 7.57 -22.55 40.33
CA THR B 350 7.36 -22.49 38.88
C THR B 350 8.34 -23.36 38.10
N ASP B 351 7.86 -24.18 37.18
CA ASP B 351 8.69 -24.87 36.17
C ASP B 351 8.91 -23.97 34.95
N SER B 352 7.82 -23.38 34.44
CA SER B 352 7.83 -22.47 33.29
C SER B 352 6.65 -21.49 33.38
N PHE B 353 6.83 -20.25 32.93
CA PHE B 353 5.79 -19.22 32.83
C PHE B 353 5.89 -18.50 31.48
N SER B 354 4.77 -18.25 30.82
CA SER B 354 4.74 -17.51 29.55
C SER B 354 3.38 -16.90 29.31
N CYS B 355 3.29 -15.91 28.42
CA CYS B 355 2.04 -15.21 28.10
C CYS B 355 1.76 -15.19 26.60
N ASN B 356 0.49 -15.05 26.27
CA ASN B 356 -0.04 -15.02 24.91
C ASN B 356 -0.89 -13.74 24.74
N ASN B 357 -0.72 -13.02 23.63
CA ASN B 357 -1.31 -11.71 23.38
C ASN B 357 -0.99 -10.65 24.46
N PHE B 358 0.05 -10.90 25.26
CA PHE B 358 0.52 -10.10 26.39
C PHE B 358 1.96 -10.48 26.71
N ASP B 359 2.68 -9.70 27.52
CA ASP B 359 4.02 -10.05 27.98
C ASP B 359 4.15 -10.03 29.51
N GLU B 360 4.87 -11.00 30.09
CA GLU B 360 5.09 -11.08 31.54
C GLU B 360 5.66 -9.76 32.09
N SER B 361 6.60 -9.12 31.39
CA SER B 361 7.21 -7.88 31.87
C SER B 361 6.23 -6.72 31.94
N LYS B 362 5.11 -6.81 31.23
CA LYS B 362 4.04 -5.80 31.27
C LYS B 362 3.03 -6.06 32.38
N ILE B 363 3.04 -7.22 33.03
CA ILE B 363 2.13 -7.47 34.15
C ILE B 363 2.54 -6.62 35.36
N TYR B 364 3.84 -6.52 35.63
CA TYR B 364 4.36 -5.78 36.77
C TYR B 364 3.86 -4.32 36.78
N GLY B 365 3.19 -3.92 37.85
CA GLY B 365 2.63 -2.56 38.02
C GLY B 365 1.28 -2.31 37.35
N SER B 366 0.81 -3.19 36.45
CA SER B 366 -0.46 -3.03 35.74
C SER B 366 -1.68 -3.36 36.59
N CYS B 367 -2.86 -2.92 36.18
CA CYS B 367 -4.15 -3.28 36.78
C CYS B 367 -5.05 -4.01 35.78
N PHE B 368 -5.89 -4.90 36.30
CA PHE B 368 -6.85 -5.68 35.54
C PHE B 368 -8.23 -5.59 36.17
N LYS B 369 -9.30 -5.69 35.37
CA LYS B 369 -10.67 -5.71 35.89
C LYS B 369 -10.95 -6.95 36.73
N SER B 370 -10.40 -8.09 36.32
CA SER B 370 -10.28 -9.27 37.16
C SER B 370 -9.20 -10.18 36.60
N ILE B 371 -8.63 -11.03 37.45
CA ILE B 371 -7.79 -12.14 37.01
C ILE B 371 -8.58 -13.40 37.25
N VAL B 372 -8.75 -14.20 36.21
CA VAL B 372 -9.45 -15.47 36.28
C VAL B 372 -8.43 -16.58 36.17
N LEU B 373 -8.41 -17.49 37.13
CA LEU B 373 -7.40 -18.53 37.22
C LEU B 373 -8.05 -19.91 37.20
N ASP B 374 -7.67 -20.72 36.22
CA ASP B 374 -8.15 -22.09 36.06
C ASP B 374 -7.03 -23.08 36.35
N LYS B 375 -7.22 -24.13 37.16
CA LYS B 375 -6.15 -25.09 37.51
C LYS B 375 -6.53 -26.56 37.36
N PHE B 376 -5.57 -27.41 36.98
CA PHE B 376 -5.70 -28.87 37.06
C PHE B 376 -4.35 -29.60 37.07
N ALA B 377 -4.31 -30.82 37.60
CA ALA B 377 -3.14 -31.69 37.51
C ALA B 377 -2.93 -32.18 36.07
N ILE B 378 -1.68 -32.34 35.63
CA ILE B 378 -1.38 -32.76 34.26
C ILE B 378 -1.15 -34.28 34.23
N PRO B 379 -1.93 -35.08 33.49
CA PRO B 379 -1.59 -36.49 33.27
C PRO B 379 -0.30 -36.54 32.43
N ASN B 380 0.76 -37.19 32.91
CA ASN B 380 2.11 -37.08 32.32
C ASN B 380 2.14 -37.30 30.81
N SER B 381 1.55 -38.37 30.31
CA SER B 381 1.53 -38.71 28.88
C SER B 381 0.79 -37.68 28.01
N ARG B 382 -0.06 -36.83 28.58
CA ARG B 382 -0.78 -35.79 27.85
C ARG B 382 -0.13 -34.40 27.93
N ARG B 383 1.06 -34.25 28.52
CA ARG B 383 1.71 -32.94 28.73
C ARG B 383 1.77 -32.07 27.48
N SER B 384 2.07 -32.64 26.33
CA SER B 384 2.16 -31.90 25.06
C SER B 384 0.81 -31.37 24.55
N ASP B 385 -0.33 -31.89 25.02
CA ASP B 385 -1.64 -31.38 24.62
C ASP B 385 -1.88 -29.93 25.05
N LEU B 386 -1.13 -29.42 26.04
CA LEU B 386 -1.28 -28.06 26.55
C LEU B 386 -0.54 -27.00 25.70
N GLN B 387 0.04 -27.37 24.57
CA GLN B 387 0.55 -26.40 23.58
C GLN B 387 -0.61 -25.63 22.94
N LEU B 388 -0.48 -24.31 22.78
CA LEU B 388 -1.54 -23.48 22.21
C LEU B 388 -1.96 -23.97 20.81
N GLY B 389 -3.26 -24.07 20.58
CA GLY B 389 -3.83 -24.56 19.32
C GLY B 389 -3.78 -26.08 19.11
N SER B 390 -3.27 -26.87 20.05
CA SER B 390 -3.24 -28.33 19.92
C SER B 390 -4.65 -28.94 19.88
N SER B 391 -4.84 -30.00 19.10
CA SER B 391 -6.09 -30.79 19.05
C SER B 391 -6.11 -31.97 20.02
N GLY B 392 -5.08 -32.17 20.84
CA GLY B 392 -4.97 -33.30 21.76
C GLY B 392 -6.12 -33.38 22.78
N PHE B 393 -6.30 -34.55 23.39
CA PHE B 393 -7.46 -34.88 24.22
C PHE B 393 -7.75 -33.86 25.32
N LEU B 394 -6.73 -33.26 25.95
CA LEU B 394 -6.96 -32.23 26.97
C LEU B 394 -7.74 -31.04 26.39
N GLN B 395 -7.29 -30.45 25.29
CA GLN B 395 -7.95 -29.28 24.73
C GLN B 395 -9.17 -29.60 23.87
N SER B 396 -9.27 -30.82 23.36
CA SER B 396 -10.48 -31.27 22.66
C SER B 396 -11.64 -31.54 23.61
N SER B 397 -11.37 -32.13 24.79
CA SER B 397 -12.41 -32.72 25.64
C SER B 397 -12.35 -32.34 27.12
N ASN B 398 -11.43 -31.52 27.60
CA ASN B 398 -11.33 -31.19 29.03
C ASN B 398 -11.24 -29.70 29.28
N TYR B 399 -10.28 -29.01 28.66
CA TYR B 399 -10.05 -27.60 28.88
C TYR B 399 -9.43 -26.96 27.65
N LYS B 400 -10.21 -26.21 26.86
CA LYS B 400 -9.68 -25.45 25.73
C LYS B 400 -9.01 -24.18 26.22
N ILE B 401 -7.72 -24.03 26.00
CA ILE B 401 -7.00 -22.78 26.29
C ILE B 401 -7.44 -21.76 25.25
N ASP B 402 -7.98 -20.61 25.67
CA ASP B 402 -8.43 -19.59 24.74
C ASP B 402 -7.25 -18.83 24.13
N THR B 403 -6.98 -19.05 22.85
CA THR B 403 -5.87 -18.40 22.16
C THR B 403 -6.15 -16.94 21.78
N THR B 404 -7.39 -16.47 21.85
CA THR B 404 -7.77 -15.12 21.39
C THR B 404 -7.64 -14.06 22.47
N SER B 405 -7.80 -14.42 23.74
CA SER B 405 -7.68 -13.49 24.88
C SER B 405 -6.25 -13.33 25.37
N SER B 406 -6.00 -12.25 26.10
CA SER B 406 -4.75 -12.05 26.83
C SER B 406 -4.66 -13.01 28.01
N SER B 407 -3.69 -13.92 27.99
CA SER B 407 -3.56 -14.98 28.98
C SER B 407 -2.12 -15.36 29.26
N CYS B 408 -1.85 -16.02 30.39
CA CYS B 408 -0.55 -16.58 30.71
C CYS B 408 -0.67 -17.99 31.25
N GLN B 409 0.21 -18.89 30.83
CA GLN B 409 0.19 -20.28 31.24
C GLN B 409 1.32 -20.54 32.23
N LEU B 410 0.95 -21.06 33.40
CA LEU B 410 1.88 -21.42 34.46
C LEU B 410 1.95 -22.94 34.55
N TYR B 411 3.17 -23.48 34.47
CA TYR B 411 3.45 -24.85 34.83
C TYR B 411 4.20 -24.84 36.15
N TYR B 412 3.72 -25.60 37.12
CA TYR B 412 4.27 -25.63 38.47
C TYR B 412 4.08 -27.00 39.09
N SER B 413 4.59 -27.24 40.30
CA SER B 413 4.47 -28.55 40.90
C SER B 413 4.45 -28.54 42.42
N LEU B 414 3.81 -29.54 43.02
CA LEU B 414 3.70 -29.72 44.47
C LEU B 414 4.32 -31.05 44.90
N PRO B 415 4.86 -31.18 46.11
CA PRO B 415 5.47 -32.41 46.60
C PRO B 415 4.43 -33.53 46.63
N ALA B 416 4.72 -34.64 45.96
CA ALA B 416 3.70 -35.64 45.64
C ALA B 416 3.08 -36.28 46.88
N ILE B 417 3.84 -36.45 47.96
CA ILE B 417 3.33 -37.07 49.19
C ILE B 417 2.18 -36.29 49.84
N ASN B 418 2.07 -34.99 49.59
CA ASN B 418 1.00 -34.16 50.15
C ASN B 418 -0.22 -34.08 49.22
N VAL B 419 -0.02 -34.10 47.91
CA VAL B 419 -1.09 -33.99 46.91
C VAL B 419 -2.07 -35.15 46.99
N THR B 420 -3.36 -34.87 46.88
CA THR B 420 -4.40 -35.86 46.62
C THR B 420 -5.23 -35.41 45.43
N ILE B 421 -5.35 -36.24 44.38
CA ILE B 421 -6.09 -35.84 43.18
C ILE B 421 -7.59 -35.97 43.39
N ASN B 422 -8.33 -34.91 43.13
CA ASN B 422 -9.79 -34.91 43.17
C ASN B 422 -10.37 -35.20 41.78
N ASN B 423 -10.50 -36.48 41.41
CA ASN B 423 -11.24 -36.89 40.21
C ASN B 423 -12.75 -36.83 40.45
N TYR B 424 -13.49 -36.15 39.60
CA TYR B 424 -14.94 -36.00 39.70
C TYR B 424 -15.56 -35.84 38.30
N ASN B 425 -16.78 -36.31 38.06
CA ASN B 425 -17.45 -36.10 36.78
C ASN B 425 -18.47 -34.95 36.93
N PRO B 426 -18.32 -33.84 36.19
CA PRO B 426 -19.23 -32.71 36.29
C PRO B 426 -20.52 -32.86 35.48
N SER B 427 -20.61 -33.85 34.57
CA SER B 427 -21.75 -33.98 33.67
C SER B 427 -23.04 -34.36 34.38
N SER B 428 -24.02 -33.46 34.33
CA SER B 428 -25.34 -33.67 34.93
C SER B 428 -26.06 -34.85 34.30
N TRP B 429 -26.04 -35.02 32.98
CA TRP B 429 -26.75 -36.12 32.34
C TRP B 429 -26.11 -37.47 32.68
N ASN B 430 -24.79 -37.57 32.74
CA ASN B 430 -24.14 -38.78 33.25
C ASN B 430 -24.58 -39.09 34.69
N ARG B 431 -24.58 -38.10 35.58
CA ARG B 431 -24.98 -38.30 36.97
C ARG B 431 -26.44 -38.67 37.13
N ARG B 432 -27.33 -38.19 36.25
CA ARG B 432 -28.75 -38.58 36.27
C ARG B 432 -28.94 -40.08 36.05
N TYR B 433 -28.13 -40.68 35.18
CA TYR B 433 -28.23 -42.09 34.80
C TYR B 433 -27.19 -43.00 35.45
N GLY B 434 -26.79 -42.71 36.68
CA GLY B 434 -26.11 -43.69 37.54
C GLY B 434 -24.60 -43.52 37.72
N PHE B 435 -23.95 -42.55 37.06
CA PHE B 435 -22.53 -42.30 37.34
C PHE B 435 -22.35 -41.74 38.76
N ASN B 436 -21.56 -42.41 39.61
CA ASN B 436 -21.32 -41.98 40.98
C ASN B 436 -19.94 -41.31 41.14
N ASN B 437 -18.87 -42.09 41.03
CA ASN B 437 -17.49 -41.64 41.24
C ASN B 437 -16.48 -42.62 40.63
N PHE B 438 -15.24 -42.17 40.51
CA PHE B 438 -14.10 -42.97 40.10
C PHE B 438 -13.54 -43.80 41.26
N ASN B 439 -12.84 -44.89 40.93
CA ASN B 439 -12.11 -45.73 41.88
C ASN B 439 -10.65 -45.92 41.41
N LEU B 440 -9.78 -44.97 41.72
CA LEU B 440 -8.38 -44.92 41.27
C LEU B 440 -7.42 -44.50 42.38
N SER B 441 -6.11 -44.74 42.16
CA SER B 441 -5.02 -44.37 43.07
C SER B 441 -4.92 -42.88 43.36
N SER B 442 -4.30 -42.51 44.48
CA SER B 442 -4.24 -41.13 44.97
C SER B 442 -3.63 -40.13 43.98
N HIS B 443 -2.68 -40.57 43.15
CA HIS B 443 -2.03 -39.75 42.13
C HIS B 443 -2.54 -39.96 40.70
N SER B 444 -3.53 -40.82 40.48
CA SER B 444 -4.11 -40.99 39.15
C SER B 444 -4.98 -39.80 38.79
N VAL B 445 -4.75 -39.21 37.63
CA VAL B 445 -5.52 -38.09 37.08
C VAL B 445 -6.36 -38.60 35.92
N VAL B 446 -7.69 -38.50 35.98
CA VAL B 446 -8.55 -38.86 34.83
C VAL B 446 -8.61 -37.72 33.82
N TYR B 447 -8.75 -38.04 32.54
CA TYR B 447 -9.05 -37.07 31.49
C TYR B 447 -10.07 -37.70 30.52
N SER B 448 -11.03 -36.90 30.07
CA SER B 448 -11.96 -37.32 29.04
C SER B 448 -11.25 -37.38 27.70
N ARG B 449 -11.50 -38.42 26.91
CA ARG B 449 -10.99 -38.52 25.53
C ARG B 449 -12.02 -37.97 24.56
N TYR B 450 -13.27 -38.39 24.68
CA TYR B 450 -14.34 -37.97 23.79
C TYR B 450 -15.57 -37.54 24.58
N CYS B 451 -16.07 -36.32 24.38
CA CYS B 451 -17.25 -35.80 25.07
C CYS B 451 -18.50 -35.91 24.21
N PHE B 452 -19.61 -36.27 24.83
CA PHE B 452 -20.91 -36.42 24.18
C PHE B 452 -21.98 -35.60 24.88
N SER B 453 -22.85 -35.02 24.09
CA SER B 453 -23.95 -34.15 24.53
C SER B 453 -25.29 -34.72 24.10
N VAL B 454 -26.33 -34.45 24.87
CA VAL B 454 -27.69 -35.00 24.69
C VAL B 454 -28.73 -33.93 24.99
N ASN B 455 -29.90 -34.04 24.37
CA ASN B 455 -31.05 -33.18 24.70
C ASN B 455 -31.52 -33.45 26.14
N ASN B 456 -32.29 -32.54 26.72
CA ASN B 456 -32.89 -32.74 28.04
C ASN B 456 -33.97 -33.86 28.06
N THR B 457 -34.42 -34.34 26.91
CA THR B 457 -35.34 -35.49 26.77
C THR B 457 -34.64 -36.84 26.63
N PHE B 458 -33.31 -36.93 26.61
CA PHE B 458 -32.60 -38.19 26.41
C PHE B 458 -32.78 -39.17 27.58
N CYS B 459 -33.02 -40.45 27.28
CA CYS B 459 -32.93 -41.55 28.22
C CYS B 459 -32.27 -42.77 27.56
N PRO B 460 -31.33 -43.48 28.21
CA PRO B 460 -30.62 -44.59 27.58
C PRO B 460 -31.37 -45.94 27.64
N CYS B 461 -32.48 -46.06 28.37
CA CYS B 461 -33.21 -47.33 28.46
C CYS B 461 -34.25 -47.53 27.35
N ALA B 462 -34.38 -48.76 26.83
CA ALA B 462 -35.49 -49.12 25.93
C ALA B 462 -36.81 -49.28 26.68
N LYS B 463 -37.93 -49.11 25.97
CA LYS B 463 -39.26 -49.19 26.56
C LYS B 463 -39.60 -50.62 26.96
N PRO B 464 -40.02 -50.90 28.21
CA PRO B 464 -40.30 -52.27 28.65
C PRO B 464 -41.35 -53.00 27.80
N SER B 465 -42.35 -52.29 27.28
CA SER B 465 -43.34 -52.88 26.38
C SER B 465 -42.67 -53.43 25.11
N PHE B 466 -41.87 -52.63 24.42
CA PHE B 466 -41.10 -53.05 23.26
C PHE B 466 -40.18 -54.23 23.61
N ALA B 467 -39.42 -54.11 24.70
CA ALA B 467 -38.47 -55.13 25.15
C ALA B 467 -39.15 -56.49 25.42
N SER B 468 -40.39 -56.50 25.94
CA SER B 468 -41.14 -57.74 26.19
C SER B 468 -41.44 -58.54 24.92
N SER B 469 -41.53 -57.88 23.75
CA SER B 469 -41.83 -58.54 22.48
C SER B 469 -40.60 -59.21 21.87
N CYS B 470 -39.41 -58.70 22.18
CA CYS B 470 -38.15 -59.18 21.62
C CYS B 470 -37.83 -60.60 22.11
N LYS B 471 -37.26 -61.43 21.23
CA LYS B 471 -36.76 -62.77 21.58
C LYS B 471 -35.39 -63.11 21.03
N SER B 472 -34.78 -62.19 20.27
CA SER B 472 -33.37 -62.25 19.91
C SER B 472 -32.72 -60.86 20.07
N HIS B 473 -31.55 -60.82 20.72
CA HIS B 473 -30.87 -59.57 21.15
C HIS B 473 -31.82 -58.62 21.89
N LYS B 474 -32.64 -59.13 22.80
CA LYS B 474 -33.56 -58.32 23.61
C LYS B 474 -32.77 -57.23 24.36
N PRO B 475 -33.07 -55.95 24.13
CA PRO B 475 -32.40 -54.85 24.81
C PRO B 475 -32.91 -54.72 26.25
N PRO B 476 -32.06 -54.35 27.22
CA PRO B 476 -32.51 -54.07 28.58
C PRO B 476 -33.44 -52.87 28.63
N SER B 477 -34.30 -52.84 29.65
CA SER B 477 -35.37 -51.84 29.81
C SER B 477 -35.52 -51.41 31.26
N ALA B 478 -36.14 -50.25 31.44
CA ALA B 478 -36.57 -49.70 32.72
C ALA B 478 -37.53 -48.53 32.46
N SER B 479 -38.18 -48.00 33.50
CA SER B 479 -38.92 -46.75 33.37
C SER B 479 -37.96 -45.56 33.18
N CYS B 480 -38.12 -44.80 32.11
CA CYS B 480 -37.41 -43.53 31.92
C CYS B 480 -38.09 -42.39 32.71
N PRO B 481 -37.35 -41.35 33.12
CA PRO B 481 -37.93 -40.19 33.79
C PRO B 481 -39.07 -39.54 32.99
N ILE B 482 -40.04 -38.94 33.68
CA ILE B 482 -41.11 -38.19 33.01
C ILE B 482 -40.54 -37.06 32.14
N GLY B 483 -41.12 -36.85 30.95
CA GLY B 483 -40.62 -35.85 29.99
C GLY B 483 -39.38 -36.27 29.20
N THR B 484 -39.13 -37.58 29.07
CA THR B 484 -37.99 -38.11 28.30
C THR B 484 -38.45 -39.19 27.32
N ASN B 485 -37.64 -39.45 26.29
CA ASN B 485 -37.91 -40.42 25.24
C ASN B 485 -37.05 -41.67 25.44
N TYR B 486 -37.66 -42.85 25.40
CA TYR B 486 -36.95 -44.13 25.49
C TYR B 486 -35.98 -44.32 24.31
N ARG B 487 -35.01 -45.22 24.51
CA ARG B 487 -34.01 -45.62 23.51
C ARG B 487 -34.67 -46.01 22.18
N SER B 488 -34.23 -45.41 21.08
CA SER B 488 -34.75 -45.72 19.75
C SER B 488 -34.40 -47.15 19.34
N CYS B 489 -35.42 -47.97 19.08
CA CYS B 489 -35.32 -49.37 18.70
C CYS B 489 -36.40 -49.79 17.68
N GLU B 490 -36.12 -50.86 16.95
CA GLU B 490 -36.94 -51.41 15.87
C GLU B 490 -36.97 -52.94 15.92
N SER B 491 -38.15 -53.54 15.93
CA SER B 491 -38.30 -54.99 15.72
C SER B 491 -38.11 -55.31 14.24
N THR B 492 -37.20 -56.23 13.93
CA THR B 492 -36.68 -56.45 12.58
C THR B 492 -36.61 -57.94 12.26
N THR B 493 -36.92 -58.33 11.02
CA THR B 493 -36.83 -59.72 10.59
C THR B 493 -35.48 -60.00 9.91
N VAL B 494 -34.64 -60.82 10.53
CA VAL B 494 -33.31 -61.22 10.03
C VAL B 494 -33.11 -62.70 10.26
N LEU B 495 -32.45 -63.40 9.33
CA LEU B 495 -32.21 -64.84 9.40
C LEU B 495 -33.50 -65.64 9.63
N ASP B 496 -34.59 -65.22 8.97
CA ASP B 496 -35.95 -65.74 9.12
C ASP B 496 -36.58 -65.61 10.52
N HIS B 497 -35.94 -64.91 11.46
CA HIS B 497 -36.51 -64.58 12.76
C HIS B 497 -37.56 -63.47 12.62
N THR B 498 -38.60 -63.48 13.47
CA THR B 498 -39.70 -62.50 13.43
C THR B 498 -39.57 -61.35 14.45
N ASP B 499 -38.83 -61.56 15.54
CA ASP B 499 -38.71 -60.63 16.67
C ASP B 499 -37.28 -60.51 17.18
N TRP B 500 -36.34 -60.43 16.23
CA TRP B 500 -35.02 -59.88 16.49
C TRP B 500 -35.12 -58.35 16.62
N CYS B 501 -34.51 -57.79 17.67
CA CYS B 501 -34.63 -56.36 17.95
C CYS B 501 -33.30 -55.63 17.70
N ARG B 502 -33.37 -54.49 17.02
CA ARG B 502 -32.23 -53.61 16.71
C ARG B 502 -32.46 -52.26 17.36
N CYS B 503 -31.41 -51.58 17.80
CA CYS B 503 -31.50 -50.26 18.42
C CYS B 503 -30.36 -49.35 17.95
N SER B 504 -30.48 -48.06 18.24
CA SER B 504 -29.48 -47.03 17.93
C SER B 504 -28.12 -47.20 18.65
N CYS B 505 -27.12 -46.40 18.27
CA CYS B 505 -25.80 -46.30 18.95
C CYS B 505 -24.99 -47.61 19.04
N LEU B 506 -25.18 -48.58 18.15
CA LEU B 506 -24.36 -49.80 18.14
C LEU B 506 -23.02 -49.61 17.42
N PRO B 507 -21.94 -50.25 17.89
CA PRO B 507 -21.83 -51.00 19.14
C PRO B 507 -21.97 -50.13 20.40
N ASP B 508 -21.40 -48.93 20.39
CA ASP B 508 -21.48 -47.92 21.46
C ASP B 508 -21.37 -46.52 20.82
N PRO B 509 -21.72 -45.42 21.50
CA PRO B 509 -21.72 -44.09 20.90
C PRO B 509 -20.33 -43.59 20.46
N ILE B 510 -19.23 -44.17 20.94
CA ILE B 510 -17.88 -43.85 20.46
C ILE B 510 -17.62 -44.58 19.14
N THR B 511 -17.96 -45.86 19.08
CA THR B 511 -17.71 -46.73 17.92
C THR B 511 -18.84 -46.75 16.89
N ALA B 512 -19.92 -45.99 17.12
CA ALA B 512 -21.20 -46.12 16.41
C ALA B 512 -21.06 -46.17 14.88
N TYR B 513 -21.62 -47.20 14.24
CA TYR B 513 -21.57 -47.32 12.77
C TYR B 513 -22.38 -46.24 12.07
N ASP B 514 -23.44 -45.76 12.70
CA ASP B 514 -24.23 -44.63 12.22
C ASP B 514 -24.42 -43.58 13.32
N PRO B 515 -23.49 -42.63 13.46
CA PRO B 515 -23.62 -41.55 14.43
C PRO B 515 -24.85 -40.67 14.21
N ARG B 516 -25.39 -40.62 12.99
CA ARG B 516 -26.53 -39.74 12.66
C ARG B 516 -27.78 -40.11 13.45
N SER B 517 -28.12 -41.39 13.58
CA SER B 517 -29.26 -41.83 14.39
C SER B 517 -29.00 -41.83 15.91
N CYS B 518 -27.74 -41.92 16.34
CA CYS B 518 -27.41 -41.99 17.76
C CYS B 518 -27.74 -40.67 18.49
N SER B 519 -28.45 -40.72 19.62
CA SER B 519 -28.85 -39.51 20.37
C SER B 519 -27.68 -38.82 21.08
N GLN B 520 -26.61 -39.55 21.37
CA GLN B 520 -25.41 -39.02 22.00
C GLN B 520 -24.50 -38.41 20.93
N LYS B 521 -24.39 -37.08 20.87
CA LYS B 521 -23.65 -36.38 19.80
C LYS B 521 -22.25 -36.00 20.25
N LYS B 522 -21.24 -36.33 19.45
CA LYS B 522 -19.83 -35.96 19.70
C LYS B 522 -19.71 -34.44 19.72
N SER B 523 -19.06 -33.86 20.73
CA SER B 523 -19.04 -32.40 20.92
C SER B 523 -17.77 -31.93 21.62
N LEU B 524 -16.98 -31.09 20.95
CA LEU B 524 -15.79 -30.46 21.54
C LEU B 524 -16.16 -29.50 22.66
N VAL B 525 -15.29 -29.34 23.67
CA VAL B 525 -15.55 -28.38 24.75
C VAL B 525 -15.35 -26.93 24.29
N GLY B 526 -16.24 -26.04 24.72
CA GLY B 526 -16.12 -24.59 24.50
C GLY B 526 -15.24 -23.92 25.54
N VAL B 527 -14.74 -22.73 25.24
CA VAL B 527 -13.92 -21.96 26.18
C VAL B 527 -14.74 -21.69 27.46
N GLY B 528 -14.17 -22.00 28.62
CA GLY B 528 -14.82 -21.80 29.91
C GLY B 528 -15.77 -22.92 30.35
N GLU B 529 -15.95 -23.98 29.58
CA GLU B 529 -16.90 -25.06 29.85
C GLU B 529 -16.21 -26.41 30.11
N HIS B 530 -16.83 -27.26 30.92
CA HIS B 530 -16.37 -28.64 31.15
C HIS B 530 -16.91 -29.60 30.09
N CYS B 531 -16.41 -30.84 30.09
CA CYS B 531 -16.91 -31.91 29.23
C CYS B 531 -18.43 -32.08 29.36
N ALA B 532 -19.15 -32.21 28.25
CA ALA B 532 -20.60 -32.42 28.26
C ALA B 532 -21.00 -33.73 28.96
N GLY B 533 -20.16 -34.76 28.87
CA GLY B 533 -20.36 -36.07 29.48
C GLY B 533 -19.64 -37.17 28.71
N PHE B 534 -19.39 -38.29 29.37
CA PHE B 534 -18.91 -39.50 28.75
C PHE B 534 -19.99 -40.16 27.90
N GLY B 535 -19.61 -40.79 26.79
CA GLY B 535 -20.51 -41.65 26.03
C GLY B 535 -20.91 -42.86 26.88
N VAL B 536 -22.20 -43.17 26.96
CA VAL B 536 -22.70 -44.33 27.72
C VAL B 536 -23.10 -45.45 26.77
N ASP B 537 -22.64 -46.67 27.05
CA ASP B 537 -23.06 -47.87 26.35
C ASP B 537 -24.49 -48.24 26.76
N GLU B 538 -25.45 -47.87 25.92
CA GLU B 538 -26.86 -48.04 26.22
C GLU B 538 -27.26 -49.51 26.43
N GLU B 539 -26.49 -50.47 25.91
CA GLU B 539 -26.72 -51.91 26.16
C GLU B 539 -26.41 -52.35 27.60
N LYS B 540 -25.85 -51.47 28.43
CA LYS B 540 -25.60 -51.70 29.87
C LYS B 540 -26.53 -50.87 30.77
N CYS B 541 -27.54 -50.21 30.20
CA CYS B 541 -28.50 -49.38 30.93
C CYS B 541 -29.84 -50.09 31.11
N GLY B 542 -30.39 -50.09 32.33
CA GLY B 542 -31.57 -50.88 32.68
C GLY B 542 -31.25 -52.34 33.00
N VAL B 543 -32.27 -53.21 32.99
CA VAL B 543 -32.13 -54.67 33.18
C VAL B 543 -32.94 -55.44 32.15
N LEU B 544 -32.58 -56.70 31.89
CA LEU B 544 -33.03 -57.45 30.70
C LEU B 544 -34.56 -57.54 30.53
N ASP B 545 -35.31 -57.51 31.64
CA ASP B 545 -36.78 -57.53 31.63
C ASP B 545 -37.39 -56.49 32.60
N GLY B 546 -36.71 -55.36 32.80
CA GLY B 546 -37.12 -54.35 33.78
C GLY B 546 -38.42 -53.64 33.40
N SER B 547 -39.44 -53.76 34.25
CA SER B 547 -40.78 -53.16 34.12
C SER B 547 -40.85 -51.71 34.60
N TYR B 548 -42.03 -51.09 34.50
CA TYR B 548 -42.23 -49.69 34.88
C TYR B 548 -41.97 -49.35 36.35
N ASN B 549 -41.91 -50.34 37.23
CA ASN B 549 -41.56 -50.17 38.64
C ASN B 549 -40.07 -49.95 38.95
N VAL B 550 -39.15 -50.17 38.00
CA VAL B 550 -37.70 -49.92 38.17
C VAL B 550 -37.26 -48.68 37.41
N SER B 551 -36.47 -47.81 38.03
CA SER B 551 -35.92 -46.60 37.40
C SER B 551 -34.72 -46.89 36.50
N CYS B 552 -34.61 -46.18 35.38
CA CYS B 552 -33.48 -46.32 34.47
C CYS B 552 -32.17 -45.79 35.07
N LEU B 553 -31.12 -46.60 35.03
CA LEU B 553 -29.74 -46.20 35.30
C LEU B 553 -28.77 -47.18 34.63
N CYS B 554 -27.50 -46.81 34.55
CA CYS B 554 -26.45 -47.57 33.92
C CYS B 554 -25.39 -47.99 34.93
N SER B 555 -24.76 -49.14 34.71
CA SER B 555 -23.60 -49.57 35.49
C SER B 555 -22.38 -48.68 35.24
N THR B 556 -21.40 -48.68 36.15
CA THR B 556 -20.21 -47.83 36.04
C THR B 556 -19.39 -48.11 34.78
N ASP B 557 -19.26 -49.37 34.38
CA ASP B 557 -18.55 -49.76 33.16
C ASP B 557 -19.27 -49.35 31.87
N ALA B 558 -20.53 -48.90 31.95
CA ALA B 558 -21.23 -48.40 30.77
C ALA B 558 -20.62 -47.08 30.25
N PHE B 559 -19.99 -46.27 31.09
CA PHE B 559 -19.44 -44.98 30.66
C PHE B 559 -18.02 -45.13 30.11
N LEU B 560 -17.83 -44.85 28.82
CA LEU B 560 -16.57 -45.05 28.09
C LEU B 560 -15.91 -43.71 27.72
N GLY B 561 -14.78 -43.75 27.01
CA GLY B 561 -14.18 -42.56 26.41
C GLY B 561 -13.41 -41.69 27.39
N TRP B 562 -12.87 -42.28 28.45
CA TRP B 562 -11.99 -41.63 29.42
C TRP B 562 -10.82 -42.54 29.79
N SER B 563 -9.75 -41.93 30.28
CA SER B 563 -8.47 -42.59 30.58
C SER B 563 -7.79 -41.84 31.72
N TYR B 564 -6.70 -42.38 32.25
CA TYR B 564 -5.97 -41.77 33.35
C TYR B 564 -4.46 -42.00 33.27
N ASP B 565 -3.71 -41.16 33.96
CA ASP B 565 -2.26 -41.29 34.12
C ASP B 565 -1.82 -40.66 35.45
N THR B 566 -0.62 -40.97 35.93
CA THR B 566 -0.06 -40.24 37.07
C THR B 566 0.35 -38.82 36.65
N CYS B 567 0.35 -37.88 37.59
CA CYS B 567 0.97 -36.57 37.43
C CYS B 567 2.40 -36.48 37.96
N VAL B 568 2.92 -37.54 38.58
CA VAL B 568 4.17 -37.47 39.36
C VAL B 568 5.40 -37.56 38.48
N SER B 569 6.35 -36.67 38.69
CA SER B 569 7.72 -36.73 38.17
C SER B 569 8.69 -36.29 39.26
N ASN B 570 9.82 -36.97 39.47
CA ASN B 570 10.83 -36.57 40.47
C ASN B 570 10.25 -36.29 41.88
N ASN B 571 9.28 -37.11 42.32
CA ASN B 571 8.54 -36.94 43.58
C ASN B 571 7.72 -35.64 43.71
N ARG B 572 7.41 -34.95 42.60
CA ARG B 572 6.48 -33.81 42.57
C ARG B 572 5.35 -34.07 41.57
N CYS B 573 4.12 -33.72 41.90
CA CYS B 573 3.00 -33.78 40.96
C CYS B 573 3.00 -32.50 40.10
N ASN B 574 3.03 -32.63 38.77
CA ASN B 574 2.98 -31.49 37.85
C ASN B 574 1.54 -30.96 37.70
N ILE B 575 1.40 -29.64 37.71
CA ILE B 575 0.11 -28.94 37.71
C ILE B 575 0.18 -27.80 36.70
N PHE B 576 -0.93 -27.58 36.00
CA PHE B 576 -1.11 -26.48 35.06
C PHE B 576 -2.10 -25.47 35.63
N SER B 577 -1.88 -24.20 35.39
CA SER B 577 -2.96 -23.22 35.49
C SER B 577 -2.86 -22.15 34.42
N ASN B 578 -4.02 -21.60 34.06
CA ASN B 578 -4.14 -20.58 33.04
C ASN B 578 -4.63 -19.30 33.68
N PHE B 579 -3.80 -18.26 33.65
CA PHE B 579 -4.17 -16.90 34.00
C PHE B 579 -4.89 -16.26 32.83
N ILE B 580 -6.12 -15.82 33.03
CA ILE B 580 -6.88 -15.05 32.05
C ILE B 580 -6.97 -13.62 32.57
N LEU B 581 -6.52 -12.67 31.78
CA LEU B 581 -6.49 -11.26 32.18
C LEU B 581 -7.70 -10.55 31.56
N ASN B 582 -8.68 -10.15 32.36
CA ASN B 582 -9.88 -9.47 31.87
C ASN B 582 -9.75 -7.97 32.10
N GLY B 583 -10.12 -7.16 31.10
CA GLY B 583 -10.09 -5.71 31.24
C GLY B 583 -8.69 -5.19 31.54
N ILE B 584 -7.73 -5.60 30.72
CA ILE B 584 -6.31 -5.24 30.85
C ILE B 584 -6.12 -3.71 30.91
N ASN B 585 -5.13 -3.27 31.66
CA ASN B 585 -4.81 -1.86 31.87
C ASN B 585 -6.01 -1.02 32.36
N SER B 586 -6.80 -1.57 33.29
CA SER B 586 -7.93 -0.90 33.93
C SER B 586 -8.33 -1.63 35.23
N GLY B 587 -9.41 -1.24 35.88
CA GLY B 587 -9.99 -2.02 36.98
C GLY B 587 -9.23 -1.91 38.30
N THR B 588 -9.26 -2.98 39.11
CA THR B 588 -8.84 -2.93 40.52
C THR B 588 -7.95 -4.08 40.97
N THR B 589 -7.79 -5.13 40.17
CA THR B 589 -6.83 -6.20 40.45
C THR B 589 -5.45 -5.74 40.02
N CYS B 590 -4.70 -5.10 40.92
CA CYS B 590 -3.47 -4.41 40.58
C CYS B 590 -2.22 -5.13 41.09
N SER B 591 -1.18 -5.22 40.25
CA SER B 591 0.13 -5.69 40.68
C SER B 591 0.85 -4.62 41.50
N ASN B 592 1.42 -5.00 42.65
CA ASN B 592 2.25 -4.13 43.48
C ASN B 592 3.76 -4.37 43.27
N ASP B 593 4.18 -5.09 42.23
CA ASP B 593 5.61 -5.36 41.99
C ASP B 593 6.45 -4.09 41.74
N LEU B 594 5.82 -2.98 41.34
CA LEU B 594 6.46 -1.69 41.10
C LEU B 594 5.78 -0.57 41.92
N LEU B 595 5.36 -0.89 43.15
CA LEU B 595 4.51 -0.03 43.97
C LEU B 595 5.06 1.39 44.11
N GLN B 596 4.21 2.37 43.83
CA GLN B 596 4.46 3.80 43.95
C GLN B 596 3.34 4.44 44.80
N PRO B 597 3.61 5.51 45.54
CA PRO B 597 2.60 6.15 46.37
C PRO B 597 1.56 6.83 45.48
N ASN B 598 0.29 6.85 45.94
CA ASN B 598 -0.73 7.66 45.29
C ASN B 598 -0.35 9.14 45.37
N THR B 599 -0.22 9.80 44.24
CA THR B 599 -0.05 11.25 44.18
C THR B 599 -1.42 11.92 44.17
N GLU B 600 -1.49 13.22 44.45
CA GLU B 600 -2.69 13.99 44.06
C GLU B 600 -2.82 14.06 42.54
N VAL B 601 -3.99 14.47 42.06
CA VAL B 601 -4.22 14.76 40.64
C VAL B 601 -3.76 16.19 40.36
N PHE B 602 -2.52 16.38 39.90
CA PHE B 602 -2.01 17.70 39.54
C PHE B 602 -2.78 18.27 38.35
N THR B 603 -3.44 19.41 38.51
CA THR B 603 -4.23 20.03 37.44
C THR B 603 -3.46 21.13 36.72
N ASP B 604 -3.96 21.52 35.55
CA ASP B 604 -3.51 22.66 34.75
C ASP B 604 -2.08 22.59 34.19
N VAL B 605 -1.38 21.47 34.38
CA VAL B 605 -0.03 21.22 33.86
C VAL B 605 0.02 19.91 33.10
N CYS B 606 0.89 19.77 32.11
CA CYS B 606 1.04 18.51 31.39
C CYS B 606 1.71 17.46 32.29
N VAL B 607 1.12 16.28 32.40
CA VAL B 607 1.61 15.19 33.25
C VAL B 607 1.53 13.86 32.53
N ASP B 608 2.45 12.96 32.86
CA ASP B 608 2.20 11.54 32.66
C ASP B 608 1.22 11.07 33.73
N TYR B 609 0.32 10.17 33.39
CA TYR B 609 -0.63 9.64 34.36
C TYR B 609 -0.77 8.13 34.26
N ASP B 610 -1.11 7.53 35.38
CA ASP B 610 -1.59 6.16 35.51
C ASP B 610 -2.80 6.18 36.45
N LEU B 611 -3.98 6.30 35.84
CA LEU B 611 -5.25 6.33 36.54
C LEU B 611 -5.80 4.91 36.62
N TYR B 612 -5.59 4.21 37.73
CA TYR B 612 -6.17 2.89 37.95
C TYR B 612 -5.88 1.92 36.79
N GLY B 613 -4.66 1.97 36.25
CA GLY B 613 -4.23 1.15 35.12
C GLY B 613 -4.30 1.87 33.77
N ILE B 614 -5.09 2.93 33.63
CA ILE B 614 -5.18 3.71 32.39
C ILE B 614 -3.99 4.65 32.32
N THR B 615 -2.96 4.27 31.58
CA THR B 615 -1.77 5.09 31.36
C THR B 615 -1.95 6.06 30.20
N GLY B 616 -1.40 7.25 30.29
CA GLY B 616 -1.33 8.18 29.16
C GLY B 616 -0.60 9.47 29.53
N GLN B 617 -0.74 10.50 28.69
CA GLN B 617 -0.15 11.81 28.90
C GLN B 617 -1.17 12.90 28.59
N GLY B 618 -1.28 13.94 29.42
CA GLY B 618 -2.33 14.95 29.25
C GLY B 618 -2.35 16.01 30.35
N ILE B 619 -3.32 16.91 30.29
CA ILE B 619 -3.56 17.99 31.24
C ILE B 619 -4.91 17.75 31.91
N PHE B 620 -4.95 17.66 33.23
CA PHE B 620 -6.21 17.56 33.96
C PHE B 620 -6.77 18.93 34.29
N LYS B 621 -8.08 19.10 34.18
CA LYS B 621 -8.80 20.26 34.71
C LYS B 621 -10.00 19.79 35.51
N GLU B 622 -10.19 20.28 36.73
CA GLU B 622 -11.32 19.88 37.56
C GLU B 622 -12.61 20.55 37.08
N VAL B 623 -13.72 19.83 37.12
CA VAL B 623 -15.05 20.31 36.70
C VAL B 623 -16.12 19.76 37.61
N SER B 624 -17.27 20.41 37.72
CA SER B 624 -18.42 19.88 38.47
C SER B 624 -19.32 19.03 37.57
N ALA B 625 -18.85 17.84 37.20
CA ALA B 625 -19.62 16.92 36.36
C ALA B 625 -20.83 16.33 37.10
N VAL B 626 -21.91 16.05 36.37
CA VAL B 626 -23.16 15.47 36.92
C VAL B 626 -23.62 14.19 36.23
N TYR B 627 -22.96 13.80 35.13
CA TYR B 627 -23.36 12.66 34.31
C TYR B 627 -22.90 11.30 34.85
N TYR B 628 -21.91 11.24 35.74
CA TYR B 628 -21.45 9.96 36.29
C TYR B 628 -22.46 9.34 37.26
N ASN B 629 -23.09 8.22 36.90
CA ASN B 629 -23.85 7.40 37.85
C ASN B 629 -22.95 6.57 38.76
N SER B 630 -23.53 5.89 39.75
CA SER B 630 -22.78 5.12 40.75
C SER B 630 -21.85 4.05 40.16
N TRP B 631 -22.19 3.46 39.02
CA TRP B 631 -21.36 2.45 38.36
C TRP B 631 -20.38 3.01 37.32
N GLN B 632 -20.36 4.33 37.08
CA GLN B 632 -19.60 4.94 36.01
C GLN B 632 -18.46 5.81 36.53
N ASN B 633 -17.28 5.71 35.92
CA ASN B 633 -16.11 6.51 36.33
C ASN B 633 -15.28 7.06 35.17
N LEU B 634 -15.57 6.72 33.92
CA LEU B 634 -14.75 7.13 32.78
C LEU B 634 -15.61 7.79 31.71
N LEU B 635 -15.17 8.92 31.16
CA LEU B 635 -15.86 9.62 30.08
C LEU B 635 -15.10 9.43 28.78
N TYR B 636 -15.79 8.98 27.74
CA TYR B 636 -15.20 8.66 26.44
C TYR B 636 -15.77 9.53 25.34
N ASP B 637 -14.97 9.80 24.32
CA ASP B 637 -15.45 10.40 23.07
C ASP B 637 -15.90 9.32 22.06
N SER B 638 -16.43 9.74 20.92
CA SER B 638 -16.90 8.83 19.88
C SER B 638 -15.81 7.97 19.25
N ASN B 639 -14.54 8.35 19.37
CA ASN B 639 -13.40 7.59 18.87
C ASN B 639 -12.83 6.61 19.90
N GLY B 640 -13.40 6.54 21.11
CA GLY B 640 -12.92 5.63 22.14
C GLY B 640 -11.66 6.11 22.86
N ASN B 641 -11.30 7.39 22.74
CA ASN B 641 -10.31 7.98 23.63
C ASN B 641 -10.97 8.33 24.97
N ILE B 642 -10.25 8.16 26.07
CA ILE B 642 -10.70 8.73 27.34
C ILE B 642 -10.55 10.25 27.31
N ILE B 643 -11.55 10.98 27.79
CA ILE B 643 -11.54 12.45 27.82
C ILE B 643 -11.93 13.02 29.19
N GLY B 644 -12.32 12.19 30.15
CA GLY B 644 -12.62 12.62 31.51
C GLY B 644 -12.69 11.43 32.44
N PHE B 645 -12.63 11.67 33.74
CA PHE B 645 -12.83 10.61 34.73
C PHE B 645 -13.33 11.16 36.06
N LYS B 646 -13.88 10.28 36.88
CA LYS B 646 -14.16 10.52 38.30
C LYS B 646 -13.20 9.70 39.13
N ASP B 647 -12.47 10.34 40.02
CA ASP B 647 -11.47 9.67 40.85
C ASP B 647 -12.12 8.76 41.89
N PHE B 648 -11.83 7.46 41.87
CA PHE B 648 -12.51 6.48 42.73
C PHE B 648 -12.38 6.77 44.22
N VAL B 649 -11.28 7.40 44.66
CA VAL B 649 -11.04 7.67 46.09
C VAL B 649 -11.71 8.95 46.55
N THR B 650 -11.57 10.05 45.82
CA THR B 650 -12.05 11.38 46.23
C THR B 650 -13.40 11.78 45.65
N ASN B 651 -13.93 11.04 44.68
CA ASN B 651 -15.10 11.40 43.87
C ASN B 651 -14.97 12.73 43.11
N LYS B 652 -13.79 13.35 43.06
CA LYS B 652 -13.56 14.56 42.25
C LYS B 652 -13.58 14.21 40.76
N THR B 653 -14.10 15.10 39.94
CA THR B 653 -14.30 14.89 38.51
C THR B 653 -13.43 15.81 37.67
N TYR B 654 -12.71 15.25 36.70
CA TYR B 654 -11.76 15.99 35.87
C TYR B 654 -12.01 15.76 34.39
N ASN B 655 -11.84 16.81 33.59
CA ASN B 655 -11.62 16.68 32.15
C ASN B 655 -10.15 16.42 31.87
N ILE B 656 -9.86 15.65 30.82
CA ILE B 656 -8.52 15.38 30.30
C ILE B 656 -8.36 16.07 28.96
N PHE B 657 -7.29 16.84 28.78
CA PHE B 657 -6.93 17.47 27.51
C PHE B 657 -5.55 17.01 27.06
N PRO B 658 -5.28 16.87 25.75
CA PRO B 658 -3.98 16.45 25.26
C PRO B 658 -2.93 17.53 25.51
N CYS B 659 -1.70 17.15 25.84
CA CYS B 659 -0.60 18.11 25.97
C CYS B 659 -0.28 18.73 24.62
N TYR B 660 0.15 19.99 24.62
CA TYR B 660 0.42 20.69 23.38
C TYR B 660 1.50 20.00 22.54
N ALA B 661 1.25 19.91 21.24
CA ALA B 661 2.20 19.45 20.23
C ALA B 661 2.19 20.40 19.04
N GLY B 662 3.33 20.61 18.41
CA GLY B 662 3.43 21.54 17.29
C GLY B 662 4.82 21.60 16.68
N ARG B 663 4.94 22.29 15.55
CA ARG B 663 6.19 22.48 14.82
C ARG B 663 6.76 23.86 15.10
N VAL B 664 8.03 24.06 14.77
CA VAL B 664 8.65 25.38 14.66
C VAL B 664 8.88 25.67 13.19
N SER B 665 8.44 26.82 12.69
CA SER B 665 8.81 27.28 11.36
C SER B 665 10.11 28.07 11.45
N ALA B 666 11.22 27.51 10.99
CA ALA B 666 12.51 28.17 11.02
C ALA B 666 12.83 28.81 9.67
N ALA B 667 13.09 30.10 9.64
CA ALA B 667 13.56 30.81 8.47
C ALA B 667 15.09 30.90 8.49
N PHE B 668 15.76 30.47 7.42
CA PHE B 668 17.20 30.48 7.31
C PHE B 668 17.68 31.19 6.04
N HIS B 669 18.72 32.01 6.14
CA HIS B 669 19.40 32.60 5.01
C HIS B 669 20.86 32.14 4.94
N GLN B 670 21.36 31.74 3.77
CA GLN B 670 22.73 31.23 3.62
C GLN B 670 23.81 32.19 4.10
N ASN B 671 23.57 33.51 4.07
CA ASN B 671 24.53 34.50 4.56
C ASN B 671 24.48 34.68 6.08
N ALA B 672 23.60 33.97 6.78
CA ALA B 672 23.44 34.05 8.23
C ALA B 672 24.15 32.93 8.99
N SER B 673 24.22 33.08 10.30
CA SER B 673 24.80 32.11 11.25
C SER B 673 23.79 31.58 12.26
N SER B 674 22.51 31.90 12.10
CA SER B 674 21.44 31.57 13.05
C SER B 674 20.09 31.46 12.32
N LEU B 675 19.06 31.00 13.03
CA LEU B 675 17.70 30.88 12.52
C LEU B 675 16.78 31.93 13.12
N ALA B 676 15.88 32.49 12.32
CA ALA B 676 14.70 33.15 12.86
C ALA B 676 13.62 32.09 13.07
N LEU B 677 13.12 31.94 14.29
CA LEU B 677 12.14 30.91 14.63
C LEU B 677 10.76 31.52 14.79
N LEU B 678 9.74 30.92 14.18
CA LEU B 678 8.34 31.26 14.40
C LEU B 678 7.63 30.08 15.05
N TYR B 679 7.09 30.27 16.25
CA TYR B 679 6.20 29.33 16.91
C TYR B 679 4.77 29.72 16.56
N ARG B 680 4.22 29.13 15.50
CA ARG B 680 2.93 29.57 14.94
C ARG B 680 1.82 29.47 15.97
N ASN B 681 1.01 30.52 16.08
CA ASN B 681 -0.15 30.62 16.96
C ASN B 681 0.12 30.52 18.47
N LEU B 682 1.37 30.57 18.91
CA LEU B 682 1.72 30.58 20.32
C LEU B 682 2.16 31.97 20.76
N LYS B 683 1.71 32.43 21.93
CA LYS B 683 2.22 33.67 22.54
C LYS B 683 3.55 33.42 23.23
N CYS B 684 4.44 34.40 23.23
CA CYS B 684 5.80 34.20 23.73
C CYS B 684 5.85 33.84 25.22
N SER B 685 4.93 34.37 26.02
CA SER B 685 4.81 33.97 27.42
C SER B 685 4.57 32.47 27.56
N TYR B 686 3.74 31.88 26.72
CA TYR B 686 3.52 30.44 26.70
C TYR B 686 4.77 29.68 26.27
N VAL B 687 5.46 30.13 25.22
CA VAL B 687 6.66 29.44 24.74
C VAL B 687 7.74 29.42 25.83
N LEU B 688 8.01 30.57 26.44
CA LEU B 688 9.05 30.69 27.46
C LEU B 688 8.68 29.95 28.75
N ASN B 689 7.44 30.02 29.20
CA ASN B 689 7.05 29.35 30.44
C ASN B 689 6.93 27.83 30.28
N ASN B 690 6.37 27.34 29.17
CA ASN B 690 5.94 25.95 29.08
C ASN B 690 6.75 25.11 28.08
N ILE B 691 7.33 25.71 27.04
CA ILE B 691 8.07 24.96 26.02
C ILE B 691 9.58 24.99 26.30
N SER B 692 10.20 26.17 26.27
CA SER B 692 11.64 26.31 26.50
C SER B 692 12.04 27.76 26.76
N LEU B 693 12.94 27.96 27.73
CA LEU B 693 13.63 29.24 27.89
C LEU B 693 14.72 29.39 26.81
N THR B 694 14.98 30.63 26.39
CA THR B 694 16.07 30.95 25.47
C THR B 694 16.57 32.38 25.68
N THR B 695 17.81 32.65 25.29
CA THR B 695 18.44 33.98 25.41
C THR B 695 18.17 34.90 24.22
N GLN B 696 17.65 34.38 23.11
CA GLN B 696 17.34 35.18 21.92
C GLN B 696 16.25 36.22 22.21
N PRO B 697 16.27 37.39 21.56
CA PRO B 697 15.17 38.35 21.65
C PRO B 697 13.94 37.79 20.95
N TYR B 698 12.76 38.22 21.37
CA TYR B 698 11.49 37.70 20.88
C TYR B 698 10.39 38.77 20.87
N PHE B 699 9.33 38.55 20.09
CA PHE B 699 8.11 39.33 20.18
C PHE B 699 6.88 38.57 19.65
N ASP B 700 5.69 38.95 20.09
CA ASP B 700 4.42 38.40 19.61
C ASP B 700 4.01 39.03 18.26
N SER B 701 4.34 38.38 17.15
CA SER B 701 3.81 38.79 15.84
C SER B 701 2.37 38.31 15.67
N TYR B 702 1.69 38.79 14.63
CA TYR B 702 0.37 38.29 14.25
C TYR B 702 0.33 36.77 14.02
N LEU B 703 1.40 36.19 13.46
CA LEU B 703 1.49 34.77 13.17
C LEU B 703 1.81 33.89 14.38
N GLY B 704 2.26 34.49 15.50
CA GLY B 704 2.80 33.76 16.65
C GLY B 704 4.09 34.37 17.17
N CYS B 705 4.70 33.74 18.15
CA CYS B 705 5.94 34.23 18.73
C CYS B 705 7.12 34.08 17.76
N VAL B 706 7.85 35.17 17.51
CA VAL B 706 9.03 35.20 16.64
C VAL B 706 10.28 35.41 17.48
N PHE B 707 11.31 34.60 17.27
CA PHE B 707 12.61 34.69 17.94
C PHE B 707 13.72 35.08 16.97
N ASN B 708 14.71 35.83 17.46
CA ASN B 708 15.91 36.22 16.74
C ASN B 708 15.65 37.08 15.50
N ALA B 709 14.54 37.81 15.44
CA ALA B 709 14.25 38.77 14.39
C ALA B 709 13.67 40.07 14.95
N ASP B 710 14.07 41.20 14.38
CA ASP B 710 13.62 42.53 14.81
C ASP B 710 12.21 42.83 14.29
N ASN B 711 11.30 43.24 15.16
CA ASN B 711 9.94 43.62 14.78
C ASN B 711 9.93 44.92 13.97
N LEU B 712 9.80 44.83 12.65
CA LEU B 712 9.80 45.97 11.73
C LEU B 712 8.63 45.90 10.75
N THR B 713 7.44 45.52 11.20
CA THR B 713 6.27 45.42 10.31
C THR B 713 5.82 46.75 9.71
N ASP B 714 6.27 47.90 10.23
CA ASP B 714 6.08 49.19 9.55
C ASP B 714 6.95 49.35 8.30
N TYR B 715 8.01 48.55 8.17
CA TYR B 715 8.81 48.45 6.95
C TYR B 715 8.17 47.47 5.97
N SER B 716 8.45 47.65 4.68
CA SER B 716 7.85 46.86 3.61
C SER B 716 8.88 46.48 2.55
N VAL B 717 8.78 45.26 2.01
CA VAL B 717 9.64 44.78 0.91
C VAL B 717 8.80 44.26 -0.24
N SER B 718 9.24 44.50 -1.47
CA SER B 718 8.54 44.09 -2.70
C SER B 718 8.91 42.69 -3.18
N SER B 719 10.00 42.12 -2.68
CA SER B 719 10.41 40.74 -2.97
C SER B 719 10.86 40.06 -1.68
N CYS B 720 10.59 38.78 -1.55
CA CYS B 720 10.78 38.05 -0.31
C CYS B 720 11.09 36.58 -0.59
N ALA B 721 12.23 36.09 -0.10
CA ALA B 721 12.60 34.69 -0.18
C ALA B 721 12.03 33.85 0.98
N LEU B 722 11.76 34.46 2.13
CA LEU B 722 11.34 33.79 3.36
C LEU B 722 9.92 34.25 3.73
N ARG B 723 8.93 33.77 3.00
CA ARG B 723 7.52 34.19 3.14
C ARG B 723 6.87 33.44 4.29
N MET B 724 6.46 34.13 5.34
CA MET B 724 5.91 33.48 6.54
C MET B 724 4.40 33.27 6.47
N GLY B 725 3.69 34.09 5.71
CA GLY B 725 2.22 34.08 5.58
C GLY B 725 1.59 35.44 5.88
N SER B 726 0.33 35.64 5.51
CA SER B 726 -0.47 36.83 5.79
C SER B 726 0.23 38.16 5.48
N GLY B 727 1.05 38.20 4.43
CA GLY B 727 1.76 39.42 4.06
C GLY B 727 2.97 39.73 4.95
N PHE B 728 3.56 38.75 5.63
CA PHE B 728 4.77 38.94 6.41
C PHE B 728 5.95 38.14 5.84
N CYS B 729 7.14 38.72 5.95
CA CYS B 729 8.38 38.26 5.38
C CYS B 729 9.49 38.33 6.42
N VAL B 730 10.44 37.41 6.36
CA VAL B 730 11.69 37.54 7.10
C VAL B 730 12.78 38.01 6.13
N ASP B 731 13.44 39.10 6.44
CA ASP B 731 14.45 39.72 5.59
C ASP B 731 15.80 39.75 6.29
N TYR B 732 16.89 39.31 5.65
CA TYR B 732 18.20 39.25 6.27
C TYR B 732 19.16 40.32 5.74
N ASN B 733 19.76 41.10 6.63
CA ASN B 733 20.86 42.02 6.29
C ASN B 733 22.21 41.28 6.22
N SER B 750 21.47 40.88 10.78
CA SER B 750 20.36 40.25 11.50
C SER B 750 19.13 40.02 10.62
N TYR B 751 18.19 39.20 11.10
CA TYR B 751 16.85 39.07 10.52
C TYR B 751 15.92 40.20 10.96
N ARG B 752 15.16 40.75 10.01
CA ARG B 752 14.05 41.67 10.25
C ARG B 752 12.74 41.00 9.90
N PHE B 753 11.73 41.14 10.73
CA PHE B 753 10.38 40.70 10.41
C PHE B 753 9.61 41.88 9.83
N VAL B 754 9.23 41.81 8.56
CA VAL B 754 8.72 42.96 7.79
C VAL B 754 7.51 42.57 6.97
N THR B 755 6.74 43.54 6.49
CA THR B 755 5.61 43.23 5.61
C THR B 755 6.04 42.99 4.18
N PHE B 756 5.29 42.17 3.47
CA PHE B 756 5.51 41.81 2.07
C PHE B 756 4.43 42.48 1.22
N GLU B 757 4.81 43.41 0.34
CA GLU B 757 3.89 44.14 -0.54
C GLU B 757 4.42 44.07 -1.97
N PRO B 758 4.17 42.98 -2.69
CA PRO B 758 4.79 42.74 -4.00
C PRO B 758 4.28 43.68 -5.09
N PHE B 759 3.11 44.30 -4.93
CA PHE B 759 2.48 45.12 -5.96
C PHE B 759 2.08 46.50 -5.45
N ASN B 760 2.24 47.52 -6.28
CA ASN B 760 1.86 48.88 -5.99
C ASN B 760 0.88 49.42 -7.04
N VAL B 761 0.07 50.37 -6.61
CA VAL B 761 -0.59 51.32 -7.48
C VAL B 761 0.43 52.31 -8.06
N SER B 762 0.36 52.63 -9.35
CA SER B 762 1.03 53.81 -9.90
C SER B 762 0.26 55.08 -9.53
N PHE B 763 0.92 56.07 -8.94
CA PHE B 763 0.28 57.31 -8.51
C PHE B 763 0.60 58.49 -9.43
N VAL B 764 -0.41 59.29 -9.73
CA VAL B 764 -0.29 60.60 -10.39
C VAL B 764 -0.92 61.67 -9.50
N ASN B 765 -0.48 62.92 -9.55
CA ASN B 765 -1.02 64.00 -8.71
C ASN B 765 -2.06 64.90 -9.40
N ASP B 766 -2.56 64.50 -10.56
CA ASP B 766 -3.62 65.18 -11.31
C ASP B 766 -4.98 65.17 -10.58
N SER B 767 -5.81 66.18 -10.80
CA SER B 767 -7.11 66.31 -10.15
C SER B 767 -8.12 65.27 -10.60
N ILE B 768 -8.94 64.74 -9.68
CA ILE B 768 -10.05 63.85 -10.03
C ILE B 768 -11.30 64.58 -10.52
N GLU B 769 -11.40 65.88 -10.28
CA GLU B 769 -12.58 66.69 -10.61
C GLU B 769 -12.53 67.23 -12.04
N SER B 770 -13.69 67.42 -12.70
CA SER B 770 -13.73 68.13 -13.97
C SER B 770 -13.72 69.65 -13.75
N VAL B 771 -12.74 70.35 -14.34
CA VAL B 771 -12.69 71.82 -14.33
C VAL B 771 -13.56 72.33 -15.47
N GLY B 772 -14.75 72.84 -15.15
CA GLY B 772 -15.81 72.91 -16.16
C GLY B 772 -16.07 71.51 -16.72
N GLY B 773 -16.07 71.38 -18.04
CA GLY B 773 -16.25 70.09 -18.74
C GLY B 773 -14.99 69.26 -18.95
N LEU B 774 -13.81 69.67 -18.49
CA LEU B 774 -12.53 69.03 -18.84
C LEU B 774 -11.86 68.32 -17.65
N TYR B 775 -11.18 67.20 -17.91
CA TYR B 775 -10.45 66.42 -16.91
C TYR B 775 -8.94 66.48 -17.16
N GLU B 776 -8.12 66.42 -16.12
CA GLU B 776 -6.66 66.32 -16.25
C GLU B 776 -6.22 64.88 -16.54
N ILE B 777 -5.52 64.66 -17.64
CA ILE B 777 -5.00 63.35 -18.06
C ILE B 777 -3.53 63.48 -18.42
N LYS B 778 -2.70 62.52 -18.01
CA LYS B 778 -1.35 62.37 -18.56
C LYS B 778 -1.40 61.57 -19.86
N ILE B 779 -1.07 62.21 -20.98
CA ILE B 779 -0.95 61.56 -22.30
C ILE B 779 0.55 61.42 -22.63
N PRO B 780 1.03 60.27 -23.11
CA PRO B 780 2.42 60.11 -23.52
C PRO B 780 2.85 61.12 -24.59
N THR B 781 4.02 61.70 -24.46
CA THR B 781 4.66 62.53 -25.49
C THR B 781 5.80 61.85 -26.22
N ASN B 782 6.29 60.74 -25.69
CA ASN B 782 7.34 59.95 -26.33
C ASN B 782 7.18 58.48 -25.95
N PHE B 783 7.76 57.56 -26.69
CA PHE B 783 7.59 56.12 -26.47
C PHE B 783 8.77 55.31 -27.00
N THR B 784 8.83 54.06 -26.57
CA THR B 784 9.75 53.04 -27.06
C THR B 784 9.02 51.71 -27.16
N ILE B 785 9.64 50.72 -27.79
CA ILE B 785 9.14 49.35 -27.82
C ILE B 785 9.93 48.54 -26.81
N VAL B 786 9.27 47.77 -25.96
CA VAL B 786 9.91 46.87 -25.00
C VAL B 786 9.59 45.43 -25.33
N GLY B 787 10.56 44.56 -25.13
CA GLY B 787 10.39 43.12 -25.32
C GLY B 787 10.17 42.43 -23.97
N GLN B 788 9.37 41.38 -23.95
CA GLN B 788 9.17 40.54 -22.78
C GLN B 788 9.20 39.07 -23.17
N GLU B 789 9.98 38.26 -22.47
CA GLU B 789 10.06 36.82 -22.69
C GLU B 789 8.95 36.08 -21.95
N GLU B 790 8.43 35.00 -22.51
CA GLU B 790 7.52 34.10 -21.81
C GLU B 790 7.77 32.67 -22.26
N PHE B 791 8.38 31.86 -21.42
CA PHE B 791 8.46 30.42 -21.65
C PHE B 791 7.16 29.74 -21.26
N ILE B 792 6.59 28.92 -22.14
CA ILE B 792 5.46 28.05 -21.82
C ILE B 792 5.88 26.61 -22.05
N GLN B 793 5.82 25.78 -21.01
CA GLN B 793 6.10 24.37 -21.13
C GLN B 793 5.02 23.67 -21.95
N THR B 794 5.40 22.88 -22.93
CA THR B 794 4.47 22.10 -23.76
C THR B 794 4.79 20.60 -23.76
N ASN B 795 5.91 20.21 -23.19
CA ASN B 795 6.39 18.83 -23.18
C ASN B 795 7.08 18.53 -21.85
N SER B 796 7.42 17.27 -21.59
CA SER B 796 8.23 16.90 -20.43
C SER B 796 9.04 15.64 -20.75
N PRO B 797 10.12 15.33 -20.02
CA PRO B 797 10.85 14.09 -20.19
C PRO B 797 9.92 12.87 -20.15
N LYS B 798 9.91 12.05 -21.21
CA LYS B 798 9.13 10.81 -21.28
C LYS B 798 9.77 9.72 -20.41
N VAL B 799 9.47 9.72 -19.13
CA VAL B 799 9.98 8.69 -18.22
C VAL B 799 9.34 7.35 -18.54
N THR B 800 10.15 6.30 -18.57
CA THR B 800 9.70 4.90 -18.70
C THR B 800 10.35 4.06 -17.62
N ILE B 801 9.59 3.15 -17.03
CA ILE B 801 10.04 2.29 -15.95
C ILE B 801 9.89 0.84 -16.39
N ASP B 802 10.93 0.01 -16.29
CA ASP B 802 10.71 -1.45 -16.26
C ASP B 802 10.41 -1.88 -14.83
N CYS B 803 9.12 -2.06 -14.53
CA CYS B 803 8.69 -2.46 -13.20
C CYS B 803 9.38 -3.72 -12.71
N SER B 804 9.59 -4.72 -13.57
CA SER B 804 10.24 -5.96 -13.17
C SER B 804 11.71 -5.74 -12.82
N LEU B 805 12.45 -4.99 -13.64
CA LEU B 805 13.86 -4.72 -13.39
C LEU B 805 14.05 -3.80 -12.18
N PHE B 806 13.18 -2.82 -11.98
CA PHE B 806 13.21 -1.95 -10.82
C PHE B 806 12.92 -2.72 -9.53
N VAL B 807 11.83 -3.47 -9.48
CA VAL B 807 11.45 -4.17 -8.25
C VAL B 807 12.43 -5.28 -7.90
N CYS B 808 12.84 -6.12 -8.87
CA CYS B 808 13.60 -7.33 -8.60
C CYS B 808 15.04 -7.40 -9.12
N SER B 809 15.51 -6.46 -9.93
CA SER B 809 16.85 -6.54 -10.53
C SER B 809 17.06 -7.90 -11.22
N ASN B 810 18.24 -8.51 -11.07
CA ASN B 810 18.62 -9.77 -11.71
C ASN B 810 18.12 -11.04 -10.96
N TYR B 811 17.45 -10.91 -9.81
CA TYR B 811 17.25 -12.02 -8.87
C TYR B 811 16.03 -12.90 -9.17
N ALA B 812 16.26 -14.15 -9.57
CA ALA B 812 15.19 -15.09 -9.91
C ALA B 812 14.21 -15.33 -8.77
N ALA B 813 14.68 -15.47 -7.54
CA ALA B 813 13.81 -15.67 -6.38
C ALA B 813 12.84 -14.50 -6.16
N CYS B 814 13.25 -13.29 -6.49
CA CYS B 814 12.36 -12.14 -6.46
C CYS B 814 11.37 -12.17 -7.63
N HIS B 815 11.82 -12.45 -8.86
CA HIS B 815 10.91 -12.52 -10.01
C HIS B 815 9.80 -13.55 -9.82
N ASP B 816 10.11 -14.68 -9.20
CA ASP B 816 9.09 -15.67 -8.84
C ASP B 816 8.02 -15.07 -7.93
N LEU B 817 8.40 -14.45 -6.81
CA LEU B 817 7.44 -13.84 -5.89
C LEU B 817 6.68 -12.68 -6.52
N LEU B 818 7.35 -11.85 -7.31
CA LEU B 818 6.71 -10.74 -8.01
C LEU B 818 5.64 -11.23 -8.98
N SER B 819 5.84 -12.39 -9.62
CA SER B 819 4.82 -12.94 -10.52
C SER B 819 3.51 -13.27 -9.80
N GLU B 820 3.52 -13.52 -8.49
CA GLU B 820 2.29 -13.76 -7.72
C GLU B 820 1.48 -12.48 -7.41
N TYR B 821 2.07 -11.31 -7.63
CA TYR B 821 1.36 -10.04 -7.66
C TYR B 821 0.73 -9.75 -9.04
N GLY B 822 0.96 -10.61 -10.04
CA GLY B 822 0.28 -10.57 -11.33
C GLY B 822 0.29 -9.21 -12.02
N THR B 823 -0.90 -8.65 -12.23
CA THR B 823 -1.11 -7.46 -13.07
C THR B 823 -0.52 -6.16 -12.53
N PHE B 824 0.15 -6.11 -11.37
CA PHE B 824 0.68 -4.85 -10.86
C PHE B 824 1.68 -4.20 -11.81
N CYS B 825 2.73 -4.92 -12.24
CA CYS B 825 3.65 -4.36 -13.20
C CYS B 825 3.00 -4.04 -14.56
N ASP B 826 2.04 -4.84 -15.00
CA ASP B 826 1.29 -4.57 -16.22
C ASP B 826 0.49 -3.27 -16.13
N ASN B 827 -0.07 -2.95 -14.96
CA ASN B 827 -0.78 -1.69 -14.75
C ASN B 827 0.18 -0.51 -14.76
N ILE B 828 1.33 -0.61 -14.10
CA ILE B 828 2.34 0.45 -14.10
C ILE B 828 2.80 0.74 -15.52
N ASN B 829 3.13 -0.30 -16.30
CA ASN B 829 3.55 -0.11 -17.69
C ASN B 829 2.42 0.50 -18.53
N SER B 830 1.18 0.06 -18.35
CA SER B 830 0.05 0.57 -19.14
C SER B 830 -0.24 2.04 -18.86
N ILE B 831 -0.19 2.48 -17.60
CA ILE B 831 -0.40 3.90 -17.29
C ILE B 831 0.73 4.75 -17.85
N LEU B 832 1.99 4.34 -17.69
CA LEU B 832 3.09 5.12 -18.25
C LEU B 832 3.06 5.15 -19.78
N ASP B 833 2.64 4.08 -20.45
CA ASP B 833 2.48 4.11 -21.90
C ASP B 833 1.35 5.05 -22.35
N GLU B 834 0.26 5.13 -21.62
CA GLU B 834 -0.79 6.12 -21.86
C GLU B 834 -0.28 7.54 -21.68
N VAL B 835 0.37 7.84 -20.56
CA VAL B 835 0.99 9.14 -20.30
C VAL B 835 1.95 9.54 -21.42
N ASN B 836 2.87 8.68 -21.80
CA ASN B 836 3.81 9.00 -22.85
C ASN B 836 3.11 9.18 -24.21
N GLY B 837 2.03 8.47 -24.48
CA GLY B 837 1.22 8.69 -25.68
C GLY B 837 0.48 10.03 -25.69
N LEU B 838 0.04 10.52 -24.54
CA LEU B 838 -0.52 11.86 -24.37
C LEU B 838 0.51 12.94 -24.66
N LEU B 839 1.74 12.79 -24.15
CA LEU B 839 2.84 13.72 -24.48
C LEU B 839 3.14 13.73 -25.97
N ASP B 840 3.28 12.57 -26.60
CA ASP B 840 3.53 12.49 -28.04
C ASP B 840 2.43 13.15 -28.87
N THR B 841 1.18 12.86 -28.55
CA THR B 841 0.04 13.48 -29.25
C THR B 841 0.03 14.99 -29.05
N THR B 842 0.36 15.46 -27.86
CA THR B 842 0.46 16.89 -27.58
C THR B 842 1.56 17.54 -28.40
N GLN B 843 2.75 16.94 -28.47
CA GLN B 843 3.84 17.51 -29.26
C GLN B 843 3.47 17.60 -30.75
N LEU B 844 2.78 16.60 -31.30
CA LEU B 844 2.27 16.69 -32.67
C LEU B 844 1.28 17.83 -32.85
N HIS B 845 0.35 18.02 -31.91
CA HIS B 845 -0.64 19.08 -32.03
C HIS B 845 -0.01 20.48 -31.96
N VAL B 846 1.04 20.65 -31.16
CA VAL B 846 1.81 21.90 -31.12
C VAL B 846 2.53 22.14 -32.43
N ALA B 847 3.22 21.15 -32.98
CA ALA B 847 3.89 21.30 -34.27
C ALA B 847 2.90 21.61 -35.40
N ASP B 848 1.75 20.94 -35.42
CA ASP B 848 0.68 21.23 -36.37
C ASP B 848 0.22 22.68 -36.25
N THR B 849 0.03 23.16 -35.02
CA THR B 849 -0.35 24.55 -34.77
C THR B 849 0.70 25.53 -35.28
N LEU B 850 1.99 25.25 -35.12
CA LEU B 850 3.04 26.11 -35.68
C LEU B 850 2.99 26.13 -37.20
N MET B 851 2.85 24.98 -37.85
CA MET B 851 2.90 24.87 -39.32
C MET B 851 1.60 25.27 -40.02
N GLN B 852 0.47 25.33 -39.31
CA GLN B 852 -0.83 25.63 -39.90
C GLN B 852 -0.81 26.93 -40.71
N GLY B 853 -1.21 26.83 -41.98
CA GLY B 853 -1.30 27.96 -42.91
C GLY B 853 0.02 28.53 -43.43
N VAL B 854 1.18 28.04 -43.00
CA VAL B 854 2.47 28.61 -43.43
C VAL B 854 2.73 28.36 -44.90
N THR B 855 2.89 29.42 -45.68
CA THR B 855 3.27 29.35 -47.09
C THR B 855 4.54 30.16 -47.33
N LEU B 856 5.60 29.56 -47.87
CA LEU B 856 6.87 30.24 -48.11
C LEU B 856 7.24 30.21 -49.58
N SER B 857 7.96 31.22 -50.04
CA SER B 857 8.51 31.18 -51.39
C SER B 857 9.67 30.19 -51.50
N SER B 858 9.71 29.36 -52.53
CA SER B 858 10.84 28.48 -52.82
C SER B 858 12.11 29.25 -53.16
N ASN B 859 12.02 30.53 -53.52
CA ASN B 859 13.18 31.39 -53.73
C ASN B 859 13.84 31.83 -52.41
N LEU B 860 13.19 31.61 -51.27
CA LEU B 860 13.68 32.08 -49.97
C LEU B 860 14.93 31.31 -49.54
N ASN B 861 15.99 32.05 -49.22
CA ASN B 861 17.26 31.50 -48.76
C ASN B 861 17.82 32.39 -47.64
N THR B 862 17.76 31.90 -46.40
CA THR B 862 18.03 32.70 -45.19
C THR B 862 19.50 33.10 -45.03
N ASN B 863 20.40 32.50 -45.82
CA ASN B 863 21.80 32.90 -45.89
C ASN B 863 22.00 34.31 -46.48
N LEU B 864 21.02 34.82 -47.25
CA LEU B 864 21.07 36.16 -47.85
C LEU B 864 19.90 37.07 -47.42
N HIS B 865 18.72 36.50 -47.17
CA HIS B 865 17.54 37.27 -46.76
C HIS B 865 17.28 37.09 -45.27
N PHE B 866 17.54 38.14 -44.48
CA PHE B 866 17.44 38.09 -43.02
C PHE B 866 17.03 39.43 -42.36
N ASP B 867 16.89 40.51 -43.12
CA ASP B 867 16.34 41.77 -42.63
C ASP B 867 15.49 42.44 -43.70
N VAL B 868 14.49 43.22 -43.28
CA VAL B 868 13.61 43.97 -44.17
C VAL B 868 13.08 45.20 -43.45
N ASP B 869 12.86 46.31 -44.17
CA ASP B 869 12.32 47.54 -43.59
C ASP B 869 13.09 48.05 -42.35
N ASN B 870 14.40 47.84 -42.33
CA ASN B 870 15.32 48.11 -41.22
C ASN B 870 15.17 47.20 -39.99
N ILE B 871 14.30 46.20 -40.00
CA ILE B 871 14.14 45.25 -38.89
C ILE B 871 14.95 43.99 -39.18
N ASN B 872 15.79 43.59 -38.23
CA ASN B 872 16.73 42.48 -38.40
C ASN B 872 16.20 41.23 -37.71
N PHE B 873 15.95 40.16 -38.47
CA PHE B 873 15.49 38.88 -37.94
C PHE B 873 16.60 37.82 -37.94
N LYS B 874 17.83 38.14 -38.32
CA LYS B 874 18.90 37.16 -38.53
C LYS B 874 19.05 36.19 -37.36
N SER B 875 19.00 36.68 -36.14
CA SER B 875 19.16 35.82 -34.96
C SER B 875 17.97 34.89 -34.71
N LEU B 876 16.78 35.20 -35.21
CA LEU B 876 15.57 34.41 -35.02
C LEU B 876 15.37 33.31 -36.06
N VAL B 877 16.21 33.27 -37.10
CA VAL B 877 16.02 32.39 -38.25
C VAL B 877 17.21 31.45 -38.44
N GLY B 878 16.97 30.15 -38.43
CA GLY B 878 18.00 29.16 -38.74
C GLY B 878 18.16 28.88 -40.24
N CYS B 879 18.81 27.76 -40.56
CA CYS B 879 18.81 27.22 -41.92
C CYS B 879 17.40 26.78 -42.37
N LEU B 880 16.97 27.20 -43.56
CA LEU B 880 15.66 26.84 -44.12
C LEU B 880 15.80 25.79 -45.22
N GLY B 881 14.97 24.73 -45.15
CA GLY B 881 15.01 23.58 -46.05
C GLY B 881 15.93 22.46 -45.54
N PRO B 882 15.63 21.17 -45.85
CA PRO B 882 16.33 20.02 -45.28
C PRO B 882 17.75 19.84 -45.85
N HIS B 883 18.10 20.53 -46.94
CA HIS B 883 19.44 20.48 -47.55
C HIS B 883 20.56 21.01 -46.65
N CYS B 884 20.24 21.82 -45.64
CA CYS B 884 21.19 22.26 -44.60
C CYS B 884 21.26 21.31 -43.39
N GLY B 885 20.44 20.26 -43.35
CA GLY B 885 20.40 19.29 -42.24
C GLY B 885 19.79 19.83 -40.94
N SER B 886 20.27 19.34 -39.80
CA SER B 886 19.76 19.71 -38.46
C SER B 886 20.10 21.14 -38.01
N SER B 887 20.91 21.88 -38.77
CA SER B 887 21.33 23.27 -38.50
C SER B 887 20.19 24.30 -38.57
N SER B 888 18.94 23.88 -38.74
CA SER B 888 17.76 24.76 -38.75
C SER B 888 17.48 25.47 -37.42
N ARG B 889 18.23 25.20 -36.33
CA ARG B 889 18.11 25.96 -35.08
C ARG B 889 18.65 27.37 -35.24
N SER B 890 17.90 28.38 -34.81
CA SER B 890 18.32 29.78 -34.93
C SER B 890 19.42 30.17 -33.93
N PHE B 891 20.10 31.30 -34.13
CA PHE B 891 21.07 31.79 -33.15
C PHE B 891 20.44 32.03 -31.77
N PHE B 892 19.21 32.55 -31.74
CA PHE B 892 18.45 32.76 -30.52
C PHE B 892 18.18 31.43 -29.82
N GLU B 893 17.71 30.41 -30.55
CA GLU B 893 17.44 29.10 -29.99
C GLU B 893 18.74 28.41 -29.56
N ASP B 894 19.83 28.51 -30.31
CA ASP B 894 21.14 28.01 -29.91
C ASP B 894 21.59 28.61 -28.57
N LEU B 895 21.52 29.93 -28.43
CA LEU B 895 21.87 30.64 -27.21
C LEU B 895 21.02 30.18 -26.01
N LEU B 896 19.78 29.76 -26.24
CA LEU B 896 18.89 29.26 -25.20
C LEU B 896 19.15 27.79 -24.86
N PHE B 897 19.35 26.93 -25.86
CA PHE B 897 19.62 25.50 -25.66
C PHE B 897 20.98 25.26 -25.01
N ASP B 898 22.01 26.05 -25.32
CA ASP B 898 23.34 25.86 -24.72
C ASP B 898 23.39 25.98 -23.19
N LYS B 899 22.38 26.61 -22.58
CA LYS B 899 22.29 26.80 -21.12
C LYS B 899 21.48 25.73 -20.40
N VAL B 900 21.09 24.65 -21.08
CA VAL B 900 20.33 23.53 -20.51
C VAL B 900 20.92 22.22 -20.98
N LYS B 901 21.67 21.52 -20.14
CA LYS B 901 22.39 20.31 -20.57
C LYS B 901 21.43 19.19 -20.97
N LEU B 902 20.43 18.90 -20.15
CA LEU B 902 19.51 17.78 -20.36
C LEU B 902 18.29 18.13 -21.24
N SER B 903 18.52 18.64 -22.44
CA SER B 903 17.53 18.59 -23.51
C SER B 903 17.38 17.16 -24.05
N ASP B 904 16.59 16.94 -25.10
CA ASP B 904 16.47 15.63 -25.74
C ASP B 904 17.83 15.09 -26.19
N VAL B 905 18.64 15.87 -26.90
CA VAL B 905 19.98 15.44 -27.32
C VAL B 905 20.90 15.27 -26.12
N GLY B 906 20.69 16.02 -25.04
CA GLY B 906 21.42 15.86 -23.80
C GLY B 906 21.16 14.51 -23.14
N PHE B 907 19.90 14.08 -23.07
CA PHE B 907 19.59 12.75 -22.56
C PHE B 907 20.17 11.67 -23.48
N VAL B 908 20.04 11.78 -24.80
CA VAL B 908 20.62 10.79 -25.70
C VAL B 908 22.13 10.69 -25.52
N GLU B 909 22.86 11.79 -25.42
CA GLU B 909 24.30 11.73 -25.18
C GLU B 909 24.65 11.18 -23.79
N ALA B 910 23.90 11.51 -22.75
CA ALA B 910 24.17 10.97 -21.43
C ALA B 910 24.04 9.45 -21.40
N TYR B 911 22.94 8.90 -21.96
CA TYR B 911 22.80 7.46 -22.02
C TYR B 911 23.81 6.81 -22.97
N ASN B 912 24.23 7.47 -24.06
CA ASN B 912 25.29 6.93 -24.91
C ASN B 912 26.59 6.72 -24.14
N ASN B 913 26.87 7.54 -23.13
CA ASN B 913 28.11 7.44 -22.37
C ASN B 913 28.10 6.32 -21.31
N CYS B 914 26.98 5.64 -21.05
CA CYS B 914 26.92 4.64 -19.98
C CYS B 914 27.77 3.37 -20.24
N THR B 915 28.08 3.04 -21.49
CA THR B 915 28.99 1.95 -21.85
C THR B 915 30.34 2.44 -22.37
N GLY B 916 30.67 3.73 -22.20
CA GLY B 916 31.94 4.33 -22.65
C GLY B 916 33.15 3.96 -21.78
N GLY B 917 32.95 3.25 -20.67
CA GLY B 917 34.03 2.82 -19.78
C GLY B 917 34.58 3.90 -18.84
N SER B 918 33.96 5.09 -18.81
CA SER B 918 34.42 6.22 -17.99
C SER B 918 34.35 5.93 -16.50
N GLU B 919 35.31 6.47 -15.73
CA GLU B 919 35.32 6.40 -14.27
C GLU B 919 34.22 7.25 -13.61
N ILE B 920 33.57 8.15 -14.37
CA ILE B 920 32.47 8.98 -13.87
C ILE B 920 31.20 8.15 -13.66
N ARG B 921 30.62 8.25 -12.46
CA ARG B 921 29.41 7.51 -12.05
C ARG B 921 28.16 8.37 -12.21
N ASP B 922 27.72 8.57 -13.44
CA ASP B 922 26.55 9.39 -13.73
C ASP B 922 25.26 8.77 -13.18
N LEU B 923 24.48 9.53 -12.41
CA LEU B 923 23.21 9.06 -11.89
C LEU B 923 22.25 8.61 -12.99
N LEU B 924 22.28 9.22 -14.18
CA LEU B 924 21.43 8.75 -15.28
C LEU B 924 21.79 7.32 -15.68
N CYS B 925 23.07 6.94 -15.64
CA CYS B 925 23.45 5.57 -15.93
C CYS B 925 22.95 4.62 -14.85
N VAL B 926 23.11 4.96 -13.57
CA VAL B 926 22.59 4.14 -12.47
C VAL B 926 21.07 4.00 -12.53
N GLN B 927 20.34 5.09 -12.84
CA GLN B 927 18.90 5.02 -13.05
C GLN B 927 18.56 4.07 -14.19
N SER B 928 19.24 4.18 -15.33
CA SER B 928 18.94 3.32 -16.48
C SER B 928 19.20 1.84 -16.17
N PHE B 929 20.27 1.52 -15.46
CA PHE B 929 20.57 0.14 -15.07
C PHE B 929 19.61 -0.41 -14.02
N ASN B 930 18.89 0.45 -13.30
CA ASN B 930 17.78 0.07 -12.44
C ASN B 930 16.41 0.20 -13.13
N GLY B 931 16.38 0.33 -14.45
CA GLY B 931 15.16 0.32 -15.24
C GLY B 931 14.42 1.65 -15.33
N ILE B 932 15.01 2.76 -14.88
CA ILE B 932 14.44 4.10 -14.99
C ILE B 932 15.12 4.84 -16.14
N LYS B 933 14.41 5.15 -17.23
CA LYS B 933 15.03 5.80 -18.39
C LYS B 933 14.12 6.82 -19.04
N VAL B 934 14.67 7.95 -19.45
CA VAL B 934 13.97 8.99 -20.21
C VAL B 934 14.13 8.71 -21.70
N LEU B 935 13.05 8.48 -22.43
CA LEU B 935 13.09 8.30 -23.87
C LEU B 935 13.07 9.65 -24.61
N PRO B 936 13.62 9.74 -25.82
CA PRO B 936 13.49 10.94 -26.64
C PRO B 936 12.04 11.14 -27.11
N PRO B 937 11.60 12.39 -27.34
CA PRO B 937 10.28 12.70 -27.88
C PRO B 937 10.16 12.26 -29.33
N ILE B 938 8.94 12.04 -29.85
CA ILE B 938 8.78 11.53 -31.23
C ILE B 938 9.27 12.50 -32.29
N LEU B 939 9.21 13.81 -32.05
CA LEU B 939 9.85 14.81 -32.90
C LEU B 939 11.06 15.40 -32.17
N SER B 940 12.20 15.48 -32.83
CA SER B 940 13.39 16.06 -32.20
C SER B 940 13.24 17.56 -32.03
N GLU B 941 13.90 18.15 -31.04
CA GLU B 941 13.88 19.60 -30.87
C GLU B 941 14.46 20.34 -32.10
N SER B 942 15.32 19.68 -32.88
CA SER B 942 15.74 20.21 -34.17
C SER B 942 14.57 20.37 -35.13
N GLN B 943 13.68 19.38 -35.27
CA GLN B 943 12.49 19.55 -36.10
C GLN B 943 11.62 20.69 -35.60
N ILE B 944 11.36 20.77 -34.30
CA ILE B 944 10.53 21.86 -33.77
C ILE B 944 11.17 23.21 -34.04
N SER B 945 12.48 23.36 -33.87
CA SER B 945 13.18 24.60 -34.21
C SER B 945 13.15 24.91 -35.72
N GLY B 946 12.99 23.90 -36.55
CA GLY B 946 12.70 24.09 -37.97
C GLY B 946 11.30 24.67 -38.17
N TYR B 947 10.30 24.15 -37.47
CA TYR B 947 8.93 24.67 -37.54
C TYR B 947 8.82 26.10 -37.00
N THR B 948 9.43 26.44 -35.87
CA THR B 948 9.45 27.84 -35.40
C THR B 948 10.22 28.75 -36.34
N THR B 949 11.30 28.29 -36.97
CA THR B 949 11.96 29.07 -38.04
C THR B 949 11.01 29.33 -39.20
N ALA B 950 10.33 28.32 -39.72
CA ALA B 950 9.37 28.50 -40.82
C ALA B 950 8.25 29.47 -40.43
N ALA B 951 7.65 29.31 -39.25
CA ALA B 951 6.62 30.22 -38.77
C ALA B 951 7.12 31.67 -38.59
N THR B 952 8.41 31.86 -38.32
CA THR B 952 9.00 33.20 -38.21
C THR B 952 9.20 33.84 -39.57
N VAL B 953 9.82 33.16 -40.52
CA VAL B 953 10.03 33.73 -41.86
C VAL B 953 8.72 33.94 -42.62
N ALA B 954 7.64 33.24 -42.26
CA ALA B 954 6.31 33.48 -42.81
C ALA B 954 5.76 34.89 -42.54
N ALA B 955 6.34 35.66 -41.62
CA ALA B 955 6.02 37.07 -41.44
C ALA B 955 6.97 38.00 -42.21
N MET B 956 8.19 37.56 -42.55
CA MET B 956 9.18 38.42 -43.20
C MET B 956 8.83 38.79 -44.64
N PHE B 957 8.40 37.83 -45.45
CA PHE B 957 8.34 37.95 -46.91
C PHE B 957 7.00 37.55 -47.50
N PRO B 958 6.62 38.04 -48.69
CA PRO B 958 5.37 37.64 -49.34
C PRO B 958 5.34 36.12 -49.51
N PRO B 959 4.18 35.46 -49.32
CA PRO B 959 2.85 36.04 -49.16
C PRO B 959 2.48 36.51 -47.74
N TRP B 960 3.44 36.63 -46.82
CA TRP B 960 3.22 37.09 -45.45
C TRP B 960 2.15 36.27 -44.69
N SER B 961 2.17 34.95 -44.85
CA SER B 961 1.05 34.09 -44.43
C SER B 961 0.76 34.11 -42.93
N ALA B 962 1.73 34.50 -42.10
CA ALA B 962 1.55 34.67 -40.66
C ALA B 962 1.35 36.13 -40.21
N ALA B 963 1.47 37.12 -41.10
CA ALA B 963 1.42 38.54 -40.78
C ALA B 963 0.20 39.23 -41.43
N ALA B 964 -0.93 38.54 -41.50
CA ALA B 964 -2.16 39.05 -42.08
C ALA B 964 -2.04 39.47 -43.56
N GLY B 965 -1.08 38.92 -44.29
CA GLY B 965 -0.95 39.20 -45.72
C GLY B 965 -0.41 40.60 -46.05
N ILE B 966 0.31 41.25 -45.15
CA ILE B 966 0.97 42.54 -45.41
C ILE B 966 2.40 42.55 -44.86
N PRO B 967 3.28 43.41 -45.38
CA PRO B 967 4.64 43.56 -44.88
C PRO B 967 4.71 43.74 -43.37
N PHE B 968 5.72 43.15 -42.73
CA PHE B 968 5.85 43.15 -41.28
C PHE B 968 5.87 44.56 -40.68
N SER B 969 6.63 45.48 -41.28
CA SER B 969 6.69 46.85 -40.76
C SER B 969 5.35 47.56 -40.82
N LEU B 970 4.54 47.34 -41.86
CA LEU B 970 3.19 47.90 -41.93
C LEU B 970 2.28 47.28 -40.89
N ASN B 971 2.38 45.97 -40.66
CA ASN B 971 1.63 45.33 -39.59
C ASN B 971 1.98 45.95 -38.23
N VAL B 972 3.27 46.10 -37.92
CA VAL B 972 3.72 46.78 -36.70
C VAL B 972 3.15 48.19 -36.61
N GLN B 973 3.23 48.97 -37.67
CA GLN B 973 2.71 50.33 -37.68
C GLN B 973 1.20 50.34 -37.42
N TYR B 974 0.41 49.51 -38.10
CA TYR B 974 -1.03 49.48 -37.87
C TYR B 974 -1.38 49.03 -36.47
N ARG B 975 -0.65 48.05 -35.92
CA ARG B 975 -0.87 47.63 -34.53
C ARG B 975 -0.60 48.77 -33.57
N ILE B 976 0.48 49.53 -33.72
CA ILE B 976 0.72 50.69 -32.85
C ILE B 976 -0.37 51.73 -33.05
N ASN B 977 -0.78 52.02 -34.29
CA ASN B 977 -1.85 52.98 -34.54
C ASN B 977 -3.14 52.59 -33.83
N GLY B 978 -3.47 51.31 -33.79
CA GLY B 978 -4.65 50.78 -33.10
C GLY B 978 -4.68 51.09 -31.60
N LEU B 979 -3.54 51.35 -30.96
CA LEU B 979 -3.47 51.75 -29.56
C LEU B 979 -3.90 53.20 -29.33
N GLY B 980 -4.17 53.99 -30.37
CA GLY B 980 -4.43 55.43 -30.22
C GLY B 980 -3.19 56.28 -30.45
N VAL B 981 -2.38 55.92 -31.44
CA VAL B 981 -1.23 56.72 -31.90
C VAL B 981 -1.50 57.17 -33.33
N THR B 982 -1.41 58.46 -33.62
CA THR B 982 -1.69 58.97 -34.96
C THR B 982 -0.75 58.39 -36.02
N MET B 983 -1.24 58.13 -37.24
CA MET B 983 -0.41 57.51 -38.28
C MET B 983 0.78 58.39 -38.70
N ASP B 984 0.60 59.71 -38.61
CA ASP B 984 1.59 60.71 -39.01
C ASP B 984 2.92 60.53 -38.28
N VAL B 985 2.91 60.39 -36.96
CA VAL B 985 4.17 60.16 -36.22
C VAL B 985 4.76 58.80 -36.52
N LEU B 986 3.94 57.78 -36.75
CA LEU B 986 4.43 56.43 -37.02
C LEU B 986 5.16 56.39 -38.36
N ASN B 987 4.54 56.83 -39.44
CA ASN B 987 5.19 56.73 -40.75
C ASN B 987 6.31 57.77 -40.94
N LYS B 988 6.35 58.83 -40.14
CA LYS B 988 7.49 59.73 -40.02
C LYS B 988 8.66 59.13 -39.23
N ASN B 989 8.40 58.46 -38.12
CA ASN B 989 9.42 57.88 -37.24
C ASN B 989 9.75 56.41 -37.55
N GLN B 990 9.52 55.90 -38.76
CA GLN B 990 9.64 54.47 -39.06
C GLN B 990 11.03 53.92 -38.68
N LYS B 991 12.11 54.63 -38.99
CA LYS B 991 13.48 54.23 -38.62
C LYS B 991 13.68 54.10 -37.11
N LEU B 992 13.09 55.01 -36.33
CA LEU B 992 13.17 54.99 -34.86
C LEU B 992 12.40 53.79 -34.32
N ILE B 993 11.23 53.50 -34.87
CA ILE B 993 10.42 52.33 -34.49
C ILE B 993 11.17 51.03 -34.79
N ALA B 994 11.75 50.88 -35.99
CA ALA B 994 12.51 49.68 -36.31
C ALA B 994 13.72 49.50 -35.39
N THR B 995 14.44 50.59 -35.10
CA THR B 995 15.56 50.56 -34.15
C THR B 995 15.11 50.19 -32.75
N ALA B 996 14.01 50.74 -32.25
CA ALA B 996 13.47 50.34 -30.96
C ALA B 996 13.11 48.84 -30.95
N PHE B 997 12.52 48.35 -32.05
CA PHE B 997 12.15 46.95 -32.15
C PHE B 997 13.37 46.03 -32.06
N ASN B 998 14.38 46.23 -32.91
CA ASN B 998 15.53 45.34 -32.86
C ASN B 998 16.40 45.54 -31.61
N ASN B 999 16.40 46.73 -30.99
CA ASN B 999 16.96 46.90 -29.65
C ASN B 999 16.21 46.07 -28.60
N ALA B 1000 14.89 46.00 -28.65
CA ALA B 1000 14.13 45.16 -27.73
C ALA B 1000 14.50 43.68 -27.91
N LEU B 1001 14.63 43.20 -29.15
CA LEU B 1001 15.05 41.84 -29.41
C LEU B 1001 16.46 41.55 -28.85
N LEU B 1002 17.41 42.44 -29.07
CA LEU B 1002 18.74 42.33 -28.46
C LEU B 1002 18.67 42.33 -26.93
N SER B 1003 17.79 43.14 -26.33
CA SER B 1003 17.63 43.16 -24.87
C SER B 1003 17.14 41.81 -24.32
N ILE B 1004 16.28 41.11 -25.05
CA ILE B 1004 15.85 39.76 -24.67
C ILE B 1004 17.04 38.81 -24.75
N GLN B 1005 17.77 38.79 -25.86
CA GLN B 1005 18.91 37.89 -26.01
C GLN B 1005 19.96 38.12 -24.92
N ASN B 1006 20.34 39.37 -24.68
CA ASN B 1006 21.31 39.70 -23.63
C ASN B 1006 20.77 39.36 -22.24
N GLY B 1007 19.48 39.56 -22.02
CA GLY B 1007 18.81 39.25 -20.76
C GLY B 1007 18.81 37.77 -20.39
N PHE B 1008 19.09 36.84 -21.32
CA PHE B 1008 19.31 35.43 -20.97
C PHE B 1008 20.63 35.18 -20.24
N SER B 1009 21.61 36.08 -20.34
CA SER B 1009 22.88 35.94 -19.62
C SER B 1009 22.78 36.28 -18.13
N ALA B 1010 21.85 37.18 -17.77
CA ALA B 1010 21.48 37.49 -16.39
C ALA B 1010 20.69 36.35 -15.73
N PRO B 1011 20.36 36.41 -14.43
CA PRO B 1011 19.43 35.48 -13.77
C PRO B 1011 17.99 35.67 -14.26
N ASN B 1012 17.73 35.22 -15.48
CA ASN B 1012 16.49 35.39 -16.22
C ASN B 1012 15.36 34.48 -15.69
N SER B 1013 14.17 35.02 -15.49
CA SER B 1013 13.04 34.25 -14.99
C SER B 1013 12.54 33.17 -15.96
N ALA B 1014 12.60 33.39 -17.28
CA ALA B 1014 12.25 32.37 -18.25
C ALA B 1014 13.28 31.24 -18.25
N LEU B 1015 14.57 31.55 -18.25
CA LEU B 1015 15.61 30.51 -18.18
C LEU B 1015 15.52 29.71 -16.87
N ALA B 1016 15.24 30.36 -15.75
CA ALA B 1016 14.99 29.67 -14.48
C ALA B 1016 13.79 28.73 -14.58
N LYS B 1017 12.71 29.16 -15.23
CA LYS B 1017 11.53 28.32 -15.46
C LYS B 1017 11.85 27.12 -16.34
N ILE B 1018 12.68 27.27 -17.37
CA ILE B 1018 13.11 26.15 -18.22
C ILE B 1018 13.94 25.17 -17.39
N GLN B 1019 14.96 25.64 -16.68
CA GLN B 1019 15.80 24.75 -15.87
C GLN B 1019 15.00 24.05 -14.76
N SER B 1020 13.96 24.69 -14.22
CA SER B 1020 13.04 24.04 -13.27
C SER B 1020 12.37 22.78 -13.83
N VAL B 1021 12.07 22.71 -15.12
CA VAL B 1021 11.53 21.48 -15.73
C VAL B 1021 12.54 20.34 -15.63
N VAL B 1022 13.78 20.58 -15.99
CA VAL B 1022 14.85 19.59 -15.88
C VAL B 1022 15.11 19.23 -14.42
N ASN B 1023 15.22 20.20 -13.52
CA ASN B 1023 15.53 19.96 -12.13
C ASN B 1023 14.41 19.19 -11.42
N SER B 1024 13.14 19.53 -11.63
CA SER B 1024 12.03 18.79 -11.03
C SER B 1024 11.97 17.36 -11.53
N ASN B 1025 12.22 17.10 -12.82
CA ASN B 1025 12.34 15.75 -13.33
C ASN B 1025 13.50 15.00 -12.66
N ALA B 1026 14.70 15.56 -12.65
CA ALA B 1026 15.87 14.91 -12.06
C ALA B 1026 15.66 14.60 -10.57
N GLN B 1027 15.02 15.50 -9.83
CA GLN B 1027 14.63 15.27 -8.45
C GLN B 1027 13.65 14.09 -8.31
N ALA B 1028 12.62 14.02 -9.14
CA ALA B 1028 11.67 12.92 -9.08
C ALA B 1028 12.32 11.57 -9.40
N LEU B 1029 13.15 11.48 -10.44
CA LEU B 1029 13.87 10.24 -10.75
C LEU B 1029 14.84 9.85 -9.66
N ASN B 1030 15.62 10.80 -9.13
CA ASN B 1030 16.53 10.51 -8.04
C ASN B 1030 15.78 10.00 -6.81
N SER B 1031 14.66 10.63 -6.45
CA SER B 1031 13.82 10.15 -5.36
C SER B 1031 13.29 8.75 -5.62
N LEU B 1032 12.84 8.44 -6.83
CA LEU B 1032 12.41 7.08 -7.17
C LEU B 1032 13.55 6.07 -7.05
N LEU B 1033 14.77 6.40 -7.48
CA LEU B 1033 15.92 5.53 -7.31
C LEU B 1033 16.24 5.29 -5.83
N GLN B 1034 16.17 6.33 -4.98
CA GLN B 1034 16.42 6.16 -3.55
C GLN B 1034 15.48 5.15 -2.89
N GLN B 1035 14.31 4.88 -3.45
CA GLN B 1035 13.41 3.85 -2.91
C GLN B 1035 14.06 2.48 -2.88
N LEU B 1036 15.01 2.18 -3.77
CA LEU B 1036 15.65 0.88 -3.79
C LEU B 1036 16.51 0.64 -2.55
N PHE B 1037 16.98 1.69 -1.87
CA PHE B 1037 17.81 1.56 -0.68
C PHE B 1037 17.02 1.62 0.64
N ASN B 1038 15.72 1.93 0.61
CA ASN B 1038 14.87 1.82 1.80
C ASN B 1038 14.68 0.35 2.19
N LYS B 1039 14.64 0.03 3.48
CA LYS B 1039 14.45 -1.37 3.94
C LYS B 1039 13.00 -1.77 4.07
N PHE B 1040 12.06 -0.83 4.24
CA PHE B 1040 10.64 -1.14 4.39
C PHE B 1040 10.36 -2.21 5.47
N GLY B 1041 11.11 -2.17 6.57
CA GLY B 1041 10.98 -3.15 7.65
C GLY B 1041 11.59 -4.53 7.37
N ALA B 1042 12.26 -4.75 6.24
CA ALA B 1042 13.07 -5.95 6.02
C ALA B 1042 14.45 -5.85 6.69
N ILE B 1043 15.17 -6.98 6.79
CA ILE B 1043 16.52 -7.01 7.38
C ILE B 1043 17.57 -6.23 6.59
N SER B 1044 17.38 -6.05 5.29
CA SER B 1044 18.27 -5.30 4.40
C SER B 1044 17.51 -4.81 3.18
N SER B 1045 17.97 -3.73 2.56
CA SER B 1045 17.45 -3.27 1.27
C SER B 1045 18.07 -3.99 0.08
N SER B 1046 19.06 -4.84 0.28
CA SER B 1046 19.74 -5.54 -0.80
C SER B 1046 19.24 -6.98 -0.93
N LEU B 1047 18.73 -7.34 -2.11
CA LEU B 1047 18.36 -8.72 -2.41
C LEU B 1047 19.58 -9.65 -2.36
N GLN B 1048 20.77 -9.16 -2.73
CA GLN B 1048 22.01 -9.93 -2.60
C GLN B 1048 22.27 -10.34 -1.15
N GLU B 1049 22.07 -9.43 -0.21
CA GLU B 1049 22.27 -9.74 1.20
C GLU B 1049 21.21 -10.70 1.72
N ILE B 1050 19.92 -10.48 1.43
CA ILE B 1050 18.88 -11.40 1.90
C ILE B 1050 19.14 -12.81 1.38
N LEU B 1051 19.37 -12.97 0.08
CA LEU B 1051 19.56 -14.29 -0.52
C LEU B 1051 20.89 -14.95 -0.14
N SER B 1052 21.86 -14.21 0.37
CA SER B 1052 23.11 -14.75 0.95
C SER B 1052 23.05 -14.91 2.46
N ARG B 1053 21.90 -14.66 3.10
CA ARG B 1053 21.68 -14.86 4.54
C ARG B 1053 20.59 -15.87 4.87
N LEU B 1054 19.57 -16.06 4.03
CA LEU B 1054 18.40 -16.87 4.36
C LEU B 1054 18.07 -17.91 3.29
N ASP B 1055 17.49 -19.05 3.70
CA ASP B 1055 16.87 -20.03 2.79
C ASP B 1055 15.51 -19.52 2.28
N PRO B 1056 15.03 -20.04 1.14
CA PRO B 1056 13.76 -19.64 0.51
C PRO B 1056 12.58 -19.37 1.43
N PRO B 1057 12.28 -20.17 2.47
CA PRO B 1057 11.15 -19.91 3.36
C PRO B 1057 11.19 -18.55 4.08
N GLU B 1058 12.35 -18.15 4.60
CA GLU B 1058 12.49 -16.86 5.28
C GLU B 1058 12.88 -15.75 4.29
N ALA B 1059 13.69 -16.05 3.28
CA ALA B 1059 14.01 -15.09 2.24
C ALA B 1059 12.73 -14.57 1.58
N GLN B 1060 11.76 -15.45 1.33
CA GLN B 1060 10.44 -15.04 0.85
C GLN B 1060 9.79 -13.99 1.74
N VAL B 1061 9.79 -14.18 3.06
CA VAL B 1061 9.14 -13.22 3.97
C VAL B 1061 9.80 -11.85 3.91
N GLN B 1062 11.13 -11.79 3.80
CA GLN B 1062 11.84 -10.53 3.66
C GLN B 1062 11.62 -9.89 2.29
N ILE B 1063 11.79 -10.67 1.21
CA ILE B 1063 11.65 -10.17 -0.16
C ILE B 1063 10.24 -9.66 -0.39
N ASP B 1064 9.22 -10.28 0.19
CA ASP B 1064 7.86 -9.80 0.08
C ASP B 1064 7.65 -8.42 0.71
N ARG B 1065 8.38 -8.05 1.77
CA ARG B 1065 8.37 -6.68 2.29
C ARG B 1065 9.03 -5.71 1.32
N LEU B 1066 10.16 -6.08 0.70
CA LEU B 1066 10.77 -5.23 -0.33
C LEU B 1066 9.87 -5.07 -1.55
N ILE B 1067 9.25 -6.14 -2.04
CA ILE B 1067 8.32 -6.07 -3.18
C ILE B 1067 7.16 -5.13 -2.84
N ASN B 1068 6.54 -5.23 -1.67
CA ASN B 1068 5.47 -4.30 -1.31
C ASN B 1068 5.94 -2.86 -1.21
N GLY B 1069 7.12 -2.61 -0.64
CA GLY B 1069 7.67 -1.27 -0.56
C GLY B 1069 7.89 -0.67 -1.95
N ARG B 1070 8.57 -1.41 -2.82
CA ARG B 1070 8.92 -0.94 -4.16
C ARG B 1070 7.68 -0.80 -5.06
N LEU B 1071 6.73 -1.72 -5.03
CA LEU B 1071 5.47 -1.55 -5.76
C LEU B 1071 4.66 -0.36 -5.23
N THR B 1072 4.66 -0.12 -3.92
CA THR B 1072 3.98 1.07 -3.37
C THR B 1072 4.64 2.34 -3.88
N ALA B 1073 5.97 2.40 -3.91
CA ALA B 1073 6.68 3.55 -4.44
C ALA B 1073 6.37 3.78 -5.93
N LEU B 1074 6.32 2.74 -6.76
CA LEU B 1074 5.94 2.90 -8.16
C LEU B 1074 4.52 3.44 -8.32
N ASN B 1075 3.55 2.94 -7.56
CA ASN B 1075 2.18 3.48 -7.62
C ASN B 1075 2.12 4.95 -7.21
N ALA B 1076 2.87 5.37 -6.19
CA ALA B 1076 2.94 6.78 -5.82
C ALA B 1076 3.56 7.62 -6.95
N TYR B 1077 4.68 7.17 -7.54
CA TYR B 1077 5.31 7.89 -8.64
C TYR B 1077 4.40 7.99 -9.86
N VAL B 1078 3.74 6.91 -10.27
CA VAL B 1078 2.69 6.93 -11.29
C VAL B 1078 1.60 7.95 -11.01
N SER B 1079 1.05 8.00 -9.80
CA SER B 1079 -0.03 8.95 -9.49
C SER B 1079 0.45 10.41 -9.57
N GLN B 1080 1.68 10.68 -9.14
CA GLN B 1080 2.30 11.99 -9.35
C GLN B 1080 2.49 12.29 -10.84
N GLN B 1081 2.98 11.34 -11.64
CA GLN B 1081 3.22 11.57 -13.06
C GLN B 1081 1.93 11.89 -13.82
N LEU B 1082 0.83 11.17 -13.57
CA LEU B 1082 -0.47 11.51 -14.15
C LEU B 1082 -0.89 12.94 -13.81
N SER B 1083 -0.73 13.34 -12.56
CA SER B 1083 -1.08 14.68 -12.11
C SER B 1083 -0.25 15.74 -12.83
N ASP B 1084 1.06 15.55 -12.93
CA ASP B 1084 1.93 16.50 -13.62
C ASP B 1084 1.61 16.63 -15.10
N ILE B 1085 1.33 15.53 -15.78
CA ILE B 1085 1.06 15.56 -17.22
C ILE B 1085 -0.26 16.26 -17.54
N SER B 1086 -1.23 16.26 -16.62
CA SER B 1086 -2.42 17.10 -16.76
C SER B 1086 -2.05 18.59 -16.84
N LEU B 1087 -1.06 19.05 -16.06
CA LEU B 1087 -0.58 20.42 -16.11
C LEU B 1087 0.20 20.69 -17.39
N VAL B 1088 0.97 19.72 -17.89
CA VAL B 1088 1.67 19.86 -19.17
C VAL B 1088 0.69 20.00 -20.32
N LYS B 1089 -0.40 19.22 -20.36
CA LYS B 1089 -1.45 19.39 -21.38
C LYS B 1089 -2.11 20.76 -21.29
N PHE B 1090 -2.44 21.24 -20.10
CA PHE B 1090 -2.97 22.59 -19.92
C PHE B 1090 -2.01 23.65 -20.44
N GLY B 1091 -0.71 23.55 -20.13
CA GLY B 1091 0.30 24.47 -20.65
C GLY B 1091 0.41 24.42 -22.18
N ALA B 1092 0.39 23.24 -22.78
CA ALA B 1092 0.44 23.13 -24.24
C ALA B 1092 -0.79 23.72 -24.91
N ALA B 1093 -1.99 23.55 -24.35
CA ALA B 1093 -3.18 24.17 -24.88
C ALA B 1093 -3.09 25.70 -24.86
N LEU B 1094 -2.53 26.27 -23.78
CA LEU B 1094 -2.27 27.70 -23.73
C LEU B 1094 -1.23 28.13 -24.77
N ALA B 1095 -0.14 27.40 -24.95
CA ALA B 1095 0.87 27.77 -25.94
C ALA B 1095 0.31 27.74 -27.36
N MET B 1096 -0.51 26.76 -27.72
CA MET B 1096 -1.18 26.76 -29.02
C MET B 1096 -2.11 27.97 -29.15
N GLU B 1097 -2.86 28.32 -28.11
CA GLU B 1097 -3.70 29.51 -28.15
C GLU B 1097 -2.86 30.78 -28.35
N LYS B 1098 -1.71 30.93 -27.71
CA LYS B 1098 -0.83 32.09 -27.94
C LYS B 1098 -0.22 32.10 -29.33
N VAL B 1099 0.20 30.97 -29.90
CA VAL B 1099 0.68 30.93 -31.29
C VAL B 1099 -0.41 31.44 -32.22
N ASN B 1100 -1.65 30.99 -32.05
CA ASN B 1100 -2.76 31.40 -32.89
C ASN B 1100 -3.16 32.87 -32.71
N GLU B 1101 -3.25 33.35 -31.47
CA GLU B 1101 -3.87 34.64 -31.17
C GLU B 1101 -2.90 35.78 -30.84
N CYS B 1102 -1.58 35.52 -30.79
CA CYS B 1102 -0.54 36.53 -30.62
C CYS B 1102 0.49 36.55 -31.75
N VAL B 1103 0.88 35.40 -32.28
CA VAL B 1103 1.96 35.32 -33.28
C VAL B 1103 1.39 35.36 -34.69
N LYS B 1104 0.48 34.44 -35.04
CA LYS B 1104 -0.13 34.36 -36.38
C LYS B 1104 -1.22 35.41 -36.62
N SER B 1105 -1.72 36.03 -35.57
CA SER B 1105 -2.76 37.06 -35.63
C SER B 1105 -2.78 37.84 -34.33
N GLN B 1106 -3.56 38.92 -34.26
CA GLN B 1106 -3.61 39.79 -33.10
C GLN B 1106 -5.04 39.87 -32.59
N SER B 1107 -5.44 38.93 -31.73
CA SER B 1107 -6.81 38.86 -31.20
C SER B 1107 -7.10 40.06 -30.29
N PRO B 1108 -8.32 40.62 -30.26
CA PRO B 1108 -8.66 41.81 -29.48
C PRO B 1108 -8.82 41.55 -27.97
N ARG B 1109 -7.85 40.87 -27.35
CA ARG B 1109 -7.85 40.45 -25.94
C ARG B 1109 -6.69 41.12 -25.22
N ILE B 1110 -6.96 41.87 -24.16
CA ILE B 1110 -6.00 42.89 -23.70
C ILE B 1110 -4.71 42.31 -23.11
N ASN B 1111 -4.77 41.64 -21.96
CA ASN B 1111 -3.55 41.15 -21.30
C ASN B 1111 -3.18 39.72 -21.68
N PHE B 1112 -3.80 39.15 -22.71
CA PHE B 1112 -3.55 37.76 -23.11
C PHE B 1112 -2.11 37.55 -23.58
N CYS B 1113 -1.65 38.36 -24.52
CA CYS B 1113 -0.29 38.29 -25.08
C CYS B 1113 0.70 39.12 -24.27
N GLY B 1114 0.83 38.81 -22.98
CA GLY B 1114 1.68 39.59 -22.08
C GLY B 1114 1.02 40.91 -21.63
N ASN B 1115 1.62 41.55 -20.64
CA ASN B 1115 1.09 42.79 -20.06
C ASN B 1115 1.28 44.01 -20.97
N GLY B 1116 0.47 45.04 -20.74
CA GLY B 1116 0.62 46.35 -21.37
C GLY B 1116 0.04 46.44 -22.78
N ASN B 1117 0.43 47.48 -23.50
CA ASN B 1117 -0.06 47.76 -24.84
C ASN B 1117 0.62 46.84 -25.87
N HIS B 1118 0.14 45.61 -25.98
CA HIS B 1118 0.77 44.58 -26.82
C HIS B 1118 0.67 44.93 -28.31
N ILE B 1119 1.81 45.10 -28.97
CA ILE B 1119 1.90 45.36 -30.41
C ILE B 1119 1.77 44.06 -31.18
N LEU B 1120 2.71 43.15 -30.93
CA LEU B 1120 2.95 41.96 -31.75
C LEU B 1120 3.79 40.95 -30.95
N SER B 1121 3.74 39.69 -31.33
CA SER B 1121 4.48 38.61 -30.66
C SER B 1121 5.22 37.74 -31.66
N LEU B 1122 6.30 37.10 -31.24
CA LEU B 1122 7.06 36.14 -32.03
C LEU B 1122 7.37 34.91 -31.19
N VAL B 1123 7.66 33.76 -31.82
CA VAL B 1123 7.90 32.50 -31.13
C VAL B 1123 9.23 31.88 -31.53
N GLN B 1124 9.92 31.24 -30.60
CA GLN B 1124 11.14 30.48 -30.80
C GLN B 1124 11.07 29.18 -30.01
N ASN B 1125 11.77 28.14 -30.46
CA ASN B 1125 11.80 26.88 -29.76
C ASN B 1125 12.54 26.99 -28.42
N ALA B 1126 12.18 26.16 -27.44
CA ALA B 1126 12.90 26.10 -26.17
C ALA B 1126 12.84 24.67 -25.62
N PRO B 1127 13.81 24.23 -24.81
CA PRO B 1127 13.78 22.89 -24.23
C PRO B 1127 12.45 22.60 -23.54
N TYR B 1128 11.73 21.56 -23.96
CA TYR B 1128 10.43 21.17 -23.40
C TYR B 1128 9.29 22.19 -23.53
N GLY B 1129 9.41 23.21 -24.39
CA GLY B 1129 8.33 24.17 -24.58
C GLY B 1129 8.54 25.12 -25.76
N LEU B 1130 7.87 26.27 -25.70
CA LEU B 1130 8.06 27.37 -26.63
C LEU B 1130 8.42 28.61 -25.83
N LEU B 1131 9.25 29.48 -26.38
CA LEU B 1131 9.52 30.79 -25.81
C LEU B 1131 8.92 31.85 -26.71
N PHE B 1132 7.97 32.62 -26.17
CA PHE B 1132 7.39 33.76 -26.85
C PHE B 1132 8.16 35.02 -26.50
N MET B 1133 8.27 35.93 -27.46
CA MET B 1133 8.70 37.29 -27.22
C MET B 1133 7.52 38.20 -27.52
N HIS B 1134 7.04 38.94 -26.53
CA HIS B 1134 5.95 39.88 -26.69
C HIS B 1134 6.53 41.29 -26.77
N PHE B 1135 6.15 42.06 -27.78
CA PHE B 1135 6.61 43.43 -27.96
C PHE B 1135 5.49 44.40 -27.62
N SER B 1136 5.77 45.37 -26.76
CA SER B 1136 4.75 46.28 -26.24
C SER B 1136 5.13 47.74 -26.46
N TYR B 1137 4.14 48.59 -26.71
CA TYR B 1137 4.31 50.02 -26.75
C TYR B 1137 4.47 50.56 -25.33
N LYS B 1138 5.62 51.17 -25.03
CA LYS B 1138 5.97 51.69 -23.71
C LYS B 1138 6.14 53.20 -23.76
N PRO B 1139 5.25 53.99 -23.17
CA PRO B 1139 5.45 55.41 -22.97
C PRO B 1139 6.72 55.74 -22.19
N ILE B 1140 7.46 56.75 -22.65
CA ILE B 1140 8.72 57.23 -22.03
C ILE B 1140 8.50 58.50 -21.21
N SER B 1141 7.70 59.43 -21.69
CA SER B 1141 7.45 60.71 -21.04
C SER B 1141 6.00 61.14 -21.25
N PHE B 1142 5.47 61.96 -20.36
CA PHE B 1142 4.06 62.34 -20.35
C PHE B 1142 3.86 63.85 -20.26
N LYS B 1143 2.79 64.35 -20.87
CA LYS B 1143 2.28 65.71 -20.70
C LYS B 1143 0.93 65.64 -20.02
N THR B 1144 0.73 66.38 -18.92
CA THR B 1144 -0.61 66.58 -18.37
C THR B 1144 -1.39 67.56 -19.24
N VAL B 1145 -2.59 67.20 -19.67
CA VAL B 1145 -3.45 68.03 -20.54
C VAL B 1145 -4.89 67.97 -20.08
N LEU B 1146 -5.69 68.97 -20.45
CA LEU B 1146 -7.11 69.00 -20.15
C LEU B 1146 -7.89 68.44 -21.34
N VAL B 1147 -8.68 67.39 -21.10
CA VAL B 1147 -9.37 66.64 -22.14
C VAL B 1147 -10.87 66.70 -21.95
N SER B 1148 -11.62 66.61 -23.05
CA SER B 1148 -13.07 66.44 -23.05
C SER B 1148 -13.41 65.07 -23.63
N PRO B 1149 -14.19 64.22 -22.95
CA PRO B 1149 -14.58 62.91 -23.46
C PRO B 1149 -15.65 62.99 -24.55
N GLY B 1150 -16.25 64.16 -24.76
CA GLY B 1150 -17.24 64.42 -25.80
C GLY B 1150 -17.47 65.92 -26.00
N LEU B 1151 -18.11 66.31 -27.10
CA LEU B 1151 -18.53 67.69 -27.36
C LEU B 1151 -19.97 67.72 -27.85
N CYS B 1152 -20.71 68.77 -27.49
CA CYS B 1152 -22.02 69.07 -28.03
C CYS B 1152 -21.89 70.26 -28.99
N ILE B 1153 -22.23 70.06 -30.26
CA ILE B 1153 -21.81 70.96 -31.35
C ILE B 1153 -22.99 71.30 -32.27
N SER B 1154 -22.91 72.44 -32.96
CA SER B 1154 -23.92 72.87 -33.93
C SER B 1154 -25.35 72.82 -33.34
N GLY B 1155 -26.29 72.17 -34.03
CA GLY B 1155 -27.65 71.88 -33.56
C GLY B 1155 -27.76 70.77 -32.52
N ASP B 1156 -27.02 70.88 -31.40
CA ASP B 1156 -27.01 69.91 -30.29
C ASP B 1156 -26.66 68.46 -30.69
N VAL B 1157 -25.99 68.29 -31.83
CA VAL B 1157 -25.39 67.02 -32.23
C VAL B 1157 -24.25 66.69 -31.27
N GLY B 1158 -24.17 65.44 -30.82
CA GLY B 1158 -23.06 65.00 -29.99
C GLY B 1158 -21.96 64.39 -30.82
N ILE B 1159 -20.71 64.61 -30.44
CA ILE B 1159 -19.57 63.88 -30.97
C ILE B 1159 -18.73 63.32 -29.83
N ALA B 1160 -18.19 62.13 -30.04
CA ALA B 1160 -17.25 61.48 -29.13
C ALA B 1160 -15.97 61.12 -29.88
N PRO B 1161 -14.80 61.13 -29.26
CA PRO B 1161 -13.55 60.83 -29.91
C PRO B 1161 -13.35 59.31 -30.04
N LYS B 1162 -12.72 58.85 -31.12
CA LYS B 1162 -12.32 57.45 -31.33
C LYS B 1162 -10.88 57.22 -30.85
N GLN B 1163 -10.67 56.34 -29.87
CA GLN B 1163 -9.33 56.06 -29.30
C GLN B 1163 -8.55 57.35 -28.95
N GLY B 1164 -9.19 58.31 -28.31
CA GLY B 1164 -8.61 59.63 -28.11
C GLY B 1164 -9.43 60.56 -27.24
N TYR B 1165 -9.11 61.85 -27.32
CA TYR B 1165 -9.76 62.90 -26.56
C TYR B 1165 -9.90 64.16 -27.39
N PHE B 1166 -10.91 64.96 -27.12
CA PHE B 1166 -10.91 66.34 -27.57
C PHE B 1166 -10.11 67.21 -26.60
N ILE B 1167 -9.36 68.17 -27.11
CA ILE B 1167 -8.52 69.07 -26.33
C ILE B 1167 -8.66 70.49 -26.87
N LYS B 1168 -8.51 71.48 -25.99
CA LYS B 1168 -8.32 72.87 -26.40
C LYS B 1168 -6.85 73.08 -26.77
N HIS B 1169 -6.59 73.55 -27.98
CA HIS B 1169 -5.25 73.93 -28.45
C HIS B 1169 -5.36 75.27 -29.17
N ASN B 1170 -4.54 76.26 -28.80
CA ASN B 1170 -4.62 77.62 -29.36
C ASN B 1170 -6.00 78.29 -29.22
N ASP B 1171 -6.73 77.98 -28.14
CA ASP B 1171 -8.15 78.33 -27.95
C ASP B 1171 -9.11 77.80 -29.05
N HIS B 1172 -8.81 76.61 -29.57
CA HIS B 1172 -9.58 75.93 -30.60
C HIS B 1172 -9.73 74.44 -30.27
N TRP B 1173 -10.88 73.83 -30.50
CA TRP B 1173 -11.05 72.40 -30.23
C TRP B 1173 -10.34 71.55 -31.28
N MET B 1174 -9.53 70.59 -30.84
CA MET B 1174 -8.75 69.66 -31.66
C MET B 1174 -8.81 68.25 -31.07
N PHE B 1175 -8.57 67.21 -31.86
CA PHE B 1175 -8.50 65.83 -31.39
C PHE B 1175 -7.06 65.42 -31.11
N THR B 1176 -6.84 64.51 -30.17
CA THR B 1176 -5.56 63.82 -30.00
C THR B 1176 -5.77 62.33 -29.70
N GLY B 1177 -4.89 61.47 -30.22
CA GLY B 1177 -4.90 60.05 -29.86
C GLY B 1177 -4.61 59.84 -28.39
N SER B 1178 -5.19 58.81 -27.77
CA SER B 1178 -5.08 58.60 -26.32
C SER B 1178 -3.71 58.09 -25.89
N SER B 1179 -2.93 57.49 -26.77
CA SER B 1179 -1.62 56.92 -26.46
C SER B 1179 -0.44 57.78 -26.90
N TYR B 1180 -0.67 58.89 -27.60
CA TYR B 1180 0.40 59.80 -28.01
C TYR B 1180 -0.15 61.20 -28.27
N TYR B 1181 0.35 62.20 -27.56
CA TYR B 1181 -0.13 63.57 -27.68
C TYR B 1181 0.29 64.17 -29.02
N TYR B 1182 -0.67 64.37 -29.92
CA TYR B 1182 -0.48 64.99 -31.22
C TYR B 1182 -1.79 65.64 -31.64
N PRO B 1183 -1.98 66.95 -31.38
CA PRO B 1183 -3.22 67.62 -31.75
C PRO B 1183 -3.37 67.63 -33.27
N GLU B 1184 -4.53 67.20 -33.75
CA GLU B 1184 -4.93 67.17 -35.15
C GLU B 1184 -6.40 67.62 -35.28
N PRO B 1185 -6.85 68.10 -36.44
CA PRO B 1185 -8.19 68.66 -36.55
C PRO B 1185 -9.27 67.59 -36.37
N ILE B 1186 -10.40 67.98 -35.80
CA ILE B 1186 -11.55 67.09 -35.60
C ILE B 1186 -12.17 66.76 -36.96
N SER B 1187 -12.46 65.49 -37.22
CA SER B 1187 -13.12 65.07 -38.47
C SER B 1187 -13.87 63.76 -38.31
N ASP B 1188 -14.75 63.44 -39.23
CA ASP B 1188 -15.47 62.16 -39.23
C ASP B 1188 -14.56 60.93 -39.24
N LYS B 1189 -13.25 61.05 -39.52
CA LYS B 1189 -12.29 59.96 -39.39
C LYS B 1189 -12.04 59.59 -37.92
N ASN B 1190 -11.99 60.55 -37.01
CA ASN B 1190 -11.66 60.35 -35.59
C ASN B 1190 -12.83 60.56 -34.62
N VAL B 1191 -14.06 60.63 -35.12
CA VAL B 1191 -15.27 60.94 -34.36
C VAL B 1191 -16.34 59.85 -34.45
N VAL B 1192 -17.09 59.65 -33.36
CA VAL B 1192 -18.40 58.96 -33.34
C VAL B 1192 -19.51 59.99 -33.18
N PHE B 1193 -20.48 60.01 -34.08
CA PHE B 1193 -21.62 60.93 -34.03
C PHE B 1193 -22.78 60.41 -33.19
N MET B 1194 -23.54 61.31 -32.57
CA MET B 1194 -24.78 61.01 -31.85
C MET B 1194 -25.83 62.06 -32.19
N ASN B 1195 -27.08 61.68 -32.47
CA ASN B 1195 -28.10 62.64 -32.90
C ASN B 1195 -28.50 63.63 -31.80
N THR B 1196 -28.36 63.21 -30.54
CA THR B 1196 -28.48 64.04 -29.35
C THR B 1196 -27.19 63.95 -28.56
N CYS B 1197 -26.62 65.08 -28.12
CA CYS B 1197 -25.48 65.04 -27.21
C CYS B 1197 -25.93 64.69 -25.80
N SER B 1198 -25.11 63.95 -25.04
CA SER B 1198 -25.42 63.68 -23.63
C SER B 1198 -25.24 64.92 -22.79
N VAL B 1199 -25.79 64.91 -21.58
CA VAL B 1199 -25.41 65.89 -20.55
C VAL B 1199 -23.91 65.82 -20.26
N ASN B 1200 -23.36 66.91 -19.72
CA ASN B 1200 -21.94 67.08 -19.36
C ASN B 1200 -20.92 66.86 -20.49
N PHE B 1201 -21.36 66.66 -21.74
CA PHE B 1201 -20.52 66.97 -22.89
C PHE B 1201 -20.28 68.47 -22.93
N THR B 1202 -19.05 68.90 -23.22
CA THR B 1202 -18.73 70.32 -23.25
C THR B 1202 -19.43 70.99 -24.43
N LYS B 1203 -20.06 72.14 -24.20
CA LYS B 1203 -20.74 72.91 -25.25
C LYS B 1203 -19.71 73.59 -26.15
N ALA B 1204 -19.82 73.40 -27.46
CA ALA B 1204 -18.94 73.98 -28.46
C ALA B 1204 -19.70 74.33 -29.76
N PRO B 1205 -20.65 75.28 -29.73
CA PRO B 1205 -21.51 75.57 -30.88
C PRO B 1205 -20.76 75.92 -32.17
N LEU B 1206 -19.54 76.43 -32.05
CA LEU B 1206 -18.72 76.89 -33.18
C LEU B 1206 -18.06 75.74 -33.96
N VAL B 1207 -18.04 74.51 -33.44
CA VAL B 1207 -17.40 73.37 -34.11
C VAL B 1207 -18.24 72.88 -35.29
N TYR B 1208 -17.56 72.55 -36.39
CA TYR B 1208 -18.11 72.04 -37.66
C TYR B 1208 -19.18 72.96 -38.28
N VAL C 1 -42.83 -31.74 31.03
CA VAL C 1 -42.62 -31.33 32.45
C VAL C 1 -41.37 -30.47 32.56
N ILE C 2 -41.33 -29.54 33.51
CA ILE C 2 -40.05 -29.04 34.06
C ILE C 2 -39.56 -30.09 35.06
N GLY C 3 -38.31 -30.08 35.52
CA GLY C 3 -37.91 -30.92 36.66
C GLY C 3 -38.17 -32.42 36.48
N ASP C 4 -38.39 -33.14 37.59
CA ASP C 4 -39.04 -34.47 37.61
C ASP C 4 -39.56 -34.90 39.00
N PHE C 5 -39.79 -33.97 39.93
CA PHE C 5 -40.27 -34.32 41.26
C PHE C 5 -41.78 -34.10 41.39
N ASN C 6 -42.50 -35.12 41.88
CA ASN C 6 -43.95 -35.07 42.08
C ASN C 6 -44.33 -34.25 43.33
N CYS C 7 -44.37 -32.93 43.19
CA CYS C 7 -44.74 -32.03 44.28
C CYS C 7 -46.22 -32.12 44.68
N THR C 8 -47.12 -32.31 43.72
CA THR C 8 -48.58 -32.41 43.96
C THR C 8 -49.32 -33.04 42.77
N ASN C 9 -50.54 -33.51 43.01
CA ASN C 9 -51.48 -33.97 41.98
C ASN C 9 -52.81 -33.18 41.97
N PHE C 10 -52.97 -32.18 42.84
CA PHE C 10 -54.20 -31.41 42.97
C PHE C 10 -54.53 -30.59 41.72
N ALA C 11 -55.75 -30.71 41.21
CA ALA C 11 -56.32 -29.91 40.11
C ALA C 11 -55.37 -29.79 38.91
N ILE C 12 -55.07 -30.91 38.26
CA ILE C 12 -54.25 -30.98 37.04
C ILE C 12 -55.12 -31.46 35.87
N ASN C 13 -55.01 -30.84 34.69
CA ASN C 13 -55.69 -31.31 33.49
C ASN C 13 -54.88 -31.03 32.20
N ASP C 14 -55.43 -31.38 31.05
CA ASP C 14 -54.77 -31.24 29.74
C ASP C 14 -55.43 -30.17 28.86
N LEU C 15 -56.13 -29.19 29.45
CA LEU C 15 -56.91 -28.21 28.69
C LEU C 15 -56.01 -27.23 27.93
N ASN C 16 -56.26 -27.05 26.63
CA ASN C 16 -55.57 -26.05 25.81
C ASN C 16 -56.20 -24.65 25.99
N THR C 17 -55.84 -23.94 27.06
CA THR C 17 -56.39 -22.60 27.38
C THR C 17 -55.71 -21.44 26.63
N THR C 18 -54.69 -21.70 25.80
CA THR C 18 -53.67 -20.70 25.48
C THR C 18 -53.37 -20.54 23.99
N VAL C 19 -53.07 -19.30 23.59
CA VAL C 19 -52.20 -19.01 22.44
C VAL C 19 -51.15 -17.99 22.87
N ILE C 20 -49.92 -18.12 22.37
CA ILE C 20 -48.84 -17.19 22.68
C ILE C 20 -49.12 -15.86 21.97
N SER C 21 -49.31 -14.78 22.72
CA SER C 21 -49.47 -13.45 22.13
C SER C 21 -48.14 -12.89 21.62
N GLU C 22 -48.13 -12.15 20.52
CA GLU C 22 -46.93 -11.58 19.90
C GLU C 22 -47.01 -10.07 19.69
N TYR C 23 -45.86 -9.41 19.74
CA TYR C 23 -45.67 -7.96 19.67
C TYR C 23 -44.33 -7.66 19.02
N VAL C 24 -44.13 -6.53 18.35
CA VAL C 24 -42.94 -6.33 17.49
C VAL C 24 -41.89 -5.48 18.21
N VAL C 25 -40.64 -5.93 18.19
CA VAL C 25 -39.49 -5.24 18.75
C VAL C 25 -39.21 -3.95 17.98
N ASP C 26 -39.15 -2.83 18.68
CA ASP C 26 -38.77 -1.52 18.12
C ASP C 26 -37.78 -0.83 19.04
N VAL C 27 -36.52 -0.75 18.62
CA VAL C 27 -35.43 -0.19 19.41
C VAL C 27 -35.23 1.30 19.23
N SER C 28 -36.05 1.97 18.43
CA SER C 28 -35.82 3.36 18.07
C SER C 28 -35.79 4.33 19.26
N TYR C 29 -36.30 3.94 20.43
CA TYR C 29 -36.23 4.71 21.68
C TYR C 29 -35.34 4.09 22.76
N GLY C 30 -34.36 3.26 22.38
CA GLY C 30 -33.37 2.71 23.31
C GLY C 30 -33.76 1.39 23.96
N LEU C 31 -35.01 0.93 23.80
CA LEU C 31 -35.43 -0.39 24.25
C LEU C 31 -34.51 -1.48 23.71
N GLY C 32 -34.16 -2.45 24.54
CA GLY C 32 -33.25 -3.52 24.17
C GLY C 32 -31.77 -3.18 24.28
N THR C 33 -31.40 -1.96 24.61
CA THR C 33 -29.99 -1.57 24.80
C THR C 33 -29.58 -1.53 26.27
N TYR C 34 -28.28 -1.40 26.55
CA TYR C 34 -27.74 -1.32 27.90
C TYR C 34 -26.55 -0.36 27.96
N TYR C 35 -26.27 0.20 29.13
CA TYR C 35 -25.11 1.06 29.32
C TYR C 35 -23.80 0.26 29.29
N ILE C 36 -22.78 0.81 28.62
CA ILE C 36 -21.54 0.10 28.32
C ILE C 36 -20.58 0.18 29.50
N LEU C 37 -20.36 -0.93 30.21
CA LEU C 37 -19.36 -1.04 31.28
C LEU C 37 -19.49 0.11 32.30
N ASP C 38 -18.39 0.75 32.67
CA ASP C 38 -18.32 1.95 33.50
C ASP C 38 -18.14 3.24 32.68
N ARG C 39 -18.31 3.17 31.35
CA ARG C 39 -18.16 4.32 30.47
C ARG C 39 -19.36 5.24 30.53
N VAL C 40 -19.11 6.51 30.29
CA VAL C 40 -20.10 7.53 29.94
C VAL C 40 -19.78 8.02 28.53
N TYR C 41 -20.80 8.20 27.71
CA TYR C 41 -20.71 8.92 26.44
C TYR C 41 -21.65 10.10 26.51
N LEU C 42 -21.32 11.25 25.91
CA LEU C 42 -22.15 12.46 25.98
C LEU C 42 -22.40 13.03 24.59
N ASN C 43 -23.63 13.46 24.34
CA ASN C 43 -24.08 14.17 23.16
C ASN C 43 -23.48 13.64 21.84
N THR C 44 -23.60 12.34 21.59
CA THR C 44 -22.87 11.69 20.48
C THR C 44 -23.56 10.41 20.01
N THR C 45 -23.21 9.94 18.82
CA THR C 45 -23.64 8.66 18.27
C THR C 45 -22.47 7.69 18.17
N ILE C 46 -22.67 6.48 18.68
CA ILE C 46 -21.66 5.42 18.75
C ILE C 46 -22.11 4.22 17.94
N LEU C 47 -21.22 3.58 17.18
CA LEU C 47 -21.46 2.22 16.72
C LEU C 47 -20.88 1.26 17.76
N PHE C 48 -21.70 0.35 18.26
CA PHE C 48 -21.33 -0.62 19.29
C PHE C 48 -21.85 -2.00 18.95
N THR C 49 -21.08 -3.05 19.21
CA THR C 49 -21.54 -4.43 19.01
C THR C 49 -21.74 -5.10 20.36
N GLY C 50 -22.94 -5.66 20.57
CA GLY C 50 -23.34 -6.21 21.86
C GLY C 50 -24.42 -7.27 21.72
N TYR C 51 -24.88 -7.81 22.84
CA TYR C 51 -26.01 -8.73 22.86
C TYR C 51 -27.30 -7.94 22.84
N PHE C 52 -27.90 -7.77 21.66
CA PHE C 52 -29.10 -6.97 21.46
C PHE C 52 -30.22 -7.78 20.81
N PRO C 53 -31.50 -7.43 21.01
CA PRO C 53 -32.59 -8.00 20.25
C PRO C 53 -32.41 -7.72 18.75
N LYS C 54 -33.05 -8.49 17.88
CA LYS C 54 -33.20 -8.11 16.47
C LYS C 54 -34.37 -7.16 16.31
N SER C 55 -34.15 -5.94 15.83
CA SER C 55 -35.25 -5.00 15.57
C SER C 55 -36.20 -5.56 14.52
N GLY C 56 -37.50 -5.43 14.70
CA GLY C 56 -38.50 -6.03 13.81
C GLY C 56 -38.72 -7.54 14.03
N ALA C 57 -38.03 -8.20 14.95
CA ALA C 57 -38.45 -9.50 15.46
C ALA C 57 -39.62 -9.38 16.43
N ASN C 58 -40.15 -10.49 16.93
CA ASN C 58 -41.27 -10.49 17.85
C ASN C 58 -40.85 -10.78 19.30
N PHE C 59 -41.48 -10.10 20.24
CA PHE C 59 -41.64 -10.58 21.60
C PHE C 59 -42.74 -11.64 21.67
N ARG C 60 -42.61 -12.58 22.61
CA ARG C 60 -43.65 -13.52 23.00
C ARG C 60 -44.09 -13.25 24.42
N ASP C 61 -45.38 -13.06 24.70
CA ASP C 61 -45.86 -12.93 26.08
C ASP C 61 -45.97 -14.32 26.72
N LEU C 62 -44.95 -14.74 27.47
CA LEU C 62 -44.92 -16.07 28.07
C LEU C 62 -45.59 -16.13 29.44
N SER C 63 -46.11 -15.02 29.96
CA SER C 63 -46.79 -15.05 31.26
C SER C 63 -48.05 -15.91 31.20
N LEU C 64 -48.32 -16.68 32.26
CA LEU C 64 -49.53 -17.48 32.40
C LEU C 64 -50.16 -17.19 33.76
N LYS C 65 -51.46 -16.91 33.77
CA LYS C 65 -52.23 -16.70 35.00
C LYS C 65 -53.21 -17.84 35.16
N GLY C 66 -53.17 -18.51 36.31
CA GLY C 66 -54.14 -19.55 36.70
C GLY C 66 -54.99 -19.13 37.90
N THR C 67 -56.00 -19.95 38.21
CA THR C 67 -56.87 -19.72 39.38
C THR C 67 -56.93 -20.93 40.30
N THR C 68 -57.01 -22.14 39.74
CA THR C 68 -57.03 -23.40 40.51
C THR C 68 -56.35 -24.52 39.75
N TYR C 69 -56.83 -24.82 38.54
CA TYR C 69 -56.25 -25.88 37.72
C TYR C 69 -55.00 -25.45 36.97
N LEU C 70 -54.03 -26.35 36.87
CA LEU C 70 -52.82 -26.19 36.05
C LEU C 70 -52.91 -27.12 34.84
N SER C 71 -52.67 -26.59 33.63
CA SER C 71 -52.68 -27.41 32.42
C SER C 71 -51.30 -27.99 32.14
N THR C 72 -51.19 -29.29 31.90
CA THR C 72 -49.89 -29.91 31.57
C THR C 72 -49.32 -29.42 30.25
N LEU C 73 -50.12 -28.77 29.39
CA LEU C 73 -49.62 -28.15 28.16
C LEU C 73 -48.76 -26.91 28.45
N TRP C 74 -48.94 -26.26 29.61
CA TRP C 74 -48.15 -25.09 29.99
C TRP C 74 -46.67 -25.41 30.24
N TYR C 75 -46.30 -26.68 30.39
CA TYR C 75 -44.95 -27.11 30.79
C TYR C 75 -44.25 -27.91 29.69
N GLN C 76 -44.44 -27.47 28.45
CA GLN C 76 -43.89 -28.04 27.23
C GLN C 76 -43.56 -26.92 26.24
N LYS C 77 -42.92 -27.23 25.12
CA LYS C 77 -42.85 -26.26 24.00
C LYS C 77 -44.28 -25.88 23.58
N PRO C 78 -44.53 -24.62 23.20
CA PRO C 78 -43.57 -23.55 22.99
C PRO C 78 -43.22 -22.73 24.24
N PHE C 79 -43.80 -23.01 25.40
CA PHE C 79 -43.52 -22.23 26.60
C PHE C 79 -42.11 -22.50 27.12
N LEU C 80 -41.76 -23.76 27.38
CA LEU C 80 -40.39 -24.17 27.65
C LEU C 80 -39.54 -23.85 26.41
N SER C 81 -38.62 -22.89 26.51
CA SER C 81 -37.98 -22.27 25.35
C SER C 81 -36.46 -22.37 25.40
N ASP C 82 -35.81 -22.42 24.24
CA ASP C 82 -34.36 -22.53 24.15
C ASP C 82 -33.66 -21.20 24.45
N PHE C 83 -32.63 -21.21 25.31
CA PHE C 83 -31.95 -20.00 25.76
C PHE C 83 -30.92 -19.46 24.77
N ASN C 84 -30.21 -20.33 24.05
CA ASN C 84 -29.17 -19.94 23.10
C ASN C 84 -28.18 -18.93 23.68
N ASN C 85 -27.91 -17.80 23.04
CA ASN C 85 -27.05 -16.77 23.59
C ASN C 85 -27.67 -16.04 24.78
N GLY C 86 -28.98 -15.79 24.74
CA GLY C 86 -29.67 -15.05 25.79
C GLY C 86 -31.04 -14.55 25.37
N ILE C 87 -31.69 -13.81 26.27
CA ILE C 87 -33.02 -13.24 26.09
C ILE C 87 -33.07 -11.82 26.63
N PHE C 88 -33.89 -11.00 26.00
CA PHE C 88 -34.30 -9.70 26.51
C PHE C 88 -35.76 -9.79 26.96
N SER C 89 -36.05 -9.33 28.17
CA SER C 89 -37.38 -9.38 28.75
C SER C 89 -37.93 -7.98 28.96
N ARG C 90 -39.19 -7.76 28.58
CA ARG C 90 -39.98 -6.58 28.94
C ARG C 90 -41.13 -7.07 29.82
N VAL C 91 -41.17 -6.63 31.07
CA VAL C 91 -42.04 -7.19 32.10
C VAL C 91 -42.99 -6.15 32.63
N LYS C 92 -44.29 -6.39 32.57
CA LYS C 92 -45.28 -5.51 33.19
C LYS C 92 -45.24 -5.71 34.69
N ASN C 93 -45.07 -4.65 35.47
CA ASN C 93 -45.26 -4.69 36.91
C ASN C 93 -46.75 -4.61 37.25
N THR C 94 -47.39 -5.74 37.56
CA THR C 94 -48.81 -5.77 37.88
C THR C 94 -49.04 -5.21 39.29
N LYS C 95 -49.40 -3.92 39.37
CA LYS C 95 -49.63 -3.19 40.62
C LYS C 95 -51.06 -3.42 41.13
N LEU C 96 -51.24 -4.42 41.99
CA LEU C 96 -52.52 -4.66 42.68
C LEU C 96 -52.67 -3.75 43.89
N TYR C 97 -53.88 -3.69 44.46
CA TYR C 97 -54.16 -2.97 45.70
C TYR C 97 -54.96 -3.81 46.68
N VAL C 98 -54.56 -3.78 47.96
CA VAL C 98 -55.30 -4.36 49.10
C VAL C 98 -55.29 -3.34 50.22
N ASN C 99 -56.43 -3.06 50.87
CA ASN C 99 -56.57 -1.96 51.86
C ASN C 99 -55.91 -0.65 51.39
N LYS C 100 -56.19 -0.25 50.14
CA LYS C 100 -55.64 0.93 49.47
C LYS C 100 -54.10 1.01 49.46
N THR C 101 -53.42 -0.10 49.69
CA THR C 101 -51.96 -0.24 49.71
C THR C 101 -51.49 -0.97 48.48
N LEU C 102 -50.47 -0.46 47.79
CA LEU C 102 -49.93 -1.04 46.56
C LEU C 102 -49.17 -2.35 46.83
N TYR C 103 -49.41 -3.37 46.01
CA TYR C 103 -48.63 -4.60 45.94
C TYR C 103 -48.14 -4.83 44.51
N SER C 104 -46.84 -5.09 44.36
CA SER C 104 -46.21 -5.36 43.07
C SER C 104 -46.04 -6.86 42.87
N GLU C 105 -46.57 -7.38 41.78
CA GLU C 105 -46.48 -8.79 41.39
C GLU C 105 -46.07 -8.88 39.92
N PHE C 106 -45.26 -9.87 39.55
CA PHE C 106 -45.04 -10.28 38.16
C PHE C 106 -44.48 -11.70 38.12
N SER C 107 -44.49 -12.35 36.95
CA SER C 107 -44.09 -13.75 36.82
C SER C 107 -42.63 -14.00 37.18
N THR C 108 -42.36 -15.05 37.94
CA THR C 108 -41.01 -15.58 38.14
C THR C 108 -40.47 -16.21 36.87
N ILE C 109 -39.17 -16.09 36.61
CA ILE C 109 -38.51 -16.79 35.50
C ILE C 109 -37.44 -17.72 36.05
N VAL C 110 -37.27 -18.87 35.42
CA VAL C 110 -36.21 -19.84 35.73
C VAL C 110 -35.39 -20.12 34.48
N ILE C 111 -34.08 -20.25 34.63
CA ILE C 111 -33.14 -20.46 33.53
C ILE C 111 -32.22 -21.62 33.93
N GLY C 112 -31.97 -22.57 33.04
CA GLY C 112 -31.24 -23.78 33.40
C GLY C 112 -30.92 -24.69 32.22
N SER C 113 -30.89 -25.99 32.49
CA SER C 113 -30.76 -27.01 31.45
C SER C 113 -31.70 -28.20 31.72
N VAL C 114 -31.30 -29.16 32.53
CA VAL C 114 -32.12 -30.33 32.90
C VAL C 114 -33.05 -30.10 34.09
N PHE C 115 -32.94 -28.98 34.79
CA PHE C 115 -33.81 -28.60 35.92
C PHE C 115 -33.88 -29.62 37.09
N ILE C 116 -32.82 -30.38 37.33
CA ILE C 116 -32.78 -31.36 38.44
C ILE C 116 -31.50 -31.22 39.28
N ASN C 117 -31.55 -31.71 40.52
CA ASN C 117 -30.64 -31.38 41.62
C ASN C 117 -29.17 -31.83 41.50
N ASN C 118 -28.67 -32.13 40.30
CA ASN C 118 -27.24 -32.21 40.01
C ASN C 118 -26.78 -31.17 38.97
N SER C 119 -27.65 -30.19 38.66
CA SER C 119 -27.37 -29.05 37.79
C SER C 119 -27.93 -27.78 38.39
N TYR C 120 -27.26 -26.64 38.24
CA TYR C 120 -27.73 -25.37 38.78
C TYR C 120 -28.84 -24.76 37.94
N THR C 121 -29.92 -24.33 38.58
CA THR C 121 -31.01 -23.55 37.98
C THR C 121 -30.96 -22.14 38.53
N ILE C 122 -30.87 -21.12 37.67
CA ILE C 122 -31.03 -19.73 38.09
C ILE C 122 -32.52 -19.44 38.24
N VAL C 123 -32.92 -18.73 39.28
CA VAL C 123 -34.31 -18.30 39.50
C VAL C 123 -34.33 -16.82 39.83
N VAL C 124 -35.21 -16.05 39.18
CA VAL C 124 -35.43 -14.64 39.46
C VAL C 124 -36.88 -14.43 39.86
N GLN C 125 -37.13 -14.09 41.11
CA GLN C 125 -38.47 -14.03 41.69
C GLN C 125 -38.72 -12.70 42.42
N PRO C 126 -39.83 -12.00 42.15
CA PRO C 126 -40.19 -10.80 42.89
C PRO C 126 -40.89 -11.12 44.21
N HIS C 127 -40.67 -10.24 45.17
CA HIS C 127 -41.20 -10.20 46.52
C HIS C 127 -41.57 -8.75 46.87
N ASN C 128 -42.54 -8.19 46.15
CA ASN C 128 -43.12 -6.86 46.40
C ASN C 128 -42.08 -5.75 46.67
N GLY C 129 -41.15 -5.54 45.72
CA GLY C 129 -40.08 -4.55 45.81
C GLY C 129 -38.69 -5.13 46.04
N VAL C 130 -38.62 -6.37 46.51
CA VAL C 130 -37.37 -7.14 46.53
C VAL C 130 -37.37 -8.11 45.36
N LEU C 131 -36.34 -8.09 44.54
CA LEU C 131 -36.08 -9.08 43.51
C LEU C 131 -35.08 -10.08 44.08
N GLU C 132 -35.52 -11.27 44.47
CA GLU C 132 -34.64 -12.33 44.92
C GLU C 132 -34.06 -13.03 43.69
N ILE C 133 -32.73 -13.15 43.62
CA ILE C 133 -32.05 -13.90 42.55
C ILE C 133 -31.18 -14.98 43.19
N THR C 134 -31.31 -16.21 42.73
CA THR C 134 -30.56 -17.36 43.24
C THR C 134 -30.11 -18.28 42.12
N ALA C 135 -29.12 -19.11 42.39
CA ALA C 135 -28.63 -20.11 41.46
C ALA C 135 -28.20 -21.36 42.24
N CYS C 136 -29.07 -22.36 42.29
CA CYS C 136 -28.92 -23.51 43.19
C CYS C 136 -29.27 -24.81 42.50
N GLN C 137 -28.84 -25.93 43.09
CA GLN C 137 -29.21 -27.27 42.64
C GLN C 137 -30.64 -27.65 43.08
N TYR C 138 -31.64 -26.83 42.75
CA TYR C 138 -33.03 -27.05 43.16
C TYR C 138 -33.60 -28.38 42.64
N THR C 139 -34.44 -29.04 43.44
CA THR C 139 -35.36 -30.08 42.96
C THR C 139 -36.59 -29.44 42.34
N MET C 140 -36.50 -28.97 41.10
CA MET C 140 -37.64 -28.34 40.43
C MET C 140 -38.82 -29.32 40.33
N CYS C 141 -40.03 -28.83 40.59
CA CYS C 141 -41.25 -29.62 40.43
C CYS C 141 -41.49 -30.01 38.97
N GLU C 142 -42.33 -31.03 38.75
CA GLU C 142 -42.83 -31.33 37.40
C GLU C 142 -43.64 -30.18 36.79
N TYR C 143 -44.45 -29.52 37.63
CA TYR C 143 -45.37 -28.45 37.26
C TYR C 143 -45.19 -27.26 38.22
N PRO C 144 -44.09 -26.50 38.11
CA PRO C 144 -43.79 -25.41 39.02
C PRO C 144 -44.76 -24.25 38.85
N HIS C 145 -45.09 -23.54 39.91
CA HIS C 145 -45.86 -22.29 39.81
C HIS C 145 -45.62 -21.40 41.04
N THR C 146 -45.96 -20.12 40.93
CA THR C 146 -45.98 -19.19 42.06
C THR C 146 -47.40 -18.79 42.42
N ILE C 147 -47.59 -17.96 43.45
CA ILE C 147 -48.91 -17.50 43.89
C ILE C 147 -48.93 -15.99 44.18
N CYS C 148 -50.10 -15.36 44.09
CA CYS C 148 -50.33 -14.05 44.68
C CYS C 148 -50.18 -14.11 46.20
N LYS C 149 -49.13 -13.51 46.76
CA LYS C 149 -48.99 -13.36 48.22
C LYS C 149 -49.95 -12.30 48.76
N SER C 150 -50.25 -11.28 47.97
CA SER C 150 -51.18 -10.19 48.32
C SER C 150 -52.64 -10.67 48.38
N LYS C 151 -53.24 -10.95 47.21
CA LYS C 151 -54.65 -11.37 47.06
C LYS C 151 -54.93 -12.84 47.41
N GLY C 152 -53.90 -13.65 47.61
CA GLY C 152 -54.05 -15.08 47.88
C GLY C 152 -54.36 -15.93 46.64
N SER C 153 -54.35 -17.24 46.82
CA SER C 153 -54.60 -18.25 45.77
C SER C 153 -55.26 -19.50 46.35
N SER C 154 -55.96 -20.28 45.52
CA SER C 154 -56.61 -21.51 45.94
C SER C 154 -55.66 -22.70 46.17
N ARG C 155 -54.36 -22.52 45.92
CA ARG C 155 -53.31 -23.55 46.12
C ARG C 155 -52.03 -22.94 46.71
N ASN C 156 -51.27 -23.73 47.47
CA ASN C 156 -50.00 -23.29 48.05
C ASN C 156 -48.93 -23.12 46.97
N GLU C 157 -47.90 -22.32 47.23
CA GLU C 157 -46.77 -22.14 46.31
C GLU C 157 -45.88 -23.37 46.26
N SER C 158 -45.47 -23.81 45.07
CA SER C 158 -44.55 -24.92 44.90
C SER C 158 -43.88 -24.88 43.54
N TRP C 159 -42.57 -24.62 43.52
CA TRP C 159 -41.74 -24.78 42.33
C TRP C 159 -40.49 -25.61 42.57
N HIS C 160 -40.15 -25.90 43.83
CA HIS C 160 -39.09 -26.85 44.18
C HIS C 160 -39.42 -27.55 45.50
N PHE C 161 -38.79 -28.70 45.79
CA PHE C 161 -39.06 -29.46 47.02
C PHE C 161 -37.81 -29.74 47.87
N ASP C 162 -36.92 -28.75 47.97
CA ASP C 162 -35.71 -28.88 48.80
C ASP C 162 -36.06 -28.57 50.26
N LYS C 163 -36.26 -29.62 51.07
CA LYS C 163 -36.58 -29.48 52.50
C LYS C 163 -35.35 -29.06 53.32
N SER C 164 -34.21 -29.68 53.05
CA SER C 164 -32.89 -29.16 53.41
C SER C 164 -32.45 -28.08 52.42
N GLU C 165 -31.57 -27.17 52.82
CA GLU C 165 -31.08 -26.11 51.93
C GLU C 165 -30.23 -26.69 50.79
N PRO C 166 -30.54 -26.40 49.51
CA PRO C 166 -29.76 -26.89 48.39
C PRO C 166 -28.43 -26.14 48.25
N LEU C 167 -27.47 -26.74 47.56
CA LEU C 167 -26.18 -26.11 47.25
C LEU C 167 -26.36 -24.95 46.27
N CYS C 168 -25.78 -23.77 46.54
CA CYS C 168 -25.97 -22.56 45.74
C CYS C 168 -24.64 -21.90 45.32
N LEU C 169 -24.53 -21.50 44.05
CA LEU C 169 -23.41 -20.69 43.55
C LEU C 169 -23.63 -19.19 43.83
N PHE C 170 -24.88 -18.74 43.85
CA PHE C 170 -25.23 -17.33 44.00
C PHE C 170 -26.55 -17.19 44.74
N LYS C 171 -26.68 -16.15 45.56
CA LYS C 171 -27.91 -15.75 46.25
C LYS C 171 -27.77 -14.29 46.65
N LYS C 172 -28.57 -13.40 46.07
CA LYS C 172 -28.61 -11.97 46.42
C LYS C 172 -30.00 -11.40 46.22
N ASN C 173 -30.28 -10.28 46.89
CA ASN C 173 -31.49 -9.52 46.71
C ASN C 173 -31.17 -8.17 46.09
N PHE C 174 -32.04 -7.70 45.21
CA PHE C 174 -31.96 -6.37 44.61
C PHE C 174 -33.28 -5.64 44.84
N THR C 175 -33.28 -4.33 44.99
CA THR C 175 -34.51 -3.56 45.22
C THR C 175 -34.92 -2.82 43.97
N TYR C 176 -36.18 -2.92 43.58
CA TYR C 176 -36.73 -2.23 42.41
C TYR C 176 -37.88 -1.31 42.80
N ASN C 177 -38.05 -0.20 42.10
CA ASN C 177 -39.12 0.75 42.36
C ASN C 177 -40.50 0.17 42.04
N VAL C 178 -41.25 -0.26 43.05
CA VAL C 178 -42.60 -0.82 42.91
C VAL C 178 -43.59 0.09 42.19
N SER C 179 -43.34 1.39 42.13
CA SER C 179 -44.25 2.34 41.50
C SER C 179 -44.21 2.27 39.96
N THR C 180 -43.11 1.79 39.39
CA THR C 180 -42.86 1.78 37.94
C THR C 180 -43.70 0.75 37.21
N ASP C 181 -44.06 1.00 35.95
CA ASP C 181 -44.96 0.11 35.21
C ASP C 181 -44.25 -1.02 34.46
N TRP C 182 -42.97 -0.84 34.11
CA TRP C 182 -42.21 -1.78 33.31
C TRP C 182 -40.83 -2.04 33.87
N LEU C 183 -40.43 -3.31 33.93
CA LEU C 183 -39.05 -3.72 34.20
C LEU C 183 -38.46 -4.35 32.95
N TYR C 184 -37.21 -4.04 32.65
CA TYR C 184 -36.48 -4.60 31.53
C TYR C 184 -35.31 -5.44 32.01
N PHE C 185 -35.04 -6.58 31.39
CA PHE C 185 -33.91 -7.45 31.73
C PHE C 185 -33.16 -7.91 30.50
N HIS C 186 -31.83 -7.95 30.57
CA HIS C 186 -31.01 -8.76 29.67
C HIS C 186 -30.46 -9.94 30.44
N PHE C 187 -30.67 -11.17 29.96
CA PHE C 187 -30.00 -12.34 30.47
C PHE C 187 -29.22 -12.99 29.33
N TYR C 188 -27.91 -13.13 29.42
CA TYR C 188 -27.13 -13.80 28.37
C TYR C 188 -25.95 -14.56 28.92
N GLN C 189 -25.37 -15.46 28.13
CA GLN C 189 -24.21 -16.24 28.53
C GLN C 189 -23.08 -16.11 27.52
N GLU C 190 -21.84 -16.06 28.01
CA GLU C 190 -20.64 -16.04 27.19
C GLU C 190 -19.52 -16.77 27.93
N ARG C 191 -18.78 -17.65 27.24
CA ARG C 191 -17.66 -18.43 27.80
C ARG C 191 -17.97 -19.01 29.19
N GLY C 192 -19.08 -19.73 29.32
CA GLY C 192 -19.50 -20.39 30.56
C GLY C 192 -19.91 -19.47 31.70
N THR C 193 -20.07 -18.17 31.45
CA THR C 193 -20.46 -17.17 32.44
C THR C 193 -21.82 -16.57 32.09
N PHE C 194 -22.75 -16.56 33.05
CA PHE C 194 -24.04 -15.89 32.93
C PHE C 194 -23.91 -14.41 33.26
N TYR C 195 -24.68 -13.55 32.59
CA TYR C 195 -24.71 -12.11 32.80
C TYR C 195 -26.14 -11.62 32.90
N ALA C 196 -26.43 -10.73 33.84
CA ALA C 196 -27.73 -10.12 34.00
C ALA C 196 -27.62 -8.60 33.97
N TYR C 197 -28.48 -7.95 33.21
CA TYR C 197 -28.70 -6.51 33.25
C TYR C 197 -30.16 -6.26 33.54
N TYR C 198 -30.49 -5.18 34.23
CA TYR C 198 -31.87 -4.79 34.39
C TYR C 198 -32.07 -3.28 34.42
N ALA C 199 -33.29 -2.83 34.23
CA ALA C 199 -33.71 -1.48 34.55
C ALA C 199 -35.13 -1.50 35.09
N ASP C 200 -35.38 -0.81 36.19
CA ASP C 200 -36.73 -0.56 36.71
C ASP C 200 -37.28 0.80 36.25
N SER C 201 -36.43 1.72 35.80
CA SER C 201 -36.81 3.05 35.33
C SER C 201 -36.05 3.38 34.05
N GLY C 202 -36.75 3.94 33.07
CA GLY C 202 -36.23 4.04 31.70
C GLY C 202 -36.13 2.69 30.98
N MET C 203 -35.72 2.72 29.72
CA MET C 203 -35.58 1.53 28.88
C MET C 203 -34.18 0.90 28.86
N PRO C 204 -33.07 1.66 28.76
CA PRO C 204 -31.74 1.06 28.73
C PRO C 204 -31.40 0.38 30.05
N THR C 205 -30.95 -0.87 30.03
CA THR C 205 -30.63 -1.61 31.26
C THR C 205 -29.21 -1.36 31.76
N THR C 206 -28.95 -1.76 33.00
CA THR C 206 -27.68 -1.61 33.71
C THR C 206 -27.24 -2.96 34.26
N PHE C 207 -25.95 -3.24 34.32
CA PHE C 207 -25.42 -4.49 34.83
C PHE C 207 -25.86 -4.76 36.28
N LEU C 208 -26.40 -5.95 36.57
CA LEU C 208 -26.67 -6.43 37.93
C LEU C 208 -25.50 -7.26 38.46
N PHE C 209 -25.23 -8.40 37.83
CA PHE C 209 -24.22 -9.36 38.26
C PHE C 209 -23.78 -10.26 37.11
N SER C 210 -22.63 -10.90 37.28
CA SER C 210 -22.17 -12.00 36.44
C SER C 210 -21.88 -13.21 37.33
N LEU C 211 -22.04 -14.40 36.78
CA LEU C 211 -21.95 -15.65 37.54
C LEU C 211 -21.31 -16.74 36.69
N TYR C 212 -20.13 -17.21 37.08
CA TYR C 212 -19.51 -18.33 36.40
C TYR C 212 -20.25 -19.62 36.71
N LEU C 213 -20.70 -20.34 35.67
CA LEU C 213 -21.38 -21.63 35.80
C LEU C 213 -20.51 -22.79 35.32
N GLY C 214 -19.68 -22.58 34.31
CA GLY C 214 -18.84 -23.63 33.74
C GLY C 214 -19.58 -24.71 32.95
N THR C 215 -20.85 -24.46 32.64
CA THR C 215 -21.73 -25.30 31.84
C THR C 215 -22.62 -24.41 30.98
N LEU C 216 -22.99 -24.86 29.80
CA LEU C 216 -23.88 -24.14 28.91
C LEU C 216 -25.33 -24.21 29.42
N LEU C 217 -25.98 -23.06 29.66
CA LEU C 217 -27.43 -23.01 29.87
C LEU C 217 -28.13 -23.29 28.55
N SER C 218 -29.29 -23.95 28.58
CA SER C 218 -29.98 -24.37 27.35
C SER C 218 -31.45 -24.01 27.32
N HIS C 219 -32.12 -23.81 28.45
CA HIS C 219 -33.55 -23.60 28.49
C HIS C 219 -33.94 -22.53 29.49
N TYR C 220 -35.06 -21.86 29.26
CA TYR C 220 -35.71 -21.01 30.23
C TYR C 220 -37.20 -21.22 30.22
N TYR C 221 -37.84 -20.86 31.32
CA TYR C 221 -39.27 -21.02 31.50
C TYR C 221 -39.81 -19.94 32.42
N VAL C 222 -41.01 -19.43 32.14
CA VAL C 222 -41.66 -18.41 32.96
C VAL C 222 -42.74 -19.10 33.78
N LEU C 223 -42.66 -19.02 35.10
CA LEU C 223 -43.55 -19.78 35.97
C LEU C 223 -44.98 -19.24 35.89
N PRO C 224 -45.99 -20.08 35.69
CA PRO C 224 -47.38 -19.69 35.87
C PRO C 224 -47.61 -19.15 37.28
N LEU C 225 -48.41 -18.10 37.38
CA LEU C 225 -48.78 -17.49 38.65
C LEU C 225 -50.25 -17.77 38.93
N THR C 226 -50.58 -18.29 40.11
CA THR C 226 -51.98 -18.56 40.47
C THR C 226 -52.52 -17.51 41.43
N CYS C 227 -53.73 -17.00 41.19
CA CYS C 227 -54.27 -15.88 41.95
C CYS C 227 -55.79 -15.89 42.04
N ASN C 228 -56.34 -15.44 43.17
CA ASN C 228 -57.77 -15.19 43.32
C ASN C 228 -58.24 -13.90 42.60
N ALA C 229 -57.30 -13.01 42.23
CA ALA C 229 -57.54 -11.78 41.48
C ALA C 229 -56.87 -11.83 40.09
N ILE C 230 -56.66 -10.67 39.45
CA ILE C 230 -56.01 -10.52 38.14
C ILE C 230 -56.84 -11.20 37.04
N SER C 231 -58.11 -10.82 36.94
CA SER C 231 -59.05 -11.34 35.95
C SER C 231 -60.23 -10.40 35.76
N SER C 232 -60.79 -10.36 34.55
CA SER C 232 -61.83 -9.40 34.13
C SER C 232 -63.10 -9.37 34.99
N ASN C 233 -63.37 -10.43 35.76
CA ASN C 233 -64.48 -10.53 36.71
C ASN C 233 -64.15 -10.04 38.14
N THR C 234 -62.88 -9.87 38.53
CA THR C 234 -62.49 -9.36 39.86
C THR C 234 -61.87 -7.97 39.79
N ASP C 235 -60.95 -7.77 38.86
CA ASP C 235 -60.20 -6.54 38.67
C ASP C 235 -59.54 -6.56 37.28
N ASN C 236 -59.67 -5.46 36.53
CA ASN C 236 -59.06 -5.32 35.23
C ASN C 236 -57.54 -5.14 35.34
N GLU C 237 -56.86 -6.24 35.63
CA GLU C 237 -55.41 -6.36 35.60
C GLU C 237 -54.97 -7.67 34.97
N THR C 238 -53.72 -7.68 34.49
CA THR C 238 -53.10 -8.79 33.75
C THR C 238 -51.61 -8.85 34.04
N LEU C 239 -51.05 -10.05 33.94
CA LEU C 239 -49.61 -10.26 33.86
C LEU C 239 -49.16 -10.10 32.41
N GLN C 240 -47.96 -9.59 32.18
CA GLN C 240 -47.30 -9.66 30.88
C GLN C 240 -45.81 -9.88 31.07
N TYR C 241 -45.23 -10.83 30.34
CA TYR C 241 -43.81 -11.11 30.40
C TYR C 241 -43.31 -11.37 28.98
N TRP C 242 -42.97 -10.30 28.27
CA TRP C 242 -42.56 -10.34 26.89
C TRP C 242 -41.10 -10.75 26.78
N VAL C 243 -40.79 -11.79 26.01
CA VAL C 243 -39.42 -12.28 25.84
C VAL C 243 -39.02 -12.30 24.37
N THR C 244 -37.78 -11.94 24.04
CA THR C 244 -37.23 -12.05 22.69
C THR C 244 -35.77 -12.49 22.72
N PRO C 245 -35.27 -13.30 21.76
CA PRO C 245 -33.89 -13.73 21.74
C PRO C 245 -32.88 -12.58 21.60
N LEU C 246 -31.75 -12.68 22.30
CA LEU C 246 -30.57 -11.86 22.06
C LEU C 246 -29.64 -12.51 21.04
N SER C 247 -28.82 -11.70 20.37
CA SER C 247 -27.71 -12.16 19.54
C SER C 247 -26.67 -11.07 19.41
N LYS C 248 -25.46 -11.41 18.95
CA LYS C 248 -24.38 -10.42 18.79
C LYS C 248 -24.64 -9.56 17.56
N ARG C 249 -25.04 -8.30 17.75
CA ARG C 249 -25.46 -7.39 16.67
C ARG C 249 -24.77 -6.04 16.81
N GLN C 250 -24.61 -5.31 15.71
CA GLN C 250 -24.08 -3.95 15.74
C GLN C 250 -25.22 -2.94 15.76
N TYR C 251 -25.21 -2.05 16.74
CA TYR C 251 -26.21 -0.99 16.91
C TYR C 251 -25.55 0.37 16.77
N LEU C 252 -26.25 1.33 16.16
CA LEU C 252 -26.01 2.73 16.44
C LEU C 252 -26.70 3.08 17.75
N LEU C 253 -26.03 3.78 18.65
CA LEU C 253 -26.57 4.26 19.91
C LEU C 253 -26.42 5.77 19.98
N LYS C 254 -27.45 6.52 20.36
CA LYS C 254 -27.34 7.97 20.60
C LYS C 254 -27.44 8.28 22.08
N PHE C 255 -26.47 9.01 22.61
CA PHE C 255 -26.44 9.49 23.98
C PHE C 255 -26.73 10.98 24.01
N ASP C 256 -27.62 11.44 24.89
CA ASP C 256 -27.91 12.87 25.04
C ASP C 256 -26.83 13.63 25.83
N ASN C 257 -27.06 14.91 26.11
CA ASN C 257 -26.14 15.77 26.86
C ASN C 257 -25.95 15.38 28.34
N ARG C 258 -26.67 14.39 28.86
CA ARG C 258 -26.52 13.86 30.23
C ARG C 258 -26.19 12.36 30.26
N GLY C 259 -25.90 11.77 29.10
CA GLY C 259 -25.42 10.40 28.97
C GLY C 259 -26.49 9.32 29.01
N VAL C 260 -27.76 9.69 28.85
CA VAL C 260 -28.84 8.71 28.68
C VAL C 260 -28.90 8.24 27.23
N ILE C 261 -29.09 6.94 26.99
CA ILE C 261 -29.34 6.43 25.64
C ILE C 261 -30.76 6.81 25.24
N THR C 262 -30.94 7.74 24.32
CA THR C 262 -32.28 8.18 23.90
C THR C 262 -32.83 7.40 22.72
N ASN C 263 -31.97 6.91 21.82
CA ASN C 263 -32.36 6.24 20.60
C ASN C 263 -31.35 5.17 20.21
N ALA C 264 -31.79 4.19 19.43
CA ALA C 264 -30.92 3.16 18.90
C ALA C 264 -31.34 2.74 17.51
N VAL C 265 -30.42 2.18 16.72
CA VAL C 265 -30.70 1.66 15.39
C VAL C 265 -30.01 0.31 15.23
N ASP C 266 -30.76 -0.72 14.86
CA ASP C 266 -30.18 -2.03 14.54
C ASP C 266 -29.71 -2.04 13.09
N CYS C 267 -28.41 -1.95 12.85
CA CYS C 267 -27.89 -1.58 11.54
C CYS C 267 -28.30 -2.50 10.39
N SER C 268 -28.43 -3.81 10.63
CA SER C 268 -28.81 -4.76 9.58
C SER C 268 -30.32 -5.03 9.51
N SER C 269 -31.14 -4.40 10.36
CA SER C 269 -32.57 -4.70 10.42
C SER C 269 -33.38 -4.24 9.22
N SER C 270 -32.98 -3.18 8.50
CA SER C 270 -33.70 -2.64 7.35
C SER C 270 -32.82 -1.72 6.50
N PHE C 271 -33.24 -1.40 5.28
CA PHE C 271 -32.50 -0.46 4.43
C PHE C 271 -32.36 0.91 5.07
N PHE C 272 -33.40 1.45 5.70
CA PHE C 272 -33.27 2.76 6.33
C PHE C 272 -32.34 2.72 7.54
N SER C 273 -32.36 1.62 8.30
CA SER C 273 -31.41 1.41 9.39
C SER C 273 -29.97 1.38 8.87
N GLU C 274 -29.74 0.80 7.69
CA GLU C 274 -28.43 0.80 7.07
C GLU C 274 -27.96 2.20 6.70
N ILE C 275 -28.83 3.07 6.18
CA ILE C 275 -28.49 4.47 5.89
C ILE C 275 -28.18 5.24 7.18
N GLN C 276 -28.98 5.04 8.22
CA GLN C 276 -28.73 5.67 9.52
C GLN C 276 -27.37 5.25 10.07
N CYS C 277 -27.02 3.97 10.08
CA CYS C 277 -25.70 3.55 10.55
C CYS C 277 -24.57 4.04 9.65
N LYS C 278 -24.74 4.01 8.32
CA LYS C 278 -23.73 4.52 7.38
C LYS C 278 -23.39 5.99 7.62
N THR C 279 -24.39 6.80 7.93
CA THR C 279 -24.22 8.23 8.21
C THR C 279 -24.04 8.58 9.70
N LYS C 280 -24.09 7.60 10.60
CA LYS C 280 -24.06 7.78 12.06
C LYS C 280 -25.04 8.85 12.56
N SER C 281 -26.23 8.92 11.98
CA SER C 281 -27.24 9.92 12.36
C SER C 281 -28.65 9.33 12.33
N LEU C 282 -29.55 9.85 13.17
CA LEU C 282 -30.93 9.36 13.21
C LEU C 282 -31.77 9.87 12.05
N LEU C 283 -31.45 11.04 11.50
CA LEU C 283 -32.12 11.62 10.34
C LEU C 283 -31.07 11.97 9.28
N PRO C 284 -30.76 11.05 8.36
CA PRO C 284 -29.81 11.28 7.28
C PRO C 284 -30.22 12.48 6.42
N ASN C 285 -29.27 13.09 5.71
CA ASN C 285 -29.61 14.15 4.76
C ASN C 285 -30.40 13.61 3.56
N THR C 286 -31.19 14.47 2.92
CA THR C 286 -31.87 14.13 1.67
C THR C 286 -30.83 13.75 0.62
N GLY C 287 -31.03 12.64 -0.07
CA GLY C 287 -30.04 12.14 -1.03
C GLY C 287 -30.37 10.74 -1.54
N VAL C 288 -29.58 10.27 -2.50
CA VAL C 288 -29.65 8.90 -3.01
C VAL C 288 -28.47 8.13 -2.47
N TYR C 289 -28.74 7.02 -1.80
CA TYR C 289 -27.75 6.16 -1.18
C TYR C 289 -27.70 4.83 -1.90
N ASP C 290 -26.55 4.45 -2.42
CA ASP C 290 -26.34 3.10 -2.96
C ASP C 290 -25.96 2.18 -1.81
N LEU C 291 -26.88 1.31 -1.40
CA LEU C 291 -26.69 0.43 -0.25
C LEU C 291 -25.69 -0.68 -0.54
N SER C 292 -25.25 -1.38 0.50
CA SER C 292 -24.32 -2.49 0.37
C SER C 292 -24.91 -3.61 -0.49
N GLY C 293 -24.06 -4.27 -1.28
CA GLY C 293 -24.49 -5.30 -2.20
C GLY C 293 -25.08 -6.51 -1.48
N PHE C 294 -26.26 -6.95 -1.90
CA PHE C 294 -26.83 -8.23 -1.51
C PHE C 294 -26.46 -9.31 -2.54
N THR C 295 -26.51 -10.58 -2.15
CA THR C 295 -26.48 -11.75 -3.05
C THR C 295 -27.79 -12.52 -2.89
N VAL C 296 -28.34 -13.05 -3.97
CA VAL C 296 -29.52 -13.93 -3.93
C VAL C 296 -29.23 -15.12 -3.02
N LYS C 297 -30.14 -15.43 -2.09
CA LYS C 297 -29.96 -16.55 -1.16
C LYS C 297 -30.12 -17.89 -1.89
N PRO C 298 -29.28 -18.89 -1.61
CA PRO C 298 -29.40 -20.20 -2.23
C PRO C 298 -30.68 -20.89 -1.75
N VAL C 299 -31.50 -21.39 -2.68
CA VAL C 299 -32.79 -22.02 -2.34
C VAL C 299 -32.66 -23.50 -2.00
N ALA C 300 -31.56 -24.13 -2.38
CA ALA C 300 -31.28 -25.55 -2.19
C ALA C 300 -29.76 -25.79 -2.13
N THR C 301 -29.37 -27.02 -1.78
CA THR C 301 -27.98 -27.48 -1.83
C THR C 301 -27.85 -28.65 -2.79
N VAL C 302 -26.81 -28.65 -3.63
CA VAL C 302 -26.47 -29.77 -4.50
C VAL C 302 -25.27 -30.51 -3.93
N HIS C 303 -25.38 -31.81 -3.70
CA HIS C 303 -24.26 -32.61 -3.22
C HIS C 303 -24.03 -33.80 -4.15
N ARG C 304 -22.80 -33.97 -4.66
CA ARG C 304 -22.44 -35.08 -5.55
C ARG C 304 -21.17 -35.77 -5.05
N ARG C 305 -21.19 -37.10 -5.03
CA ARG C 305 -20.11 -38.03 -4.68
C ARG C 305 -20.25 -39.28 -5.55
N ILE C 306 -19.16 -39.94 -5.90
CA ILE C 306 -19.26 -41.22 -6.61
C ILE C 306 -19.76 -42.27 -5.61
N PRO C 307 -20.85 -42.99 -5.88
CA PRO C 307 -21.43 -43.96 -4.96
C PRO C 307 -20.67 -45.30 -4.99
N ASP C 308 -20.88 -46.11 -3.95
CA ASP C 308 -20.44 -47.51 -3.89
C ASP C 308 -18.92 -47.75 -3.99
N LEU C 309 -18.09 -46.74 -3.71
CA LEU C 309 -16.65 -46.91 -3.61
C LEU C 309 -16.28 -47.75 -2.36
N PRO C 310 -15.20 -48.54 -2.42
CA PRO C 310 -14.75 -49.34 -1.28
C PRO C 310 -14.16 -48.49 -0.16
N ASP C 311 -14.04 -49.04 1.04
CA ASP C 311 -13.30 -48.39 2.12
C ASP C 311 -11.79 -48.37 1.83
N CYS C 312 -11.10 -47.31 2.25
CA CYS C 312 -9.67 -47.17 2.00
C CYS C 312 -8.80 -48.13 2.85
N ASP C 313 -9.31 -48.65 3.97
CA ASP C 313 -8.57 -49.55 4.88
C ASP C 313 -7.26 -48.96 5.41
N ILE C 314 -7.16 -47.64 5.54
CA ILE C 314 -5.95 -46.95 5.97
C ILE C 314 -5.48 -47.48 7.34
N ASP C 315 -6.41 -47.73 8.25
CA ASP C 315 -6.11 -48.29 9.57
C ASP C 315 -5.44 -49.67 9.47
N LYS C 316 -5.83 -50.52 8.52
CA LYS C 316 -5.23 -51.84 8.37
C LYS C 316 -3.79 -51.76 7.92
N TRP C 317 -3.47 -50.83 7.03
CA TRP C 317 -2.09 -50.63 6.58
C TRP C 317 -1.23 -49.97 7.66
N LEU C 318 -1.76 -49.00 8.41
CA LEU C 318 -1.03 -48.40 9.52
C LEU C 318 -0.83 -49.37 10.69
N ASN C 319 -1.81 -50.22 11.02
CA ASN C 319 -1.71 -51.18 12.13
C ASN C 319 -0.93 -52.46 11.79
N ASN C 320 -0.42 -52.63 10.57
CA ASN C 320 0.36 -53.82 10.21
C ASN C 320 1.66 -53.89 11.02
N PHE C 321 1.91 -55.02 11.71
CA PHE C 321 3.03 -55.18 12.63
C PHE C 321 4.43 -55.23 11.99
N ASN C 322 4.55 -55.39 10.68
CA ASN C 322 5.83 -55.41 9.97
C ASN C 322 6.33 -54.00 9.61
N VAL C 323 6.67 -53.21 10.61
CA VAL C 323 6.94 -51.76 10.47
C VAL C 323 8.30 -51.51 9.82
N PRO C 324 8.42 -50.66 8.79
CA PRO C 324 9.69 -50.32 8.17
C PRO C 324 10.48 -49.29 8.98
N SER C 325 11.80 -49.26 8.82
CA SER C 325 12.65 -48.20 9.38
C SER C 325 12.60 -46.92 8.54
N PRO C 326 13.06 -45.77 9.04
CA PRO C 326 13.20 -44.57 8.23
C PRO C 326 14.05 -44.78 6.99
N LEU C 327 15.05 -45.67 7.01
CA LEU C 327 15.90 -45.86 5.84
C LEU C 327 15.10 -46.39 4.64
N ASN C 328 14.16 -47.30 4.88
CA ASN C 328 13.35 -47.97 3.86
C ASN C 328 11.87 -47.64 4.02
N TRP C 329 11.54 -46.39 4.39
CA TRP C 329 10.16 -45.96 4.63
C TRP C 329 9.24 -46.37 3.48
N GLU C 330 8.09 -46.97 3.81
CA GLU C 330 7.13 -47.43 2.81
C GLU C 330 6.09 -46.36 2.49
N ARG C 331 5.58 -46.39 1.26
CA ARG C 331 4.49 -45.54 0.77
C ARG C 331 3.32 -46.39 0.34
N LYS C 332 2.10 -45.93 0.60
CA LYS C 332 0.88 -46.45 -0.02
C LYS C 332 0.03 -45.30 -0.54
N ILE C 333 -0.64 -45.50 -1.66
CA ILE C 333 -1.47 -44.49 -2.33
C ILE C 333 -2.93 -44.93 -2.25
N PHE C 334 -3.81 -44.09 -1.70
CA PHE C 334 -5.24 -44.36 -1.60
C PHE C 334 -6.00 -43.47 -2.56
N SER C 335 -6.74 -44.08 -3.49
CA SER C 335 -7.54 -43.41 -4.51
C SER C 335 -8.81 -44.21 -4.81
N ASN C 336 -9.87 -43.52 -5.23
CA ASN C 336 -11.18 -44.13 -5.46
C ASN C 336 -11.70 -44.95 -4.26
N CYS C 337 -11.65 -44.38 -3.06
CA CYS C 337 -12.09 -45.05 -1.83
C CYS C 337 -12.63 -44.05 -0.81
N ASN C 338 -13.46 -44.52 0.13
CA ASN C 338 -13.98 -43.73 1.24
C ASN C 338 -13.25 -44.00 2.55
N PHE C 339 -13.17 -43.01 3.43
CA PHE C 339 -12.59 -43.17 4.77
C PHE C 339 -13.31 -42.28 5.79
N ASN C 340 -13.20 -42.61 7.09
CA ASN C 340 -13.72 -41.79 8.18
C ASN C 340 -12.58 -41.41 9.10
N LEU C 341 -12.10 -40.16 9.04
CA LEU C 341 -10.98 -39.72 9.84
C LEU C 341 -11.25 -39.87 11.34
N SER C 342 -12.47 -39.61 11.82
CA SER C 342 -12.79 -39.78 13.26
C SER C 342 -12.70 -41.23 13.72
N THR C 343 -13.03 -42.20 12.87
CA THR C 343 -12.87 -43.63 13.18
C THR C 343 -11.43 -44.08 12.98
N LEU C 344 -10.73 -43.59 11.97
CA LEU C 344 -9.32 -43.89 11.74
C LEU C 344 -8.45 -43.46 12.94
N LEU C 345 -8.62 -42.24 13.42
CA LEU C 345 -7.83 -41.73 14.55
C LEU C 345 -8.03 -42.53 15.83
N ARG C 346 -9.22 -43.11 16.05
CA ARG C 346 -9.45 -44.08 17.13
C ARG C 346 -8.70 -45.39 16.88
N LEU C 347 -8.85 -45.99 15.69
CA LEU C 347 -8.33 -47.35 15.41
C LEU C 347 -6.82 -47.47 15.43
N VAL C 348 -6.07 -46.40 15.16
CA VAL C 348 -4.60 -46.44 15.15
C VAL C 348 -3.95 -46.20 16.51
N HIS C 349 -4.72 -45.89 17.56
CA HIS C 349 -4.17 -45.41 18.83
C HIS C 349 -3.27 -44.18 18.64
N THR C 350 -3.88 -43.08 18.22
CA THR C 350 -3.18 -41.82 17.94
C THR C 350 -2.51 -41.27 19.19
N ASP C 351 -1.21 -41.01 19.14
CA ASP C 351 -0.51 -40.25 20.16
C ASP C 351 -0.70 -38.73 19.92
N SER C 352 -0.59 -38.30 18.65
CA SER C 352 -0.79 -36.92 18.21
C SER C 352 -1.13 -36.84 16.72
N PHE C 353 -1.95 -35.88 16.29
CA PHE C 353 -2.25 -35.61 14.88
C PHE C 353 -2.30 -34.11 14.61
N SER C 354 -1.71 -33.63 13.52
CA SER C 354 -1.72 -32.20 13.16
C SER C 354 -1.46 -32.01 11.66
N CYS C 355 -1.75 -30.83 11.13
CA CYS C 355 -1.66 -30.55 9.70
C CYS C 355 -0.86 -29.27 9.41
N ASN C 356 -0.35 -29.19 8.19
CA ASN C 356 0.44 -28.10 7.65
C ASN C 356 -0.14 -27.66 6.29
N ASN C 357 -0.25 -26.35 6.07
CA ASN C 357 -0.94 -25.74 4.92
C ASN C 357 -2.41 -26.19 4.74
N PHE C 358 -3.00 -26.75 5.79
CA PHE C 358 -4.33 -27.35 5.84
C PHE C 358 -4.76 -27.49 7.31
N ASP C 359 -6.02 -27.82 7.59
CA ASP C 359 -6.48 -28.13 8.95
C ASP C 359 -7.28 -29.43 9.03
N GLU C 360 -7.05 -30.26 10.05
CA GLU C 360 -7.84 -31.46 10.34
C GLU C 360 -9.34 -31.19 10.26
N SER C 361 -9.81 -30.07 10.82
CA SER C 361 -11.24 -29.77 10.83
C SER C 361 -11.84 -29.61 9.42
N LYS C 362 -11.01 -29.32 8.41
CA LYS C 362 -11.40 -29.22 7.00
C LYS C 362 -11.28 -30.55 6.26
N ILE C 363 -10.63 -31.57 6.82
CA ILE C 363 -10.58 -32.88 6.17
C ILE C 363 -11.96 -33.52 6.17
N TYR C 364 -12.69 -33.41 7.27
CA TYR C 364 -14.03 -33.98 7.40
C TYR C 364 -14.97 -33.52 6.28
N GLY C 365 -15.51 -34.46 5.51
CA GLY C 365 -16.41 -34.18 4.39
C GLY C 365 -15.74 -33.82 3.05
N SER C 366 -14.44 -33.51 3.03
CA SER C 366 -13.72 -33.13 1.82
C SER C 366 -13.35 -34.31 0.92
N CYS C 367 -12.98 -34.02 -0.33
CA CYS C 367 -12.45 -35.00 -1.28
C CYS C 367 -11.06 -34.62 -1.78
N PHE C 368 -10.25 -35.63 -2.10
CA PHE C 368 -8.89 -35.51 -2.59
C PHE C 368 -8.70 -36.36 -3.84
N LYS C 369 -7.80 -35.97 -4.75
CA LYS C 369 -7.44 -36.79 -5.92
C LYS C 369 -6.81 -38.10 -5.49
N SER C 370 -5.94 -38.04 -4.50
CA SER C 370 -5.41 -39.20 -3.79
C SER C 370 -4.86 -38.78 -2.44
N ILE C 371 -4.83 -39.71 -1.49
CA ILE C 371 -4.09 -39.54 -0.23
C ILE C 371 -2.87 -40.43 -0.34
N VAL C 372 -1.69 -39.86 -0.15
CA VAL C 372 -0.43 -40.58 -0.19
C VAL C 372 0.10 -40.67 1.21
N LEU C 373 0.34 -41.87 1.71
CA LEU C 373 0.70 -42.11 3.09
C LEU C 373 2.06 -42.79 3.18
N ASP C 374 2.99 -42.14 3.88
CA ASP C 374 4.34 -42.65 4.11
C ASP C 374 4.50 -43.01 5.58
N LYS C 375 5.07 -44.16 5.95
CA LYS C 375 5.20 -44.57 7.37
C LYS C 375 6.58 -45.11 7.74
N PHE C 376 7.00 -44.95 9.00
CA PHE C 376 8.15 -45.65 9.58
C PHE C 376 8.18 -45.63 11.11
N ALA C 377 8.90 -46.57 11.73
CA ALA C 377 9.15 -46.54 13.17
C ALA C 377 10.09 -45.39 13.54
N ILE C 378 9.88 -44.73 14.67
CA ILE C 378 10.72 -43.61 15.09
C ILE C 378 11.84 -44.14 15.99
N PRO C 379 13.13 -43.98 15.66
CA PRO C 379 14.19 -44.25 16.62
C PRO C 379 14.11 -43.22 17.76
N ASN C 380 13.95 -43.65 19.01
CA ASN C 380 13.57 -42.77 20.13
C ASN C 380 14.41 -41.49 20.24
N SER C 381 15.73 -41.61 20.22
CA SER C 381 16.65 -40.47 20.36
C SER C 381 16.55 -39.46 19.21
N ARG C 382 16.02 -39.85 18.04
CA ARG C 382 15.85 -38.97 16.89
C ARG C 382 14.47 -38.33 16.79
N ARG C 383 13.58 -38.51 17.77
CA ARG C 383 12.17 -38.03 17.72
C ARG C 383 12.04 -36.56 17.31
N SER C 384 12.91 -35.68 17.80
CA SER C 384 12.87 -34.26 17.47
C SER C 384 13.22 -33.94 16.02
N ASP C 385 13.88 -34.83 15.27
CA ASP C 385 14.19 -34.60 13.86
C ASP C 385 12.92 -34.50 13.00
N LEU C 386 11.78 -35.00 13.47
CA LEU C 386 10.51 -34.94 12.74
C LEU C 386 9.78 -33.59 12.86
N GLN C 387 10.37 -32.59 13.52
CA GLN C 387 9.87 -31.21 13.48
C GLN C 387 10.00 -30.61 12.07
N LEU C 388 8.97 -29.92 11.58
CA LEU C 388 8.99 -29.34 10.24
C LEU C 388 10.15 -28.35 10.08
N GLY C 389 10.86 -28.44 8.96
CA GLY C 389 12.03 -27.61 8.68
C GLY C 389 13.32 -27.99 9.43
N SER C 390 13.31 -29.04 10.26
CA SER C 390 14.52 -29.55 10.90
C SER C 390 15.54 -30.08 9.90
N SER C 391 16.83 -29.88 10.15
CA SER C 391 17.93 -30.46 9.37
C SER C 391 18.54 -31.73 10.01
N GLY C 392 17.90 -32.30 11.03
CA GLY C 392 18.36 -33.52 11.70
C GLY C 392 18.45 -34.76 10.80
N PHE C 393 19.16 -35.79 11.26
CA PHE C 393 19.50 -36.97 10.43
C PHE C 393 18.31 -37.59 9.71
N LEU C 394 17.14 -37.69 10.36
CA LEU C 394 15.98 -38.28 9.69
C LEU C 394 15.61 -37.51 8.43
N GLN C 395 15.43 -36.19 8.49
CA GLN C 395 15.03 -35.43 7.32
C GLN C 395 16.19 -35.06 6.38
N SER C 396 17.43 -35.13 6.86
CA SER C 396 18.60 -34.93 6.00
C SER C 396 18.90 -36.15 5.13
N SER C 397 18.73 -37.35 5.68
CA SER C 397 19.26 -38.59 5.09
C SER C 397 18.27 -39.75 5.01
N ASN C 398 17.01 -39.60 5.41
CA ASN C 398 16.05 -40.71 5.42
C ASN C 398 14.71 -40.33 4.80
N TYR C 399 14.05 -39.29 5.30
CA TYR C 399 12.73 -38.89 4.86
C TYR C 399 12.51 -37.39 5.06
N LYS C 400 12.63 -36.59 4.01
CA LYS C 400 12.32 -35.15 4.06
C LYS C 400 10.81 -34.95 4.06
N ILE C 401 10.25 -34.36 5.11
CA ILE C 401 8.83 -33.97 5.12
C ILE C 401 8.66 -32.76 4.22
N ASP C 402 7.78 -32.84 3.22
CA ASP C 402 7.53 -31.70 2.34
C ASP C 402 6.73 -30.61 3.05
N THR C 403 7.38 -29.51 3.43
CA THR C 403 6.72 -28.40 4.12
C THR C 403 5.87 -27.51 3.19
N THR C 404 5.98 -27.66 1.87
CA THR C 404 5.30 -26.79 0.90
C THR C 404 3.91 -27.28 0.52
N SER C 405 3.67 -28.59 0.57
CA SER C 405 2.37 -29.18 0.23
C SER C 405 1.43 -29.23 1.43
N SER C 406 0.13 -29.40 1.14
CA SER C 406 -0.89 -29.70 2.14
C SER C 406 -0.69 -31.11 2.70
N SER C 407 -0.29 -31.24 3.96
CA SER C 407 0.01 -32.55 4.58
C SER C 407 -0.32 -32.58 6.06
N CYS C 408 -0.47 -33.77 6.63
CA CYS C 408 -0.73 -33.98 8.05
C CYS C 408 0.18 -35.05 8.62
N GLN C 409 0.71 -34.83 9.82
CA GLN C 409 1.62 -35.76 10.47
C GLN C 409 0.89 -36.49 11.59
N LEU C 410 0.91 -37.81 11.55
CA LEU C 410 0.34 -38.69 12.55
C LEU C 410 1.48 -39.32 13.34
N TYR C 411 1.43 -39.18 14.67
CA TYR C 411 2.23 -39.98 15.58
C TYR C 411 1.29 -40.98 16.24
N TYR C 412 1.63 -42.25 16.18
CA TYR C 412 0.80 -43.33 16.71
C TYR C 412 1.68 -44.46 17.19
N SER C 413 1.09 -45.46 17.85
CA SER C 413 1.91 -46.49 18.49
C SER C 413 1.23 -47.84 18.53
N LEU C 414 2.02 -48.91 18.43
CA LEU C 414 1.57 -50.30 18.43
C LEU C 414 2.20 -51.08 19.59
N PRO C 415 1.52 -52.09 20.15
CA PRO C 415 2.06 -52.85 21.27
C PRO C 415 3.34 -53.58 20.87
N ALA C 416 4.42 -53.36 21.62
CA ALA C 416 5.76 -53.71 21.18
C ALA C 416 5.97 -55.21 20.96
N ILE C 417 5.28 -56.06 21.72
CA ILE C 417 5.42 -57.52 21.60
C ILE C 417 4.99 -58.06 20.23
N ASN C 418 4.12 -57.35 19.50
CA ASN C 418 3.66 -57.77 18.19
C ASN C 418 4.54 -57.23 17.05
N VAL C 419 5.04 -56.00 17.20
CA VAL C 419 5.84 -55.32 16.17
C VAL C 419 7.13 -56.06 15.86
N THR C 420 7.50 -56.12 14.59
CA THR C 420 8.84 -56.53 14.12
C THR C 420 9.37 -55.48 13.15
N ILE C 421 10.59 -54.99 13.37
CA ILE C 421 11.14 -53.93 12.53
C ILE C 421 11.80 -54.51 11.29
N ASN C 422 11.37 -54.07 10.11
CA ASN C 422 11.96 -54.45 8.84
C ASN C 422 13.06 -53.46 8.42
N ASN C 423 14.28 -53.62 8.93
CA ASN C 423 15.44 -52.87 8.45
C ASN C 423 15.92 -53.42 7.10
N TYR C 424 16.06 -52.56 6.10
CA TYR C 424 16.49 -52.92 4.75
C TYR C 424 17.23 -51.76 4.11
N ASN C 425 18.25 -52.00 3.28
CA ASN C 425 18.93 -50.93 2.56
C ASN C 425 18.40 -50.85 1.12
N PRO C 426 17.78 -49.74 0.69
CA PRO C 426 17.21 -49.62 -0.65
C PRO C 426 18.24 -49.23 -1.71
N SER C 427 19.47 -48.85 -1.33
CA SER C 427 20.47 -48.36 -2.28
C SER C 427 20.93 -49.45 -3.24
N SER C 428 20.62 -49.29 -4.52
CA SER C 428 21.00 -50.25 -5.56
C SER C 428 22.52 -50.36 -5.70
N TRP C 429 23.25 -49.25 -5.59
CA TRP C 429 24.71 -49.29 -5.72
C TRP C 429 25.39 -49.95 -4.52
N ASN C 430 24.91 -49.72 -3.29
CA ASN C 430 25.40 -50.50 -2.15
C ASN C 430 25.16 -52.00 -2.35
N ARG C 431 23.96 -52.39 -2.81
CA ARG C 431 23.63 -53.80 -3.06
C ARG C 431 24.47 -54.41 -4.17
N ARG C 432 24.86 -53.63 -5.18
CA ARG C 432 25.76 -54.10 -6.25
C ARG C 432 27.10 -54.57 -5.69
N TYR C 433 27.66 -53.84 -4.72
CA TYR C 433 28.99 -54.08 -4.17
C TYR C 433 28.99 -54.78 -2.81
N GLY C 434 27.99 -55.63 -2.53
CA GLY C 434 28.09 -56.63 -1.47
C GLY C 434 27.30 -56.35 -0.19
N PHE C 435 26.58 -55.22 -0.07
CA PHE C 435 25.69 -55.03 1.09
C PHE C 435 24.51 -56.00 1.02
N ASN C 436 24.31 -56.85 2.02
CA ASN C 436 23.23 -57.84 2.05
C ASN C 436 22.06 -57.38 2.93
N ASN C 437 22.27 -57.35 4.25
CA ASN C 437 21.27 -57.01 5.26
C ASN C 437 21.92 -56.67 6.61
N PHE C 438 21.14 -56.06 7.50
CA PHE C 438 21.52 -55.78 8.87
C PHE C 438 21.40 -57.01 9.77
N ASN C 439 22.09 -57.02 10.91
CA ASN C 439 22.00 -58.06 11.93
C ASN C 439 21.80 -57.43 13.32
N LEU C 440 20.55 -57.13 13.67
CA LEU C 440 20.17 -56.34 14.84
C LEU C 440 18.96 -56.91 15.57
N SER C 441 18.74 -56.46 16.81
CA SER C 441 17.58 -56.83 17.63
C SER C 441 16.24 -56.48 16.98
N SER C 442 15.19 -57.22 17.34
CA SER C 442 13.85 -57.14 16.75
C SER C 442 13.23 -55.73 16.79
N HIS C 443 13.55 -54.93 17.81
CA HIS C 443 13.07 -53.55 17.96
C HIS C 443 14.08 -52.47 17.58
N SER C 444 15.28 -52.83 17.13
CA SER C 444 16.26 -51.85 16.65
C SER C 444 15.85 -51.28 15.30
N VAL C 445 15.79 -49.96 15.20
CA VAL C 445 15.46 -49.22 13.98
C VAL C 445 16.71 -48.55 13.45
N VAL C 446 17.15 -48.85 12.22
CA VAL C 446 18.28 -48.15 11.60
C VAL C 446 17.88 -46.81 11.01
N TYR C 447 18.80 -45.86 10.96
CA TYR C 447 18.66 -44.64 10.19
C TYR C 447 20.02 -44.26 9.59
N SER C 448 20.01 -43.72 8.39
CA SER C 448 21.20 -43.16 7.76
C SER C 448 21.57 -41.84 8.42
N ARG C 449 22.86 -41.60 8.66
CA ARG C 449 23.37 -40.27 9.03
C ARG C 449 23.84 -39.51 7.80
N TYR C 450 24.57 -40.15 6.89
CA TYR C 450 25.09 -39.51 5.68
C TYR C 450 24.79 -40.34 4.43
N CYS C 451 24.20 -39.75 3.40
CA CYS C 451 23.93 -40.42 2.13
C CYS C 451 24.94 -40.00 1.07
N PHE C 452 25.46 -40.99 0.33
CA PHE C 452 26.39 -40.80 -0.77
C PHE C 452 25.79 -41.33 -2.07
N SER C 453 25.99 -40.56 -3.12
CA SER C 453 25.56 -40.89 -4.48
C SER C 453 26.79 -41.04 -5.36
N VAL C 454 26.68 -41.89 -6.37
CA VAL C 454 27.76 -42.26 -7.30
C VAL C 454 27.21 -42.38 -8.71
N ASN C 455 28.04 -42.15 -9.73
CA ASN C 455 27.62 -42.34 -11.11
C ASN C 455 27.45 -43.83 -11.43
N ASN C 456 26.78 -44.15 -12.53
CA ASN C 456 26.60 -45.54 -12.96
C ASN C 456 27.92 -46.24 -13.35
N THR C 457 29.00 -45.49 -13.55
CA THR C 457 30.36 -46.00 -13.83
C THR C 457 31.20 -46.28 -12.58
N PHE C 458 30.70 -46.03 -11.36
CA PHE C 458 31.48 -46.21 -10.13
C PHE C 458 31.81 -47.67 -9.81
N CYS C 459 33.06 -47.94 -9.40
CA CYS C 459 33.48 -49.19 -8.77
C CYS C 459 34.45 -48.91 -7.61
N PRO C 460 34.33 -49.56 -6.45
CA PRO C 460 35.19 -49.29 -5.30
C PRO C 460 36.53 -50.02 -5.30
N CYS C 461 36.78 -51.00 -6.17
CA CYS C 461 38.04 -51.75 -6.17
C CYS C 461 39.15 -51.09 -7.01
N ALA C 462 40.41 -51.17 -6.57
CA ALA C 462 41.56 -50.77 -7.38
C ALA C 462 41.89 -51.82 -8.45
N LYS C 463 42.56 -51.39 -9.52
CA LYS C 463 42.91 -52.27 -10.65
C LYS C 463 43.98 -53.29 -10.23
N PRO C 464 43.80 -54.59 -10.50
CA PRO C 464 44.75 -55.63 -10.09
C PRO C 464 46.19 -55.37 -10.54
N SER C 465 46.40 -54.84 -11.75
CA SER C 465 47.75 -54.49 -12.23
C SER C 465 48.39 -53.40 -11.37
N PHE C 466 47.69 -52.29 -11.13
CA PHE C 466 48.20 -51.22 -10.28
C PHE C 466 48.49 -51.72 -8.87
N ALA C 467 47.58 -52.47 -8.25
CA ALA C 467 47.84 -53.04 -6.92
C ALA C 467 49.08 -53.94 -6.92
N SER C 468 49.28 -54.78 -7.94
CA SER C 468 50.49 -55.60 -8.05
C SER C 468 51.79 -54.79 -8.19
N SER C 469 51.71 -53.57 -8.74
CA SER C 469 52.87 -52.68 -8.85
C SER C 469 53.25 -52.03 -7.52
N CYS C 470 52.29 -51.86 -6.61
CA CYS C 470 52.52 -51.26 -5.29
C CYS C 470 53.29 -52.19 -4.34
N LYS C 471 54.06 -51.59 -3.43
CA LYS C 471 54.75 -52.32 -2.34
C LYS C 471 54.70 -51.65 -0.97
N SER C 472 54.05 -50.49 -0.87
CA SER C 472 53.70 -49.86 0.40
C SER C 472 52.27 -49.32 0.34
N HIS C 473 51.48 -49.61 1.38
CA HIS C 473 50.04 -49.31 1.44
C HIS C 473 49.29 -49.80 0.20
N LYS C 474 49.60 -51.02 -0.27
CA LYS C 474 48.96 -51.62 -1.45
C LYS C 474 47.44 -51.64 -1.26
N PRO C 475 46.66 -51.03 -2.18
CA PRO C 475 45.20 -51.07 -2.08
C PRO C 475 44.70 -52.47 -2.46
N PRO C 476 43.62 -52.96 -1.83
CA PRO C 476 43.00 -54.19 -2.28
C PRO C 476 42.41 -54.02 -3.69
N SER C 477 42.34 -55.12 -4.44
CA SER C 477 41.91 -55.14 -5.83
C SER C 477 40.99 -56.31 -6.11
N ALA C 478 40.22 -56.18 -7.19
CA ALA C 478 39.40 -57.22 -7.79
C ALA C 478 38.95 -56.73 -9.17
N SER C 479 38.41 -57.60 -10.02
CA SER C 479 37.82 -57.18 -11.29
C SER C 479 36.56 -56.33 -11.06
N CYS C 480 36.50 -55.13 -11.65
CA CYS C 480 35.30 -54.29 -11.62
C CYS C 480 34.30 -54.71 -12.72
N PRO C 481 32.99 -54.46 -12.55
CA PRO C 481 32.00 -54.72 -13.58
C PRO C 481 32.31 -54.03 -14.90
N ILE C 482 31.91 -54.61 -16.03
CA ILE C 482 32.07 -53.98 -17.35
C ILE C 482 31.38 -52.61 -17.41
N GLY C 483 32.01 -51.64 -18.05
CA GLY C 483 31.49 -50.26 -18.14
C GLY C 483 31.64 -49.44 -16.86
N THR C 484 32.60 -49.77 -16.00
CA THR C 484 32.90 -49.02 -14.78
C THR C 484 34.38 -48.68 -14.70
N ASN C 485 34.73 -47.66 -13.91
CA ASN C 485 36.10 -47.20 -13.73
C ASN C 485 36.65 -47.70 -12.40
N TYR C 486 37.86 -48.27 -12.40
CA TYR C 486 38.54 -48.69 -11.19
C TYR C 486 38.81 -47.51 -10.25
N ARG C 487 38.98 -47.82 -8.96
CA ARG C 487 39.34 -46.86 -7.90
C ARG C 487 40.57 -46.05 -8.32
N SER C 488 40.43 -44.73 -8.38
CA SER C 488 41.52 -43.85 -8.79
C SER C 488 42.65 -43.84 -7.76
N CYS C 489 43.87 -44.11 -8.22
CA CYS C 489 45.09 -44.24 -7.43
C CYS C 489 46.33 -43.75 -8.18
N GLU C 490 47.38 -43.44 -7.43
CA GLU C 490 48.66 -42.91 -7.91
C GLU C 490 49.83 -43.57 -7.15
N SER C 491 50.93 -43.82 -7.85
CA SER C 491 52.19 -44.26 -7.22
C SER C 491 53.16 -43.09 -7.17
N THR C 492 53.74 -42.84 -6.00
CA THR C 492 54.63 -41.71 -5.74
C THR C 492 55.92 -42.19 -5.07
N THR C 493 57.01 -41.47 -5.28
CA THR C 493 58.27 -41.73 -4.58
C THR C 493 58.24 -41.03 -3.22
N VAL C 494 58.09 -41.77 -2.13
CA VAL C 494 57.89 -41.21 -0.77
C VAL C 494 58.77 -41.94 0.24
N LEU C 495 59.46 -41.21 1.12
CA LEU C 495 60.31 -41.77 2.18
C LEU C 495 61.29 -42.84 1.65
N ASP C 496 61.97 -42.54 0.54
CA ASP C 496 62.89 -43.45 -0.16
C ASP C 496 62.24 -44.71 -0.79
N HIS C 497 60.91 -44.89 -0.67
CA HIS C 497 60.17 -45.95 -1.35
C HIS C 497 59.80 -45.53 -2.78
N THR C 498 60.03 -46.41 -3.76
CA THR C 498 59.80 -46.12 -5.19
C THR C 498 58.35 -46.33 -5.67
N ASP C 499 57.58 -47.16 -4.97
CA ASP C 499 56.21 -47.56 -5.34
C ASP C 499 55.30 -47.50 -4.10
N TRP C 500 55.37 -46.35 -3.43
CA TRP C 500 54.46 -45.96 -2.37
C TRP C 500 53.15 -45.46 -2.99
N CYS C 501 52.04 -46.13 -2.70
CA CYS C 501 50.78 -45.91 -3.41
C CYS C 501 49.76 -45.13 -2.56
N ARG C 502 49.09 -44.17 -3.20
CA ARG C 502 48.00 -43.36 -2.63
C ARG C 502 46.75 -43.47 -3.49
N CYS C 503 45.58 -43.34 -2.89
CA CYS C 503 44.31 -43.46 -3.60
C CYS C 503 43.30 -42.42 -3.10
N SER C 504 42.24 -42.25 -3.89
CA SER C 504 41.09 -41.39 -3.55
C SER C 504 40.32 -41.82 -2.29
N CYS C 505 39.40 -40.97 -1.81
CA CYS C 505 38.49 -41.25 -0.69
C CYS C 505 39.16 -41.63 0.66
N LEU C 506 40.45 -41.36 0.85
CA LEU C 506 41.09 -41.55 2.15
C LEU C 506 40.73 -40.40 3.11
N PRO C 507 40.63 -40.67 4.43
CA PRO C 507 40.67 -42.00 5.04
C PRO C 507 39.42 -42.85 4.74
N ASP C 508 38.26 -42.21 4.58
CA ASP C 508 36.97 -42.82 4.24
C ASP C 508 36.08 -41.75 3.57
N PRO C 509 34.97 -42.08 2.88
CA PRO C 509 34.19 -41.09 2.14
C PRO C 509 33.52 -40.03 3.01
N ILE C 510 33.30 -40.28 4.30
CA ILE C 510 32.70 -39.31 5.21
C ILE C 510 33.76 -38.32 5.68
N THR C 511 34.96 -38.80 5.99
CA THR C 511 36.07 -37.99 6.53
C THR C 511 37.08 -37.53 5.48
N ALA C 512 36.80 -37.73 4.20
CA ALA C 512 37.75 -37.56 3.10
C ALA C 512 38.49 -36.21 3.11
N TYR C 513 39.80 -36.21 2.84
CA TYR C 513 40.59 -34.99 2.80
C TYR C 513 40.17 -34.03 1.68
N ASP C 514 39.59 -34.53 0.60
CA ASP C 514 39.01 -33.71 -0.46
C ASP C 514 37.86 -34.45 -1.16
N PRO C 515 36.61 -33.97 -1.02
CA PRO C 515 35.47 -34.52 -1.75
C PRO C 515 35.55 -34.34 -3.27
N ARG C 516 36.49 -33.54 -3.80
CA ARG C 516 36.66 -33.37 -5.25
C ARG C 516 37.10 -34.65 -5.92
N SER C 517 38.18 -35.28 -5.44
CA SER C 517 38.71 -36.52 -6.04
C SER C 517 37.86 -37.75 -5.72
N CYS C 518 37.22 -37.81 -4.55
CA CYS C 518 36.44 -38.98 -4.17
C CYS C 518 35.17 -39.13 -5.02
N SER C 519 34.92 -40.32 -5.58
CA SER C 519 33.78 -40.55 -6.47
C SER C 519 32.44 -40.60 -5.74
N GLN C 520 32.44 -40.87 -4.44
CA GLN C 520 31.24 -40.88 -3.59
C GLN C 520 30.91 -39.45 -3.15
N LYS C 521 29.81 -38.87 -3.63
CA LYS C 521 29.43 -37.49 -3.34
C LYS C 521 28.33 -37.44 -2.28
N LYS C 522 28.51 -36.64 -1.23
CA LYS C 522 27.47 -36.39 -0.23
C LYS C 522 26.23 -35.78 -0.89
N SER C 523 25.04 -36.23 -0.52
CA SER C 523 23.77 -35.80 -1.12
C SER C 523 22.62 -35.90 -0.14
N LEU C 524 21.94 -34.78 0.14
CA LEU C 524 20.73 -34.77 0.97
C LEU C 524 19.57 -35.46 0.24
N VAL C 525 18.65 -36.11 0.97
CA VAL C 525 17.50 -36.77 0.31
C VAL C 525 16.50 -35.76 -0.21
N GLY C 526 16.00 -35.99 -1.43
CA GLY C 526 14.92 -35.21 -2.02
C GLY C 526 13.54 -35.67 -1.56
N VAL C 527 12.54 -34.81 -1.67
CA VAL C 527 11.16 -35.16 -1.31
C VAL C 527 10.71 -36.37 -2.11
N GLY C 528 10.19 -37.40 -1.43
CA GLY C 528 9.69 -38.61 -2.07
C GLY C 528 10.74 -39.69 -2.36
N GLU C 529 12.02 -39.46 -2.07
CA GLU C 529 13.13 -40.37 -2.41
C GLU C 529 13.83 -40.92 -1.16
N HIS C 530 14.34 -42.17 -1.25
CA HIS C 530 15.13 -42.78 -0.18
C HIS C 530 16.60 -42.34 -0.22
N CYS C 531 17.38 -42.73 0.77
CA CYS C 531 18.82 -42.50 0.80
C CYS C 531 19.52 -43.05 -0.44
N ALA C 532 20.44 -42.29 -1.03
CA ALA C 532 21.21 -42.75 -2.20
C ALA C 532 22.08 -43.98 -1.88
N GLY C 533 22.61 -44.07 -0.66
CA GLY C 533 23.44 -45.17 -0.20
C GLY C 533 24.36 -44.75 0.94
N PHE C 534 24.81 -45.72 1.73
CA PHE C 534 25.86 -45.53 2.71
C PHE C 534 27.20 -45.32 1.99
N GLY C 535 28.06 -44.48 2.54
CA GLY C 535 29.44 -44.37 2.07
C GLY C 535 30.19 -45.66 2.37
N VAL C 536 30.99 -46.15 1.43
CA VAL C 536 31.77 -47.38 1.60
C VAL C 536 33.25 -47.09 1.74
N ASP C 537 33.90 -47.70 2.72
CA ASP C 537 35.34 -47.67 2.88
C ASP C 537 36.02 -48.52 1.80
N GLU C 538 36.54 -47.86 0.78
CA GLU C 538 37.11 -48.54 -0.38
C GLU C 538 38.35 -49.40 -0.03
N GLU C 539 39.02 -49.12 1.09
CA GLU C 539 40.13 -49.96 1.60
C GLU C 539 39.67 -51.31 2.17
N LYS C 540 38.36 -51.59 2.17
CA LYS C 540 37.77 -52.88 2.54
C LYS C 540 37.10 -53.61 1.38
N CYS C 541 37.29 -53.13 0.14
CA CYS C 541 36.66 -53.70 -1.05
C CYS C 541 37.65 -54.50 -1.91
N GLY C 542 37.28 -55.71 -2.32
CA GLY C 542 38.20 -56.67 -2.96
C GLY C 542 39.14 -57.33 -1.95
N VAL C 543 40.29 -57.84 -2.41
CA VAL C 543 41.29 -58.52 -1.56
C VAL C 543 42.71 -58.05 -1.92
N LEU C 544 43.67 -58.22 -1.02
CA LEU C 544 45.00 -57.57 -1.11
C LEU C 544 45.75 -57.82 -2.42
N ASP C 545 45.60 -59.00 -3.02
CA ASP C 545 46.24 -59.37 -4.30
C ASP C 545 45.23 -59.93 -5.31
N GLY C 546 43.97 -59.47 -5.26
CA GLY C 546 42.89 -60.02 -6.09
C GLY C 546 43.06 -59.73 -7.58
N SER C 547 43.21 -60.80 -8.35
CA SER C 547 43.33 -60.81 -9.82
C SER C 547 41.98 -60.67 -10.54
N TYR C 548 42.00 -60.66 -11.87
CA TYR C 548 40.80 -60.43 -12.68
C TYR C 548 39.73 -61.54 -12.64
N ASN C 549 40.04 -62.70 -12.04
CA ASN C 549 39.10 -63.80 -11.83
C ASN C 549 38.16 -63.64 -10.62
N VAL C 550 38.41 -62.68 -9.71
CA VAL C 550 37.52 -62.39 -8.56
C VAL C 550 36.73 -61.11 -8.80
N SER C 551 35.42 -61.13 -8.56
CA SER C 551 34.53 -59.97 -8.70
C SER C 551 34.67 -58.99 -7.52
N CYS C 552 34.56 -57.70 -7.80
CA CYS C 552 34.61 -56.67 -6.78
C CYS C 552 33.37 -56.70 -5.87
N LEU C 553 33.59 -56.76 -4.55
CA LEU C 553 32.58 -56.54 -3.51
C LEU C 553 33.27 -56.13 -2.21
N CYS C 554 32.51 -55.61 -1.25
CA CYS C 554 33.00 -55.10 0.01
C CYS C 554 32.41 -55.90 1.18
N SER C 555 33.16 -56.05 2.26
CA SER C 555 32.66 -56.65 3.49
C SER C 555 31.60 -55.77 4.17
N THR C 556 30.74 -56.33 5.00
CA THR C 556 29.62 -55.59 5.61
C THR C 556 30.06 -54.42 6.49
N ASP C 557 31.21 -54.52 7.15
CA ASP C 557 31.78 -53.44 7.95
C ASP C 557 32.34 -52.29 7.10
N ALA C 558 32.49 -52.47 5.78
CA ALA C 558 32.93 -51.39 4.90
C ALA C 558 31.90 -50.26 4.76
N PHE C 559 30.61 -50.52 4.95
CA PHE C 559 29.57 -49.51 4.78
C PHE C 559 29.38 -48.70 6.06
N LEU C 560 29.62 -47.41 6.00
CA LEU C 560 29.71 -46.47 7.12
C LEU C 560 28.51 -45.50 7.16
N GLY C 561 28.43 -44.63 8.17
CA GLY C 561 27.52 -43.49 8.15
C GLY C 561 26.06 -43.82 8.46
N TRP C 562 25.80 -44.90 9.18
CA TRP C 562 24.47 -45.31 9.64
C TRP C 562 24.51 -45.69 11.14
N SER C 563 23.35 -45.75 11.78
CA SER C 563 23.20 -45.96 13.22
C SER C 563 21.82 -46.52 13.53
N TYR C 564 21.55 -46.95 14.76
CA TYR C 564 20.25 -47.48 15.16
C TYR C 564 19.86 -47.16 16.60
N ASP C 565 18.57 -47.23 16.89
CA ASP C 565 17.99 -47.06 18.22
C ASP C 565 16.67 -47.84 18.36
N THR C 566 16.19 -48.10 19.56
CA THR C 566 14.86 -48.68 19.76
C THR C 566 13.74 -47.69 19.44
N CYS C 567 12.55 -48.20 19.08
CA CYS C 567 11.32 -47.41 19.00
C CYS C 567 10.44 -47.50 20.25
N VAL C 568 10.79 -48.33 21.23
CA VAL C 568 9.86 -48.71 22.31
C VAL C 568 9.83 -47.69 23.43
N SER C 569 8.62 -47.32 23.87
CA SER C 569 8.35 -46.56 25.10
C SER C 569 7.09 -47.13 25.75
N ASN C 570 7.03 -47.29 27.08
CA ASN C 570 5.84 -47.79 27.78
C ASN C 570 5.24 -49.08 27.17
N ASN C 571 6.09 -50.01 26.73
CA ASN C 571 5.71 -51.24 26.02
C ASN C 571 4.97 -51.04 24.68
N ARG C 572 5.05 -49.86 24.06
CA ARG C 572 4.56 -49.60 22.70
C ARG C 572 5.69 -49.09 21.82
N CYS C 573 5.76 -49.52 20.57
CA CYS C 573 6.65 -48.94 19.57
C CYS C 573 6.03 -47.66 19.01
N ASN C 574 6.75 -46.53 19.04
CA ASN C 574 6.29 -45.28 18.44
C ASN C 574 6.56 -45.26 16.93
N ILE C 575 5.56 -44.82 16.16
CA ILE C 575 5.54 -44.86 14.71
C ILE C 575 5.08 -43.51 14.19
N PHE C 576 5.66 -43.06 13.09
CA PHE C 576 5.30 -41.83 12.40
C PHE C 576 4.69 -42.17 11.05
N SER C 577 3.71 -41.38 10.61
CA SER C 577 3.33 -41.36 9.20
C SER C 577 2.91 -39.98 8.75
N ASN C 578 3.09 -39.71 7.46
CA ASN C 578 2.81 -38.44 6.84
C ASN C 578 1.70 -38.61 5.79
N PHE C 579 0.56 -38.01 6.04
CA PHE C 579 -0.54 -37.88 5.11
C PHE C 579 -0.25 -36.76 4.14
N ILE C 580 -0.04 -37.05 2.86
CA ILE C 580 0.10 -36.05 1.81
C ILE C 580 -1.22 -35.98 1.06
N LEU C 581 -1.81 -34.80 0.96
CA LEU C 581 -3.12 -34.62 0.34
C LEU C 581 -2.92 -34.05 -1.07
N ASN C 582 -3.23 -34.83 -2.10
CA ASN C 582 -3.05 -34.41 -3.50
C ASN C 582 -4.38 -34.02 -4.13
N GLY C 583 -4.40 -32.93 -4.88
CA GLY C 583 -5.62 -32.42 -5.53
C GLY C 583 -6.74 -32.17 -4.53
N ILE C 584 -6.43 -31.39 -3.49
CA ILE C 584 -7.36 -31.00 -2.44
C ILE C 584 -8.66 -30.40 -3.00
N ASN C 585 -9.77 -30.67 -2.32
CA ASN C 585 -11.11 -30.23 -2.71
C ASN C 585 -11.51 -30.63 -4.14
N SER C 586 -11.14 -31.84 -4.56
CA SER C 586 -11.47 -32.42 -5.87
C SER C 586 -11.26 -33.94 -5.85
N GLY C 587 -11.67 -34.66 -6.89
CA GLY C 587 -11.33 -36.08 -7.04
C GLY C 587 -12.25 -37.02 -6.27
N THR C 588 -11.74 -38.19 -5.91
CA THR C 588 -12.59 -39.33 -5.53
C THR C 588 -12.26 -39.94 -4.16
N THR C 589 -11.12 -39.60 -3.55
CA THR C 589 -10.81 -40.05 -2.19
C THR C 589 -11.53 -39.14 -1.21
N CYS C 590 -12.72 -39.51 -0.76
CA CYS C 590 -13.61 -38.63 -0.01
C CYS C 590 -13.79 -39.11 1.44
N SER C 591 -13.80 -38.17 2.38
CA SER C 591 -14.16 -38.45 3.77
C SER C 591 -15.68 -38.58 3.93
N ASN C 592 -16.16 -39.63 4.62
CA ASN C 592 -17.59 -39.83 4.94
C ASN C 592 -17.97 -39.36 6.35
N ASP C 593 -17.12 -38.60 7.04
CA ASP C 593 -17.39 -38.13 8.40
C ASP C 593 -18.63 -37.22 8.51
N LEU C 594 -19.04 -36.57 7.41
CA LEU C 594 -20.21 -35.68 7.34
C LEU C 594 -21.19 -36.15 6.27
N LEU C 595 -21.32 -37.46 6.06
CA LEU C 595 -22.00 -38.04 4.91
C LEU C 595 -23.42 -37.51 4.72
N GLN C 596 -23.70 -37.00 3.52
CA GLN C 596 -25.00 -36.53 3.04
C GLN C 596 -25.37 -37.29 1.77
N PRO C 597 -26.67 -37.51 1.50
CA PRO C 597 -27.10 -38.22 0.31
C PRO C 597 -26.79 -37.42 -0.95
N ASN C 598 -26.48 -38.10 -2.05
CA ASN C 598 -26.39 -37.44 -3.34
C ASN C 598 -27.75 -36.86 -3.73
N THR C 599 -27.81 -35.55 -3.95
CA THR C 599 -29.01 -34.89 -4.49
C THR C 599 -28.98 -34.94 -6.02
N GLU C 600 -30.11 -34.70 -6.68
CA GLU C 600 -30.06 -34.31 -8.09
C GLU C 600 -29.37 -32.95 -8.26
N VAL C 601 -29.00 -32.61 -9.49
CA VAL C 601 -28.48 -31.28 -9.83
C VAL C 601 -29.67 -30.35 -10.12
N PHE C 602 -30.12 -29.58 -9.15
CA PHE C 602 -31.21 -28.62 -9.35
C PHE C 602 -30.79 -27.51 -10.32
N THR C 603 -31.58 -27.25 -11.36
CA THR C 603 -31.25 -26.25 -12.39
C THR C 603 -32.03 -24.95 -12.21
N ASP C 604 -31.56 -23.89 -12.86
CA ASP C 604 -32.22 -22.59 -13.00
C ASP C 604 -32.42 -21.77 -11.72
N VAL C 605 -32.14 -22.34 -10.56
CA VAL C 605 -32.23 -21.69 -9.25
C VAL C 605 -30.86 -21.57 -8.62
N CYS C 606 -30.62 -20.51 -7.85
CA CYS C 606 -29.36 -20.34 -7.14
C CYS C 606 -29.23 -21.39 -6.03
N VAL C 607 -28.10 -22.11 -5.98
CA VAL C 607 -27.84 -23.15 -5.00
C VAL C 607 -26.41 -23.10 -4.51
N ASP C 608 -26.17 -23.55 -3.28
CA ASP C 608 -24.84 -24.00 -2.91
C ASP C 608 -24.59 -25.36 -3.56
N TYR C 609 -23.34 -25.68 -3.87
CA TYR C 609 -22.99 -26.98 -4.41
C TYR C 609 -21.70 -27.51 -3.79
N ASP C 610 -21.57 -28.82 -3.80
CA ASP C 610 -20.35 -29.57 -3.54
C ASP C 610 -20.27 -30.69 -4.59
N LEU C 611 -19.61 -30.39 -5.70
CA LEU C 611 -19.44 -31.29 -6.82
C LEU C 611 -18.13 -32.06 -6.61
N TYR C 612 -18.20 -33.26 -6.04
CA TYR C 612 -17.02 -34.12 -5.91
C TYR C 612 -15.84 -33.42 -5.24
N GLY C 613 -16.12 -32.63 -4.19
CA GLY C 613 -15.13 -31.85 -3.45
C GLY C 613 -15.09 -30.38 -3.84
N ILE C 614 -15.53 -30.01 -5.05
CA ILE C 614 -15.52 -28.63 -5.54
C ILE C 614 -16.74 -27.91 -4.95
N THR C 615 -16.52 -27.07 -3.95
CA THR C 615 -17.59 -26.29 -3.31
C THR C 615 -17.77 -24.92 -3.96
N GLY C 616 -18.97 -24.37 -3.89
CA GLY C 616 -19.26 -23.01 -4.33
C GLY C 616 -20.75 -22.69 -4.28
N GLN C 617 -21.14 -21.57 -4.88
CA GLN C 617 -22.52 -21.14 -5.00
C GLN C 617 -22.77 -20.62 -6.43
N GLY C 618 -23.88 -21.00 -7.04
CA GLY C 618 -24.14 -20.66 -8.45
C GLY C 618 -25.48 -21.23 -8.94
N ILE C 619 -25.75 -21.06 -10.23
CA ILE C 619 -26.93 -21.52 -10.93
C ILE C 619 -26.50 -22.52 -11.99
N PHE C 620 -27.03 -23.73 -11.97
CA PHE C 620 -26.76 -24.73 -13.00
C PHE C 620 -27.75 -24.60 -14.15
N LYS C 621 -27.28 -24.74 -15.37
CA LYS C 621 -28.12 -24.91 -16.57
C LYS C 621 -27.62 -26.08 -17.39
N GLU C 622 -28.50 -27.01 -17.74
CA GLU C 622 -28.11 -28.17 -18.55
C GLU C 622 -27.88 -27.76 -20.00
N VAL C 623 -26.85 -28.31 -20.64
CA VAL C 623 -26.50 -28.08 -22.05
C VAL C 623 -26.02 -29.37 -22.69
N SER C 624 -26.04 -29.48 -24.02
CA SER C 624 -25.59 -30.68 -24.74
C SER C 624 -24.11 -30.62 -25.13
N ALA C 625 -23.22 -30.39 -24.15
CA ALA C 625 -21.80 -30.17 -24.41
C ALA C 625 -21.12 -31.38 -25.09
N VAL C 626 -20.28 -31.11 -26.08
CA VAL C 626 -19.59 -32.13 -26.89
C VAL C 626 -18.08 -32.20 -26.66
N TYR C 627 -17.51 -31.22 -25.95
CA TYR C 627 -16.06 -31.06 -25.82
C TYR C 627 -15.41 -31.97 -24.77
N TYR C 628 -16.15 -32.53 -23.82
CA TYR C 628 -15.58 -33.39 -22.78
C TYR C 628 -15.06 -34.72 -23.36
N ASN C 629 -13.75 -34.92 -23.45
CA ASN C 629 -13.18 -36.24 -23.71
C ASN C 629 -13.28 -37.18 -22.50
N SER C 630 -12.97 -38.45 -22.68
CA SER C 630 -13.12 -39.49 -21.66
C SER C 630 -12.41 -39.19 -20.33
N TRP C 631 -11.27 -38.50 -20.36
CA TRP C 631 -10.52 -38.15 -19.14
C TRP C 631 -10.89 -36.78 -18.55
N GLN C 632 -11.83 -36.04 -19.15
CA GLN C 632 -12.12 -34.65 -18.79
C GLN C 632 -13.51 -34.50 -18.20
N ASN C 633 -13.66 -33.70 -17.14
CA ASN C 633 -14.94 -33.50 -16.46
C ASN C 633 -15.22 -32.07 -16.02
N LEU C 634 -14.27 -31.13 -16.14
CA LEU C 634 -14.43 -29.77 -15.67
C LEU C 634 -14.12 -28.75 -16.76
N LEU C 635 -14.96 -27.73 -16.92
CA LEU C 635 -14.75 -26.66 -17.89
C LEU C 635 -14.33 -25.39 -17.15
N TYR C 636 -13.19 -24.84 -17.53
CA TYR C 636 -12.57 -23.68 -16.90
C TYR C 636 -12.54 -22.49 -17.84
N ASP C 637 -12.63 -21.28 -17.30
CA ASP C 637 -12.36 -20.06 -18.05
C ASP C 637 -10.87 -19.66 -17.98
N SER C 638 -10.52 -18.58 -18.67
CA SER C 638 -9.15 -18.06 -18.71
C SER C 638 -8.61 -17.62 -17.35
N ASN C 639 -9.47 -17.31 -16.39
CA ASN C 639 -9.09 -16.87 -15.04
C ASN C 639 -9.00 -18.02 -14.04
N GLY C 640 -9.34 -19.24 -14.43
CA GLY C 640 -9.31 -20.40 -13.54
C GLY C 640 -10.57 -20.57 -12.68
N ASN C 641 -11.66 -19.86 -12.98
CA ASN C 641 -12.96 -20.21 -12.43
C ASN C 641 -13.51 -21.45 -13.14
N ILE C 642 -14.19 -22.33 -12.42
CA ILE C 642 -14.99 -23.36 -13.07
C ILE C 642 -16.27 -22.72 -13.62
N ILE C 643 -16.59 -22.99 -14.88
CA ILE C 643 -17.78 -22.47 -15.54
C ILE C 643 -18.68 -23.58 -16.09
N GLY C 644 -18.29 -24.84 -16.00
CA GLY C 644 -19.11 -25.97 -16.39
C GLY C 644 -18.54 -27.28 -15.88
N PHE C 645 -19.36 -28.32 -15.87
CA PHE C 645 -18.88 -29.65 -15.49
C PHE C 645 -19.71 -30.75 -16.15
N LYS C 646 -19.15 -31.96 -16.20
CA LYS C 646 -19.86 -33.19 -16.56
C LYS C 646 -19.99 -34.06 -15.32
N ASP C 647 -21.20 -34.48 -15.00
CA ASP C 647 -21.46 -35.27 -13.80
C ASP C 647 -20.93 -36.70 -13.94
N PHE C 648 -20.02 -37.12 -13.06
CA PHE C 648 -19.36 -38.43 -13.14
C PHE C 648 -20.34 -39.61 -13.15
N VAL C 649 -21.50 -39.48 -12.50
CA VAL C 649 -22.48 -40.57 -12.38
C VAL C 649 -23.41 -40.65 -13.58
N THR C 650 -24.01 -39.53 -13.99
CA THR C 650 -25.05 -39.49 -15.04
C THR C 650 -24.53 -39.13 -16.42
N ASN C 651 -23.27 -38.69 -16.54
CA ASN C 651 -22.69 -38.09 -17.75
C ASN C 651 -23.45 -36.87 -18.29
N LYS C 652 -24.38 -36.29 -17.54
CA LYS C 652 -25.05 -35.03 -17.93
C LYS C 652 -24.09 -33.85 -17.81
N THR C 653 -24.25 -32.86 -18.69
CA THR C 653 -23.35 -31.70 -18.79
C THR C 653 -24.06 -30.40 -18.46
N TYR C 654 -23.50 -29.59 -17.57
CA TYR C 654 -24.09 -28.34 -17.11
C TYR C 654 -23.12 -27.18 -17.23
N ASN C 655 -23.62 -26.01 -17.62
CA ASN C 655 -22.95 -24.75 -17.40
C ASN C 655 -23.26 -24.25 -15.99
N ILE C 656 -22.29 -23.58 -15.37
CA ILE C 656 -22.43 -22.94 -14.06
C ILE C 656 -22.39 -21.42 -14.25
N PHE C 657 -23.36 -20.71 -13.69
CA PHE C 657 -23.43 -19.25 -13.72
C PHE C 657 -23.44 -18.69 -12.29
N PRO C 658 -22.90 -17.50 -12.03
CA PRO C 658 -22.90 -16.92 -10.70
C PRO C 658 -24.32 -16.50 -10.28
N CYS C 659 -24.65 -16.63 -9.00
CA CYS C 659 -25.90 -16.11 -8.46
C CYS C 659 -25.89 -14.58 -8.54
N TYR C 660 -27.04 -13.96 -8.78
CA TYR C 660 -27.12 -12.50 -8.90
C TYR C 660 -26.63 -11.81 -7.62
N ALA C 661 -25.84 -10.77 -7.80
CA ALA C 661 -25.41 -9.86 -6.75
C ALA C 661 -25.59 -8.42 -7.22
N GLY C 662 -25.98 -7.53 -6.33
CA GLY C 662 -26.24 -6.13 -6.71
C GLY C 662 -26.62 -5.25 -5.54
N ARG C 663 -26.65 -3.94 -5.78
CA ARG C 663 -27.03 -2.92 -4.79
C ARG C 663 -28.49 -2.53 -4.95
N VAL C 664 -29.02 -1.84 -3.96
CA VAL C 664 -30.28 -1.10 -4.06
C VAL C 664 -29.97 0.39 -4.03
N SER C 665 -30.46 1.15 -5.00
CA SER C 665 -30.36 2.62 -4.94
C SER C 665 -31.56 3.17 -4.18
N ALA C 666 -31.37 3.57 -2.93
CA ALA C 666 -32.44 4.12 -2.10
C ALA C 666 -32.44 5.64 -2.16
N ALA C 667 -33.55 6.24 -2.55
CA ALA C 667 -33.75 7.68 -2.47
C ALA C 667 -34.47 8.04 -1.18
N PHE C 668 -33.94 9.01 -0.42
CA PHE C 668 -34.50 9.44 0.85
C PHE C 668 -34.65 10.96 0.91
N HIS C 669 -35.76 11.44 1.46
CA HIS C 669 -35.98 12.85 1.77
C HIS C 669 -36.18 13.07 3.27
N GLN C 670 -35.53 14.07 3.85
CA GLN C 670 -35.63 14.34 5.29
C GLN C 670 -37.06 14.53 5.80
N ASN C 671 -37.98 15.01 4.96
CA ASN C 671 -39.37 15.19 5.34
C ASN C 671 -40.20 13.88 5.24
N ALA C 672 -39.59 12.76 4.86
CA ALA C 672 -40.26 11.48 4.66
C ALA C 672 -40.03 10.49 5.81
N SER C 673 -40.89 9.47 5.88
CA SER C 673 -40.82 8.38 6.84
C SER C 673 -40.35 7.04 6.23
N SER C 674 -40.07 7.01 4.93
CA SER C 674 -39.72 5.79 4.20
C SER C 674 -38.73 6.08 3.07
N LEU C 675 -38.24 5.03 2.42
CA LEU C 675 -37.37 5.12 1.25
C LEU C 675 -38.15 4.83 -0.03
N ALA C 676 -37.77 5.48 -1.13
CA ALA C 676 -38.07 4.99 -2.46
C ALA C 676 -36.90 4.12 -2.94
N LEU C 677 -37.14 2.86 -3.29
CA LEU C 677 -36.07 1.93 -3.67
C LEU C 677 -36.04 1.69 -5.16
N LEU C 678 -34.88 1.74 -5.78
CA LEU C 678 -34.66 1.34 -7.17
C LEU C 678 -33.74 0.13 -7.21
N TYR C 679 -34.21 -0.99 -7.76
CA TYR C 679 -33.39 -2.14 -8.09
C TYR C 679 -32.93 -2.00 -9.54
N ARG C 680 -31.75 -1.41 -9.76
CA ARG C 680 -31.30 -1.06 -11.10
C ARG C 680 -31.22 -2.28 -12.01
N ASN C 681 -31.78 -2.16 -13.20
CA ASN C 681 -31.79 -3.19 -14.24
C ASN C 681 -32.53 -4.50 -13.92
N LEU C 682 -33.27 -4.57 -12.82
CA LEU C 682 -34.09 -5.73 -12.47
C LEU C 682 -35.56 -5.47 -12.75
N LYS C 683 -36.25 -6.42 -13.38
CA LYS C 683 -37.71 -6.38 -13.50
C LYS C 683 -38.39 -6.77 -12.20
N CYS C 684 -39.53 -6.20 -11.88
CA CYS C 684 -40.18 -6.41 -10.59
C CYS C 684 -40.56 -7.87 -10.34
N SER C 685 -40.94 -8.60 -11.38
CA SER C 685 -41.20 -10.04 -11.28
C SER C 685 -39.98 -10.80 -10.75
N TYR C 686 -38.77 -10.47 -11.20
CA TYR C 686 -37.54 -11.08 -10.72
C TYR C 686 -37.27 -10.68 -9.26
N VAL C 687 -37.46 -9.41 -8.91
CA VAL C 687 -37.21 -8.97 -7.53
C VAL C 687 -38.13 -9.70 -6.55
N LEU C 688 -39.42 -9.74 -6.86
CA LEU C 688 -40.41 -10.39 -6.01
C LEU C 688 -40.22 -11.90 -5.94
N ASN C 689 -39.94 -12.58 -7.06
CA ASN C 689 -39.82 -14.03 -7.05
C ASN C 689 -38.49 -14.52 -6.48
N ASN C 690 -37.38 -13.83 -6.70
CA ASN C 690 -36.04 -14.37 -6.42
C ASN C 690 -35.27 -13.62 -5.34
N ILE C 691 -35.60 -12.35 -5.04
CA ILE C 691 -34.89 -11.57 -4.01
C ILE C 691 -35.72 -11.47 -2.73
N SER C 692 -36.86 -10.77 -2.78
CA SER C 692 -37.70 -10.56 -1.60
C SER C 692 -39.10 -10.10 -1.96
N LEU C 693 -40.10 -10.61 -1.25
CA LEU C 693 -41.46 -10.07 -1.28
C LEU C 693 -41.56 -8.84 -0.38
N THR C 694 -42.34 -7.84 -0.77
CA THR C 694 -42.66 -6.68 0.08
C THR C 694 -44.12 -6.24 -0.11
N THR C 695 -44.66 -5.54 0.89
CA THR C 695 -46.01 -4.96 0.83
C THR C 695 -46.08 -3.66 0.02
N GLN C 696 -44.93 -3.02 -0.26
CA GLN C 696 -44.89 -1.71 -0.93
C GLN C 696 -45.40 -1.81 -2.37
N PRO C 697 -46.03 -0.76 -2.91
CA PRO C 697 -46.37 -0.69 -4.32
C PRO C 697 -45.10 -0.61 -5.16
N TYR C 698 -45.14 -1.14 -6.38
CA TYR C 698 -43.98 -1.22 -7.27
C TYR C 698 -44.36 -1.05 -8.74
N PHE C 699 -43.41 -0.64 -9.57
CA PHE C 699 -43.57 -0.67 -11.03
C PHE C 699 -42.24 -0.77 -11.78
N ASP C 700 -42.26 -1.27 -13.01
CA ASP C 700 -41.09 -1.36 -13.87
C ASP C 700 -40.79 -0.04 -14.58
N SER C 701 -39.91 0.79 -14.02
CA SER C 701 -39.40 1.98 -14.71
C SER C 701 -38.31 1.61 -15.73
N TYR C 702 -37.90 2.56 -16.57
CA TYR C 702 -36.79 2.37 -17.50
C TYR C 702 -35.50 1.92 -16.81
N LEU C 703 -35.22 2.47 -15.62
CA LEU C 703 -33.99 2.18 -14.88
C LEU C 703 -34.02 0.83 -14.14
N GLY C 704 -35.19 0.20 -14.00
CA GLY C 704 -35.38 -0.97 -13.15
C GLY C 704 -36.62 -0.87 -12.28
N CYS C 705 -36.84 -1.86 -11.42
CA CYS C 705 -38.00 -1.90 -10.55
C CYS C 705 -37.94 -0.81 -9.48
N VAL C 706 -38.97 0.01 -9.37
CA VAL C 706 -39.08 1.08 -8.36
C VAL C 706 -40.16 0.73 -7.34
N PHE C 707 -39.83 0.78 -6.05
CA PHE C 707 -40.73 0.52 -4.94
C PHE C 707 -41.06 1.80 -4.17
N ASN C 708 -42.28 1.88 -3.67
CA ASN C 708 -42.76 2.96 -2.81
C ASN C 708 -42.74 4.35 -3.46
N ALA C 709 -42.84 4.43 -4.78
CA ALA C 709 -43.00 5.69 -5.50
C ALA C 709 -44.05 5.57 -6.60
N ASP C 710 -44.85 6.61 -6.78
CA ASP C 710 -45.89 6.64 -7.82
C ASP C 710 -45.30 6.91 -9.20
N ASN C 711 -45.64 6.09 -10.20
CA ASN C 711 -45.19 6.26 -11.57
C ASN C 711 -45.85 7.50 -12.21
N LEU C 712 -45.14 8.61 -12.29
CA LEU C 712 -45.61 9.88 -12.85
C LEU C 712 -44.62 10.46 -13.86
N THR C 713 -44.03 9.64 -14.73
CA THR C 713 -43.09 10.14 -15.76
C THR C 713 -43.72 11.11 -16.75
N ASP C 714 -45.04 11.14 -16.87
CA ASP C 714 -45.76 12.19 -17.60
C ASP C 714 -45.57 13.58 -16.98
N TYR C 715 -45.46 13.64 -15.65
CA TYR C 715 -45.13 14.87 -14.94
C TYR C 715 -43.65 15.20 -15.08
N SER C 716 -43.30 16.48 -14.94
CA SER C 716 -41.93 16.94 -15.08
C SER C 716 -41.54 18.01 -14.07
N VAL C 717 -40.28 18.00 -13.63
CA VAL C 717 -39.73 18.99 -12.68
C VAL C 717 -38.45 19.61 -13.22
N SER C 718 -38.28 20.91 -12.99
CA SER C 718 -37.12 21.68 -13.44
C SER C 718 -35.94 21.67 -12.47
N SER C 719 -36.14 21.19 -11.25
CA SER C 719 -35.08 21.01 -10.26
C SER C 719 -35.32 19.72 -9.49
N CYS C 720 -34.26 19.07 -9.05
CA CYS C 720 -34.34 17.72 -8.50
C CYS C 720 -33.16 17.45 -7.57
N ALA C 721 -33.45 17.09 -6.32
CA ALA C 721 -32.44 16.69 -5.35
C ALA C 721 -32.10 15.19 -5.41
N LEU C 722 -33.00 14.36 -5.93
CA LEU C 722 -32.88 12.90 -5.97
C LEU C 722 -32.83 12.41 -7.43
N ARG C 723 -31.70 12.67 -8.09
CA ARG C 723 -31.50 12.37 -9.52
C ARG C 723 -31.13 10.90 -9.70
N MET C 724 -31.93 10.15 -10.44
CA MET C 724 -31.73 8.70 -10.58
C MET C 724 -30.93 8.30 -11.82
N GLY C 725 -30.93 9.15 -12.85
CA GLY C 725 -30.28 8.90 -14.15
C GLY C 725 -31.26 9.01 -15.32
N SER C 726 -30.75 9.14 -16.54
CA SER C 726 -31.52 9.18 -17.80
C SER C 726 -32.72 10.13 -17.77
N GLY C 727 -32.60 11.27 -17.11
CA GLY C 727 -33.68 12.24 -17.03
C GLY C 727 -34.84 11.82 -16.11
N PHE C 728 -34.60 10.93 -15.15
CA PHE C 728 -35.58 10.57 -14.13
C PHE C 728 -35.16 11.06 -12.75
N CYS C 729 -36.16 11.49 -11.99
CA CYS C 729 -36.04 12.11 -10.70
C CYS C 729 -37.05 11.50 -9.73
N VAL C 730 -36.69 11.38 -8.46
CA VAL C 730 -37.65 11.11 -7.40
C VAL C 730 -38.01 12.43 -6.73
N ASP C 731 -39.30 12.71 -6.57
CA ASP C 731 -39.81 13.92 -5.94
C ASP C 731 -40.65 13.54 -4.73
N TYR C 732 -40.68 14.36 -3.69
CA TYR C 732 -41.42 14.07 -2.47
C TYR C 732 -42.38 15.19 -2.10
N ASN C 733 -43.65 14.86 -1.87
CA ASN C 733 -44.65 15.81 -1.39
C ASN C 733 -44.53 16.00 0.14
N SER C 750 -46.17 11.27 -0.20
CA SER C 750 -45.48 10.14 -0.83
C SER C 750 -44.40 10.56 -1.83
N TYR C 751 -43.57 9.61 -2.23
CA TYR C 751 -42.64 9.78 -3.35
C TYR C 751 -43.33 9.64 -4.71
N ARG C 752 -42.87 10.43 -5.66
CA ARG C 752 -43.25 10.35 -7.08
C ARG C 752 -42.01 10.09 -7.92
N PHE C 753 -42.14 9.28 -8.96
CA PHE C 753 -41.10 9.07 -9.94
C PHE C 753 -41.46 9.89 -11.18
N VAL C 754 -40.68 10.91 -11.52
CA VAL C 754 -41.02 11.95 -12.49
C VAL C 754 -39.85 12.23 -13.42
N THR C 755 -40.08 12.88 -14.54
CA THR C 755 -38.99 13.25 -15.45
C THR C 755 -38.33 14.56 -15.05
N PHE C 756 -37.01 14.63 -15.20
CA PHE C 756 -36.20 15.79 -14.91
C PHE C 756 -35.90 16.55 -16.19
N GLU C 757 -36.40 17.78 -16.31
CA GLU C 757 -36.22 18.61 -17.51
C GLU C 757 -35.73 19.98 -17.10
N PRO C 758 -34.43 20.14 -16.79
CA PRO C 758 -33.92 21.34 -16.16
C PRO C 758 -33.93 22.58 -17.04
N PHE C 759 -34.00 22.42 -18.36
CA PHE C 759 -33.93 23.53 -19.31
C PHE C 759 -35.09 23.50 -20.31
N ASN C 760 -35.59 24.68 -20.64
CA ASN C 760 -36.62 24.88 -21.65
C ASN C 760 -36.13 25.83 -22.73
N VAL C 761 -36.69 25.65 -23.91
CA VAL C 761 -36.72 26.68 -24.95
C VAL C 761 -37.71 27.78 -24.60
N SER C 762 -37.36 29.04 -24.83
CA SER C 762 -38.33 30.14 -24.82
C SER C 762 -39.18 30.10 -26.09
N PHE C 763 -40.51 30.10 -25.97
CA PHE C 763 -41.40 30.03 -27.13
C PHE C 763 -42.06 31.37 -27.42
N VAL C 764 -42.15 31.72 -28.70
CA VAL C 764 -42.93 32.85 -29.22
C VAL C 764 -43.92 32.36 -30.27
N ASN C 765 -45.07 32.99 -30.45
CA ASN C 765 -46.07 32.55 -31.42
C ASN C 765 -46.01 33.28 -32.78
N ASP C 766 -44.86 33.90 -33.10
CA ASP C 766 -44.63 34.61 -34.36
C ASP C 766 -44.51 33.69 -35.57
N SER C 767 -44.85 34.16 -36.76
CA SER C 767 -44.73 33.37 -37.99
C SER C 767 -43.27 33.07 -38.34
N ILE C 768 -42.99 31.84 -38.78
CA ILE C 768 -41.69 31.44 -39.32
C ILE C 768 -41.47 32.02 -40.73
N GLU C 769 -42.54 32.17 -41.53
CA GLU C 769 -42.45 32.54 -42.95
C GLU C 769 -42.35 34.05 -43.18
N SER C 770 -41.64 34.48 -44.22
CA SER C 770 -41.66 35.88 -44.64
C SER C 770 -42.96 36.22 -45.36
N VAL C 771 -43.62 37.31 -44.96
CA VAL C 771 -44.80 37.87 -45.65
C VAL C 771 -44.30 39.00 -46.54
N GLY C 772 -44.46 38.87 -47.86
CA GLY C 772 -43.62 39.62 -48.78
C GLY C 772 -42.15 39.35 -48.45
N GLY C 773 -41.34 40.40 -48.39
CA GLY C 773 -39.94 40.32 -47.98
C GLY C 773 -39.68 40.46 -46.47
N LEU C 774 -40.70 40.50 -45.61
CA LEU C 774 -40.56 40.86 -44.20
C LEU C 774 -40.86 39.68 -43.26
N TYR C 775 -40.19 39.63 -42.10
CA TYR C 775 -40.36 38.60 -41.08
C TYR C 775 -40.91 39.20 -39.79
N GLU C 776 -41.68 38.44 -39.00
CA GLU C 776 -42.12 38.88 -37.67
C GLU C 776 -41.03 38.68 -36.62
N ILE C 777 -40.67 39.75 -35.91
CA ILE C 777 -39.67 39.72 -34.82
C ILE C 777 -40.23 40.44 -33.61
N LYS C 778 -39.95 39.94 -32.41
CA LYS C 778 -40.16 40.66 -31.16
C LYS C 778 -38.93 41.49 -30.83
N ILE C 779 -39.06 42.81 -30.89
CA ILE C 779 -37.99 43.76 -30.52
C ILE C 779 -38.33 44.36 -29.15
N PRO C 780 -37.40 44.46 -28.20
CA PRO C 780 -37.66 45.08 -26.91
C PRO C 780 -38.15 46.52 -27.02
N THR C 781 -39.16 46.89 -26.24
CA THR C 781 -39.65 48.28 -26.11
C THR C 781 -39.28 48.91 -24.79
N ASN C 782 -38.85 48.12 -23.80
CA ASN C 782 -38.36 48.62 -22.53
C ASN C 782 -37.30 47.67 -21.99
N PHE C 783 -36.46 48.12 -21.06
CA PHE C 783 -35.36 47.31 -20.53
C PHE C 783 -34.95 47.74 -19.13
N THR C 784 -34.17 46.89 -18.47
CA THR C 784 -33.52 47.17 -17.20
C THR C 784 -32.13 46.54 -17.18
N ILE C 785 -31.32 46.88 -16.18
CA ILE C 785 -30.03 46.24 -15.96
C ILE C 785 -30.20 45.19 -14.87
N VAL C 786 -29.68 43.99 -15.08
CA VAL C 786 -29.67 42.94 -14.06
C VAL C 786 -28.25 42.56 -13.71
N GLY C 787 -28.03 42.24 -12.43
CA GLY C 787 -26.75 41.79 -11.92
C GLY C 787 -26.73 40.28 -11.73
N GLN C 788 -25.58 39.66 -11.94
CA GLN C 788 -25.37 38.24 -11.67
C GLN C 788 -24.05 38.05 -10.95
N GLU C 789 -24.04 37.31 -9.86
CA GLU C 789 -22.83 36.97 -9.10
C GLU C 789 -22.15 35.75 -9.70
N GLU C 790 -20.83 35.71 -9.67
CA GLU C 790 -20.07 34.52 -10.01
C GLU C 790 -18.83 34.41 -9.13
N PHE C 791 -18.84 33.50 -8.16
CA PHE C 791 -17.63 33.17 -7.42
C PHE C 791 -16.74 32.25 -8.27
N ILE C 792 -15.46 32.58 -8.39
CA ILE C 792 -14.44 31.68 -8.95
C ILE C 792 -13.39 31.42 -7.91
N GLN C 793 -13.16 30.16 -7.57
CA GLN C 793 -12.11 29.77 -6.64
C GLN C 793 -10.75 30.00 -7.28
N THR C 794 -9.85 30.67 -6.58
CA THR C 794 -8.46 30.89 -7.04
C THR C 794 -7.42 30.39 -6.06
N ASN C 795 -7.83 29.95 -4.87
CA ASN C 795 -6.96 29.51 -3.82
C ASN C 795 -7.61 28.36 -3.04
N SER C 796 -6.90 27.71 -2.14
CA SER C 796 -7.46 26.73 -1.21
C SER C 796 -6.65 26.73 0.08
N PRO C 797 -7.17 26.18 1.19
CA PRO C 797 -6.41 26.05 2.42
C PRO C 797 -5.08 25.31 2.21
N LYS C 798 -3.94 25.93 2.55
CA LYS C 798 -2.62 25.31 2.47
C LYS C 798 -2.43 24.29 3.59
N VAL C 799 -2.84 23.05 3.35
CA VAL C 799 -2.64 21.97 4.32
C VAL C 799 -1.17 21.58 4.37
N THR C 800 -0.63 21.39 5.57
CA THR C 800 0.71 20.83 5.81
C THR C 800 0.63 19.71 6.82
N ILE C 801 1.30 18.60 6.55
CA ILE C 801 1.31 17.43 7.43
C ILE C 801 2.72 17.23 7.98
N ASP C 802 2.92 17.07 9.28
CA ASP C 802 4.14 16.42 9.77
C ASP C 802 3.95 14.91 9.73
N CYS C 803 4.49 14.26 8.70
CA CYS C 803 4.36 12.82 8.52
C CYS C 803 4.83 12.04 9.74
N SER C 804 5.92 12.44 10.39
CA SER C 804 6.41 11.73 11.57
C SER C 804 5.46 11.87 12.76
N LEU C 805 4.95 13.08 13.02
CA LEU C 805 4.04 13.30 14.14
C LEU C 805 2.68 12.66 13.87
N PHE C 806 2.21 12.63 12.63
CA PHE C 806 0.98 11.93 12.27
C PHE C 806 1.14 10.42 12.44
N VAL C 807 2.18 9.81 11.88
CA VAL C 807 2.33 8.35 11.93
C VAL C 807 2.60 7.86 13.34
N CYS C 808 3.51 8.49 14.08
CA CYS C 808 3.97 7.99 15.38
C CYS C 808 3.62 8.83 16.60
N SER C 809 3.25 10.09 16.47
CA SER C 809 3.14 11.04 17.60
C SER C 809 4.40 11.02 18.49
N ASN C 810 4.28 10.79 19.77
CA ASN C 810 5.39 10.90 20.73
C ASN C 810 6.21 9.61 20.91
N TYR C 811 5.79 8.47 20.38
CA TYR C 811 6.32 7.15 20.75
C TYR C 811 7.65 6.79 20.08
N ALA C 812 8.72 6.73 20.86
CA ALA C 812 10.06 6.46 20.37
C ALA C 812 10.19 5.11 19.64
N ALA C 813 9.54 4.07 20.12
CA ALA C 813 9.55 2.76 19.46
C ALA C 813 8.96 2.82 18.05
N CYS C 814 7.93 3.64 17.83
CA CYS C 814 7.40 3.86 16.49
C CYS C 814 8.36 4.70 15.65
N HIS C 815 8.95 5.78 16.18
CA HIS C 815 9.92 6.57 15.43
C HIS C 815 11.11 5.74 14.96
N ASP C 816 11.60 4.83 15.80
CA ASP C 816 12.64 3.88 15.40
C ASP C 816 12.21 3.06 14.20
N LEU C 817 11.05 2.40 14.24
CA LEU C 817 10.56 1.62 13.10
C LEU C 817 10.32 2.47 11.86
N LEU C 818 9.73 3.64 12.02
CA LEU C 818 9.45 4.55 10.91
C LEU C 818 10.75 5.01 10.24
N SER C 819 11.84 5.19 11.00
CA SER C 819 13.12 5.54 10.41
C SER C 819 13.63 4.47 9.43
N GLU C 820 13.27 3.20 9.61
CA GLU C 820 13.65 2.10 8.73
C GLU C 820 12.80 2.01 7.45
N TYR C 821 11.74 2.79 7.34
CA TYR C 821 11.03 2.98 6.07
C TYR C 821 11.71 4.01 5.15
N GLY C 822 12.77 4.68 5.59
CA GLY C 822 13.54 5.58 4.73
C GLY C 822 12.77 6.82 4.29
N THR C 823 12.87 7.17 3.01
CA THR C 823 12.43 8.47 2.48
C THR C 823 10.91 8.68 2.44
N PHE C 824 10.08 7.78 2.95
CA PHE C 824 8.63 7.86 2.74
C PHE C 824 8.04 9.18 3.25
N CYS C 825 8.40 9.62 4.46
CA CYS C 825 7.97 10.93 4.95
C CYS C 825 8.61 12.10 4.19
N ASP C 826 9.84 11.97 3.73
CA ASP C 826 10.48 12.98 2.90
C ASP C 826 9.72 13.21 1.59
N ASN C 827 9.18 12.14 0.99
CA ASN C 827 8.39 12.23 -0.21
C ASN C 827 7.04 12.91 0.04
N ILE C 828 6.34 12.55 1.12
CA ILE C 828 5.10 13.21 1.52
C ILE C 828 5.32 14.70 1.73
N ASN C 829 6.34 15.08 2.50
CA ASN C 829 6.63 16.49 2.75
C ASN C 829 7.00 17.22 1.45
N SER C 830 7.82 16.61 0.59
CA SER C 830 8.25 17.26 -0.65
C SER C 830 7.08 17.50 -1.61
N ILE C 831 6.13 16.56 -1.74
CA ILE C 831 4.95 16.78 -2.59
C ILE C 831 4.09 17.90 -2.02
N LEU C 832 3.80 17.90 -0.72
CA LEU C 832 2.97 18.96 -0.15
C LEU C 832 3.65 20.33 -0.23
N ASP C 833 4.97 20.42 -0.06
CA ASP C 833 5.69 21.67 -0.24
C ASP C 833 5.65 22.18 -1.69
N GLU C 834 5.70 21.30 -2.68
CA GLU C 834 5.49 21.69 -4.07
C GLU C 834 4.07 22.19 -4.31
N VAL C 835 3.06 21.45 -3.86
CA VAL C 835 1.65 21.85 -3.97
C VAL C 835 1.43 23.23 -3.36
N ASN C 836 1.90 23.46 -2.14
CA ASN C 836 1.72 24.75 -1.49
C ASN C 836 2.51 25.86 -2.20
N GLY C 837 3.66 25.57 -2.81
CA GLY C 837 4.37 26.54 -3.65
C GLY C 837 3.61 26.92 -4.92
N LEU C 838 2.88 25.98 -5.52
CA LEU C 838 1.99 26.25 -6.65
C LEU C 838 0.82 27.15 -6.24
N LEU C 839 0.20 26.91 -5.08
CA LEU C 839 -0.84 27.80 -4.56
C LEU C 839 -0.31 29.20 -4.31
N ASP C 840 0.84 29.34 -3.67
CA ASP C 840 1.44 30.66 -3.42
C ASP C 840 1.75 31.40 -4.74
N THR C 841 2.37 30.72 -5.69
CA THR C 841 2.67 31.32 -6.99
C THR C 841 1.40 31.74 -7.72
N THR C 842 0.34 30.94 -7.62
CA THR C 842 -0.95 31.26 -8.22
C THR C 842 -1.56 32.50 -7.57
N GLN C 843 -1.53 32.60 -6.24
CA GLN C 843 -2.08 33.77 -5.56
C GLN C 843 -1.33 35.04 -5.96
N LEU C 844 0.00 34.99 -6.10
CA LEU C 844 0.77 36.13 -6.60
C LEU C 844 0.35 36.52 -8.01
N HIS C 845 0.18 35.54 -8.91
CA HIS C 845 -0.19 35.83 -10.29
C HIS C 845 -1.59 36.46 -10.38
N VAL C 846 -2.53 36.04 -9.54
CA VAL C 846 -3.84 36.68 -9.45
C VAL C 846 -3.73 38.11 -8.94
N ALA C 847 -2.98 38.37 -7.88
CA ALA C 847 -2.79 39.73 -7.39
C ALA C 847 -2.11 40.62 -8.44
N ASP C 848 -1.10 40.12 -9.13
CA ASP C 848 -0.45 40.83 -10.23
C ASP C 848 -1.47 41.18 -11.31
N THR C 849 -2.32 40.23 -11.70
CA THR C 849 -3.38 40.47 -12.68
C THR C 849 -4.35 41.55 -12.23
N LEU C 850 -4.75 41.60 -10.95
CA LEU C 850 -5.60 42.67 -10.45
C LEU C 850 -4.93 44.03 -10.56
N MET C 851 -3.67 44.16 -10.13
CA MET C 851 -2.98 45.44 -10.08
C MET C 851 -2.36 45.89 -11.41
N GLN C 852 -2.23 44.99 -12.38
CA GLN C 852 -1.65 45.28 -13.69
C GLN C 852 -2.31 46.51 -14.32
N GLY C 853 -1.50 47.51 -14.65
CA GLY C 853 -1.90 48.73 -15.35
C GLY C 853 -2.69 49.75 -14.51
N VAL C 854 -3.00 49.48 -13.24
CA VAL C 854 -3.80 50.40 -12.42
C VAL C 854 -3.02 51.67 -12.10
N THR C 855 -3.63 52.83 -12.40
CA THR C 855 -3.08 54.15 -12.03
C THR C 855 -4.13 54.97 -11.31
N LEU C 856 -3.84 55.48 -10.13
CA LEU C 856 -4.79 56.27 -9.33
C LEU C 856 -4.24 57.67 -9.06
N SER C 857 -5.13 58.65 -8.91
CA SER C 857 -4.72 59.96 -8.44
C SER C 857 -4.38 59.92 -6.95
N SER C 858 -3.27 60.54 -6.54
CA SER C 858 -2.93 60.69 -5.12
C SER C 858 -3.89 61.62 -4.38
N ASN C 859 -4.68 62.42 -5.09
CA ASN C 859 -5.74 63.23 -4.49
C ASN C 859 -6.97 62.39 -4.08
N LEU C 860 -7.07 61.15 -4.55
CA LEU C 860 -8.23 60.30 -4.30
C LEU C 860 -8.35 59.94 -2.82
N ASN C 861 -9.54 60.12 -2.25
CA ASN C 861 -9.83 59.84 -0.85
C ASN C 861 -11.26 59.27 -0.72
N THR C 862 -11.35 57.95 -0.61
CA THR C 862 -12.63 57.22 -0.70
C THR C 862 -13.61 57.54 0.43
N ASN C 863 -13.15 58.20 1.49
CA ASN C 863 -14.01 58.74 2.54
C ASN C 863 -14.96 59.84 2.02
N LEU C 864 -14.61 60.52 0.93
CA LEU C 864 -15.42 61.57 0.30
C LEU C 864 -15.86 61.20 -1.12
N HIS C 865 -15.02 60.48 -1.87
CA HIS C 865 -15.26 60.15 -3.27
C HIS C 865 -15.78 58.72 -3.42
N PHE C 866 -17.10 58.56 -3.60
CA PHE C 866 -17.74 57.25 -3.63
C PHE C 866 -18.90 57.11 -4.62
N ASP C 867 -19.34 58.20 -5.25
CA ASP C 867 -20.33 58.17 -6.32
C ASP C 867 -19.97 59.16 -7.42
N VAL C 868 -20.35 58.84 -8.65
CA VAL C 868 -20.12 59.69 -9.83
C VAL C 868 -21.20 59.44 -10.87
N ASP C 869 -21.65 60.46 -11.58
CA ASP C 869 -22.69 60.35 -12.61
C ASP C 869 -23.96 59.60 -12.15
N ASN C 870 -24.39 59.84 -10.91
CA ASN C 870 -25.50 59.16 -10.23
C ASN C 870 -25.27 57.67 -9.92
N ILE C 871 -24.10 57.10 -10.19
CA ILE C 871 -23.76 55.70 -9.88
C ILE C 871 -22.94 55.65 -8.60
N ASN C 872 -23.32 54.79 -7.65
CA ASN C 872 -22.74 54.74 -6.31
C ASN C 872 -21.95 53.45 -6.08
N PHE C 873 -20.65 53.53 -5.81
CA PHE C 873 -19.81 52.38 -5.47
C PHE C 873 -19.42 52.35 -3.99
N LYS C 874 -20.07 53.11 -3.10
CA LYS C 874 -19.66 53.19 -1.69
C LYS C 874 -19.52 51.83 -1.04
N SER C 875 -20.37 50.86 -1.38
CA SER C 875 -20.26 49.51 -0.83
C SER C 875 -19.14 48.68 -1.46
N LEU C 876 -18.70 48.99 -2.68
CA LEU C 876 -17.66 48.26 -3.41
C LEU C 876 -16.24 48.72 -3.09
N VAL C 877 -16.08 49.82 -2.38
CA VAL C 877 -14.78 50.48 -2.15
C VAL C 877 -14.40 50.50 -0.68
N GLY C 878 -13.26 49.91 -0.32
CA GLY C 878 -12.70 50.02 1.04
C GLY C 878 -11.94 51.33 1.29
N CYS C 879 -11.27 51.42 2.43
CA CYS C 879 -10.35 52.54 2.71
C CYS C 879 -9.08 52.42 1.86
N LEU C 880 -8.67 53.50 1.18
CA LEU C 880 -7.59 53.47 0.20
C LEU C 880 -6.27 54.03 0.77
N GLY C 881 -5.19 53.27 0.59
CA GLY C 881 -3.85 53.58 1.07
C GLY C 881 -3.50 52.89 2.40
N PRO C 882 -2.22 52.54 2.64
CA PRO C 882 -1.81 51.74 3.80
C PRO C 882 -1.94 52.51 5.13
N HIS C 883 -2.05 53.84 5.08
CA HIS C 883 -2.29 54.69 6.26
C HIS C 883 -3.63 54.40 6.97
N CYS C 884 -4.61 53.84 6.27
CA CYS C 884 -5.87 53.40 6.85
C CYS C 884 -5.75 52.09 7.67
N GLY C 885 -4.66 51.31 7.51
CA GLY C 885 -4.56 49.94 8.04
C GLY C 885 -5.38 48.91 7.25
N SER C 886 -5.77 47.80 7.89
CA SER C 886 -6.54 46.69 7.28
C SER C 886 -7.99 47.02 6.89
N SER C 887 -8.47 48.24 7.09
CA SER C 887 -9.81 48.72 6.72
C SER C 887 -10.06 48.80 5.20
N SER C 888 -9.13 48.32 4.36
CA SER C 888 -9.27 48.27 2.90
C SER C 888 -10.31 47.27 2.40
N ARG C 889 -10.90 46.43 3.26
CA ARG C 889 -12.03 45.58 2.86
C ARG C 889 -13.28 46.42 2.65
N SER C 890 -13.96 46.28 1.51
CA SER C 890 -15.17 47.05 1.22
C SER C 890 -16.38 46.56 2.04
N PHE C 891 -17.47 47.32 2.09
CA PHE C 891 -18.70 46.87 2.74
C PHE C 891 -19.23 45.58 2.12
N PHE C 892 -19.16 45.46 0.80
CA PHE C 892 -19.56 44.26 0.08
C PHE C 892 -18.70 43.07 0.49
N GLU C 893 -17.38 43.23 0.51
CA GLU C 893 -16.48 42.16 0.91
C GLU C 893 -16.64 41.81 2.39
N ASP C 894 -16.85 42.78 3.28
CA ASP C 894 -17.18 42.53 4.69
C ASP C 894 -18.43 41.65 4.81
N LEU C 895 -19.50 42.02 4.12
CA LEU C 895 -20.75 41.26 4.13
C LEU C 895 -20.55 39.83 3.60
N LEU C 896 -19.64 39.62 2.65
CA LEU C 896 -19.34 38.30 2.11
C LEU C 896 -18.44 37.49 3.05
N PHE C 897 -17.45 38.10 3.69
CA PHE C 897 -16.53 37.42 4.62
C PHE C 897 -17.21 37.06 5.95
N ASP C 898 -18.12 37.87 6.46
CA ASP C 898 -18.81 37.59 7.73
C ASP C 898 -19.61 36.29 7.72
N LYS C 899 -19.98 35.76 6.56
CA LYS C 899 -20.74 34.51 6.41
C LYS C 899 -19.88 33.26 6.25
N VAL C 900 -18.56 33.37 6.41
CA VAL C 900 -17.61 32.26 6.24
C VAL C 900 -16.61 32.26 7.39
N LYS C 901 -16.79 31.34 8.34
CA LYS C 901 -15.99 31.33 9.58
C LYS C 901 -14.51 31.09 9.32
N LEU C 902 -14.16 30.10 8.50
CA LEU C 902 -12.79 29.66 8.27
C LEU C 902 -12.15 30.26 7.01
N SER C 903 -12.13 31.58 6.91
CA SER C 903 -11.18 32.30 6.05
C SER C 903 -9.76 32.20 6.62
N ASP C 904 -8.77 32.88 6.02
CA ASP C 904 -7.40 32.91 6.54
C ASP C 904 -7.36 33.41 8.00
N VAL C 905 -7.99 34.54 8.31
CA VAL C 905 -8.03 35.05 9.68
C VAL C 905 -8.83 34.12 10.59
N GLY C 906 -9.84 33.43 10.06
CA GLY C 906 -10.59 32.42 10.80
C GLY C 906 -9.72 31.25 11.24
N PHE C 907 -8.90 30.71 10.34
CA PHE C 907 -7.96 29.67 10.71
C PHE C 907 -6.93 30.17 11.71
N VAL C 908 -6.35 31.35 11.51
CA VAL C 908 -5.37 31.90 12.47
C VAL C 908 -5.99 32.06 13.85
N GLU C 909 -7.20 32.60 13.98
CA GLU C 909 -7.85 32.70 15.29
C GLU C 909 -8.16 31.34 15.89
N ALA C 910 -8.62 30.36 15.11
CA ALA C 910 -8.92 29.05 15.65
C ALA C 910 -7.68 28.38 16.23
N TYR C 911 -6.55 28.39 15.52
CA TYR C 911 -5.32 27.85 16.06
C TYR C 911 -4.79 28.66 17.24
N ASN C 912 -4.96 29.98 17.27
CA ASN C 912 -4.57 30.77 18.44
C ASN C 912 -5.30 30.32 19.70
N ASN C 913 -6.53 29.83 19.59
CA ASN C 913 -7.31 29.40 20.74
C ASN C 913 -6.92 28.02 21.29
N CYS C 914 -6.04 27.25 20.64
CA CYS C 914 -5.71 25.90 21.10
C CYS C 914 -4.97 25.83 22.44
N THR C 915 -4.22 26.87 22.80
CA THR C 915 -3.57 26.98 24.13
C THR C 915 -4.31 27.91 25.10
N GLY C 916 -5.53 28.33 24.76
CA GLY C 916 -6.35 29.18 25.64
C GLY C 916 -6.96 28.43 26.85
N GLY C 917 -6.82 27.11 26.91
CA GLY C 917 -7.32 26.29 28.01
C GLY C 917 -8.84 26.08 28.02
N SER C 918 -9.53 26.45 26.95
CA SER C 918 -10.99 26.35 26.84
C SER C 918 -11.49 24.90 26.97
N GLU C 919 -12.65 24.72 27.61
CA GLU C 919 -13.32 23.41 27.71
C GLU C 919 -13.87 22.92 26.35
N ILE C 920 -13.95 23.80 25.34
CA ILE C 920 -14.37 23.43 23.99
C ILE C 920 -13.27 22.67 23.26
N ARG C 921 -13.59 21.49 22.72
CA ARG C 921 -12.66 20.60 22.03
C ARG C 921 -12.74 20.78 20.51
N ASP C 922 -12.12 21.83 20.01
CA ASP C 922 -12.13 22.14 18.57
C ASP C 922 -11.35 21.08 17.77
N LEU C 923 -11.98 20.51 16.75
CA LEU C 923 -11.32 19.55 15.86
C LEU C 923 -10.06 20.13 15.21
N LEU C 924 -10.01 21.43 14.92
CA LEU C 924 -8.79 22.03 14.37
C LEU C 924 -7.62 21.91 15.35
N CYS C 925 -7.87 22.04 16.66
CA CYS C 925 -6.81 21.83 17.64
C CYS C 925 -6.35 20.38 17.66
N VAL C 926 -7.28 19.42 17.69
CA VAL C 926 -6.92 17.99 17.66
C VAL C 926 -6.16 17.63 16.39
N GLN C 927 -6.57 18.14 15.23
CA GLN C 927 -5.83 17.95 13.99
C GLN C 927 -4.42 18.51 14.11
N SER C 928 -4.26 19.74 14.62
CA SER C 928 -2.93 20.34 14.73
C SER C 928 -2.03 19.57 15.68
N PHE C 929 -2.54 19.06 16.80
CA PHE C 929 -1.76 18.26 17.74
C PHE C 929 -1.40 16.89 17.16
N ASN C 930 -2.11 16.41 16.15
CA ASN C 930 -1.75 15.24 15.37
C ASN C 930 -0.98 15.59 14.09
N GLY C 931 -0.49 16.81 13.96
CA GLY C 931 0.40 17.22 12.88
C GLY C 931 -0.29 17.64 11.59
N ILE C 932 -1.61 17.79 11.57
CA ILE C 932 -2.38 18.27 10.42
C ILE C 932 -2.75 19.73 10.67
N LYS C 933 -2.27 20.66 9.86
CA LYS C 933 -2.52 22.09 10.08
C LYS C 933 -2.69 22.85 8.77
N VAL C 934 -3.48 23.90 8.77
CA VAL C 934 -3.64 24.80 7.63
C VAL C 934 -2.83 26.06 7.88
N LEU C 935 -1.89 26.37 7.01
CA LEU C 935 -1.11 27.60 7.09
C LEU C 935 -1.82 28.77 6.40
N PRO C 936 -1.58 30.02 6.81
CA PRO C 936 -2.10 31.17 6.11
C PRO C 936 -1.43 31.33 4.74
N PRO C 937 -2.13 31.90 3.73
CA PRO C 937 -1.57 32.19 2.42
C PRO C 937 -0.52 33.29 2.48
N ILE C 938 0.38 33.38 1.50
CA ILE C 938 1.46 34.38 1.56
C ILE C 938 0.98 35.81 1.50
N LEU C 939 -0.13 36.10 0.82
CA LEU C 939 -0.80 37.39 0.88
C LEU C 939 -2.08 37.25 1.69
N SER C 940 -2.32 38.15 2.63
CA SER C 940 -3.55 38.10 3.43
C SER C 940 -4.76 38.48 2.59
N GLU C 941 -5.95 38.00 2.94
CA GLU C 941 -7.17 38.44 2.26
C GLU C 941 -7.42 39.95 2.41
N SER C 942 -6.83 40.59 3.43
CA SER C 942 -6.84 42.04 3.55
C SER C 942 -5.99 42.74 2.48
N GLN C 943 -4.87 42.15 2.06
CA GLN C 943 -4.13 42.69 0.92
C GLN C 943 -4.91 42.51 -0.37
N ILE C 944 -5.46 41.32 -0.62
CA ILE C 944 -6.21 41.09 -1.85
C ILE C 944 -7.42 42.01 -1.94
N SER C 945 -8.17 42.20 -0.86
CA SER C 945 -9.27 43.18 -0.84
C SER C 945 -8.80 44.63 -1.03
N GLY C 946 -7.56 44.94 -0.67
CA GLY C 946 -6.94 46.19 -1.06
C GLY C 946 -6.70 46.29 -2.58
N TYR C 947 -6.24 45.21 -3.20
CA TYR C 947 -6.04 45.16 -4.65
C TYR C 947 -7.37 45.23 -5.42
N THR C 948 -8.41 44.51 -5.02
CA THR C 948 -9.73 44.63 -5.65
C THR C 948 -10.34 46.00 -5.43
N THR C 949 -10.14 46.64 -4.29
CA THR C 949 -10.53 48.05 -4.11
C THR C 949 -9.80 48.95 -5.08
N ALA C 950 -8.47 48.87 -5.21
CA ALA C 950 -7.73 49.69 -6.17
C ALA C 950 -8.20 49.47 -7.61
N ALA C 951 -8.38 48.23 -8.04
CA ALA C 951 -8.89 47.93 -9.37
C ALA C 951 -10.31 48.45 -9.60
N THR C 952 -11.13 48.57 -8.55
CA THR C 952 -12.48 49.13 -8.66
C THR C 952 -12.44 50.65 -8.80
N VAL C 953 -11.72 51.36 -7.93
CA VAL C 953 -11.68 52.84 -8.03
C VAL C 953 -10.98 53.31 -9.30
N ALA C 954 -10.12 52.50 -9.90
CA ALA C 954 -9.52 52.78 -11.21
C ALA C 954 -10.54 52.95 -12.35
N ALA C 955 -11.80 52.57 -12.16
CA ALA C 955 -12.85 52.80 -13.14
C ALA C 955 -13.61 54.13 -12.93
N MET C 956 -13.65 54.70 -11.72
CA MET C 956 -14.48 55.88 -11.45
C MET C 956 -13.87 57.19 -11.94
N PHE C 957 -12.59 57.40 -11.66
CA PHE C 957 -11.95 58.73 -11.72
C PHE C 957 -10.79 58.74 -12.72
N PRO C 958 -10.48 59.89 -13.34
CA PRO C 958 -9.35 59.98 -14.26
C PRO C 958 -8.07 59.53 -13.57
N PRO C 959 -7.18 58.80 -14.26
CA PRO C 959 -7.18 58.55 -15.70
C PRO C 959 -8.07 57.40 -16.19
N TRP C 960 -8.97 56.85 -15.37
CA TRP C 960 -9.86 55.75 -15.73
C TRP C 960 -9.12 54.52 -16.26
N SER C 961 -8.00 54.15 -15.64
CA SER C 961 -7.06 53.19 -16.23
C SER C 961 -7.64 51.79 -16.45
N ALA C 962 -8.70 51.43 -15.73
CA ALA C 962 -9.41 50.16 -15.91
C ALA C 962 -10.66 50.25 -16.81
N ALA C 963 -11.09 51.45 -17.19
CA ALA C 963 -12.35 51.69 -17.91
C ALA C 963 -12.11 52.23 -19.34
N ALA C 964 -11.03 51.80 -19.99
CA ALA C 964 -10.67 52.24 -21.33
C ALA C 964 -10.43 53.75 -21.46
N GLY C 965 -10.06 54.43 -20.37
CA GLY C 965 -9.69 55.84 -20.44
C GLY C 965 -10.87 56.79 -20.65
N ILE C 966 -12.09 56.43 -20.26
CA ILE C 966 -13.27 57.30 -20.31
C ILE C 966 -14.12 57.16 -19.03
N PRO C 967 -14.93 58.17 -18.69
CA PRO C 967 -15.84 58.10 -17.56
C PRO C 967 -16.69 56.83 -17.53
N PHE C 968 -16.93 56.28 -16.34
CA PHE C 968 -17.64 55.01 -16.20
C PHE C 968 -19.04 55.05 -16.81
N SER C 969 -19.80 56.13 -16.61
CA SER C 969 -21.15 56.22 -17.18
C SER C 969 -21.12 56.23 -18.71
N LEU C 970 -20.16 56.90 -19.34
CA LEU C 970 -20.00 56.86 -20.79
C LEU C 970 -19.62 55.47 -21.27
N ASN C 971 -18.75 54.77 -20.54
CA ASN C 971 -18.43 53.40 -20.88
C ASN C 971 -19.68 52.52 -20.84
N VAL C 972 -20.48 52.60 -19.78
CA VAL C 972 -21.76 51.86 -19.69
C VAL C 972 -22.67 52.22 -20.86
N GLN C 973 -22.83 53.49 -21.18
CA GLN C 973 -23.67 53.90 -22.31
C GLN C 973 -23.15 53.33 -23.62
N TYR C 974 -21.86 53.43 -23.93
CA TYR C 974 -21.33 52.88 -25.17
C TYR C 974 -21.47 51.36 -25.23
N ARG C 975 -21.27 50.66 -24.12
CA ARG C 975 -21.47 49.22 -24.08
C ARG C 975 -22.92 48.85 -24.38
N ILE C 976 -23.90 49.53 -23.80
CA ILE C 976 -25.31 49.27 -24.13
C ILE C 976 -25.57 49.61 -25.60
N ASN C 977 -25.07 50.72 -26.11
CA ASN C 977 -25.26 51.07 -27.52
C ASN C 977 -24.71 49.99 -28.46
N GLY C 978 -23.58 49.38 -28.12
CA GLY C 978 -22.99 48.28 -28.89
C GLY C 978 -23.90 47.06 -29.04
N LEU C 979 -24.87 46.86 -28.15
CA LEU C 979 -25.85 45.79 -28.23
C LEU C 979 -26.93 46.04 -29.31
N GLY C 980 -26.94 47.19 -29.96
CA GLY C 980 -28.02 47.56 -30.88
C GLY C 980 -29.13 48.37 -30.22
N VAL C 981 -28.77 49.31 -29.35
CA VAL C 981 -29.68 50.27 -28.74
C VAL C 981 -29.31 51.67 -29.21
N THR C 982 -30.23 52.45 -29.76
CA THR C 982 -29.88 53.79 -30.26
C THR C 982 -29.37 54.70 -29.16
N MET C 983 -28.40 55.56 -29.47
CA MET C 983 -27.82 56.43 -28.45
C MET C 983 -28.83 57.43 -27.88
N ASP C 984 -29.80 57.83 -28.69
CA ASP C 984 -30.79 58.84 -28.33
C ASP C 984 -31.59 58.48 -27.09
N VAL C 985 -32.01 57.21 -26.96
CA VAL C 985 -32.71 56.79 -25.74
C VAL C 985 -31.74 56.71 -24.57
N LEU C 986 -30.51 56.27 -24.79
CA LEU C 986 -29.54 56.13 -23.70
C LEU C 986 -29.21 57.47 -23.07
N ASN C 987 -28.85 58.47 -23.86
CA ASN C 987 -28.39 59.73 -23.29
C ASN C 987 -29.52 60.58 -22.70
N LYS C 988 -30.80 60.31 -23.03
CA LYS C 988 -31.94 60.92 -22.31
C LYS C 988 -32.39 60.12 -21.09
N ASN C 989 -32.21 58.81 -21.08
CA ASN C 989 -32.54 57.94 -19.94
C ASN C 989 -31.35 57.72 -18.98
N GLN C 990 -30.31 58.55 -18.99
CA GLN C 990 -29.10 58.30 -18.21
C GLN C 990 -29.40 58.08 -16.71
N LYS C 991 -30.30 58.88 -16.13
CA LYS C 991 -30.76 58.72 -14.75
C LYS C 991 -31.40 57.35 -14.49
N LEU C 992 -32.24 56.88 -15.41
CA LEU C 992 -32.91 55.58 -15.30
C LEU C 992 -31.91 54.44 -15.45
N ILE C 993 -30.90 54.60 -16.30
CA ILE C 993 -29.82 53.62 -16.42
C ILE C 993 -28.98 53.58 -15.14
N ALA C 994 -28.59 54.72 -14.58
CA ALA C 994 -27.80 54.75 -13.35
C ALA C 994 -28.56 54.11 -12.18
N THR C 995 -29.83 54.45 -12.00
CA THR C 995 -30.67 53.84 -10.97
C THR C 995 -30.90 52.35 -11.21
N ALA C 996 -31.09 51.90 -12.46
CA ALA C 996 -31.13 50.47 -12.75
C ALA C 996 -29.83 49.79 -12.35
N PHE C 997 -28.69 50.41 -12.66
CA PHE C 997 -27.38 49.86 -12.32
C PHE C 997 -27.21 49.71 -10.80
N ASN C 998 -27.41 50.78 -10.02
CA ASN C 998 -27.21 50.65 -8.57
C ASN C 998 -28.29 49.79 -7.90
N ASN C 999 -29.51 49.70 -8.43
CA ASN C 999 -30.49 48.70 -7.98
C ASN C 999 -30.02 47.28 -8.24
N ALA C 1000 -29.39 47.00 -9.39
CA ALA C 1000 -28.82 45.69 -9.64
C ALA C 1000 -27.74 45.35 -8.61
N LEU C 1001 -26.84 46.29 -8.31
CA LEU C 1001 -25.81 46.11 -7.30
C LEU C 1001 -26.42 45.82 -5.91
N LEU C 1002 -27.43 46.58 -5.50
CA LEU C 1002 -28.14 46.30 -4.25
C LEU C 1002 -28.80 44.91 -4.27
N SER C 1003 -29.38 44.49 -5.38
CA SER C 1003 -29.97 43.15 -5.48
C SER C 1003 -28.93 42.04 -5.34
N ILE C 1004 -27.71 42.25 -5.83
CA ILE C 1004 -26.60 41.33 -5.61
C ILE C 1004 -26.29 41.28 -4.11
N GLN C 1005 -26.10 42.43 -3.46
CA GLN C 1005 -25.79 42.45 -2.03
C GLN C 1005 -26.87 41.74 -1.19
N ASN C 1006 -28.14 42.04 -1.45
CA ASN C 1006 -29.25 41.41 -0.73
C ASN C 1006 -29.37 39.91 -1.01
N GLY C 1007 -28.93 39.47 -2.19
CA GLY C 1007 -28.98 38.07 -2.60
C GLY C 1007 -28.18 37.14 -1.70
N PHE C 1008 -27.17 37.61 -0.97
CA PHE C 1008 -26.42 36.77 -0.03
C PHE C 1008 -27.19 36.40 1.25
N SER C 1009 -28.28 37.11 1.57
CA SER C 1009 -29.13 36.77 2.72
C SER C 1009 -30.04 35.56 2.43
N ALA C 1010 -30.45 35.38 1.18
CA ALA C 1010 -31.13 34.18 0.69
C ALA C 1010 -30.13 33.02 0.52
N PRO C 1011 -30.57 31.77 0.26
CA PRO C 1011 -29.69 30.65 -0.07
C PRO C 1011 -29.02 30.83 -1.44
N ASN C 1012 -28.01 31.70 -1.50
CA ASN C 1012 -27.30 32.11 -2.70
C ASN C 1012 -26.37 31.02 -3.25
N SER C 1013 -26.42 30.77 -4.55
CA SER C 1013 -25.54 29.78 -5.18
C SER C 1013 -24.06 30.13 -5.09
N ALA C 1014 -23.68 31.42 -5.14
CA ALA C 1014 -22.29 31.82 -4.96
C ALA C 1014 -21.83 31.59 -3.52
N LEU C 1015 -22.61 31.98 -2.52
CA LEU C 1015 -22.25 31.76 -1.12
C LEU C 1015 -22.18 30.26 -0.79
N ALA C 1016 -23.08 29.45 -1.33
CA ALA C 1016 -23.01 28.00 -1.21
C ALA C 1016 -21.71 27.46 -1.82
N LYS C 1017 -21.32 27.95 -3.00
CA LYS C 1017 -20.06 27.56 -3.63
C LYS C 1017 -18.86 27.93 -2.77
N ILE C 1018 -18.83 29.12 -2.18
CA ILE C 1018 -17.75 29.53 -1.28
C ILE C 1018 -17.68 28.60 -0.07
N GLN C 1019 -18.79 28.40 0.63
CA GLN C 1019 -18.81 27.52 1.79
C GLN C 1019 -18.44 26.07 1.43
N SER C 1020 -18.74 25.62 0.21
CA SER C 1020 -18.32 24.28 -0.22
C SER C 1020 -16.81 24.08 -0.20
N VAL C 1021 -16.00 25.13 -0.41
CA VAL C 1021 -14.53 25.04 -0.35
C VAL C 1021 -14.06 24.78 1.07
N VAL C 1022 -14.64 25.48 2.04
CA VAL C 1022 -14.35 25.24 3.46
C VAL C 1022 -14.82 23.86 3.87
N ASN C 1023 -16.05 23.49 3.50
CA ASN C 1023 -16.62 22.20 3.90
C ASN C 1023 -15.86 21.01 3.29
N SER C 1024 -15.47 21.06 2.02
CA SER C 1024 -14.71 19.96 1.42
C SER C 1024 -13.33 19.82 2.06
N ASN C 1025 -12.65 20.93 2.35
CA ASN C 1025 -11.41 20.89 3.09
C ASN C 1025 -11.61 20.26 4.48
N ALA C 1026 -12.57 20.76 5.26
CA ALA C 1026 -12.82 20.25 6.61
C ALA C 1026 -13.16 18.76 6.59
N GLN C 1027 -13.94 18.29 5.62
CA GLN C 1027 -14.25 16.88 5.46
C GLN C 1027 -13.01 16.04 5.14
N ALA C 1028 -12.11 16.53 4.30
CA ALA C 1028 -10.88 15.81 4.00
C ALA C 1028 -9.96 15.74 5.22
N LEU C 1029 -9.73 16.84 5.92
CA LEU C 1029 -8.91 16.82 7.13
C LEU C 1029 -9.51 15.94 8.21
N ASN C 1030 -10.82 15.99 8.41
CA ASN C 1030 -11.47 15.13 9.38
C ASN C 1030 -11.32 13.65 8.99
N SER C 1031 -11.44 13.31 7.71
CA SER C 1031 -11.21 11.94 7.25
C SER C 1031 -9.77 11.51 7.48
N LEU C 1032 -8.80 12.37 7.23
CA LEU C 1032 -7.40 12.07 7.52
C LEU C 1032 -7.15 11.88 9.02
N LEU C 1033 -7.76 12.68 9.89
CA LEU C 1033 -7.66 12.45 11.33
C LEU C 1033 -8.29 11.12 11.75
N GLN C 1034 -9.47 10.79 11.23
CA GLN C 1034 -10.12 9.52 11.53
C GLN C 1034 -9.26 8.31 11.13
N GLN C 1035 -8.35 8.44 10.16
CA GLN C 1035 -7.44 7.36 9.82
C GLN C 1035 -6.58 6.91 11.01
N LEU C 1036 -6.30 7.78 11.98
CA LEU C 1036 -5.50 7.39 13.13
C LEU C 1036 -6.19 6.37 14.03
N PHE C 1037 -7.52 6.33 14.03
CA PHE C 1037 -8.30 5.40 14.86
C PHE C 1037 -8.60 4.07 14.18
N ASN C 1038 -8.28 3.89 12.89
CA ASN C 1038 -8.38 2.59 12.22
C ASN C 1038 -7.31 1.62 12.78
N LYS C 1039 -7.65 0.34 12.94
CA LYS C 1039 -6.71 -0.67 13.46
C LYS C 1039 -5.83 -1.30 12.39
N PHE C 1040 -6.23 -1.32 11.13
CA PHE C 1040 -5.47 -1.94 10.04
C PHE C 1040 -5.06 -3.39 10.35
N GLY C 1041 -5.90 -4.15 11.06
CA GLY C 1041 -5.61 -5.51 11.47
C GLY C 1041 -4.64 -5.67 12.66
N ALA C 1042 -4.16 -4.58 13.26
CA ALA C 1042 -3.43 -4.64 14.53
C ALA C 1042 -4.38 -4.89 15.72
N ILE C 1043 -3.83 -5.26 16.89
CA ILE C 1043 -4.61 -5.48 18.11
C ILE C 1043 -5.33 -4.23 18.64
N SER C 1044 -4.81 -3.04 18.32
CA SER C 1044 -5.41 -1.76 18.69
C SER C 1044 -4.93 -0.66 17.75
N SER C 1045 -5.66 0.44 17.63
CA SER C 1045 -5.22 1.62 16.92
C SER C 1045 -4.35 2.55 17.77
N SER C 1046 -4.20 2.29 19.07
CA SER C 1046 -3.44 3.15 19.97
C SER C 1046 -2.04 2.59 20.21
N LEU C 1047 -1.01 3.39 19.94
CA LEU C 1047 0.37 3.02 20.25
C LEU C 1047 0.60 2.92 21.75
N GLN C 1048 -0.11 3.69 22.58
CA GLN C 1048 -0.05 3.55 24.02
C GLN C 1048 -0.51 2.17 24.46
N GLU C 1049 -1.58 1.64 23.87
CA GLU C 1049 -2.08 0.31 24.22
C GLU C 1049 -1.12 -0.77 23.75
N ILE C 1050 -0.63 -0.72 22.51
CA ILE C 1050 0.32 -1.74 22.04
C ILE C 1050 1.56 -1.76 22.92
N LEU C 1051 2.19 -0.62 23.18
CA LEU C 1051 3.43 -0.56 23.94
C LEU C 1051 3.25 -0.84 25.44
N SER C 1052 2.03 -0.74 25.98
CA SER C 1052 1.72 -1.17 27.34
C SER C 1052 1.23 -2.63 27.42
N ARG C 1053 1.05 -3.32 26.30
CA ARG C 1053 0.66 -4.73 26.26
C ARG C 1053 1.76 -5.68 25.82
N LEU C 1054 2.65 -5.29 24.91
CA LEU C 1054 3.62 -6.19 24.28
C LEU C 1054 5.06 -5.75 24.49
N ASP C 1055 5.97 -6.72 24.58
CA ASP C 1055 7.41 -6.50 24.54
C ASP C 1055 7.89 -6.27 23.09
N PRO C 1056 9.07 -5.67 22.88
CA PRO C 1056 9.54 -5.21 21.58
C PRO C 1056 9.34 -6.18 20.41
N PRO C 1057 9.71 -7.46 20.46
CA PRO C 1057 9.65 -8.31 19.27
C PRO C 1057 8.25 -8.52 18.71
N GLU C 1058 7.19 -8.49 19.51
CA GLU C 1058 5.82 -8.50 19.00
C GLU C 1058 5.25 -7.09 18.84
N ALA C 1059 5.65 -6.13 19.68
CA ALA C 1059 5.23 -4.75 19.51
C ALA C 1059 5.63 -4.23 18.13
N GLN C 1060 6.85 -4.55 17.66
CA GLN C 1060 7.28 -4.18 16.31
C GLN C 1060 6.37 -4.77 15.23
N VAL C 1061 5.87 -5.99 15.40
CA VAL C 1061 4.95 -6.61 14.44
C VAL C 1061 3.62 -5.87 14.38
N GLN C 1062 3.06 -5.44 15.51
CA GLN C 1062 1.83 -4.65 15.51
C GLN C 1062 2.05 -3.23 14.98
N ILE C 1063 3.10 -2.54 15.45
CA ILE C 1063 3.37 -1.17 15.06
C ILE C 1063 3.65 -1.07 13.57
N ASP C 1064 4.31 -2.06 12.97
CA ASP C 1064 4.52 -2.09 11.52
C ASP C 1064 3.21 -2.11 10.73
N ARG C 1065 2.15 -2.76 11.24
CA ARG C 1065 0.83 -2.71 10.61
C ARG C 1065 0.24 -1.32 10.67
N LEU C 1066 0.32 -0.64 11.82
CA LEU C 1066 -0.15 0.73 11.94
C LEU C 1066 0.64 1.68 11.04
N ILE C 1067 1.96 1.56 11.00
CA ILE C 1067 2.80 2.39 10.12
C ILE C 1067 2.37 2.19 8.67
N ASN C 1068 2.20 0.96 8.18
CA ASN C 1068 1.75 0.75 6.81
C ASN C 1068 0.37 1.33 6.54
N GLY C 1069 -0.58 1.19 7.47
CA GLY C 1069 -1.89 1.78 7.32
C GLY C 1069 -1.83 3.30 7.20
N ARG C 1070 -1.15 3.94 8.13
CA ARG C 1070 -1.04 5.40 8.19
C ARG C 1070 -0.25 5.97 7.02
N LEU C 1071 0.86 5.36 6.61
CA LEU C 1071 1.57 5.80 5.40
C LEU C 1071 0.71 5.62 4.15
N THR C 1072 -0.07 4.54 4.04
CA THR C 1072 -0.98 4.37 2.90
C THR C 1072 -2.04 5.46 2.89
N ALA C 1073 -2.60 5.82 4.05
CA ALA C 1073 -3.56 6.91 4.13
C ALA C 1073 -2.95 8.26 3.73
N LEU C 1074 -1.71 8.56 4.14
CA LEU C 1074 -1.03 9.77 3.70
C LEU C 1074 -0.82 9.78 2.18
N ASN C 1075 -0.39 8.69 1.56
CA ASN C 1075 -0.26 8.64 0.11
C ASN C 1075 -1.59 8.89 -0.61
N ALA C 1076 -2.69 8.31 -0.12
CA ALA C 1076 -3.99 8.56 -0.71
C ALA C 1076 -4.40 10.03 -0.56
N TYR C 1077 -4.21 10.63 0.60
CA TYR C 1077 -4.50 12.05 0.79
C TYR C 1077 -3.65 12.94 -0.11
N VAL C 1078 -2.35 12.69 -0.19
CA VAL C 1078 -1.45 13.42 -1.10
C VAL C 1078 -1.90 13.34 -2.55
N SER C 1079 -2.27 12.15 -3.04
CA SER C 1079 -2.70 12.02 -4.43
C SER C 1079 -4.01 12.76 -4.70
N GLN C 1080 -4.94 12.77 -3.75
CA GLN C 1080 -6.15 13.58 -3.86
C GLN C 1080 -5.82 15.08 -3.85
N GLN C 1081 -4.91 15.53 -2.98
CA GLN C 1081 -4.53 16.94 -2.90
C GLN C 1081 -3.91 17.44 -4.21
N LEU C 1082 -2.97 16.70 -4.80
CA LEU C 1082 -2.43 17.06 -6.12
C LEU C 1082 -3.53 17.19 -7.17
N SER C 1083 -4.46 16.24 -7.21
CA SER C 1083 -5.56 16.26 -8.16
C SER C 1083 -6.42 17.51 -7.98
N ASP C 1084 -6.79 17.84 -6.74
CA ASP C 1084 -7.58 19.02 -6.44
C ASP C 1084 -6.84 20.32 -6.79
N ILE C 1085 -5.55 20.42 -6.52
CA ILE C 1085 -4.84 21.67 -6.81
C ILE C 1085 -4.68 21.90 -8.32
N SER C 1086 -4.70 20.86 -9.14
CA SER C 1086 -4.83 21.06 -10.59
C SER C 1086 -6.13 21.79 -10.96
N LEU C 1087 -7.25 21.48 -10.29
CA LEU C 1087 -8.51 22.17 -10.53
C LEU C 1087 -8.49 23.60 -10.00
N VAL C 1088 -7.80 23.85 -8.89
CA VAL C 1088 -7.61 25.21 -8.38
C VAL C 1088 -6.80 26.06 -9.34
N LYS C 1089 -5.70 25.54 -9.92
CA LYS C 1089 -4.94 26.27 -10.95
C LYS C 1089 -5.79 26.58 -12.18
N PHE C 1090 -6.56 25.62 -12.67
CA PHE C 1090 -7.49 25.86 -13.77
C PHE C 1090 -8.50 26.96 -13.44
N GLY C 1091 -9.09 26.94 -12.25
CA GLY C 1091 -10.02 27.98 -11.81
C GLY C 1091 -9.35 29.35 -11.69
N ALA C 1092 -8.15 29.45 -11.14
CA ALA C 1092 -7.46 30.72 -11.05
C ALA C 1092 -7.09 31.28 -12.43
N ALA C 1093 -6.68 30.45 -13.39
CA ALA C 1093 -6.41 30.91 -14.74
C ALA C 1093 -7.67 31.48 -15.39
N LEU C 1094 -8.84 30.88 -15.18
CA LEU C 1094 -10.10 31.45 -15.64
C LEU C 1094 -10.40 32.78 -14.96
N ALA C 1095 -10.23 32.90 -13.65
CA ALA C 1095 -10.49 34.17 -12.96
C ALA C 1095 -9.58 35.28 -13.47
N MET C 1096 -8.30 35.02 -13.72
CA MET C 1096 -7.41 36.02 -14.32
C MET C 1096 -7.89 36.42 -15.70
N GLU C 1097 -8.33 35.47 -16.52
CA GLU C 1097 -8.90 35.78 -17.83
C GLU C 1097 -10.15 36.66 -17.72
N LYS C 1098 -11.04 36.42 -16.76
CA LYS C 1098 -12.21 37.29 -16.56
C LYS C 1098 -11.84 38.67 -16.04
N VAL C 1099 -10.86 38.81 -15.15
CA VAL C 1099 -10.38 40.14 -14.74
C VAL C 1099 -9.90 40.92 -15.95
N ASN C 1100 -9.14 40.28 -16.84
CA ASN C 1100 -8.61 40.93 -18.02
C ASN C 1100 -9.68 41.26 -19.07
N GLU C 1101 -10.61 40.35 -19.35
CA GLU C 1101 -11.51 40.44 -20.50
C GLU C 1101 -12.97 40.81 -20.18
N CYS C 1102 -13.32 40.96 -18.90
CA CYS C 1102 -14.64 41.44 -18.46
C CYS C 1102 -14.56 42.70 -17.60
N VAL C 1103 -13.55 42.82 -16.73
CA VAL C 1103 -13.47 43.93 -15.77
C VAL C 1103 -12.62 45.06 -16.33
N LYS C 1104 -11.37 44.79 -16.68
CA LYS C 1104 -10.44 45.81 -17.23
C LYS C 1104 -10.70 46.18 -18.69
N SER C 1105 -11.47 45.37 -19.40
CA SER C 1105 -11.81 45.57 -20.81
C SER C 1105 -13.03 44.73 -21.15
N GLN C 1106 -13.59 44.93 -22.33
CA GLN C 1106 -14.80 44.24 -22.76
C GLN C 1106 -14.53 43.47 -24.04
N SER C 1107 -14.00 42.26 -23.93
CA SER C 1107 -13.62 41.44 -25.08
C SER C 1107 -14.87 41.01 -25.87
N PRO C 1108 -14.83 40.90 -27.21
CA PRO C 1108 -15.98 40.59 -28.05
C PRO C 1108 -16.39 39.10 -28.03
N ARG C 1109 -16.53 38.52 -26.84
CA ARG C 1109 -16.83 37.09 -26.61
C ARG C 1109 -18.16 36.97 -25.91
N ILE C 1110 -19.13 36.27 -26.51
CA ILE C 1110 -20.55 36.47 -26.17
C ILE C 1110 -20.93 36.04 -24.74
N ASN C 1111 -20.83 34.75 -24.42
CA ASN C 1111 -21.24 34.26 -23.10
C ASN C 1111 -20.08 34.10 -22.12
N PHE C 1112 -18.92 34.67 -22.42
CA PHE C 1112 -17.74 34.53 -21.56
C PHE C 1112 -17.95 35.20 -20.19
N CYS C 1113 -18.35 36.47 -20.20
CA CYS C 1113 -18.61 37.25 -18.98
C CYS C 1113 -20.05 37.08 -18.49
N GLY C 1114 -20.43 35.84 -18.17
CA GLY C 1114 -21.80 35.51 -17.78
C GLY C 1114 -22.77 35.48 -18.96
N ASN C 1115 -23.99 35.02 -18.71
CA ASN C 1115 -25.02 34.86 -19.74
C ASN C 1115 -25.68 36.18 -20.15
N GLY C 1116 -26.20 36.21 -21.38
CA GLY C 1116 -27.03 37.30 -21.88
C GLY C 1116 -26.23 38.46 -22.47
N ASN C 1117 -26.90 39.60 -22.67
CA ASN C 1117 -26.32 40.79 -23.25
C ASN C 1117 -25.40 41.50 -22.26
N HIS C 1118 -24.18 41.02 -22.08
CA HIS C 1118 -23.25 41.52 -21.08
C HIS C 1118 -22.83 42.96 -21.34
N ILE C 1119 -23.14 43.88 -20.43
CA ILE C 1119 -22.75 45.28 -20.51
C ILE C 1119 -21.31 45.42 -20.03
N LEU C 1120 -21.07 45.07 -18.77
CA LEU C 1120 -19.86 45.37 -18.03
C LEU C 1120 -19.78 44.48 -16.79
N SER C 1121 -18.58 44.29 -16.24
CA SER C 1121 -18.35 43.45 -15.07
C SER C 1121 -17.49 44.16 -14.03
N LEU C 1122 -17.63 43.80 -12.76
CA LEU C 1122 -16.84 44.30 -11.65
C LEU C 1122 -16.37 43.14 -10.77
N VAL C 1123 -15.32 43.33 -9.98
CA VAL C 1123 -14.74 42.27 -9.15
C VAL C 1123 -14.60 42.70 -7.70
N GLN C 1124 -14.79 41.77 -6.77
CA GLN C 1124 -14.58 41.94 -5.34
C GLN C 1124 -13.87 40.71 -4.78
N ASN C 1125 -13.15 40.87 -3.68
CA ASN C 1125 -12.47 39.76 -3.05
C ASN C 1125 -13.47 38.77 -2.43
N ALA C 1126 -13.12 37.49 -2.32
CA ALA C 1126 -13.94 36.50 -1.65
C ALA C 1126 -13.05 35.46 -0.96
N PRO C 1127 -13.51 34.79 0.12
CA PRO C 1127 -12.72 33.75 0.76
C PRO C 1127 -12.26 32.70 -0.26
N TYR C 1128 -10.95 32.51 -0.40
CA TYR C 1128 -10.36 31.55 -1.35
C TYR C 1128 -10.66 31.80 -2.84
N GLY C 1129 -11.09 32.99 -3.23
CA GLY C 1129 -11.32 33.29 -4.64
C GLY C 1129 -11.60 34.75 -4.95
N LEU C 1130 -12.27 35.01 -6.07
CA LEU C 1130 -12.80 36.31 -6.44
C LEU C 1130 -14.29 36.16 -6.69
N LEU C 1131 -15.06 37.20 -6.39
CA LEU C 1131 -16.46 37.26 -6.77
C LEU C 1131 -16.62 38.32 -7.85
N PHE C 1132 -17.09 37.92 -9.02
CA PHE C 1132 -17.41 38.81 -10.11
C PHE C 1132 -18.88 39.18 -10.05
N MET C 1133 -19.19 40.43 -10.36
CA MET C 1133 -20.54 40.89 -10.63
C MET C 1133 -20.64 41.19 -12.11
N HIS C 1134 -21.49 40.49 -12.84
CA HIS C 1134 -21.72 40.74 -14.26
C HIS C 1134 -23.03 41.49 -14.43
N PHE C 1135 -23.03 42.60 -15.14
CA PHE C 1135 -24.23 43.38 -15.40
C PHE C 1135 -24.68 43.22 -16.83
N SER C 1136 -25.95 42.91 -17.05
CA SER C 1136 -26.49 42.57 -18.36
C SER C 1136 -27.71 43.41 -18.71
N TYR C 1137 -27.84 43.73 -20.00
CA TYR C 1137 -29.03 44.37 -20.54
C TYR C 1137 -30.18 43.37 -20.64
N LYS C 1138 -31.26 43.61 -19.90
CA LYS C 1138 -32.43 42.72 -19.83
C LYS C 1138 -33.67 43.42 -20.40
N PRO C 1139 -34.19 42.96 -21.54
CA PRO C 1139 -35.49 43.39 -22.03
C PRO C 1139 -36.63 43.13 -21.03
N ILE C 1140 -37.53 44.09 -20.88
CA ILE C 1140 -38.70 44.04 -19.98
C ILE C 1140 -40.00 43.78 -20.75
N SER C 1141 -40.18 44.38 -21.92
CA SER C 1141 -41.37 44.24 -22.75
C SER C 1141 -41.00 44.24 -24.22
N PHE C 1142 -41.83 43.67 -25.08
CA PHE C 1142 -41.54 43.48 -26.49
C PHE C 1142 -42.69 43.96 -27.38
N LYS C 1143 -42.35 44.49 -28.55
CA LYS C 1143 -43.30 44.77 -29.63
C LYS C 1143 -43.04 43.80 -30.77
N THR C 1144 -44.08 43.15 -31.28
CA THR C 1144 -43.94 42.37 -32.52
C THR C 1144 -43.98 43.32 -33.71
N VAL C 1145 -42.97 43.27 -34.59
CA VAL C 1145 -42.87 44.15 -35.76
C VAL C 1145 -42.47 43.35 -36.99
N LEU C 1146 -42.73 43.90 -38.17
CA LEU C 1146 -42.29 43.29 -39.44
C LEU C 1146 -41.00 43.95 -39.89
N VAL C 1147 -39.96 43.15 -40.08
CA VAL C 1147 -38.59 43.61 -40.35
C VAL C 1147 -38.08 43.09 -41.68
N SER C 1148 -37.22 43.85 -42.34
CA SER C 1148 -36.49 43.44 -43.53
C SER C 1148 -35.00 43.32 -43.22
N PRO C 1149 -34.33 42.20 -43.52
CA PRO C 1149 -32.91 42.04 -43.25
C PRO C 1149 -32.03 42.80 -44.23
N GLY C 1150 -32.59 43.33 -45.31
CA GLY C 1150 -31.91 44.15 -46.31
C GLY C 1150 -32.91 44.86 -47.21
N LEU C 1151 -32.47 45.85 -47.99
CA LEU C 1151 -33.28 46.52 -49.02
C LEU C 1151 -32.49 46.61 -50.32
N CYS C 1152 -33.19 46.55 -51.46
CA CYS C 1152 -32.63 46.86 -52.76
C CYS C 1152 -33.17 48.21 -53.23
N ILE C 1153 -32.30 49.18 -53.48
CA ILE C 1153 -32.66 50.60 -53.54
C ILE C 1153 -32.05 51.28 -54.76
N SER C 1154 -32.63 52.38 -55.22
CA SER C 1154 -32.10 53.19 -56.33
C SER C 1154 -31.75 52.34 -57.56
N GLY C 1155 -30.55 52.47 -58.10
CA GLY C 1155 -29.98 51.63 -59.15
C GLY C 1155 -29.55 50.23 -58.70
N ASP C 1156 -30.45 49.46 -58.09
CA ASP C 1156 -30.21 48.08 -57.59
C ASP C 1156 -29.04 47.93 -56.61
N VAL C 1157 -28.66 49.03 -55.96
CA VAL C 1157 -27.72 49.02 -54.83
C VAL C 1157 -28.36 48.28 -53.67
N GLY C 1158 -27.59 47.42 -53.00
CA GLY C 1158 -28.06 46.72 -51.81
C GLY C 1158 -27.65 47.48 -50.56
N ILE C 1159 -28.52 47.49 -49.55
CA ILE C 1159 -28.18 47.94 -48.21
C ILE C 1159 -28.61 46.91 -47.18
N ALA C 1160 -27.79 46.72 -46.17
CA ALA C 1160 -28.09 45.90 -44.99
C ALA C 1160 -27.97 46.75 -43.73
N PRO C 1161 -28.77 46.50 -42.69
CA PRO C 1161 -28.74 47.28 -41.47
C PRO C 1161 -27.59 46.85 -40.55
N LYS C 1162 -26.96 47.81 -39.87
CA LYS C 1162 -25.92 47.55 -38.85
C LYS C 1162 -26.56 47.35 -37.47
N GLN C 1163 -26.40 46.19 -36.83
CA GLN C 1163 -26.98 45.90 -35.50
C GLN C 1163 -28.47 46.28 -35.39
N GLY C 1164 -29.27 45.92 -36.39
CA GLY C 1164 -30.65 46.39 -36.47
C GLY C 1164 -31.45 45.79 -37.61
N TYR C 1165 -32.55 46.44 -37.94
CA TYR C 1165 -33.45 46.03 -39.01
C TYR C 1165 -34.00 47.22 -39.77
N PHE C 1166 -34.36 47.02 -41.03
CA PHE C 1166 -35.25 47.94 -41.71
C PHE C 1166 -36.70 47.61 -41.38
N ILE C 1167 -37.53 48.62 -41.19
CA ILE C 1167 -38.94 48.48 -40.85
C ILE C 1167 -39.77 49.48 -41.64
N LYS C 1168 -41.02 49.13 -41.92
CA LYS C 1168 -42.02 50.06 -42.41
C LYS C 1168 -42.61 50.83 -41.23
N HIS C 1169 -42.55 52.15 -41.26
CA HIS C 1169 -43.17 53.04 -40.27
C HIS C 1169 -43.81 54.22 -40.99
N ASN C 1170 -45.07 54.54 -40.68
CA ASN C 1170 -45.85 55.57 -41.40
C ASN C 1170 -45.87 55.39 -42.93
N ASP C 1171 -45.87 54.15 -43.40
CA ASP C 1171 -45.65 53.77 -44.80
C ASP C 1171 -44.35 54.33 -45.43
N HIS C 1172 -43.26 54.26 -44.67
CA HIS C 1172 -41.94 54.71 -45.08
C HIS C 1172 -40.87 53.77 -44.52
N TRP C 1173 -39.78 53.53 -45.24
CA TRP C 1173 -38.70 52.71 -44.73
C TRP C 1173 -37.85 53.47 -43.70
N MET C 1174 -37.66 52.88 -42.53
CA MET C 1174 -36.85 53.41 -41.42
C MET C 1174 -36.00 52.30 -40.81
N PHE C 1175 -34.92 52.66 -40.12
CA PHE C 1175 -34.08 51.73 -39.37
C PHE C 1175 -34.54 51.64 -37.92
N THR C 1176 -34.29 50.50 -37.26
CA THR C 1176 -34.36 50.39 -35.80
C THR C 1176 -33.24 49.49 -35.28
N GLY C 1177 -32.69 49.81 -34.10
CA GLY C 1177 -31.72 48.94 -33.45
C GLY C 1177 -32.32 47.60 -33.08
N SER C 1178 -31.54 46.53 -33.08
CA SER C 1178 -32.05 45.17 -32.85
C SER C 1178 -32.45 44.90 -31.41
N SER C 1179 -31.93 45.67 -30.45
CA SER C 1179 -32.17 45.46 -29.02
C SER C 1179 -33.09 46.48 -28.39
N TYR C 1180 -33.57 47.48 -29.13
CA TYR C 1180 -34.54 48.45 -28.63
C TYR C 1180 -35.30 49.10 -29.79
N TYR C 1181 -36.62 48.97 -29.80
CA TYR C 1181 -37.45 49.51 -30.88
C TYR C 1181 -37.50 51.04 -30.82
N TYR C 1182 -36.87 51.68 -31.79
CA TYR C 1182 -36.86 53.12 -31.94
C TYR C 1182 -36.65 53.45 -33.43
N PRO C 1183 -37.72 53.68 -34.20
CA PRO C 1183 -37.58 53.98 -35.62
C PRO C 1183 -36.83 55.29 -35.82
N GLU C 1184 -35.81 55.27 -36.66
CA GLU C 1184 -34.97 56.42 -37.01
C GLU C 1184 -34.65 56.37 -38.52
N PRO C 1185 -34.30 57.49 -39.16
CA PRO C 1185 -34.12 57.50 -40.62
C PRO C 1185 -32.91 56.67 -41.04
N ILE C 1186 -33.01 56.04 -42.21
CA ILE C 1186 -31.91 55.25 -42.79
C ILE C 1186 -30.79 56.18 -43.23
N SER C 1187 -29.54 55.85 -42.90
CA SER C 1187 -28.37 56.64 -43.30
C SER C 1187 -27.11 55.80 -43.35
N ASP C 1188 -26.05 56.31 -43.95
CA ASP C 1188 -24.74 55.67 -43.94
C ASP C 1188 -24.20 55.37 -42.53
N LYS C 1189 -24.73 55.99 -41.47
CA LYS C 1189 -24.36 55.69 -40.10
C LYS C 1189 -24.85 54.32 -39.62
N ASN C 1190 -25.93 53.79 -40.17
CA ASN C 1190 -26.55 52.52 -39.73
C ASN C 1190 -26.70 51.48 -40.85
N VAL C 1191 -25.95 51.63 -41.94
CA VAL C 1191 -26.04 50.80 -43.15
C VAL C 1191 -24.70 50.21 -43.57
N VAL C 1192 -24.72 48.98 -44.10
CA VAL C 1192 -23.66 48.38 -44.92
C VAL C 1192 -24.10 48.37 -46.38
N PHE C 1193 -23.30 48.93 -47.28
CA PHE C 1193 -23.60 48.98 -48.72
C PHE C 1193 -23.11 47.75 -49.49
N MET C 1194 -23.77 47.46 -50.61
CA MET C 1194 -23.34 46.47 -51.60
C MET C 1194 -23.58 47.01 -53.01
N ASN C 1195 -22.66 46.80 -53.95
CA ASN C 1195 -22.84 47.30 -55.33
C ASN C 1195 -23.98 46.58 -56.06
N THR C 1196 -24.30 45.35 -55.65
CA THR C 1196 -25.45 44.58 -56.11
C THR C 1196 -26.23 44.09 -54.91
N CYS C 1197 -27.56 44.26 -54.89
CA CYS C 1197 -28.39 43.70 -53.84
C CYS C 1197 -28.57 42.19 -54.03
N SER C 1198 -28.65 41.42 -52.95
CA SER C 1198 -28.96 40.00 -53.06
C SER C 1198 -30.41 39.78 -53.48
N VAL C 1199 -30.72 38.57 -53.92
CA VAL C 1199 -32.12 38.13 -54.03
C VAL C 1199 -32.83 38.21 -52.68
N ASN C 1200 -34.15 38.30 -52.71
CA ASN C 1200 -35.05 38.37 -51.55
C ASN C 1200 -34.77 39.55 -50.59
N PHE C 1201 -33.86 40.47 -50.91
CA PHE C 1201 -33.90 41.81 -50.34
C PHE C 1201 -35.16 42.51 -50.84
N THR C 1202 -35.85 43.22 -49.95
CA THR C 1202 -37.10 43.89 -50.34
C THR C 1202 -36.83 45.03 -51.30
N LYS C 1203 -37.53 45.08 -52.43
CA LYS C 1203 -37.40 46.17 -53.41
C LYS C 1203 -37.98 47.47 -52.85
N ALA C 1204 -37.18 48.54 -52.83
CA ALA C 1204 -37.55 49.85 -52.35
C ALA C 1204 -36.92 50.97 -53.20
N PRO C 1205 -37.30 51.11 -54.48
CA PRO C 1205 -36.67 52.05 -55.42
C PRO C 1205 -36.65 53.50 -54.94
N LEU C 1206 -37.61 53.89 -54.10
CA LEU C 1206 -37.77 55.26 -53.62
C LEU C 1206 -36.79 55.66 -52.51
N VAL C 1207 -36.07 54.72 -51.90
CA VAL C 1207 -35.12 55.01 -50.82
C VAL C 1207 -33.86 55.69 -51.36
N TYR C 1208 -33.37 56.69 -50.63
CA TYR C 1208 -32.17 57.49 -50.91
C TYR C 1208 -32.17 58.14 -52.31
#